data_7N0D
#
_entry.id   7N0D
#
_cell.length_a   1.00
_cell.length_b   1.00
_cell.length_c   1.00
_cell.angle_alpha   90.00
_cell.angle_beta   90.00
_cell.angle_gamma   90.00
#
_symmetry.space_group_name_H-M   'P 1'
#
loop_
_entity.id
_entity.type
_entity.pdbx_description
1 polymer 'Non-structural protein 10'
2 polymer 'Proofreading exoribonuclease'
3 polymer "RNA (5'-R(*GP*GP*GP*GP*AP*UP*GP*UP*GP*AP*UP*UP*UP*UP*AP*AP*UP*AP*G)-3')"
4 polymer "RNA (5'-R(*CP*UP*AP*UP*UP*AP*AP*AP*AP*UP*CP*AP*CP*C)-3')"
5 polymer "RNA (5'-R(*CP*CP*CP*CP*C)-3')"
6 non-polymer 'ZINC ION'
7 non-polymer 'MAGNESIUM ION'
8 non-polymer CHAPSO
9 water water
#
loop_
_entity_poly.entity_id
_entity_poly.type
_entity_poly.pdbx_seq_one_letter_code
_entity_poly.pdbx_strand_id
1 'polypeptide(L)'
;AGNATEVPANSTVLSFCAFAVDAAKAYKDYLASGGQPITNCVKMLCTHTGTGQAITVTPEANMDQESFGGASCCLYCRCH
IDHPNPKGFCDLKGKYVQIPTTCANDPVGFTLKNTVCTVCGMWKGYGCSCDQLREPMLQ
;
A,C,E,G
2 'polypeptide(L)'
;AENVTGLFKDCSKVITGLHPTQAPTHLSVDTKFKTEGLCVDIPGIPKDMTYRRLISMMGFKMNYQVNGYPNMFITREEAI
RHVRAWIGFDVEGCHATREAVGTNLPLQLGFSTGVNLVAVPTGYVDTPNNTDFSRVSAKPPPGDQFKHLIPLMYKGLPWN
VVRIKIVQMLSDTLKNLSDRVVFVLWAHGFALTSMKYFVKIGPERTCCLCDRRATCFSTASDTYACWHHSIGFDYVYNPF
MIDVQQWGFTGNLQSNHDLYCQVHGNAHVASCDAIMTRCLAVHECFVKRVDWTIEYPIIGDELKINAACRKVQHMVVKAA
LLADKFPVLHDIGNPKAIKCVPQADVEWKFYDAQPCSDKAYKIEELFYSYATHSDKFTDGVCLFWNCNVDRYPANSIVCR
FDTRVLSNLNLPGCDGGSLYVNKHAFHTPAFDKSAFVNLKQLPFFYYSDSPCESHGKQVVSDIDYVPLKSATCITRCNLG
GAVCRHHANEYRLYLDAYNMMISAGFSLWVYKQFDTYNLWNTFTRLQ
;
B,D,F,H
3 'polyribonucleotide' GGGGAUGUGAUUUUAAUAGCUUCUUUU T,I
4 'polyribonucleotide' CGAAGAAGCUAUUAAAAUCACC K,L
5 'polyribonucleotide' CCCCC P,J
#
loop_
_chem_comp.id
_chem_comp.type
_chem_comp.name
_chem_comp.formula
1N7 non-polymer CHAPSO 'C32 H59 N2 O8 S 1'
A RNA linking ADENOSINE-5'-MONOPHOSPHATE 'C10 H14 N5 O7 P'
C RNA linking CYTIDINE-5'-MONOPHOSPHATE 'C9 H14 N3 O8 P'
G RNA linking GUANOSINE-5'-MONOPHOSPHATE 'C10 H14 N5 O8 P'
MG non-polymer 'MAGNESIUM ION' 'Mg 2'
U RNA linking URIDINE-5'-MONOPHOSPHATE 'C9 H13 N2 O9 P'
ZN non-polymer 'ZINC ION' 'Zn 2'
#
# COMPACT_ATOMS: atom_id res chain seq x y z
N ALA A 1 18.86 -5.91 -26.14
CA ALA A 1 17.46 -6.11 -26.47
C ALA A 1 16.95 -4.98 -27.34
N GLY A 2 16.24 -5.33 -28.41
CA GLY A 2 15.75 -4.34 -29.36
C GLY A 2 16.76 -4.08 -30.46
N ASN A 3 16.24 -3.55 -31.57
CA ASN A 3 17.06 -3.24 -32.74
C ASN A 3 17.26 -1.74 -32.83
N ALA A 4 18.50 -1.32 -33.10
CA ALA A 4 18.81 0.09 -33.17
C ALA A 4 18.21 0.73 -34.41
N THR A 5 17.81 1.99 -34.28
CA THR A 5 17.15 2.72 -35.36
C THR A 5 18.00 3.85 -35.92
N GLU A 6 18.84 4.48 -35.10
CA GLU A 6 19.54 5.69 -35.50
C GLU A 6 21.04 5.46 -35.58
N VAL A 7 21.70 6.34 -36.33
CA VAL A 7 23.15 6.34 -36.46
C VAL A 7 23.71 7.35 -35.48
N PRO A 8 25.00 7.30 -35.11
CA PRO A 8 25.52 8.27 -34.14
C PRO A 8 25.55 9.70 -34.65
N ALA A 9 25.71 9.90 -35.97
CA ALA A 9 25.86 11.24 -36.51
C ALA A 9 24.63 12.11 -36.31
N ASN A 10 23.48 11.52 -36.05
CA ASN A 10 22.27 12.28 -35.77
C ASN A 10 22.08 12.57 -34.28
N SER A 11 22.77 11.84 -33.41
CA SER A 11 22.47 11.84 -31.98
C SER A 11 22.53 13.23 -31.36
N THR A 12 23.25 14.17 -31.96
CA THR A 12 23.20 15.53 -31.44
C THR A 12 21.91 16.23 -31.84
N VAL A 13 21.64 16.33 -33.15
CA VAL A 13 20.53 17.14 -33.62
C VAL A 13 19.20 16.53 -33.20
N LEU A 14 19.11 15.20 -33.28
CA LEU A 14 17.90 14.52 -32.85
C LEU A 14 17.67 14.68 -31.36
N SER A 15 18.74 14.90 -30.58
CA SER A 15 18.52 15.25 -29.19
C SER A 15 18.01 16.68 -29.08
N PHE A 16 18.65 17.59 -29.81
CA PHE A 16 18.33 19.01 -29.72
C PHE A 16 16.86 19.27 -30.06
N CYS A 17 16.45 18.88 -31.25
CA CYS A 17 15.06 19.03 -31.68
C CYS A 17 14.09 18.22 -30.85
N ALA A 18 14.55 17.26 -30.05
CA ALA A 18 13.64 16.51 -29.19
C ALA A 18 13.31 17.25 -27.91
N PHE A 19 14.01 18.35 -27.62
CA PHE A 19 13.75 19.10 -26.40
C PHE A 19 13.16 20.48 -26.65
N ALA A 20 13.24 21.00 -27.86
CA ALA A 20 12.83 22.37 -28.12
C ALA A 20 11.31 22.52 -28.08
N VAL A 21 10.86 23.74 -27.78
CA VAL A 21 9.43 24.03 -27.82
C VAL A 21 8.95 24.10 -29.26
N ASP A 22 9.77 24.64 -30.16
CA ASP A 22 9.47 24.70 -31.58
C ASP A 22 10.60 23.96 -32.30
N ALA A 23 10.32 22.72 -32.71
CA ALA A 23 11.37 21.91 -33.30
C ALA A 23 11.68 22.29 -34.74
N ALA A 24 10.73 22.88 -35.46
CA ALA A 24 11.00 23.33 -36.82
C ALA A 24 12.00 24.47 -36.81
N LYS A 25 11.75 25.50 -35.98
CA LYS A 25 12.69 26.60 -35.83
C LYS A 25 14.01 26.11 -35.24
N ALA A 26 13.96 25.12 -34.35
CA ALA A 26 15.19 24.57 -33.78
C ALA A 26 16.04 23.91 -34.85
N TYR A 27 15.42 23.14 -35.76
CA TYR A 27 16.19 22.51 -36.82
C TYR A 27 16.71 23.55 -37.80
N LYS A 28 15.91 24.57 -38.11
CA LYS A 28 16.38 25.63 -38.99
C LYS A 28 17.58 26.36 -38.38
N ASP A 29 17.56 26.58 -37.08
CA ASP A 29 18.67 27.26 -36.43
C ASP A 29 19.87 26.35 -36.24
N TYR A 30 19.66 25.05 -36.12
CA TYR A 30 20.78 24.12 -36.10
C TYR A 30 21.45 24.06 -37.46
N LEU A 31 20.68 24.17 -38.54
CA LEU A 31 21.26 24.19 -39.87
C LEU A 31 21.96 25.52 -40.16
N ALA A 32 21.36 26.63 -39.71
CA ALA A 32 21.94 27.94 -39.94
C ALA A 32 23.23 28.16 -39.18
N SER A 33 23.48 27.37 -38.14
CA SER A 33 24.69 27.48 -37.33
C SER A 33 25.78 26.51 -37.77
N GLY A 34 25.73 26.05 -39.02
CA GLY A 34 26.75 25.15 -39.52
C GLY A 34 26.61 23.71 -39.11
N GLY A 35 25.41 23.26 -38.77
CA GLY A 35 25.20 21.88 -38.39
C GLY A 35 24.91 21.00 -39.59
N GLN A 36 25.27 19.73 -39.45
CA GLN A 36 25.02 18.78 -40.52
C GLN A 36 23.55 18.38 -40.57
N PRO A 37 23.00 18.15 -41.75
CA PRO A 37 21.59 17.76 -41.85
C PRO A 37 21.36 16.34 -41.34
N ILE A 38 20.10 15.98 -41.24
CA ILE A 38 19.72 14.67 -40.72
C ILE A 38 19.95 13.63 -41.82
N THR A 39 20.82 12.68 -41.54
CA THR A 39 21.21 11.62 -42.45
C THR A 39 20.42 10.35 -42.13
N ASN A 40 20.67 9.31 -42.93
CA ASN A 40 20.09 7.97 -42.76
C ASN A 40 18.60 7.96 -43.08
N CYS A 41 18.21 8.74 -44.08
CA CYS A 41 16.87 8.65 -44.61
C CYS A 41 16.74 7.41 -45.50
N VAL A 42 15.50 7.06 -45.83
CA VAL A 42 15.23 5.93 -46.70
C VAL A 42 15.06 6.45 -48.12
N LYS A 43 15.78 5.86 -49.07
CA LYS A 43 15.75 6.30 -50.45
C LYS A 43 15.32 5.15 -51.34
N MET A 44 14.30 5.38 -52.16
CA MET A 44 13.75 4.33 -53.00
C MET A 44 14.55 4.17 -54.28
N LEU A 45 14.58 2.93 -54.78
CA LEU A 45 15.18 2.65 -56.08
C LEU A 45 14.11 2.79 -57.16
N CYS A 46 13.73 4.03 -57.40
CA CYS A 46 12.73 4.33 -58.42
C CYS A 46 13.39 4.43 -59.80
N THR A 47 12.56 4.41 -60.83
CA THR A 47 13.03 4.51 -62.21
C THR A 47 13.01 5.94 -62.74
N HIS A 48 12.50 6.88 -61.96
CA HIS A 48 12.48 8.31 -62.29
C HIS A 48 11.70 8.60 -63.57
N THR A 49 10.67 7.79 -63.85
CA THR A 49 9.82 7.98 -65.02
C THR A 49 8.36 8.18 -64.63
N GLY A 50 8.11 8.64 -63.40
CA GLY A 50 6.76 8.82 -62.91
C GLY A 50 6.36 10.30 -62.84
N THR A 51 5.12 10.50 -62.40
CA THR A 51 4.61 11.85 -62.17
C THR A 51 5.37 12.49 -61.02
N GLY A 52 5.69 13.77 -61.16
CA GLY A 52 6.55 14.42 -60.20
C GLY A 52 5.82 15.00 -59.00
N GLN A 53 4.69 14.40 -58.63
CA GLN A 53 3.87 14.94 -57.56
C GLN A 53 4.60 14.83 -56.21
N ALA A 54 4.15 15.64 -55.26
CA ALA A 54 4.87 15.79 -54.00
C ALA A 54 4.72 14.55 -53.12
N ILE A 55 3.49 14.18 -52.79
CA ILE A 55 3.21 13.12 -51.82
C ILE A 55 2.34 12.09 -52.52
N THR A 56 2.91 10.93 -52.82
CA THR A 56 2.22 9.86 -53.52
C THR A 56 2.23 8.58 -52.69
N VAL A 57 1.34 7.65 -53.05
CA VAL A 57 1.27 6.38 -52.34
C VAL A 57 2.28 5.36 -52.86
N THR A 58 2.78 5.54 -54.08
CA THR A 58 3.84 4.77 -54.69
C THR A 58 4.94 5.72 -55.13
N PRO A 59 6.20 5.26 -55.17
CA PRO A 59 7.27 6.18 -55.56
C PRO A 59 7.13 6.58 -57.02
N GLU A 60 6.88 7.86 -57.25
CA GLU A 60 6.71 8.41 -58.59
C GLU A 60 7.60 9.64 -58.65
N ALA A 61 8.73 9.55 -59.31
CA ALA A 61 9.71 10.62 -59.34
C ALA A 61 9.99 11.05 -60.77
N ASN A 62 10.33 12.32 -60.93
CA ASN A 62 10.86 12.81 -62.18
C ASN A 62 12.34 12.46 -62.27
N MET A 63 12.97 12.81 -63.38
CA MET A 63 14.42 12.74 -63.42
C MET A 63 15.07 13.87 -62.64
N ASP A 64 14.28 14.85 -62.19
CA ASP A 64 14.76 15.96 -61.36
C ASP A 64 14.52 15.72 -59.88
N GLN A 65 13.88 14.62 -59.51
CA GLN A 65 13.48 14.37 -58.13
C GLN A 65 14.01 13.01 -57.68
N GLU A 66 13.87 12.77 -56.38
CA GLU A 66 14.16 11.49 -55.75
C GLU A 66 13.08 11.21 -54.74
N SER A 67 12.67 9.95 -54.66
CA SER A 67 11.56 9.54 -53.80
C SER A 67 12.09 8.91 -52.52
N PHE A 68 11.61 9.41 -51.39
CA PHE A 68 11.95 8.91 -50.07
C PHE A 68 10.68 8.42 -49.38
N GLY A 69 10.85 7.63 -48.33
CA GLY A 69 9.72 7.27 -47.49
C GLY A 69 9.27 8.46 -46.66
N GLY A 70 7.95 8.54 -46.46
CA GLY A 70 7.38 9.77 -45.94
C GLY A 70 7.73 10.05 -44.49
N ALA A 71 7.69 9.05 -43.62
CA ALA A 71 8.03 9.26 -42.21
C ALA A 71 9.50 9.57 -42.02
N SER A 72 10.32 9.29 -43.02
CA SER A 72 11.73 9.60 -42.91
C SER A 72 12.03 11.06 -43.22
N CYS A 73 11.15 11.73 -43.95
CA CYS A 73 11.29 13.14 -44.28
C CYS A 73 10.46 14.03 -43.38
N CYS A 74 9.93 13.50 -42.28
CA CYS A 74 9.14 14.26 -41.35
C CYS A 74 9.96 14.44 -40.09
N LEU A 75 10.21 15.67 -39.65
CA LEU A 75 11.03 15.94 -38.47
C LEU A 75 10.37 15.39 -37.21
N TYR A 76 9.06 15.47 -37.12
CA TYR A 76 8.32 15.06 -35.93
C TYR A 76 8.28 13.54 -35.80
N CYS A 77 8.18 12.82 -36.93
CA CYS A 77 8.32 11.36 -36.99
C CYS A 77 9.75 10.91 -36.73
N ARG A 78 10.72 11.78 -36.98
CA ARG A 78 12.13 11.49 -36.82
C ARG A 78 12.61 11.69 -35.39
N CYS A 79 12.15 12.76 -34.74
CA CYS A 79 12.46 13.03 -33.36
C CYS A 79 11.47 12.42 -32.40
N HIS A 80 10.41 11.78 -32.92
CA HIS A 80 9.38 11.11 -32.14
C HIS A 80 8.70 12.08 -31.17
N ILE A 81 8.19 13.18 -31.74
CA ILE A 81 7.57 14.25 -31.01
C ILE A 81 6.21 14.55 -31.63
N ASP A 82 5.49 15.51 -31.04
CA ASP A 82 4.14 15.81 -31.46
C ASP A 82 4.13 16.56 -32.78
N HIS A 83 3.20 16.19 -33.67
CA HIS A 83 2.98 16.89 -34.93
C HIS A 83 2.09 18.11 -34.69
N PRO A 84 2.32 19.24 -35.35
CA PRO A 84 1.44 20.42 -35.24
C PRO A 84 0.16 20.31 -36.05
N ASN A 85 -0.05 19.22 -36.77
CA ASN A 85 -1.23 19.04 -37.60
C ASN A 85 -2.47 18.88 -36.71
N PRO A 86 -3.66 19.10 -37.27
CA PRO A 86 -4.89 18.78 -36.53
C PRO A 86 -5.00 17.28 -36.32
N LYS A 87 -5.44 16.89 -35.12
CA LYS A 87 -5.52 15.54 -34.56
C LYS A 87 -4.14 14.95 -34.32
N GLY A 88 -3.08 15.75 -34.44
CA GLY A 88 -1.72 15.25 -34.23
C GLY A 88 -1.31 14.13 -35.14
N PHE A 89 -1.79 14.10 -36.38
CA PHE A 89 -1.50 13.02 -37.31
C PHE A 89 -0.55 13.49 -38.39
N CYS A 90 0.35 12.62 -38.84
CA CYS A 90 1.30 12.93 -39.90
C CYS A 90 0.63 12.90 -41.28
N ASP A 91 0.95 13.85 -42.15
CA ASP A 91 0.53 13.83 -43.56
C ASP A 91 1.49 13.03 -44.46
N LEU A 92 2.77 12.92 -44.10
CA LEU A 92 3.77 12.20 -44.88
C LEU A 92 3.84 10.70 -44.56
N LYS A 93 3.59 10.30 -43.30
CA LYS A 93 3.80 8.92 -42.83
C LYS A 93 2.87 7.96 -43.58
N GLY A 94 3.43 6.92 -44.20
CA GLY A 94 2.65 6.02 -45.02
C GLY A 94 2.69 6.33 -46.50
N LYS A 95 3.33 7.42 -46.89
CA LYS A 95 3.39 7.85 -48.28
C LYS A 95 4.85 8.01 -48.71
N TYR A 96 5.04 8.29 -50.00
CA TYR A 96 6.36 8.55 -50.56
C TYR A 96 6.46 10.02 -50.92
N VAL A 97 7.49 10.68 -50.42
CA VAL A 97 7.70 12.11 -50.64
C VAL A 97 8.80 12.29 -51.68
N GLN A 98 8.55 13.18 -52.64
CA GLN A 98 9.50 13.43 -53.73
C GLN A 98 10.22 14.75 -53.48
N ILE A 99 11.51 14.66 -53.20
CA ILE A 99 12.36 15.83 -52.97
C ILE A 99 13.16 16.08 -54.23
N PRO A 100 13.25 17.31 -54.72
CA PRO A 100 14.10 17.59 -55.88
C PRO A 100 15.55 17.22 -55.61
N THR A 101 16.25 16.83 -56.68
CA THR A 101 17.60 16.32 -56.53
C THR A 101 18.59 17.39 -56.09
N THR A 102 18.23 18.67 -56.23
CA THR A 102 19.08 19.73 -55.70
C THR A 102 18.91 19.93 -54.20
N CYS A 103 17.80 19.45 -53.63
CA CYS A 103 17.55 19.53 -52.20
C CYS A 103 17.49 18.15 -51.56
N ALA A 104 18.08 17.14 -52.19
CA ALA A 104 18.03 15.77 -51.69
C ALA A 104 19.12 15.46 -50.67
N ASN A 105 19.98 16.43 -50.36
CA ASN A 105 20.94 16.24 -49.28
C ASN A 105 20.33 16.50 -47.91
N ASP A 106 19.17 17.14 -47.85
CA ASP A 106 18.47 17.40 -46.60
C ASP A 106 16.98 17.38 -46.87
N PRO A 107 16.38 16.20 -46.95
CA PRO A 107 14.94 16.13 -47.26
C PRO A 107 14.06 16.55 -46.10
N VAL A 108 14.50 16.34 -44.86
CA VAL A 108 13.73 16.77 -43.70
C VAL A 108 13.58 18.29 -43.69
N GLY A 109 14.68 19.01 -43.91
CA GLY A 109 14.61 20.44 -44.01
C GLY A 109 13.78 20.92 -45.19
N PHE A 110 13.80 20.19 -46.29
CA PHE A 110 12.98 20.56 -47.44
C PHE A 110 11.50 20.45 -47.10
N THR A 111 11.09 19.31 -46.54
CA THR A 111 9.69 19.15 -46.17
C THR A 111 9.28 20.08 -45.04
N LEU A 112 10.24 20.59 -44.27
CA LEU A 112 9.93 21.65 -43.30
C LEU A 112 9.67 22.98 -43.99
N LYS A 113 10.58 23.39 -44.89
CA LYS A 113 10.53 24.73 -45.45
C LYS A 113 9.49 24.88 -46.55
N ASN A 114 9.19 23.82 -47.29
CA ASN A 114 8.36 23.92 -48.48
C ASN A 114 6.94 23.43 -48.18
N THR A 115 6.05 23.70 -49.14
CA THR A 115 4.64 23.35 -49.02
C THR A 115 4.15 22.75 -50.32
N VAL A 116 2.96 22.18 -50.28
CA VAL A 116 2.39 21.42 -51.39
C VAL A 116 1.21 22.19 -51.95
N CYS A 117 1.16 22.36 -53.28
CA CYS A 117 0.00 22.93 -53.97
C CYS A 117 -1.18 21.96 -53.89
N THR A 118 -2.36 22.45 -53.49
CA THR A 118 -3.49 21.58 -53.24
C THR A 118 -4.12 21.10 -54.54
N VAL A 119 -4.27 21.97 -55.54
CA VAL A 119 -5.06 21.64 -56.75
C VAL A 119 -4.34 20.69 -57.73
N CYS A 120 -3.02 20.58 -57.63
CA CYS A 120 -2.19 19.78 -58.54
C CYS A 120 -1.14 18.89 -57.84
N GLY A 121 -0.97 18.97 -56.51
CA GLY A 121 -0.17 17.99 -55.79
C GLY A 121 1.32 18.13 -56.00
N MET A 122 1.80 19.31 -56.36
CA MET A 122 3.20 19.62 -56.67
C MET A 122 3.77 20.59 -55.64
N TRP A 123 5.07 20.54 -55.37
CA TRP A 123 5.73 21.48 -54.49
C TRP A 123 5.63 22.89 -55.06
N LYS A 124 5.15 23.82 -54.24
CA LYS A 124 5.03 25.21 -54.69
C LYS A 124 6.41 25.81 -54.95
N GLY A 125 6.57 26.42 -56.12
CA GLY A 125 7.86 26.93 -56.54
C GLY A 125 8.82 25.90 -57.08
N TYR A 126 8.50 24.61 -56.97
CA TYR A 126 9.36 23.54 -57.45
C TYR A 126 8.66 22.68 -58.50
N GLY A 127 7.76 23.28 -59.28
CA GLY A 127 7.07 22.56 -60.32
C GLY A 127 5.56 22.70 -60.28
N CYS A 128 5.01 23.47 -59.36
CA CYS A 128 3.63 23.93 -59.46
C CYS A 128 3.49 25.03 -60.52
N SER A 129 2.92 24.70 -61.68
CA SER A 129 2.63 25.62 -62.79
C SER A 129 1.26 26.33 -62.66
N CYS A 130 0.71 26.42 -61.46
CA CYS A 130 -0.61 27.02 -61.19
C CYS A 130 -0.57 28.55 -60.98
N ASP A 131 0.55 29.23 -61.25
CA ASP A 131 0.66 30.66 -61.01
C ASP A 131 -0.39 31.46 -61.79
N GLU B 2 29.08 -0.87 -39.70
CA GLU B 2 28.00 0.08 -39.49
C GLU B 2 27.81 0.38 -38.00
N ASN B 3 28.06 1.63 -37.63
CA ASN B 3 27.93 2.05 -36.24
C ASN B 3 26.52 2.59 -35.99
N VAL B 4 25.98 2.26 -34.82
CA VAL B 4 24.63 2.66 -34.43
C VAL B 4 24.70 3.29 -33.04
N THR B 5 23.54 3.77 -32.58
CA THR B 5 23.43 4.37 -31.25
C THR B 5 22.18 3.86 -30.57
N GLY B 6 22.17 3.95 -29.24
CA GLY B 6 21.05 3.50 -28.45
C GLY B 6 19.89 4.46 -28.40
N LEU B 7 20.05 5.66 -28.95
CA LEU B 7 18.96 6.64 -28.97
C LEU B 7 17.90 6.21 -29.97
N PHE B 8 16.64 6.36 -29.56
CA PHE B 8 15.46 6.05 -30.38
C PHE B 8 15.46 4.59 -30.83
N LYS B 9 16.03 3.72 -30.00
CA LYS B 9 16.11 2.30 -30.31
C LYS B 9 14.73 1.66 -30.32
N ASP B 10 14.46 0.86 -31.33
CA ASP B 10 13.17 0.18 -31.45
C ASP B 10 13.14 -0.97 -30.45
N CYS B 11 12.36 -0.80 -29.39
CA CYS B 11 12.38 -1.75 -28.27
C CYS B 11 11.34 -2.84 -28.39
N SER B 12 10.50 -2.82 -29.43
CA SER B 12 9.41 -3.77 -29.54
C SER B 12 9.92 -5.19 -29.75
N LYS B 13 9.02 -6.15 -29.60
CA LYS B 13 9.36 -7.56 -29.70
C LYS B 13 9.05 -8.15 -31.07
N VAL B 14 8.56 -7.33 -32.01
CA VAL B 14 8.31 -7.80 -33.36
C VAL B 14 9.63 -8.12 -34.04
N ILE B 15 9.71 -9.30 -34.66
CA ILE B 15 10.97 -9.74 -35.26
C ILE B 15 11.26 -9.00 -36.56
N THR B 16 10.23 -8.63 -37.32
CA THR B 16 10.42 -7.99 -38.61
C THR B 16 10.69 -6.50 -38.44
N GLY B 17 10.98 -5.85 -39.55
CA GLY B 17 11.15 -4.41 -39.60
C GLY B 17 9.86 -3.72 -40.02
N LEU B 18 10.02 -2.55 -40.62
CA LEU B 18 8.91 -1.73 -41.06
C LEU B 18 8.90 -1.59 -42.58
N HIS B 19 7.81 -1.03 -43.08
CA HIS B 19 7.66 -0.71 -44.49
C HIS B 19 8.67 0.38 -44.87
N PRO B 20 8.95 0.57 -46.16
CA PRO B 20 9.77 1.73 -46.55
C PRO B 20 9.15 3.05 -46.15
N THR B 21 7.88 3.26 -46.44
CA THR B 21 7.14 4.31 -45.75
C THR B 21 6.94 3.91 -44.29
N GLN B 22 6.65 4.89 -43.45
CA GLN B 22 6.37 4.73 -42.04
C GLN B 22 7.52 4.08 -41.26
N ALA B 23 8.72 4.01 -41.84
CA ALA B 23 9.94 3.72 -41.09
C ALA B 23 10.75 4.99 -40.97
N PRO B 24 11.15 5.39 -39.76
CA PRO B 24 11.84 6.69 -39.62
C PRO B 24 13.22 6.73 -40.27
N THR B 25 14.00 5.67 -40.15
CA THR B 25 15.36 5.65 -40.67
C THR B 25 15.56 4.46 -41.57
N HIS B 26 16.75 4.40 -42.18
CA HIS B 26 17.09 3.30 -43.08
C HIS B 26 17.34 1.99 -42.34
N LEU B 27 17.73 2.06 -41.07
CA LEU B 27 17.95 0.85 -40.29
C LEU B 27 16.66 0.22 -39.78
N SER B 28 15.52 0.88 -39.98
CA SER B 28 14.23 0.37 -39.51
C SER B 28 13.46 -0.37 -40.58
N VAL B 29 13.84 -0.22 -41.86
CA VAL B 29 13.14 -0.90 -42.93
C VAL B 29 13.37 -2.40 -42.84
N ASP B 30 12.33 -3.19 -43.09
CA ASP B 30 12.47 -4.63 -43.12
C ASP B 30 13.37 -5.04 -44.27
N THR B 31 14.07 -6.16 -44.07
CA THR B 31 15.08 -6.61 -45.03
C THR B 31 14.49 -7.16 -46.32
N LYS B 32 13.17 -7.29 -46.42
CA LYS B 32 12.57 -7.61 -47.71
C LYS B 32 12.78 -6.50 -48.71
N PHE B 33 12.84 -5.25 -48.25
CA PHE B 33 12.84 -4.10 -49.12
C PHE B 33 14.23 -3.57 -49.44
N LYS B 34 15.21 -3.86 -48.59
CA LYS B 34 16.55 -3.28 -48.78
C LYS B 34 17.23 -3.92 -49.98
N THR B 35 17.67 -3.07 -50.91
CA THR B 35 18.36 -3.54 -52.11
C THR B 35 19.43 -2.54 -52.49
N GLU B 36 20.70 -2.97 -52.44
CA GLU B 36 21.84 -2.16 -52.86
C GLU B 36 21.90 -0.86 -52.07
N GLY B 37 21.83 -0.97 -50.74
CA GLY B 37 21.81 0.20 -49.90
C GLY B 37 20.57 1.06 -49.99
N LEU B 38 19.65 0.75 -50.89
CA LEU B 38 18.42 1.50 -51.07
C LEU B 38 17.23 0.58 -50.83
N CYS B 39 16.04 1.17 -50.78
CA CYS B 39 14.82 0.41 -50.56
C CYS B 39 14.05 0.28 -51.86
N VAL B 40 13.19 -0.73 -51.91
CA VAL B 40 12.35 -1.00 -53.07
C VAL B 40 10.91 -1.13 -52.61
N ASP B 41 10.00 -0.44 -53.30
CA ASP B 41 8.57 -0.54 -53.00
C ASP B 41 8.03 -1.79 -53.67
N ILE B 42 7.82 -2.83 -52.87
CA ILE B 42 7.19 -4.06 -53.37
C ILE B 42 5.69 -3.85 -53.26
N PRO B 43 4.95 -3.93 -54.37
CA PRO B 43 3.54 -3.52 -54.34
C PRO B 43 2.63 -4.53 -53.64
N GLY B 44 3.03 -5.80 -53.61
CA GLY B 44 2.20 -6.81 -53.00
C GLY B 44 2.16 -6.74 -51.49
N ILE B 45 3.23 -6.25 -50.88
CA ILE B 45 3.33 -6.24 -49.41
C ILE B 45 2.49 -5.09 -48.87
N PRO B 46 1.58 -5.34 -47.94
CA PRO B 46 0.84 -4.25 -47.30
C PRO B 46 1.67 -3.60 -46.20
N LYS B 47 1.17 -2.46 -45.72
CA LYS B 47 1.80 -1.75 -44.62
C LYS B 47 1.01 -2.01 -43.34
N ASP B 48 1.72 -2.28 -42.26
CA ASP B 48 1.08 -2.52 -40.98
C ASP B 48 0.38 -1.26 -40.49
N MET B 49 -0.85 -1.42 -40.02
CA MET B 49 -1.64 -0.29 -39.57
C MET B 49 -2.11 -0.40 -38.12
N THR B 50 -1.70 -1.44 -37.39
CA THR B 50 -2.09 -1.57 -35.99
C THR B 50 -0.88 -1.75 -35.09
N TYR B 51 0.32 -1.45 -35.56
CA TYR B 51 1.50 -1.73 -34.77
C TYR B 51 1.71 -0.67 -33.70
N ARG B 52 2.38 -1.07 -32.62
CA ARG B 52 2.75 -0.19 -31.52
C ARG B 52 4.17 -0.55 -31.12
N ARG B 53 5.13 0.33 -31.37
CA ARG B 53 6.54 0.04 -31.15
C ARG B 53 7.11 1.02 -30.15
N LEU B 54 7.51 0.54 -28.98
CA LEU B 54 8.09 1.42 -27.97
C LEU B 54 9.46 1.93 -28.44
N ILE B 55 9.75 3.18 -28.10
CA ILE B 55 10.96 3.86 -28.55
C ILE B 55 11.79 4.22 -27.33
N SER B 56 13.06 3.86 -27.36
CA SER B 56 13.96 4.09 -26.24
C SER B 56 14.42 5.54 -26.22
N MET B 57 14.12 6.25 -25.14
CA MET B 57 14.55 7.63 -24.98
C MET B 57 15.86 7.75 -24.22
N MET B 58 16.67 6.70 -24.21
CA MET B 58 17.95 6.70 -23.52
C MET B 58 19.06 6.91 -24.53
N GLY B 59 20.02 7.78 -24.17
CA GLY B 59 21.11 8.05 -25.08
C GLY B 59 21.14 9.44 -25.67
N PHE B 60 20.46 10.39 -25.02
CA PHE B 60 20.50 11.78 -25.47
C PHE B 60 21.89 12.35 -25.32
N LYS B 61 22.31 13.15 -26.30
CA LYS B 61 23.58 13.87 -26.25
C LYS B 61 23.30 15.36 -26.44
N MET B 62 23.28 16.10 -25.33
CA MET B 62 23.05 17.54 -25.37
C MET B 62 24.37 18.29 -25.47
N ASN B 63 25.03 18.14 -26.61
CA ASN B 63 26.29 18.81 -26.89
C ASN B 63 26.20 19.72 -28.10
N TYR B 64 24.99 20.21 -28.38
CA TYR B 64 24.77 21.08 -29.52
C TYR B 64 25.42 22.44 -29.31
N GLN B 65 25.80 23.08 -30.41
CA GLN B 65 26.21 24.48 -30.41
C GLN B 65 25.33 25.23 -31.39
N VAL B 66 24.33 25.94 -30.86
CA VAL B 66 23.43 26.77 -31.65
C VAL B 66 23.50 28.17 -31.08
N ASN B 67 23.35 29.17 -31.95
CA ASN B 67 23.67 30.55 -31.60
C ASN B 67 22.80 31.07 -30.45
N GLY B 68 21.48 31.09 -30.64
CA GLY B 68 20.62 31.70 -29.65
C GLY B 68 20.20 30.80 -28.52
N TYR B 69 20.73 29.59 -28.45
CA TYR B 69 20.23 28.59 -27.52
C TYR B 69 21.26 28.34 -26.43
N PRO B 70 20.91 28.49 -25.16
CA PRO B 70 21.88 28.25 -24.10
C PRO B 70 22.17 26.78 -23.91
N ASN B 71 23.37 26.50 -23.43
CA ASN B 71 23.78 25.12 -23.17
C ASN B 71 23.21 24.63 -21.85
N MET B 72 22.75 23.38 -21.85
CA MET B 72 22.21 22.80 -20.62
C MET B 72 23.33 22.45 -19.65
N PHE B 73 24.34 21.73 -20.12
CA PHE B 73 25.44 21.31 -19.26
C PHE B 73 26.46 22.44 -19.16
N ILE B 74 26.70 22.90 -17.93
CA ILE B 74 27.59 24.01 -17.67
C ILE B 74 28.84 23.50 -16.98
N THR B 75 29.89 24.32 -17.03
CA THR B 75 31.14 24.00 -16.36
C THR B 75 30.98 24.21 -14.86
N ARG B 76 31.94 23.68 -14.09
CA ARG B 76 31.82 23.75 -12.64
C ARG B 76 32.05 25.15 -12.09
N GLU B 77 32.69 26.03 -12.87
CA GLU B 77 32.84 27.41 -12.41
C GLU B 77 31.50 28.13 -12.42
N GLU B 78 30.73 27.98 -13.48
CA GLU B 78 29.39 28.58 -13.53
C GLU B 78 28.45 27.93 -12.51
N ALA B 79 28.61 26.63 -12.28
CA ALA B 79 27.82 25.96 -11.25
C ALA B 79 28.15 26.49 -9.86
N ILE B 80 29.43 26.75 -9.59
CA ILE B 80 29.84 27.36 -8.34
C ILE B 80 29.24 28.76 -8.22
N ARG B 81 29.31 29.53 -9.30
CA ARG B 81 28.72 30.86 -9.31
C ARG B 81 27.21 30.83 -9.14
N HIS B 82 26.57 29.69 -9.39
CA HIS B 82 25.12 29.60 -9.35
C HIS B 82 24.60 28.65 -8.28
N VAL B 83 25.22 28.69 -7.10
CA VAL B 83 24.94 27.75 -5.98
C VAL B 83 23.56 27.89 -5.38
N ARG B 84 22.93 29.04 -5.44
CA ARG B 84 21.64 29.16 -4.75
C ARG B 84 20.57 28.43 -5.57
N ALA B 85 20.88 27.99 -6.78
CA ALA B 85 19.93 27.31 -7.68
C ALA B 85 20.10 25.81 -7.70
N TRP B 86 21.13 25.28 -7.07
CA TRP B 86 21.39 23.84 -7.13
C TRP B 86 20.23 23.07 -6.55
N ILE B 87 19.59 22.25 -7.38
CA ILE B 87 18.59 21.29 -6.94
C ILE B 87 19.06 19.93 -7.39
N GLY B 88 19.41 19.08 -6.42
CA GLY B 88 19.80 17.72 -6.76
C GLY B 88 18.68 16.96 -7.45
N PHE B 89 19.06 15.96 -8.23
CA PHE B 89 18.08 15.25 -9.02
C PHE B 89 18.53 13.81 -9.22
N ASP B 90 17.67 12.87 -8.83
CA ASP B 90 17.90 11.45 -9.06
C ASP B 90 16.58 10.82 -9.47
N VAL B 91 16.65 9.86 -10.38
CA VAL B 91 15.48 9.17 -10.88
C VAL B 91 15.71 7.67 -10.78
N GLU B 92 14.75 6.95 -10.21
CA GLU B 92 14.71 5.51 -10.27
C GLU B 92 13.81 5.08 -11.42
N GLY B 93 14.07 3.90 -11.97
CA GLY B 93 13.43 3.47 -13.18
C GLY B 93 12.86 2.08 -13.07
N CYS B 94 11.97 1.77 -14.01
CA CYS B 94 11.41 0.44 -14.19
C CYS B 94 11.72 -0.04 -15.60
N HIS B 95 11.64 -1.33 -15.81
CA HIS B 95 12.05 -1.90 -17.09
C HIS B 95 10.81 -2.37 -17.84
N ALA B 96 10.61 -1.96 -19.08
CA ALA B 96 9.49 -2.39 -19.91
C ALA B 96 9.58 -3.88 -20.17
N THR B 97 8.53 -4.63 -19.84
CA THR B 97 8.66 -6.08 -19.77
C THR B 97 7.82 -6.89 -20.74
N ARG B 98 6.61 -6.46 -21.11
CA ARG B 98 5.69 -7.41 -21.75
C ARG B 98 5.70 -7.37 -23.26
N GLU B 99 5.55 -6.19 -23.85
CA GLU B 99 5.46 -6.05 -25.30
C GLU B 99 6.72 -5.44 -25.89
N ALA B 100 7.63 -4.99 -25.04
CA ALA B 100 8.86 -4.36 -25.50
C ALA B 100 9.88 -4.46 -24.38
N VAL B 101 11.09 -4.88 -24.73
CA VAL B 101 12.20 -4.97 -23.79
C VAL B 101 13.36 -4.16 -24.36
N GLY B 102 14.08 -3.46 -23.50
CA GLY B 102 15.21 -2.70 -23.97
C GLY B 102 15.23 -1.22 -23.60
N THR B 103 14.29 -0.77 -22.78
CA THR B 103 14.31 0.61 -22.32
C THR B 103 13.93 0.64 -20.84
N ASN B 104 14.26 1.77 -20.20
CA ASN B 104 13.89 2.04 -18.83
C ASN B 104 13.03 3.28 -18.77
N LEU B 105 12.13 3.32 -17.80
CA LEU B 105 11.11 4.34 -17.68
C LEU B 105 11.18 4.99 -16.30
N PRO B 106 11.06 6.31 -16.22
CA PRO B 106 11.16 6.98 -14.91
C PRO B 106 9.95 6.63 -14.03
N LEU B 107 10.22 5.98 -12.91
CA LEU B 107 9.21 5.61 -11.94
C LEU B 107 9.11 6.57 -10.77
N GLN B 108 10.23 7.03 -10.23
CA GLN B 108 10.24 7.88 -9.04
C GLN B 108 11.30 8.95 -9.20
N LEU B 109 10.87 10.20 -9.17
CA LEU B 109 11.76 11.36 -9.30
C LEU B 109 11.95 11.99 -7.93
N GLY B 110 13.19 12.20 -7.54
CA GLY B 110 13.50 12.82 -6.27
C GLY B 110 14.42 14.00 -6.44
N PHE B 111 14.27 14.96 -5.54
CA PHE B 111 15.00 16.22 -5.62
C PHE B 111 15.75 16.44 -4.31
N SER B 112 16.58 17.50 -4.29
CA SER B 112 17.34 17.84 -3.05
C SER B 112 16.31 18.18 -1.98
N THR B 113 15.27 18.96 -2.35
CA THR B 113 14.17 19.17 -1.38
C THR B 113 13.56 17.78 -1.23
N GLY B 114 13.06 17.41 -0.05
CA GLY B 114 12.62 16.01 0.11
C GLY B 114 11.27 15.80 -0.53
N VAL B 115 11.23 15.82 -1.87
CA VAL B 115 9.95 15.65 -2.62
C VAL B 115 10.12 14.46 -3.56
N ASN B 116 9.39 13.38 -3.32
CA ASN B 116 9.46 12.21 -4.19
C ASN B 116 8.16 12.12 -4.96
N LEU B 117 8.26 12.03 -6.28
CA LEU B 117 7.10 12.01 -7.17
C LEU B 117 7.09 10.71 -7.95
N VAL B 118 6.04 9.93 -7.78
CA VAL B 118 5.89 8.66 -8.48
C VAL B 118 5.02 8.89 -9.70
N ALA B 119 5.46 8.39 -10.85
CA ALA B 119 4.74 8.52 -12.09
C ALA B 119 4.35 7.14 -12.62
N VAL B 120 3.30 7.09 -13.41
CA VAL B 120 2.95 5.83 -14.07
C VAL B 120 3.99 5.54 -15.15
N PRO B 121 4.32 4.28 -15.40
CA PRO B 121 5.32 4.00 -16.46
C PRO B 121 4.78 4.41 -17.81
N THR B 122 5.46 5.36 -18.44
CA THR B 122 4.96 6.00 -19.64
C THR B 122 6.09 6.10 -20.65
N GLY B 123 5.81 5.71 -21.90
CA GLY B 123 6.81 5.72 -22.94
C GLY B 123 6.26 6.37 -24.20
N TYR B 124 7.11 6.42 -25.21
CA TYR B 124 6.78 6.97 -26.52
C TYR B 124 6.66 5.81 -27.49
N VAL B 125 5.44 5.55 -27.95
CA VAL B 125 5.14 4.38 -28.75
C VAL B 125 4.85 4.86 -30.16
N ASP B 126 5.71 4.50 -31.11
CA ASP B 126 5.44 4.75 -32.51
C ASP B 126 4.23 3.96 -32.97
N THR B 127 3.23 4.68 -33.48
CA THR B 127 2.05 4.17 -34.13
C THR B 127 2.11 4.55 -35.61
N PRO B 128 1.31 3.90 -36.46
CA PRO B 128 1.36 4.23 -37.89
C PRO B 128 0.90 5.64 -38.24
N ASN B 129 0.38 6.43 -37.30
CA ASN B 129 0.00 7.80 -37.58
C ASN B 129 0.85 8.84 -36.86
N ASN B 130 1.36 8.52 -35.67
CA ASN B 130 2.05 9.49 -34.84
C ASN B 130 2.80 8.72 -33.75
N THR B 131 3.49 9.46 -32.90
CA THR B 131 4.11 8.90 -31.70
C THR B 131 3.20 9.19 -30.52
N ASP B 132 2.70 8.13 -29.90
CA ASP B 132 1.75 8.24 -28.79
C ASP B 132 2.50 8.18 -27.47
N PHE B 133 2.33 9.20 -26.65
CA PHE B 133 2.93 9.24 -25.32
C PHE B 133 1.96 8.53 -24.39
N SER B 134 2.19 7.24 -24.14
CA SER B 134 1.18 6.41 -23.51
C SER B 134 1.80 5.51 -22.45
N ARG B 135 0.93 5.00 -21.58
CA ARG B 135 1.34 4.09 -20.52
C ARG B 135 1.63 2.71 -21.09
N VAL B 136 2.77 2.14 -20.71
CA VAL B 136 3.20 0.86 -21.25
C VAL B 136 3.45 -0.10 -20.10
N SER B 137 3.54 -1.37 -20.44
CA SER B 137 3.78 -2.42 -19.45
C SER B 137 5.22 -2.34 -18.96
N ALA B 138 5.40 -2.33 -17.64
CA ALA B 138 6.73 -2.22 -17.07
C ALA B 138 6.78 -2.98 -15.76
N LYS B 139 7.98 -3.41 -15.40
CA LYS B 139 8.22 -4.13 -14.15
C LYS B 139 9.34 -3.45 -13.39
N PRO B 140 9.35 -3.57 -12.07
CA PRO B 140 10.45 -3.00 -11.27
C PRO B 140 11.75 -3.74 -11.54
N PRO B 141 12.89 -3.12 -11.28
CA PRO B 141 14.17 -3.78 -11.53
C PRO B 141 14.36 -4.98 -10.63
N PRO B 142 14.85 -6.09 -11.16
CA PRO B 142 15.12 -7.26 -10.33
C PRO B 142 16.27 -7.01 -9.38
N GLY B 143 16.21 -7.66 -8.22
CA GLY B 143 17.18 -7.48 -7.17
C GLY B 143 16.51 -7.16 -5.86
N ASP B 144 17.35 -6.96 -4.84
CA ASP B 144 16.86 -6.65 -3.51
C ASP B 144 17.00 -5.19 -3.14
N GLN B 145 17.98 -4.48 -3.71
CA GLN B 145 18.08 -3.05 -3.46
C GLN B 145 17.04 -2.25 -4.21
N PHE B 146 16.19 -2.90 -5.01
CA PHE B 146 15.08 -2.25 -5.70
C PHE B 146 13.75 -2.86 -5.31
N LYS B 147 13.69 -3.58 -4.20
CA LYS B 147 12.45 -4.20 -3.76
C LYS B 147 11.50 -3.21 -3.09
N HIS B 148 11.98 -2.01 -2.76
CA HIS B 148 11.09 -0.97 -2.28
C HIS B 148 10.34 -0.27 -3.40
N LEU B 149 10.76 -0.48 -4.65
CA LEU B 149 10.07 0.09 -5.80
C LEU B 149 8.85 -0.71 -6.22
N ILE B 150 8.66 -1.90 -5.67
CA ILE B 150 7.55 -2.78 -6.03
C ILE B 150 6.20 -2.18 -5.64
N PRO B 151 6.01 -1.59 -4.43
CA PRO B 151 4.72 -0.94 -4.16
C PRO B 151 4.47 0.32 -4.96
N LEU B 152 5.48 0.86 -5.66
CA LEU B 152 5.31 2.11 -6.39
C LEU B 152 4.68 1.91 -7.76
N MET B 153 4.65 0.69 -8.27
CA MET B 153 4.00 0.45 -9.57
C MET B 153 2.49 0.59 -9.45
N TYR B 154 1.92 0.22 -8.30
CA TYR B 154 0.48 0.35 -8.09
C TYR B 154 0.10 1.78 -7.72
N LYS B 155 0.99 2.51 -7.06
CA LYS B 155 0.84 3.94 -6.91
C LYS B 155 1.27 4.64 -8.20
N GLY B 156 1.18 5.95 -8.21
CA GLY B 156 1.67 6.72 -9.34
C GLY B 156 0.64 7.66 -9.90
N LEU B 157 1.12 8.69 -10.58
CA LEU B 157 0.31 9.78 -11.09
C LEU B 157 0.53 9.89 -12.59
N PRO B 158 -0.45 10.40 -13.33
CA PRO B 158 -0.22 10.69 -14.74
C PRO B 158 0.83 11.78 -14.88
N TRP B 159 1.52 11.75 -16.03
CA TRP B 159 2.71 12.59 -16.16
C TRP B 159 2.38 14.08 -16.24
N ASN B 160 1.18 14.45 -16.67
CA ASN B 160 0.81 15.85 -16.65
C ASN B 160 0.73 16.39 -15.22
N VAL B 161 0.09 15.63 -14.32
CA VAL B 161 0.08 16.00 -12.91
C VAL B 161 1.49 16.01 -12.34
N VAL B 162 2.32 15.06 -12.76
CA VAL B 162 3.67 14.96 -12.23
C VAL B 162 4.49 16.19 -12.61
N ARG B 163 4.41 16.63 -13.86
CA ARG B 163 5.22 17.79 -14.23
C ARG B 163 4.62 19.10 -13.72
N ILE B 164 3.30 19.15 -13.53
CA ILE B 164 2.71 20.30 -12.84
C ILE B 164 3.28 20.40 -11.43
N LYS B 165 3.35 19.29 -10.71
CA LYS B 165 3.89 19.30 -9.36
C LYS B 165 5.38 19.57 -9.36
N ILE B 166 6.11 19.11 -10.37
CA ILE B 166 7.54 19.40 -10.47
C ILE B 166 7.77 20.90 -10.59
N VAL B 167 7.03 21.55 -11.50
CA VAL B 167 7.19 22.98 -11.69
C VAL B 167 6.76 23.74 -10.45
N GLN B 168 5.68 23.29 -9.79
CA GLN B 168 5.20 23.97 -8.59
C GLN B 168 6.23 23.89 -7.46
N MET B 169 6.83 22.72 -7.26
CA MET B 169 7.81 22.56 -6.20
C MET B 169 9.09 23.32 -6.50
N LEU B 170 9.56 23.29 -7.75
CA LEU B 170 10.74 24.07 -8.12
C LEU B 170 10.50 25.55 -7.95
N SER B 171 9.29 26.02 -8.26
CA SER B 171 8.98 27.43 -8.13
C SER B 171 8.90 27.83 -6.66
N ASP B 172 8.28 27.00 -5.83
CA ASP B 172 8.23 27.32 -4.40
C ASP B 172 9.62 27.27 -3.76
N THR B 173 10.51 26.42 -4.26
CA THR B 173 11.83 26.34 -3.68
C THR B 173 12.72 27.49 -4.14
N LEU B 174 12.62 27.89 -5.41
CA LEU B 174 13.63 28.75 -6.00
C LEU B 174 13.18 30.17 -6.30
N LYS B 175 11.92 30.54 -6.00
CA LYS B 175 11.43 31.85 -6.41
C LYS B 175 12.17 32.98 -5.73
N ASN B 176 12.59 32.79 -4.48
CA ASN B 176 13.31 33.83 -3.76
C ASN B 176 14.81 33.68 -3.84
N LEU B 177 15.32 32.52 -4.21
CA LEU B 177 16.76 32.31 -4.24
C LEU B 177 17.38 32.78 -5.55
N SER B 178 16.94 32.24 -6.68
CA SER B 178 17.65 32.45 -7.92
C SER B 178 16.66 32.58 -9.07
N ASP B 179 17.19 32.89 -10.25
CA ASP B 179 16.41 33.04 -11.47
C ASP B 179 16.57 31.87 -12.41
N ARG B 180 17.07 30.74 -11.93
CA ARG B 180 17.30 29.57 -12.75
C ARG B 180 17.35 28.35 -11.85
N VAL B 181 17.42 27.18 -12.47
CA VAL B 181 17.57 25.92 -11.76
C VAL B 181 18.79 25.20 -12.32
N VAL B 182 19.61 24.64 -11.44
CA VAL B 182 20.79 23.88 -11.82
C VAL B 182 20.62 22.49 -11.25
N PHE B 183 20.24 21.53 -12.09
CA PHE B 183 20.05 20.16 -11.63
C PHE B 183 21.40 19.50 -11.42
N VAL B 184 21.66 19.05 -10.19
CA VAL B 184 22.92 18.44 -9.83
C VAL B 184 22.74 16.92 -9.98
N LEU B 185 23.17 16.39 -11.12
CA LEU B 185 22.99 14.99 -11.45
C LEU B 185 24.25 14.20 -11.09
N TRP B 186 24.05 12.96 -10.63
CA TRP B 186 25.20 12.09 -10.43
C TRP B 186 25.63 11.44 -11.75
N ALA B 187 24.71 10.75 -12.42
CA ALA B 187 24.96 10.15 -13.72
C ALA B 187 23.84 10.58 -14.64
N HIS B 188 24.15 11.42 -15.61
CA HIS B 188 23.11 12.09 -16.40
C HIS B 188 22.46 11.19 -17.43
N GLY B 189 22.86 9.92 -17.52
CA GLY B 189 22.32 9.04 -18.56
C GLY B 189 20.83 8.83 -18.43
N PHE B 190 20.35 8.56 -17.22
CA PHE B 190 18.93 8.37 -16.99
C PHE B 190 18.23 9.67 -16.61
N ALA B 191 18.94 10.64 -16.05
CA ALA B 191 18.32 11.92 -15.74
C ALA B 191 17.98 12.70 -17.00
N LEU B 192 18.79 12.56 -18.05
CA LEU B 192 18.44 13.19 -19.32
C LEU B 192 17.23 12.52 -19.96
N THR B 193 17.10 11.20 -19.78
CA THR B 193 15.91 10.50 -20.25
C THR B 193 14.67 10.97 -19.50
N SER B 194 14.79 11.16 -18.18
CA SER B 194 13.66 11.62 -17.40
C SER B 194 13.33 13.07 -17.67
N MET B 195 14.32 13.86 -18.10
CA MET B 195 14.06 15.26 -18.42
C MET B 195 13.29 15.43 -19.71
N LYS B 196 13.29 14.43 -20.60
CA LYS B 196 12.47 14.51 -21.80
C LYS B 196 10.99 14.67 -21.45
N TYR B 197 10.59 14.24 -20.27
CA TYR B 197 9.19 14.25 -19.89
C TYR B 197 8.74 15.61 -19.36
N PHE B 198 9.61 16.35 -18.66
CA PHE B 198 9.17 17.59 -18.04
C PHE B 198 10.04 18.80 -18.37
N VAL B 199 10.91 18.72 -19.38
CA VAL B 199 11.83 19.81 -19.68
C VAL B 199 11.77 20.14 -21.16
N LYS B 200 11.61 21.42 -21.47
CA LYS B 200 11.78 21.97 -22.80
C LYS B 200 13.09 22.75 -22.85
N ILE B 201 13.49 23.17 -24.04
CA ILE B 201 14.58 24.12 -24.25
C ILE B 201 14.16 25.10 -25.34
N GLY B 202 15.03 26.05 -25.62
CA GLY B 202 14.77 27.05 -26.63
C GLY B 202 15.60 28.29 -26.41
N PRO B 203 15.36 29.33 -27.19
CA PRO B 203 16.07 30.59 -26.99
C PRO B 203 15.64 31.24 -25.68
N GLU B 204 16.46 32.17 -25.21
CA GLU B 204 16.19 32.81 -23.93
C GLU B 204 14.99 33.75 -24.06
N ARG B 205 14.00 33.55 -23.19
CA ARG B 205 12.76 34.32 -23.22
C ARG B 205 12.62 35.08 -21.90
N THR B 206 11.61 35.94 -21.87
CA THR B 206 11.31 36.77 -20.71
C THR B 206 9.94 36.41 -20.17
N CYS B 207 9.76 36.36 -18.86
CA CYS B 207 8.46 36.10 -18.24
C CYS B 207 7.36 37.05 -18.76
N CYS B 208 6.17 36.54 -19.09
CA CYS B 208 5.01 37.42 -19.28
C CYS B 208 4.60 38.08 -17.94
N LEU B 209 3.91 39.21 -17.95
CA LEU B 209 3.54 39.97 -16.73
C LEU B 209 4.72 40.54 -15.91
N CYS B 210 5.95 40.50 -16.44
CA CYS B 210 7.18 40.65 -15.67
C CYS B 210 8.39 40.89 -16.60
N ASP B 211 9.61 40.87 -16.07
CA ASP B 211 10.86 41.07 -16.83
C ASP B 211 12.03 40.15 -16.39
N ARG B 212 11.71 39.11 -15.62
CA ARG B 212 12.73 38.15 -15.16
C ARG B 212 12.93 37.05 -16.21
N ARG B 213 14.07 36.36 -16.14
CA ARG B 213 14.31 35.26 -17.06
C ARG B 213 13.17 34.26 -16.97
N ALA B 214 12.81 33.69 -18.11
CA ALA B 214 11.74 32.71 -18.17
C ALA B 214 12.28 31.32 -17.82
N THR B 215 11.69 30.69 -16.81
CA THR B 215 12.10 29.36 -16.40
C THR B 215 11.02 28.31 -16.54
N CYS B 216 9.79 28.70 -16.84
CA CYS B 216 8.69 27.75 -17.01
C CYS B 216 7.96 28.05 -18.30
N PHE B 217 7.34 27.02 -18.87
CA PHE B 217 6.64 27.13 -20.14
C PHE B 217 5.33 26.37 -20.05
N SER B 218 4.26 26.97 -20.57
CA SER B 218 2.94 26.36 -20.54
C SER B 218 2.56 25.89 -21.93
N THR B 219 1.92 24.72 -22.00
CA THR B 219 1.48 24.16 -23.27
C THR B 219 0.02 24.44 -23.59
N ALA B 220 -0.79 24.77 -22.58
CA ALA B 220 -2.16 25.20 -22.85
C ALA B 220 -2.16 26.48 -23.67
N SER B 221 -1.54 27.53 -23.15
CA SER B 221 -1.22 28.72 -23.91
C SER B 221 0.29 28.83 -23.95
N ASP B 222 0.85 29.12 -25.13
CA ASP B 222 2.29 29.07 -25.33
C ASP B 222 2.92 30.32 -24.71
N THR B 223 2.92 30.33 -23.38
CA THR B 223 3.44 31.44 -22.59
C THR B 223 4.57 30.95 -21.70
N TYR B 224 5.45 31.89 -21.34
CA TYR B 224 6.60 31.62 -20.51
C TYR B 224 6.48 32.40 -19.21
N ALA B 225 7.15 31.92 -18.17
CA ALA B 225 6.99 32.52 -16.86
C ALA B 225 8.26 32.34 -16.04
N CYS B 226 8.53 33.23 -15.09
CA CYS B 226 9.57 33.07 -14.09
C CYS B 226 9.06 32.21 -12.95
N TRP B 227 9.89 31.98 -11.94
CA TRP B 227 9.51 31.13 -10.80
C TRP B 227 8.36 31.73 -10.01
N HIS B 228 8.13 33.05 -10.05
CA HIS B 228 7.04 33.69 -9.30
C HIS B 228 5.67 33.48 -9.94
N HIS B 229 5.55 33.75 -11.24
CA HIS B 229 4.29 33.75 -11.98
C HIS B 229 3.93 32.40 -12.60
N SER B 230 4.59 31.31 -12.21
CA SER B 230 4.34 29.99 -12.79
C SER B 230 3.28 29.29 -11.96
N ILE B 231 2.03 29.42 -12.37
CA ILE B 231 0.91 28.75 -11.73
C ILE B 231 0.17 27.99 -12.83
N GLY B 232 0.20 26.66 -12.76
CA GLY B 232 -0.34 25.85 -13.83
C GLY B 232 0.61 25.61 -14.98
N PHE B 233 1.82 26.16 -14.92
CA PHE B 233 2.83 25.86 -15.94
C PHE B 233 3.39 24.47 -15.69
N ASP B 234 3.66 23.74 -16.78
CA ASP B 234 3.98 22.32 -16.68
C ASP B 234 5.37 21.95 -17.17
N TYR B 235 6.12 22.86 -17.76
CA TYR B 235 7.44 22.53 -18.29
C TYR B 235 8.48 23.49 -17.75
N VAL B 236 9.68 22.96 -17.48
CA VAL B 236 10.83 23.77 -17.11
C VAL B 236 11.51 24.21 -18.40
N TYR B 237 11.66 25.52 -18.59
CA TYR B 237 11.96 26.02 -19.93
C TYR B 237 13.44 25.96 -20.26
N ASN B 238 14.31 26.40 -19.35
CA ASN B 238 15.75 26.34 -19.57
C ASN B 238 16.43 25.95 -18.27
N PRO B 239 16.48 24.65 -17.97
CA PRO B 239 17.27 24.20 -16.84
C PRO B 239 18.72 23.99 -17.23
N PHE B 240 19.60 24.34 -16.32
CA PHE B 240 21.01 24.03 -16.45
C PHE B 240 21.31 22.84 -15.56
N MET B 241 22.44 22.19 -15.82
CA MET B 241 22.75 20.99 -15.06
C MET B 241 24.24 20.72 -15.12
N ILE B 242 24.70 19.93 -14.17
CA ILE B 242 26.10 19.56 -14.06
C ILE B 242 26.18 18.13 -13.55
N ASP B 243 26.98 17.30 -14.20
CA ASP B 243 27.14 15.91 -13.81
C ASP B 243 28.34 15.81 -12.87
N VAL B 244 28.10 15.28 -11.67
CA VAL B 244 29.16 15.23 -10.67
C VAL B 244 30.12 14.07 -10.90
N GLN B 245 29.68 13.00 -11.55
CA GLN B 245 30.57 11.88 -11.81
C GLN B 245 31.68 12.24 -12.78
N GLN B 246 31.52 13.32 -13.54
CA GLN B 246 32.54 13.78 -14.46
C GLN B 246 33.56 14.69 -13.79
N TRP B 247 33.61 14.69 -12.46
CA TRP B 247 34.59 15.44 -11.70
C TRP B 247 35.69 14.54 -11.16
N GLY B 248 35.99 13.45 -11.86
CA GLY B 248 37.02 12.52 -11.44
C GLY B 248 36.60 11.69 -10.24
N PHE B 249 35.51 10.94 -10.38
CA PHE B 249 34.99 10.10 -9.31
C PHE B 249 34.91 8.66 -9.79
N THR B 250 35.37 7.74 -8.96
CA THR B 250 35.24 6.31 -9.20
C THR B 250 34.39 5.70 -8.10
N GLY B 251 33.55 4.75 -8.47
CA GLY B 251 32.70 4.08 -7.51
C GLY B 251 31.30 4.64 -7.49
N ASN B 252 30.54 4.18 -6.49
CA ASN B 252 29.16 4.57 -6.33
C ASN B 252 29.05 6.03 -5.90
N LEU B 253 27.81 6.53 -5.88
CA LEU B 253 27.56 7.82 -5.26
C LEU B 253 27.66 7.73 -3.75
N GLN B 254 27.13 6.65 -3.17
CA GLN B 254 27.19 6.46 -1.73
C GLN B 254 28.62 6.24 -1.27
N SER B 255 29.41 5.50 -2.06
CA SER B 255 30.81 5.25 -1.70
C SER B 255 31.62 6.53 -1.65
N ASN B 256 31.25 7.53 -2.44
CA ASN B 256 31.96 8.81 -2.45
C ASN B 256 31.37 9.83 -1.50
N HIS B 257 30.08 9.72 -1.17
CA HIS B 257 29.50 10.62 -0.18
C HIS B 257 29.87 10.18 1.24
N ASP B 258 30.10 8.88 1.43
CA ASP B 258 30.47 8.37 2.75
C ASP B 258 31.85 8.83 3.19
N LEU B 259 32.70 9.29 2.27
CA LEU B 259 34.03 9.72 2.66
C LEU B 259 34.01 11.04 3.41
N TYR B 260 33.03 11.90 3.12
CA TYR B 260 33.02 13.24 3.66
C TYR B 260 31.81 13.58 4.53
N CYS B 261 30.75 12.79 4.46
CA CYS B 261 29.53 13.10 5.19
C CYS B 261 28.99 11.84 5.86
N GLN B 262 28.48 11.99 7.07
CA GLN B 262 27.83 10.90 7.78
C GLN B 262 26.38 11.21 8.13
N VAL B 263 25.83 12.30 7.62
CA VAL B 263 24.49 12.73 7.97
C VAL B 263 23.43 12.08 7.09
N HIS B 264 23.68 11.99 5.79
CA HIS B 264 22.70 11.43 4.88
C HIS B 264 22.94 9.93 4.69
N GLY B 265 21.98 9.28 4.05
CA GLY B 265 22.02 7.85 3.84
C GLY B 265 20.84 7.38 3.01
N ASN B 266 20.38 6.16 3.25
CA ASN B 266 19.17 5.61 2.64
C ASN B 266 19.27 5.61 1.12
N ALA B 267 20.30 4.93 0.62
CA ALA B 267 20.57 4.92 -0.81
C ALA B 267 19.43 4.27 -1.60
N HIS B 268 19.36 4.62 -2.88
CA HIS B 268 18.40 4.16 -3.88
C HIS B 268 16.97 4.61 -3.60
N VAL B 269 16.77 5.52 -2.66
CA VAL B 269 15.55 6.34 -2.62
C VAL B 269 15.89 7.65 -3.32
N ALA B 270 15.00 8.08 -4.22
CA ALA B 270 15.37 9.09 -5.19
C ALA B 270 15.72 10.42 -4.53
N SER B 271 14.91 10.87 -3.57
CA SER B 271 15.23 12.13 -2.90
C SER B 271 16.49 12.02 -2.06
N CYS B 272 16.73 10.86 -1.45
CA CYS B 272 17.94 10.69 -0.66
C CYS B 272 19.19 10.68 -1.54
N ASP B 273 19.10 10.05 -2.71
CA ASP B 273 20.22 10.10 -3.65
C ASP B 273 20.44 11.49 -4.20
N ALA B 274 19.38 12.26 -4.39
CA ALA B 274 19.55 13.64 -4.84
C ALA B 274 20.19 14.51 -3.77
N ILE B 275 19.82 14.30 -2.50
CA ILE B 275 20.45 15.01 -1.40
C ILE B 275 21.93 14.63 -1.32
N MET B 276 22.24 13.34 -1.50
CA MET B 276 23.63 12.90 -1.52
C MET B 276 24.41 13.55 -2.65
N THR B 277 23.82 13.65 -3.83
CA THR B 277 24.50 14.25 -4.97
C THR B 277 24.79 15.72 -4.74
N ARG B 278 23.79 16.47 -4.24
CA ARG B 278 23.99 17.89 -3.99
C ARG B 278 25.00 18.11 -2.86
N CYS B 279 24.97 17.25 -1.84
CA CYS B 279 25.94 17.36 -0.75
C CYS B 279 27.35 17.09 -1.24
N LEU B 280 27.53 16.10 -2.10
CA LEU B 280 28.84 15.79 -2.64
C LEU B 280 29.35 16.93 -3.51
N ALA B 281 28.46 17.54 -4.31
CA ALA B 281 28.87 18.69 -5.11
C ALA B 281 29.26 19.88 -4.24
N VAL B 282 28.48 20.14 -3.19
CA VAL B 282 28.79 21.24 -2.27
C VAL B 282 30.12 21.00 -1.58
N HIS B 283 30.40 19.75 -1.20
CA HIS B 283 31.67 19.44 -0.56
C HIS B 283 32.83 19.64 -1.52
N GLU B 284 32.69 19.16 -2.76
CA GLU B 284 33.78 19.29 -3.72
C GLU B 284 34.04 20.74 -4.07
N CYS B 285 33.01 21.58 -4.05
CA CYS B 285 33.20 22.95 -4.52
C CYS B 285 33.55 23.94 -3.41
N PHE B 286 32.99 23.78 -2.19
CA PHE B 286 33.09 24.83 -1.19
C PHE B 286 33.79 24.43 0.11
N VAL B 287 33.87 23.14 0.43
CA VAL B 287 34.39 22.74 1.74
C VAL B 287 35.90 22.99 1.80
N LYS B 288 36.59 22.89 0.68
CA LYS B 288 38.05 23.00 0.63
C LYS B 288 38.57 24.33 1.16
N ARG B 289 38.16 25.44 0.53
CA ARG B 289 38.63 26.76 0.95
C ARG B 289 37.70 27.81 0.37
N VAL B 290 37.39 28.84 1.17
CA VAL B 290 36.55 29.93 0.70
C VAL B 290 37.32 30.77 -0.31
N ASP B 291 36.59 31.28 -1.31
CA ASP B 291 37.16 32.14 -2.34
C ASP B 291 36.50 33.51 -2.25
N TRP B 292 37.31 34.53 -1.95
CA TRP B 292 36.80 35.90 -1.92
C TRP B 292 36.71 36.53 -3.30
N THR B 293 37.10 35.81 -4.35
CA THR B 293 37.01 36.37 -5.70
C THR B 293 35.58 36.35 -6.21
N ILE B 294 34.83 35.29 -5.90
CA ILE B 294 33.47 35.13 -6.40
C ILE B 294 32.52 35.85 -5.46
N GLU B 295 31.72 36.76 -6.00
CA GLU B 295 30.68 37.44 -5.25
C GLU B 295 29.31 36.94 -5.71
N TYR B 296 28.30 37.28 -4.93
CA TYR B 296 26.95 36.80 -5.20
C TYR B 296 25.96 37.94 -5.13
N PRO B 297 24.89 37.89 -5.92
CA PRO B 297 23.88 38.95 -5.86
C PRO B 297 23.12 38.96 -4.53
N ILE B 298 22.29 39.96 -4.33
CA ILE B 298 21.65 40.21 -3.04
C ILE B 298 20.19 39.75 -3.14
N ILE B 299 19.87 38.68 -2.42
CA ILE B 299 18.49 38.22 -2.34
C ILE B 299 17.64 39.23 -1.60
N GLY B 300 17.97 39.46 -0.33
CA GLY B 300 17.25 40.39 0.52
C GLY B 300 17.78 40.30 1.92
N ASP B 301 17.73 41.41 2.65
CA ASP B 301 18.20 41.53 4.04
C ASP B 301 19.67 41.13 4.18
N GLU B 302 20.46 41.17 3.11
CA GLU B 302 21.87 40.86 3.20
C GLU B 302 22.73 42.09 3.49
N LEU B 303 22.23 43.28 3.17
CA LEU B 303 22.90 44.51 3.56
C LEU B 303 22.52 44.94 4.98
N LYS B 304 21.31 44.59 5.42
CA LYS B 304 20.92 44.87 6.80
C LYS B 304 21.68 43.97 7.77
N ILE B 305 21.87 42.70 7.41
CA ILE B 305 22.61 41.78 8.28
C ILE B 305 24.08 42.19 8.36
N ASN B 306 24.68 42.52 7.23
CA ASN B 306 26.09 42.90 7.21
C ASN B 306 26.35 44.20 7.94
N ALA B 307 25.34 45.06 8.07
CA ALA B 307 25.47 46.27 8.87
C ALA B 307 25.17 46.03 10.34
N ALA B 308 24.24 45.11 10.62
CA ALA B 308 23.91 44.79 12.01
C ALA B 308 25.05 44.07 12.70
N CYS B 309 25.73 43.17 12.00
CA CYS B 309 26.87 42.48 12.58
C CYS B 309 28.11 43.34 12.69
N ARG B 310 28.07 44.58 12.22
CA ARG B 310 29.11 45.56 12.54
C ARG B 310 28.67 46.53 13.61
N LYS B 311 27.38 46.89 13.62
CA LYS B 311 26.83 47.66 14.73
C LYS B 311 26.98 46.91 16.04
N VAL B 312 26.85 45.58 16.01
CA VAL B 312 27.00 44.79 17.21
C VAL B 312 28.48 44.56 17.55
N GLN B 313 29.30 44.25 16.54
CA GLN B 313 30.72 44.02 16.79
C GLN B 313 31.40 45.28 17.31
N HIS B 314 30.93 46.46 16.91
CA HIS B 314 31.51 47.67 17.47
C HIS B 314 31.14 47.84 18.94
N MET B 315 29.92 47.45 19.31
CA MET B 315 29.45 47.74 20.66
C MET B 315 30.03 46.77 21.68
N VAL B 316 29.89 45.46 21.44
CA VAL B 316 30.23 44.50 22.47
C VAL B 316 31.74 44.44 22.69
N VAL B 317 32.54 44.70 21.67
CA VAL B 317 33.99 44.74 21.85
C VAL B 317 34.44 46.05 22.48
N LYS B 318 33.65 47.12 22.35
CA LYS B 318 33.94 48.34 23.09
C LYS B 318 33.53 48.21 24.55
N ALA B 319 32.33 47.71 24.79
CA ALA B 319 31.84 47.58 26.17
C ALA B 319 32.63 46.54 26.95
N ALA B 320 33.04 45.46 26.30
CA ALA B 320 33.81 44.43 26.98
C ALA B 320 35.22 44.90 27.32
N LEU B 321 35.72 45.92 26.64
CA LEU B 321 37.03 46.48 26.97
C LEU B 321 36.95 47.62 27.96
N LEU B 322 35.86 48.38 27.98
CA LEU B 322 35.70 49.39 29.03
C LEU B 322 35.31 48.76 30.35
N ALA B 323 34.47 47.72 30.33
CA ALA B 323 33.96 47.15 31.57
C ALA B 323 35.03 46.31 32.28
N ASP B 324 36.06 45.87 31.55
CA ASP B 324 37.07 45.00 32.12
C ASP B 324 38.47 45.59 32.13
N LYS B 325 38.73 46.62 31.33
CA LYS B 325 40.04 47.26 31.22
C LYS B 325 41.13 46.24 30.88
N PHE B 326 40.91 45.51 29.79
CA PHE B 326 41.84 44.48 29.37
C PHE B 326 43.14 45.12 28.86
N PRO B 327 44.30 44.68 29.33
CA PRO B 327 45.55 45.28 28.82
C PRO B 327 45.89 44.86 27.40
N VAL B 328 45.53 43.65 26.99
CA VAL B 328 45.92 43.13 25.69
C VAL B 328 44.71 42.44 25.05
N LEU B 329 44.68 42.47 23.72
CA LEU B 329 43.65 41.79 22.94
C LEU B 329 44.30 40.86 21.94
N HIS B 330 43.63 39.74 21.66
CA HIS B 330 44.11 38.78 20.67
C HIS B 330 42.98 38.51 19.68
N ASP B 331 43.10 39.05 18.47
CA ASP B 331 42.09 38.90 17.44
C ASP B 331 42.46 37.69 16.58
N ILE B 332 41.79 36.57 16.83
CA ILE B 332 42.07 35.35 16.09
C ILE B 332 41.16 35.29 14.86
N GLY B 333 41.75 35.05 13.70
CA GLY B 333 40.99 34.90 12.48
C GLY B 333 40.62 36.19 11.79
N ASN B 334 41.31 37.29 12.07
CA ASN B 334 41.04 38.56 11.42
C ASN B 334 41.77 38.62 10.10
N PRO B 335 41.05 38.62 8.97
CA PRO B 335 41.74 38.58 7.66
C PRO B 335 42.40 39.88 7.30
N LYS B 336 41.91 41.02 7.78
CA LYS B 336 42.44 42.32 7.45
C LYS B 336 42.90 43.03 8.72
N ALA B 337 43.81 43.99 8.56
CA ALA B 337 44.30 44.76 9.70
C ALA B 337 43.31 45.89 10.04
N ILE B 338 42.12 45.49 10.46
CA ILE B 338 41.03 46.41 10.74
C ILE B 338 40.59 46.19 12.18
N LYS B 339 40.46 47.28 12.93
CA LYS B 339 39.98 47.21 14.30
C LYS B 339 38.48 47.39 14.34
N CYS B 340 37.82 46.66 15.26
CA CYS B 340 36.38 46.78 15.42
C CYS B 340 36.00 48.15 15.99
N VAL B 341 36.77 48.63 16.95
CA VAL B 341 36.66 50.00 17.46
C VAL B 341 37.95 50.73 17.12
N PRO B 342 37.88 51.93 16.53
CA PRO B 342 39.11 52.61 16.11
C PRO B 342 40.00 53.06 17.27
N GLN B 343 39.40 53.68 18.27
CA GLN B 343 40.15 54.20 19.42
C GLN B 343 39.92 53.29 20.63
N ALA B 344 41.01 52.83 21.24
CA ALA B 344 40.96 51.98 22.41
C ALA B 344 42.30 52.03 23.11
N ASP B 345 42.27 52.09 24.45
CA ASP B 345 43.51 52.08 25.23
C ASP B 345 44.19 50.73 25.21
N VAL B 346 43.48 49.67 24.81
CA VAL B 346 44.08 48.36 24.69
C VAL B 346 45.09 48.35 23.54
N GLU B 347 46.04 47.42 23.61
CA GLU B 347 46.98 47.20 22.54
C GLU B 347 46.49 46.00 21.73
N TRP B 348 46.44 46.16 20.41
CA TRP B 348 45.76 45.19 19.57
C TRP B 348 46.76 44.21 18.98
N LYS B 349 46.31 42.98 18.75
CA LYS B 349 47.11 41.97 18.08
C LYS B 349 46.23 41.21 17.12
N PHE B 350 46.74 40.96 15.92
CA PHE B 350 45.98 40.32 14.86
C PHE B 350 46.49 38.90 14.63
N TYR B 351 45.56 38.01 14.29
CA TYR B 351 45.90 36.67 13.85
C TYR B 351 44.93 36.23 12.75
N ASP B 352 45.40 35.28 11.94
CA ASP B 352 44.57 34.60 10.95
C ASP B 352 45.30 33.31 10.57
N ALA B 353 44.70 32.54 9.66
CA ALA B 353 45.31 31.28 9.23
C ALA B 353 46.66 31.53 8.56
N GLN B 354 46.65 32.31 7.47
CA GLN B 354 47.84 32.84 6.83
C GLN B 354 47.40 34.15 6.19
N PRO B 355 48.29 35.14 6.07
CA PRO B 355 47.86 36.53 5.81
C PRO B 355 46.94 36.69 4.61
N CYS B 356 45.72 37.15 4.89
CA CYS B 356 44.64 37.21 3.91
C CYS B 356 44.66 38.56 3.20
N SER B 357 45.50 38.64 2.17
CA SER B 357 45.58 39.74 1.22
C SER B 357 46.08 41.03 1.84
N ASP B 358 46.59 40.99 3.08
CA ASP B 358 47.31 42.11 3.67
C ASP B 358 48.71 41.59 3.99
N LYS B 359 49.66 41.90 3.10
CA LYS B 359 51.02 41.39 3.27
C LYS B 359 51.84 42.23 4.24
N ALA B 360 51.24 43.26 4.84
CA ALA B 360 51.90 43.94 5.95
C ALA B 360 52.04 42.99 7.13
N TYR B 361 53.03 43.27 7.99
CA TYR B 361 53.42 42.36 9.05
C TYR B 361 52.72 42.66 10.37
N LYS B 362 51.57 43.33 10.33
CA LYS B 362 50.79 43.53 11.55
C LYS B 362 49.96 42.29 11.90
N ILE B 363 49.68 41.44 10.92
CA ILE B 363 48.83 40.27 11.12
C ILE B 363 49.74 39.03 11.17
N GLU B 364 49.55 38.20 12.18
CA GLU B 364 50.32 36.97 12.30
C GLU B 364 49.52 35.79 11.78
N GLU B 365 50.23 34.73 11.39
CA GLU B 365 49.56 33.52 10.95
C GLU B 365 49.37 32.58 12.14
N LEU B 366 48.19 31.97 12.22
CA LEU B 366 47.81 31.19 13.39
C LEU B 366 46.76 30.16 13.00
N PHE B 367 46.99 28.90 13.35
CA PHE B 367 45.97 27.86 13.27
C PHE B 367 45.58 27.46 14.69
N TYR B 368 44.37 27.82 15.09
CA TYR B 368 43.95 27.69 16.47
C TYR B 368 43.19 26.39 16.71
N SER B 369 43.41 25.79 17.89
CA SER B 369 42.71 24.55 18.31
C SER B 369 42.93 24.39 19.82
N TYR B 370 41.86 24.21 20.62
CA TYR B 370 41.99 24.15 22.07
C TYR B 370 42.89 23.01 22.53
N ALA B 371 43.15 22.02 21.68
CA ALA B 371 44.01 20.93 22.07
C ALA B 371 45.47 21.37 22.11
N THR B 372 45.89 22.21 21.16
CA THR B 372 47.27 22.63 21.05
C THR B 372 47.51 24.08 21.46
N HIS B 373 46.55 24.97 21.26
CA HIS B 373 46.76 26.41 21.48
C HIS B 373 45.98 26.91 22.69
N SER B 374 45.81 26.07 23.71
CA SER B 374 44.97 26.42 24.85
C SER B 374 45.55 27.57 25.67
N ASP B 375 46.76 27.41 26.19
CA ASP B 375 47.31 28.27 27.24
C ASP B 375 48.31 29.32 26.72
N LYS B 376 48.22 29.69 25.44
CA LYS B 376 49.15 30.68 24.90
C LYS B 376 48.64 32.11 24.98
N PHE B 377 47.32 32.31 24.92
CA PHE B 377 46.74 33.65 24.93
C PHE B 377 45.95 33.90 26.22
N THR B 378 46.43 33.32 27.33
CA THR B 378 45.71 33.38 28.60
C THR B 378 45.47 34.82 29.06
N ASP B 379 46.45 35.69 28.84
CA ASP B 379 46.30 37.08 29.21
C ASP B 379 45.35 37.81 28.26
N GLY B 380 44.62 38.78 28.80
CA GLY B 380 43.70 39.57 28.01
C GLY B 380 42.52 38.77 27.49
N VAL B 381 41.92 39.28 26.42
CA VAL B 381 40.73 38.67 25.82
C VAL B 381 41.12 38.12 24.46
N CYS B 382 40.29 37.21 23.95
CA CYS B 382 40.47 36.61 22.63
C CYS B 382 39.19 36.79 21.83
N LEU B 383 39.20 37.72 20.87
CA LEU B 383 38.00 38.07 20.12
C LEU B 383 37.89 37.14 18.91
N PHE B 384 37.01 36.15 19.00
CA PHE B 384 36.70 35.26 17.88
C PHE B 384 35.44 35.77 17.23
N TRP B 385 35.59 36.55 16.15
CA TRP B 385 34.44 37.02 15.38
C TRP B 385 34.34 36.18 14.11
N ASN B 386 33.39 35.26 14.09
CA ASN B 386 33.12 34.38 12.95
C ASN B 386 34.34 33.56 12.56
N CYS B 387 34.99 32.99 13.59
CA CYS B 387 36.07 32.03 13.39
C CYS B 387 35.68 30.75 14.11
N ASN B 388 35.58 29.66 13.37
CA ASN B 388 35.04 28.40 13.88
C ASN B 388 36.19 27.51 14.32
N VAL B 389 36.35 27.37 15.64
CA VAL B 389 37.34 26.49 16.23
C VAL B 389 36.63 25.44 17.06
N ASP B 390 37.41 24.47 17.56
CA ASP B 390 36.82 23.33 18.25
C ASP B 390 36.29 23.71 19.63
N ARG B 391 36.98 24.61 20.33
CA ARG B 391 36.54 25.06 21.64
C ARG B 391 37.17 26.41 21.93
N TYR B 392 36.35 27.37 22.34
CA TYR B 392 36.85 28.70 22.63
C TYR B 392 37.34 28.77 24.08
N PRO B 393 38.40 29.53 24.34
CA PRO B 393 38.87 29.69 25.73
C PRO B 393 37.90 30.53 26.54
N ALA B 394 38.20 30.62 27.84
CA ALA B 394 37.27 31.27 28.76
C ALA B 394 37.21 32.78 28.52
N ASN B 395 38.35 33.40 28.21
CA ASN B 395 38.40 34.85 27.99
C ASN B 395 38.15 35.16 26.52
N SER B 396 36.89 35.02 26.11
CA SER B 396 36.54 35.18 24.71
C SER B 396 35.26 35.98 24.54
N ILE B 397 35.18 36.67 23.41
CA ILE B 397 33.96 37.30 22.92
C ILE B 397 33.70 36.70 21.55
N VAL B 398 32.75 35.78 21.47
CA VAL B 398 32.56 34.94 20.30
C VAL B 398 31.28 35.31 19.58
N CYS B 399 31.35 35.43 18.26
CA CYS B 399 30.19 35.40 17.40
C CYS B 399 30.33 34.19 16.49
N ARG B 400 29.36 33.28 16.56
CA ARG B 400 29.44 32.03 15.83
C ARG B 400 28.13 31.80 15.11
N PHE B 401 28.19 31.49 13.82
CA PHE B 401 26.98 31.27 13.06
C PHE B 401 26.41 29.90 13.38
N ASP B 402 25.13 29.88 13.77
CA ASP B 402 24.45 28.63 14.07
C ASP B 402 23.97 28.02 12.75
N THR B 403 24.63 26.95 12.31
CA THR B 403 24.33 26.33 11.03
C THR B 403 23.06 25.51 11.05
N ARG B 404 22.41 25.38 12.20
CA ARG B 404 21.14 24.67 12.26
C ARG B 404 19.96 25.56 11.90
N VAL B 405 20.20 26.86 11.70
CA VAL B 405 19.15 27.79 11.28
C VAL B 405 19.23 27.88 9.76
N LEU B 406 18.23 27.33 9.08
CA LEU B 406 18.18 27.38 7.63
C LEU B 406 17.34 28.59 7.20
N SER B 407 17.80 29.26 6.15
CA SER B 407 17.22 30.52 5.73
C SER B 407 17.46 30.69 4.23
N ASN B 408 17.03 31.83 3.71
CA ASN B 408 17.34 32.18 2.32
C ASN B 408 18.84 32.31 2.10
N LEU B 409 19.59 32.64 3.14
CA LEU B 409 21.02 32.84 3.04
C LEU B 409 21.83 31.62 3.47
N ASN B 410 21.26 30.73 4.27
CA ASN B 410 21.96 29.55 4.76
C ASN B 410 21.37 28.31 4.08
N LEU B 411 22.07 27.80 3.09
CA LEU B 411 21.69 26.60 2.39
C LEU B 411 22.30 25.38 3.07
N PRO B 412 21.69 24.20 2.91
CA PRO B 412 22.28 22.99 3.50
C PRO B 412 23.63 22.68 2.89
N GLY B 413 24.52 22.10 3.71
CA GLY B 413 25.86 21.83 3.29
C GLY B 413 26.29 20.40 3.57
N CYS B 414 27.61 20.17 3.62
CA CYS B 414 28.14 18.83 3.77
C CYS B 414 28.46 18.52 5.23
N ASP B 415 28.18 17.27 5.62
CA ASP B 415 28.55 16.72 6.94
C ASP B 415 27.91 17.52 8.07
N GLY B 416 26.64 17.89 7.90
CA GLY B 416 25.94 18.63 8.92
C GLY B 416 26.25 20.11 8.96
N GLY B 417 27.26 20.57 8.24
CA GLY B 417 27.54 21.98 8.15
C GLY B 417 26.50 22.69 7.29
N SER B 418 26.82 23.93 6.94
CA SER B 418 25.90 24.67 6.11
C SER B 418 26.66 25.70 5.29
N LEU B 419 26.15 25.98 4.10
CA LEU B 419 26.73 26.96 3.20
C LEU B 419 25.98 28.27 3.41
N TYR B 420 26.56 29.15 4.21
CA TYR B 420 25.99 30.46 4.44
C TYR B 420 26.42 31.35 3.28
N VAL B 421 25.54 31.75 2.35
CA VAL B 421 25.98 32.54 1.15
C VAL B 421 25.56 34.00 1.25
N ASN B 422 26.31 34.83 1.99
CA ASN B 422 26.01 36.28 2.03
C ASN B 422 27.14 37.03 1.34
N LYS B 423 26.90 37.52 0.11
CA LYS B 423 27.94 38.24 -0.67
C LYS B 423 29.02 37.26 -1.10
N HIS B 424 29.64 36.54 -0.17
CA HIS B 424 30.67 35.54 -0.48
C HIS B 424 30.17 34.26 0.15
N ALA B 425 30.58 33.09 -0.32
CA ALA B 425 30.01 31.83 0.19
C ALA B 425 30.88 31.24 1.25
N PHE B 426 30.43 31.26 2.50
CA PHE B 426 31.27 30.56 3.47
C PHE B 426 30.61 29.24 3.84
N HIS B 427 31.38 28.16 3.83
CA HIS B 427 30.90 26.88 4.34
C HIS B 427 31.33 26.74 5.78
N THR B 428 30.37 26.73 6.69
CA THR B 428 30.64 26.66 8.11
C THR B 428 30.35 25.26 8.65
N PRO B 429 31.21 24.71 9.50
CA PRO B 429 31.00 23.36 10.01
C PRO B 429 29.84 23.31 10.99
N ALA B 430 29.47 22.08 11.36
CA ALA B 430 28.26 21.86 12.14
C ALA B 430 28.38 22.51 13.52
N PHE B 431 27.32 23.22 13.91
CA PHE B 431 27.27 23.89 15.19
C PHE B 431 27.20 22.86 16.32
N ASP B 432 27.94 23.11 17.40
CA ASP B 432 27.86 22.30 18.60
C ASP B 432 28.03 23.21 19.80
N LYS B 433 27.17 23.03 20.80
CA LYS B 433 27.26 23.85 22.01
C LYS B 433 28.46 23.48 22.87
N SER B 434 29.07 22.31 22.64
CA SER B 434 30.21 21.87 23.43
C SER B 434 31.44 22.75 23.25
N ALA B 435 31.45 23.64 22.26
CA ALA B 435 32.53 24.60 22.08
C ALA B 435 32.37 25.84 22.94
N PHE B 436 31.27 25.94 23.69
CA PHE B 436 30.98 27.13 24.50
C PHE B 436 30.84 26.78 25.97
N VAL B 437 31.53 25.72 26.42
CA VAL B 437 31.41 25.31 27.81
C VAL B 437 32.07 26.32 28.74
N ASN B 438 33.06 27.06 28.26
CA ASN B 438 33.78 28.03 29.07
C ASN B 438 33.19 29.43 28.97
N LEU B 439 32.07 29.60 28.26
CA LEU B 439 31.47 30.90 28.03
C LEU B 439 29.99 30.85 28.39
N LYS B 440 29.37 32.02 28.42
CA LYS B 440 27.92 32.14 28.59
C LYS B 440 27.38 32.98 27.44
N GLN B 441 26.06 33.04 27.33
CA GLN B 441 25.48 33.88 26.30
C GLN B 441 25.68 35.36 26.64
N LEU B 442 25.69 36.17 25.61
CA LEU B 442 25.84 37.60 25.85
C LEU B 442 24.48 38.25 26.01
N PRO B 443 24.20 38.88 27.14
CA PRO B 443 22.89 39.51 27.34
C PRO B 443 22.74 40.74 26.48
N PHE B 444 21.52 40.97 26.03
CA PHE B 444 21.25 42.15 25.21
C PHE B 444 21.38 43.41 26.06
N PHE B 445 22.11 44.40 25.55
CA PHE B 445 22.31 45.65 26.26
C PHE B 445 22.68 46.72 25.23
N TYR B 446 22.30 47.96 25.53
CA TYR B 446 22.68 49.10 24.71
C TYR B 446 23.52 50.04 25.56
N TYR B 447 24.74 50.28 25.12
CA TYR B 447 25.67 51.17 25.83
C TYR B 447 25.90 52.42 25.00
N SER B 448 25.84 53.58 25.65
CA SER B 448 26.07 54.84 24.95
C SER B 448 26.71 55.82 25.93
N ASP B 449 27.90 56.30 25.59
CA ASP B 449 28.56 57.34 26.36
C ASP B 449 28.54 58.70 25.68
N SER B 450 27.94 58.80 24.48
CA SER B 450 28.02 59.98 23.63
C SER B 450 27.29 61.21 24.19
N PRO B 451 27.62 62.42 23.71
CA PRO B 451 26.85 63.64 24.00
C PRO B 451 25.38 63.51 23.63
N CYS B 452 24.55 64.43 24.13
CA CYS B 452 23.10 64.27 24.13
C CYS B 452 22.31 65.46 23.56
N GLU B 453 21.17 65.17 22.93
CA GLU B 453 20.12 66.13 22.59
C GLU B 453 18.72 65.56 22.89
N SER B 454 17.79 66.45 23.22
CA SER B 454 16.36 66.18 23.29
C SER B 454 15.78 65.84 21.92
N TYR B 465 8.17 60.60 19.97
CA TYR B 465 8.73 60.81 21.29
C TYR B 465 8.05 59.90 22.31
N VAL B 466 7.94 58.63 21.98
CA VAL B 466 7.43 57.66 22.96
C VAL B 466 8.52 57.35 23.98
N PRO B 467 8.23 57.39 25.28
CA PRO B 467 9.30 57.19 26.27
C PRO B 467 9.68 55.72 26.37
N LEU B 468 10.98 55.47 26.40
CA LEU B 468 11.53 54.13 26.60
C LEU B 468 11.68 53.84 28.08
N LYS B 469 11.02 52.77 28.54
CA LYS B 469 11.05 52.39 29.99
C LYS B 469 11.76 51.06 30.17
N SER B 470 12.69 50.71 29.28
CA SER B 470 13.50 49.51 29.43
C SER B 470 14.77 49.86 30.19
N ALA B 471 15.27 48.90 30.98
CA ALA B 471 16.40 49.14 31.86
C ALA B 471 17.72 48.65 31.29
N THR B 472 17.72 48.00 30.13
CA THR B 472 18.97 47.58 29.51
C THR B 472 19.67 48.71 28.77
N CYS B 473 19.04 49.88 28.66
CA CYS B 473 19.62 51.01 27.94
C CYS B 473 20.60 51.71 28.86
N ILE B 474 21.88 51.42 28.67
CA ILE B 474 22.94 51.97 29.55
C ILE B 474 23.38 53.29 28.94
N THR B 475 22.81 54.37 29.43
CA THR B 475 23.26 55.72 29.04
C THR B 475 22.85 56.72 30.11
N ARG B 476 23.48 57.89 30.11
CA ARG B 476 23.25 58.92 31.12
C ARG B 476 21.81 59.43 31.09
N CYS B 477 21.11 59.34 29.99
CA CYS B 477 19.73 59.78 29.96
C CYS B 477 18.81 58.80 30.71
N ASN B 478 19.25 57.55 30.91
CA ASN B 478 18.47 56.58 31.67
C ASN B 478 18.70 56.69 33.18
N LEU B 479 19.76 57.38 33.60
CA LEU B 479 19.94 57.63 35.03
C LEU B 479 18.83 58.53 35.58
N GLY B 480 18.30 59.41 34.74
CA GLY B 480 17.15 60.21 35.11
C GLY B 480 15.85 59.43 34.94
N GLY B 481 14.75 60.19 34.94
CA GLY B 481 13.44 59.56 34.85
C GLY B 481 13.06 59.15 33.45
N ALA B 482 13.39 59.96 32.45
CA ALA B 482 13.02 59.69 31.07
C ALA B 482 14.25 59.79 30.18
N VAL B 483 14.31 58.91 29.19
CA VAL B 483 15.43 58.91 28.25
C VAL B 483 15.15 59.91 27.13
N CYS B 484 16.20 60.58 26.66
CA CYS B 484 16.08 61.60 25.63
C CYS B 484 15.73 60.96 24.27
N ARG B 485 15.15 61.74 23.37
CA ARG B 485 14.66 61.24 22.09
C ARG B 485 15.78 60.71 21.21
N HIS B 486 16.99 61.26 21.36
CA HIS B 486 18.21 60.86 20.64
C HIS B 486 18.63 59.43 20.99
N HIS B 487 18.79 59.11 22.28
CA HIS B 487 19.19 57.76 22.70
C HIS B 487 18.04 56.77 22.67
N ALA B 488 16.78 57.19 22.70
CA ALA B 488 15.65 56.26 22.61
C ALA B 488 15.56 55.64 21.22
N ASN B 489 15.58 56.48 20.18
CA ASN B 489 15.54 55.96 18.81
C ASN B 489 16.83 55.22 18.48
N GLU B 490 17.95 55.64 19.06
CA GLU B 490 19.19 54.90 18.82
C GLU B 490 19.13 53.51 19.47
N TYR B 491 18.51 53.42 20.66
CA TYR B 491 18.29 52.13 21.29
C TYR B 491 17.40 51.25 20.45
N ARG B 492 16.33 51.82 19.89
CA ARG B 492 15.43 51.02 19.06
C ARG B 492 16.11 50.55 17.79
N LEU B 493 16.95 51.39 17.19
CA LEU B 493 17.74 50.97 16.04
C LEU B 493 18.68 49.82 16.40
N TYR B 494 19.39 49.94 17.53
CA TYR B 494 20.31 48.89 17.92
C TYR B 494 19.58 47.60 18.28
N LEU B 495 18.38 47.72 18.87
CA LEU B 495 17.61 46.54 19.20
C LEU B 495 17.13 45.82 17.94
N ASP B 496 16.68 46.59 16.94
CA ASP B 496 16.28 45.98 15.68
C ASP B 496 17.47 45.34 14.98
N ALA B 497 18.65 45.97 15.06
CA ALA B 497 19.85 45.38 14.46
C ALA B 497 20.25 44.09 15.17
N TYR B 498 20.19 44.08 16.51
CA TYR B 498 20.54 42.89 17.27
C TYR B 498 19.58 41.75 17.00
N ASN B 499 18.28 42.05 16.92
CA ASN B 499 17.31 41.00 16.61
C ASN B 499 17.50 40.48 15.20
N MET B 500 17.80 41.36 14.24
CA MET B 500 18.11 40.92 12.88
C MET B 500 19.31 40.00 12.87
N MET B 501 20.35 40.33 13.64
CA MET B 501 21.55 39.52 13.69
C MET B 501 21.28 38.14 14.30
N ILE B 502 20.53 38.09 15.40
CA ILE B 502 20.31 36.80 16.04
C ILE B 502 19.23 35.97 15.34
N SER B 503 18.45 36.61 14.47
CA SER B 503 17.47 35.85 13.65
C SER B 503 18.21 35.32 12.43
N ALA B 504 19.27 36.03 11.99
CA ALA B 504 20.08 35.53 10.89
C ALA B 504 20.67 34.17 11.21
N GLY B 505 20.89 33.87 12.49
CA GLY B 505 21.50 32.63 12.88
C GLY B 505 22.82 32.80 13.60
N PHE B 506 23.13 34.01 14.01
CA PHE B 506 24.36 34.28 14.74
C PHE B 506 24.11 34.19 16.25
N SER B 507 25.00 33.48 16.93
CA SER B 507 24.94 33.32 18.38
C SER B 507 26.13 34.04 19.00
N LEU B 508 25.86 34.80 20.05
CA LEU B 508 26.87 35.60 20.72
C LEU B 508 27.19 35.00 22.07
N TRP B 509 28.48 34.90 22.39
CA TRP B 509 28.96 34.35 23.63
C TRP B 509 30.02 35.27 24.20
N VAL B 510 30.18 35.22 25.52
CA VAL B 510 31.06 36.12 26.24
C VAL B 510 31.62 35.36 27.44
N TYR B 511 32.71 35.89 28.01
CA TYR B 511 33.28 35.29 29.20
C TYR B 511 32.31 35.38 30.36
N LYS B 512 32.44 34.43 31.30
CA LYS B 512 31.43 34.26 32.32
C LYS B 512 31.41 35.40 33.34
N GLN B 513 32.49 36.16 33.46
CA GLN B 513 32.54 37.28 34.39
C GLN B 513 32.06 38.59 33.76
N PHE B 514 31.41 38.53 32.60
CA PHE B 514 30.90 39.74 31.97
C PHE B 514 29.64 40.22 32.68
N ASP B 515 29.60 41.51 32.99
CA ASP B 515 28.42 42.11 33.59
C ASP B 515 28.33 43.57 33.18
N THR B 516 27.09 44.05 33.08
CA THR B 516 26.85 45.43 32.69
C THR B 516 27.00 46.41 33.86
N TYR B 517 27.46 45.95 35.02
CA TYR B 517 27.58 46.83 36.17
C TYR B 517 28.70 47.85 35.96
N ASN B 518 29.86 47.39 35.46
CA ASN B 518 30.98 48.29 35.25
C ASN B 518 30.69 49.31 34.16
N LEU B 519 29.79 48.99 33.22
CA LEU B 519 29.38 49.97 32.23
C LEU B 519 28.61 51.11 32.88
N TRP B 520 27.74 50.79 33.83
CA TRP B 520 26.98 51.80 34.57
C TRP B 520 27.85 52.66 35.46
N ASN B 521 29.12 52.29 35.69
CA ASN B 521 29.95 52.91 36.72
C ASN B 521 30.77 54.09 36.21
N THR B 522 31.23 54.06 34.96
CA THR B 522 32.16 55.04 34.44
C THR B 522 31.49 56.43 34.35
N PHE B 523 30.17 56.44 34.19
CA PHE B 523 29.42 57.69 34.12
C PHE B 523 29.52 58.50 35.40
N ALA C 1 6.66 -29.94 -19.90
CA ALA C 1 5.86 -31.08 -20.31
C ALA C 1 5.64 -31.07 -21.82
N GLY C 2 5.82 -32.22 -22.44
CA GLY C 2 5.67 -32.34 -23.88
C GLY C 2 6.88 -31.80 -24.63
N ASN C 3 7.08 -32.35 -25.83
CA ASN C 3 8.22 -32.00 -26.66
C ASN C 3 7.78 -31.07 -27.78
N ALA C 4 8.45 -29.93 -27.88
CA ALA C 4 8.09 -28.93 -28.88
C ALA C 4 8.40 -29.43 -30.28
N THR C 5 7.54 -29.05 -31.23
CA THR C 5 7.72 -29.45 -32.62
C THR C 5 7.96 -28.31 -33.59
N GLU C 6 7.60 -27.07 -33.23
CA GLU C 6 7.57 -25.99 -34.19
C GLU C 6 8.65 -24.96 -33.88
N VAL C 7 8.96 -24.14 -34.89
CA VAL C 7 9.99 -23.10 -34.81
C VAL C 7 9.30 -21.75 -34.78
N PRO C 8 9.91 -20.71 -34.20
CA PRO C 8 9.22 -19.41 -34.12
C PRO C 8 9.05 -18.71 -35.46
N ALA C 9 9.78 -19.14 -36.50
CA ALA C 9 9.61 -18.52 -37.80
C ALA C 9 8.30 -18.96 -38.45
N ASN C 10 7.72 -20.06 -37.97
CA ASN C 10 6.53 -20.64 -38.57
C ASN C 10 5.25 -20.29 -37.82
N SER C 11 5.31 -19.43 -36.81
CA SER C 11 4.12 -19.14 -36.02
C SER C 11 3.07 -18.42 -36.85
N THR C 12 3.43 -17.27 -37.42
CA THR C 12 2.48 -16.41 -38.12
C THR C 12 1.79 -17.15 -39.27
N VAL C 13 2.56 -17.94 -40.02
CA VAL C 13 1.97 -18.67 -41.15
C VAL C 13 1.07 -19.79 -40.65
N LEU C 14 1.40 -20.39 -39.51
CA LEU C 14 0.62 -21.55 -39.08
C LEU C 14 -0.58 -21.16 -38.24
N SER C 15 -0.50 -20.04 -37.52
CA SER C 15 -1.69 -19.51 -36.87
C SER C 15 -2.70 -19.04 -37.91
N PHE C 16 -2.23 -18.26 -38.88
CA PHE C 16 -3.13 -17.66 -39.86
C PHE C 16 -3.84 -18.71 -40.69
N CYS C 17 -3.18 -19.83 -40.96
CA CYS C 17 -3.80 -20.90 -41.72
C CYS C 17 -4.54 -21.89 -40.84
N ALA C 18 -4.44 -21.78 -39.51
CA ALA C 18 -5.23 -22.64 -38.64
C ALA C 18 -6.63 -22.09 -38.43
N PHE C 19 -6.77 -20.76 -38.42
CA PHE C 19 -8.05 -20.11 -38.28
C PHE C 19 -8.74 -19.87 -39.61
N ALA C 20 -8.09 -20.19 -40.73
CA ALA C 20 -8.65 -19.85 -42.03
C ALA C 20 -9.74 -20.83 -42.42
N VAL C 21 -10.73 -20.32 -43.16
CA VAL C 21 -11.77 -21.18 -43.72
C VAL C 21 -11.20 -22.04 -44.83
N ASP C 22 -10.59 -21.41 -45.82
CA ASP C 22 -9.91 -22.09 -46.92
C ASP C 22 -8.42 -21.88 -46.72
N ALA C 23 -7.75 -22.89 -46.16
CA ALA C 23 -6.34 -22.73 -45.81
C ALA C 23 -5.42 -22.74 -47.02
N ALA C 24 -5.82 -23.39 -48.11
CA ALA C 24 -5.00 -23.37 -49.32
C ALA C 24 -4.92 -21.97 -49.90
N LYS C 25 -6.07 -21.34 -50.10
CA LYS C 25 -6.11 -19.96 -50.59
C LYS C 25 -5.46 -19.01 -49.60
N ALA C 26 -5.60 -19.28 -48.30
CA ALA C 26 -4.97 -18.43 -47.29
C ALA C 26 -3.45 -18.52 -47.38
N TYR C 27 -2.90 -19.71 -47.58
CA TYR C 27 -1.46 -19.85 -47.71
C TYR C 27 -0.96 -19.22 -48.99
N LYS C 28 -1.71 -19.37 -50.09
CA LYS C 28 -1.31 -18.74 -51.34
C LYS C 28 -1.34 -17.21 -51.23
N ASP C 29 -2.32 -16.65 -50.51
CA ASP C 29 -2.37 -15.21 -50.31
C ASP C 29 -1.26 -14.75 -49.38
N TYR C 30 -0.94 -15.54 -48.36
CA TYR C 30 0.17 -15.21 -47.47
C TYR C 30 1.49 -15.20 -48.24
N LEU C 31 1.64 -16.08 -49.23
CA LEU C 31 2.84 -16.07 -50.05
C LEU C 31 2.85 -14.90 -51.01
N ALA C 32 1.70 -14.61 -51.63
CA ALA C 32 1.60 -13.49 -52.56
C ALA C 32 1.67 -12.14 -51.88
N SER C 33 1.55 -12.08 -50.56
CA SER C 33 1.65 -10.83 -49.81
C SER C 33 2.99 -10.70 -49.10
N GLY C 34 4.03 -11.33 -49.64
CA GLY C 34 5.38 -11.14 -49.16
C GLY C 34 5.79 -12.00 -48.00
N GLY C 35 4.97 -12.97 -47.60
CA GLY C 35 5.31 -13.81 -46.48
C GLY C 35 6.42 -14.80 -46.80
N GLN C 36 7.01 -15.36 -45.77
CA GLN C 36 8.08 -16.34 -45.92
C GLN C 36 7.50 -17.75 -45.95
N PRO C 37 8.04 -18.65 -46.75
CA PRO C 37 7.51 -20.01 -46.84
C PRO C 37 7.69 -20.78 -45.55
N ILE C 38 7.04 -21.95 -45.49
CA ILE C 38 7.04 -22.76 -44.28
C ILE C 38 8.39 -23.47 -44.15
N THR C 39 9.09 -23.21 -43.06
CA THR C 39 10.38 -23.78 -42.76
C THR C 39 10.19 -25.14 -42.06
N ASN C 40 11.31 -25.78 -41.70
CA ASN C 40 11.35 -26.93 -40.79
C ASN C 40 10.63 -28.15 -41.36
N CYS C 41 11.00 -28.53 -42.58
CA CYS C 41 10.54 -29.76 -43.19
C CYS C 41 11.60 -30.84 -43.07
N VAL C 42 11.17 -32.10 -43.17
CA VAL C 42 12.07 -33.24 -43.08
C VAL C 42 12.60 -33.55 -44.47
N LYS C 43 13.89 -33.29 -44.68
CA LYS C 43 14.54 -33.56 -45.96
C LYS C 43 15.32 -34.87 -45.84
N MET C 44 14.97 -35.84 -46.67
CA MET C 44 15.61 -37.15 -46.62
C MET C 44 17.00 -37.09 -47.25
N LEU C 45 17.95 -37.78 -46.62
CA LEU C 45 19.30 -37.90 -47.16
C LEU C 45 19.36 -39.10 -48.09
N CYS C 46 18.84 -38.89 -49.29
CA CYS C 46 18.91 -39.89 -50.35
C CYS C 46 20.07 -39.58 -51.29
N THR C 47 20.35 -40.53 -52.18
CA THR C 47 21.47 -40.42 -53.11
C THR C 47 21.04 -39.99 -54.50
N HIS C 48 19.80 -39.52 -54.66
CA HIS C 48 19.28 -38.91 -55.88
C HIS C 48 19.30 -39.85 -57.08
N THR C 49 19.16 -41.16 -56.86
CA THR C 49 19.02 -42.12 -57.95
C THR C 49 17.77 -42.96 -57.69
N GLY C 50 17.02 -43.22 -58.74
CA GLY C 50 15.78 -43.96 -58.59
C GLY C 50 14.72 -43.37 -59.51
N THR C 51 13.58 -44.05 -59.53
CA THR C 51 12.45 -43.57 -60.33
C THR C 51 11.92 -42.26 -59.77
N GLY C 52 11.36 -41.43 -60.64
CA GLY C 52 10.93 -40.10 -60.26
C GLY C 52 9.46 -40.00 -59.93
N GLN C 53 8.89 -41.08 -59.39
CA GLN C 53 7.49 -41.05 -58.98
C GLN C 53 7.27 -40.01 -57.89
N ALA C 54 6.10 -39.38 -57.92
CA ALA C 54 5.85 -38.24 -57.05
C ALA C 54 5.68 -38.67 -55.59
N ILE C 55 4.72 -39.55 -55.32
CA ILE C 55 4.43 -40.01 -53.97
C ILE C 55 4.68 -41.51 -53.91
N THR C 56 5.58 -41.93 -53.02
CA THR C 56 5.98 -43.32 -52.91
C THR C 56 5.99 -43.73 -51.44
N VAL C 57 6.11 -45.04 -51.22
CA VAL C 57 6.21 -45.57 -49.86
C VAL C 57 7.65 -45.46 -49.33
N THR C 58 8.63 -45.36 -50.21
CA THR C 58 10.05 -45.22 -49.89
C THR C 58 10.65 -44.09 -50.73
N PRO C 59 11.74 -43.48 -50.29
CA PRO C 59 12.35 -42.40 -51.09
C PRO C 59 12.79 -42.90 -52.47
N GLU C 60 12.22 -42.29 -53.50
CA GLU C 60 12.57 -42.57 -54.90
C GLU C 60 12.80 -41.23 -55.57
N ALA C 61 14.06 -40.86 -55.80
CA ALA C 61 14.36 -39.50 -56.20
C ALA C 61 15.32 -39.46 -57.37
N ASN C 62 15.11 -38.48 -58.26
CA ASN C 62 16.03 -38.17 -59.33
C ASN C 62 17.09 -37.18 -58.86
N MET C 63 17.98 -36.81 -59.78
CA MET C 63 19.03 -35.85 -59.43
C MET C 63 18.52 -34.40 -59.44
N ASP C 64 17.44 -34.12 -60.16
CA ASP C 64 16.83 -32.80 -60.14
C ASP C 64 15.74 -32.67 -59.08
N GLN C 65 15.51 -33.71 -58.30
CA GLN C 65 14.44 -33.75 -57.31
C GLN C 65 15.04 -33.93 -55.93
N GLU C 66 14.17 -33.79 -54.93
CA GLU C 66 14.47 -34.14 -53.55
C GLU C 66 13.26 -34.86 -52.98
N SER C 67 13.49 -35.61 -51.91
CA SER C 67 12.44 -36.39 -51.28
C SER C 67 12.26 -35.90 -49.85
N PHE C 68 11.03 -35.56 -49.50
CA PHE C 68 10.66 -35.16 -48.15
C PHE C 68 9.67 -36.16 -47.58
N GLY C 69 9.54 -36.13 -46.25
CA GLY C 69 8.47 -36.86 -45.60
C GLY C 69 7.15 -36.23 -45.94
N GLY C 70 6.20 -37.03 -46.43
CA GLY C 70 5.01 -36.47 -47.05
C GLY C 70 4.13 -35.69 -46.08
N ALA C 71 4.02 -36.18 -44.85
CA ALA C 71 3.24 -35.51 -43.81
C ALA C 71 3.76 -34.10 -43.55
N SER C 72 5.06 -33.91 -43.73
CA SER C 72 5.68 -32.61 -43.51
C SER C 72 5.46 -31.66 -44.68
N CYS C 73 4.88 -32.13 -45.78
CA CYS C 73 4.63 -31.29 -46.94
C CYS C 73 3.14 -31.12 -47.23
N CYS C 74 2.27 -31.54 -46.34
CA CYS C 74 0.84 -31.35 -46.47
C CYS C 74 0.45 -30.19 -45.57
N LEU C 75 -0.11 -29.12 -46.11
CA LEU C 75 -0.48 -27.94 -45.34
C LEU C 75 -1.46 -28.29 -44.23
N TYR C 76 -2.40 -29.19 -44.51
CA TYR C 76 -3.43 -29.59 -43.56
C TYR C 76 -2.83 -30.41 -42.41
N CYS C 77 -1.75 -31.15 -42.66
CA CYS C 77 -0.96 -31.83 -41.60
C CYS C 77 -0.08 -30.85 -40.84
N ARG C 78 0.50 -29.84 -41.51
CA ARG C 78 1.31 -28.86 -40.80
C ARG C 78 0.46 -28.00 -39.88
N CYS C 79 -0.81 -27.78 -40.24
CA CYS C 79 -1.71 -26.92 -39.50
C CYS C 79 -2.68 -27.67 -38.61
N HIS C 80 -2.75 -28.99 -38.74
CA HIS C 80 -3.62 -29.85 -37.94
C HIS C 80 -5.09 -29.44 -38.06
N ILE C 81 -5.56 -29.43 -39.31
CA ILE C 81 -6.94 -29.09 -39.64
C ILE C 81 -7.52 -30.23 -40.48
N ASP C 82 -8.80 -30.09 -40.81
CA ASP C 82 -9.47 -31.10 -41.60
C ASP C 82 -8.95 -31.09 -43.03
N HIS C 83 -8.61 -32.26 -43.56
CA HIS C 83 -8.22 -32.39 -44.96
C HIS C 83 -9.47 -32.23 -45.83
N PRO C 84 -9.38 -31.57 -46.99
CA PRO C 84 -10.50 -31.50 -47.94
C PRO C 84 -10.71 -32.78 -48.73
N ASN C 85 -9.87 -33.78 -48.52
CA ASN C 85 -10.02 -35.06 -49.20
C ASN C 85 -11.30 -35.74 -48.73
N PRO C 86 -11.96 -36.50 -49.61
CA PRO C 86 -13.06 -37.36 -49.15
C PRO C 86 -12.55 -38.40 -48.17
N LYS C 87 -13.33 -38.61 -47.11
CA LYS C 87 -13.03 -39.43 -45.93
C LYS C 87 -11.88 -38.86 -45.09
N GLY C 88 -11.43 -37.63 -45.37
CA GLY C 88 -10.50 -36.94 -44.49
C GLY C 88 -9.19 -37.66 -44.26
N PHE C 89 -8.59 -38.22 -45.30
CA PHE C 89 -7.35 -38.96 -45.19
C PHE C 89 -6.26 -38.28 -46.00
N CYS C 90 -5.16 -37.97 -45.34
CA CYS C 90 -4.04 -37.36 -46.01
C CYS C 90 -3.36 -38.36 -46.94
N ASP C 91 -3.09 -37.96 -48.17
CA ASP C 91 -2.42 -38.86 -49.10
C ASP C 91 -0.90 -38.81 -48.96
N LEU C 92 -0.34 -37.71 -48.44
CA LEU C 92 1.10 -37.59 -48.20
C LEU C 92 1.52 -38.14 -46.84
N LYS C 93 0.62 -38.20 -45.85
CA LYS C 93 0.92 -38.75 -44.52
C LYS C 93 1.15 -40.26 -44.67
N GLY C 94 2.33 -40.72 -44.25
CA GLY C 94 2.70 -42.11 -44.41
C GLY C 94 3.43 -42.43 -45.69
N LYS C 95 3.92 -41.42 -46.41
CA LYS C 95 4.56 -41.60 -47.70
C LYS C 95 5.74 -40.64 -47.81
N TYR C 96 6.44 -40.72 -48.94
CA TYR C 96 7.50 -39.78 -49.27
C TYR C 96 7.11 -39.03 -50.52
N VAL C 97 7.37 -37.72 -50.54
CA VAL C 97 6.95 -36.85 -51.62
C VAL C 97 8.18 -36.32 -52.34
N GLN C 98 8.08 -36.20 -53.66
CA GLN C 98 9.20 -35.79 -54.52
C GLN C 98 8.96 -34.36 -54.99
N ILE C 99 9.76 -33.44 -54.48
CA ILE C 99 9.67 -32.03 -54.84
C ILE C 99 10.83 -31.71 -55.79
N PRO C 100 10.57 -31.10 -56.94
CA PRO C 100 11.67 -30.64 -57.79
C PRO C 100 12.53 -29.62 -57.05
N THR C 101 13.83 -29.63 -57.35
CA THR C 101 14.77 -28.84 -56.57
C THR C 101 14.50 -27.35 -56.71
N THR C 102 14.13 -26.88 -57.91
CA THR C 102 13.81 -25.47 -58.12
C THR C 102 12.61 -25.01 -57.32
N CYS C 103 11.73 -25.93 -56.93
CA CYS C 103 10.61 -25.62 -56.05
C CYS C 103 10.88 -26.04 -54.59
N ALA C 104 12.02 -26.69 -54.34
CA ALA C 104 12.34 -27.21 -53.02
C ALA C 104 12.55 -26.12 -51.97
N ASN C 105 12.56 -24.85 -52.38
CA ASN C 105 12.53 -23.76 -51.39
C ASN C 105 11.23 -23.77 -50.62
N ASP C 106 10.12 -24.14 -51.26
CA ASP C 106 8.82 -24.14 -50.61
C ASP C 106 8.05 -25.39 -51.04
N PRO C 107 8.25 -26.50 -50.32
CA PRO C 107 7.51 -27.72 -50.68
C PRO C 107 6.04 -27.66 -50.33
N VAL C 108 5.69 -27.05 -49.20
CA VAL C 108 4.30 -27.01 -48.73
C VAL C 108 3.42 -26.29 -49.75
N GLY C 109 3.97 -25.29 -50.42
CA GLY C 109 3.23 -24.65 -51.49
C GLY C 109 3.11 -25.51 -52.73
N PHE C 110 4.17 -26.27 -53.05
CA PHE C 110 4.21 -27.03 -54.29
C PHE C 110 3.10 -28.06 -54.33
N THR C 111 3.01 -28.90 -53.30
CA THR C 111 1.94 -29.89 -53.21
C THR C 111 0.56 -29.26 -53.12
N LEU C 112 0.46 -27.95 -52.88
CA LEU C 112 -0.82 -27.28 -52.91
C LEU C 112 -1.26 -26.98 -54.34
N LYS C 113 -0.31 -26.68 -55.23
CA LYS C 113 -0.63 -26.21 -56.56
C LYS C 113 -0.56 -27.30 -57.63
N ASN C 114 0.35 -28.25 -57.47
CA ASN C 114 0.53 -29.30 -58.48
C ASN C 114 -0.23 -30.56 -58.12
N THR C 115 -0.54 -31.34 -59.15
CA THR C 115 -1.21 -32.63 -58.98
C THR C 115 -0.47 -33.66 -59.80
N VAL C 116 -0.75 -34.93 -59.52
CA VAL C 116 -0.09 -36.05 -60.17
C VAL C 116 -1.02 -36.63 -61.22
N CYS C 117 -0.43 -37.19 -62.27
CA CYS C 117 -1.14 -37.98 -63.27
C CYS C 117 -1.46 -39.36 -62.68
N THR C 118 -2.72 -39.80 -62.65
CA THR C 118 -3.10 -41.04 -61.97
C THR C 118 -2.55 -42.27 -62.68
N VAL C 119 -2.28 -42.22 -64.00
CA VAL C 119 -1.79 -43.40 -64.74
C VAL C 119 -0.26 -43.54 -64.67
N CYS C 120 0.46 -42.43 -64.49
CA CYS C 120 1.92 -42.45 -64.31
C CYS C 120 2.32 -42.51 -62.83
N GLY C 121 1.75 -41.65 -61.98
CA GLY C 121 2.19 -41.43 -60.59
C GLY C 121 3.37 -40.46 -60.44
N MET C 122 3.51 -39.47 -61.32
CA MET C 122 4.54 -38.42 -61.28
C MET C 122 3.92 -37.03 -61.54
N TRP C 123 4.64 -35.96 -61.21
CA TRP C 123 4.07 -34.62 -61.18
C TRP C 123 3.71 -34.14 -62.58
N LYS C 124 2.47 -33.68 -62.76
CA LYS C 124 2.02 -33.12 -64.04
C LYS C 124 2.81 -31.87 -64.36
N GLY C 125 3.25 -31.74 -65.60
CA GLY C 125 3.89 -30.54 -66.09
C GLY C 125 5.38 -30.48 -65.80
N TYR C 126 5.82 -31.12 -64.73
CA TYR C 126 7.24 -31.14 -64.40
C TYR C 126 7.95 -32.40 -64.88
N GLY C 127 7.36 -33.59 -64.66
CA GLY C 127 7.99 -34.80 -65.12
C GLY C 127 7.12 -35.67 -66.01
N CYS C 128 5.81 -35.44 -66.04
CA CYS C 128 4.88 -36.27 -66.80
C CYS C 128 5.03 -35.99 -68.31
N SER C 129 5.21 -37.05 -69.12
CA SER C 129 5.31 -36.98 -70.56
C SER C 129 4.16 -37.68 -71.26
N CYS C 130 3.11 -38.18 -70.59
CA CYS C 130 2.02 -38.95 -71.23
C CYS C 130 0.93 -38.06 -71.90
N ASP C 131 1.33 -37.10 -72.72
CA ASP C 131 0.44 -36.11 -73.30
C ASP C 131 -0.23 -36.65 -74.56
N GLU D 2 17.67 -21.77 -28.32
CA GLU D 2 16.33 -21.96 -27.78
C GLU D 2 15.31 -21.25 -28.67
N ASN D 3 15.18 -21.71 -29.90
CA ASN D 3 14.12 -21.22 -30.79
C ASN D 3 13.14 -22.37 -31.03
N VAL D 4 12.08 -22.39 -30.23
CA VAL D 4 10.94 -23.29 -30.38
C VAL D 4 9.72 -22.53 -29.88
N THR D 5 8.54 -23.08 -30.16
CA THR D 5 7.29 -22.52 -29.68
C THR D 5 6.48 -23.59 -28.97
N GLY D 6 5.59 -23.14 -28.09
CA GLY D 6 4.57 -24.01 -27.56
C GLY D 6 3.48 -24.35 -28.55
N LEU D 7 3.48 -23.71 -29.71
CA LEU D 7 2.48 -23.97 -30.73
C LEU D 7 2.67 -25.37 -31.31
N PHE D 8 1.58 -26.12 -31.37
CA PHE D 8 1.54 -27.46 -31.95
C PHE D 8 2.51 -28.42 -31.25
N LYS D 9 2.81 -28.14 -29.99
CA LYS D 9 3.71 -28.98 -29.22
C LYS D 9 3.06 -30.33 -28.92
N ASP D 10 3.76 -31.40 -29.24
CA ASP D 10 3.25 -32.74 -28.97
C ASP D 10 3.31 -33.02 -27.48
N CYS D 11 2.16 -33.33 -26.90
CA CYS D 11 2.03 -33.50 -25.46
C CYS D 11 1.85 -34.96 -25.03
N SER D 12 1.92 -35.91 -25.96
CA SER D 12 1.71 -37.30 -25.62
C SER D 12 2.86 -37.83 -24.76
N LYS D 13 2.64 -39.00 -24.17
CA LYS D 13 3.57 -39.56 -23.21
C LYS D 13 4.51 -40.59 -23.81
N VAL D 14 4.45 -40.82 -25.12
CA VAL D 14 5.39 -41.72 -25.77
C VAL D 14 6.78 -41.08 -25.76
N ILE D 15 7.80 -41.89 -25.50
CA ILE D 15 9.13 -41.35 -25.26
C ILE D 15 9.88 -41.06 -26.56
N THR D 16 9.60 -41.82 -27.62
CA THR D 16 10.32 -41.67 -28.88
C THR D 16 9.47 -40.92 -29.90
N GLY D 17 10.13 -40.25 -30.83
CA GLY D 17 9.46 -39.47 -31.83
C GLY D 17 8.83 -40.34 -32.91
N LEU D 18 8.41 -39.67 -33.98
CA LEU D 18 7.69 -40.31 -35.06
C LEU D 18 8.65 -40.82 -36.14
N HIS D 19 8.07 -41.52 -37.12
CA HIS D 19 8.80 -41.98 -38.29
C HIS D 19 9.29 -40.79 -39.11
N PRO D 20 10.19 -41.01 -40.07
CA PRO D 20 10.48 -39.95 -41.05
C PRO D 20 9.22 -39.42 -41.73
N THR D 21 8.39 -40.30 -42.29
CA THR D 21 7.07 -39.88 -42.67
C THR D 21 6.16 -39.87 -41.44
N GLN D 22 4.94 -39.40 -41.61
CA GLN D 22 3.96 -39.19 -40.54
C GLN D 22 4.41 -38.15 -39.52
N ALA D 23 5.47 -37.41 -39.81
CA ALA D 23 5.99 -36.42 -38.87
C ALA D 23 5.78 -35.03 -39.44
N PRO D 24 5.16 -34.12 -38.67
CA PRO D 24 4.90 -32.78 -39.23
C PRO D 24 6.16 -31.96 -39.46
N THR D 25 7.09 -31.94 -38.52
CA THR D 25 8.23 -31.04 -38.59
C THR D 25 9.53 -31.83 -38.44
N HIS D 26 10.65 -31.12 -38.58
CA HIS D 26 11.95 -31.75 -38.44
C HIS D 26 12.23 -32.14 -36.99
N LEU D 27 11.69 -31.39 -36.04
CA LEU D 27 11.88 -31.70 -34.63
C LEU D 27 10.95 -32.80 -34.13
N SER D 28 9.95 -33.18 -34.92
CA SER D 28 8.99 -34.20 -34.53
C SER D 28 9.44 -35.62 -34.88
N VAL D 29 10.62 -35.77 -35.48
CA VAL D 29 11.20 -37.08 -35.74
C VAL D 29 12.32 -37.31 -34.73
N ASP D 30 12.44 -38.53 -34.23
CA ASP D 30 13.40 -38.84 -33.18
C ASP D 30 14.83 -38.86 -33.70
N THR D 31 15.79 -38.86 -32.79
CA THR D 31 17.20 -38.81 -33.15
C THR D 31 17.68 -40.11 -33.80
N LYS D 32 16.93 -41.20 -33.62
CA LYS D 32 17.25 -42.46 -34.28
C LYS D 32 17.25 -42.33 -35.80
N PHE D 33 16.50 -41.38 -36.36
CA PHE D 33 16.46 -41.17 -37.80
C PHE D 33 17.20 -39.92 -38.27
N LYS D 34 17.46 -38.96 -37.39
CA LYS D 34 18.14 -37.73 -37.79
C LYS D 34 19.57 -38.02 -38.19
N THR D 35 20.02 -37.39 -39.28
CA THR D 35 21.34 -37.69 -39.84
C THR D 35 21.91 -36.44 -40.50
N GLU D 36 23.01 -35.92 -39.94
CA GLU D 36 23.62 -34.63 -40.34
C GLU D 36 22.57 -33.54 -40.58
N GLY D 37 21.68 -33.34 -39.63
CA GLY D 37 20.64 -32.34 -39.80
C GLY D 37 19.57 -32.70 -40.80
N LEU D 38 19.61 -33.90 -41.35
CA LEU D 38 18.61 -34.42 -42.29
C LEU D 38 18.09 -35.74 -41.76
N CYS D 39 17.14 -36.33 -42.48
CA CYS D 39 16.52 -37.58 -42.07
C CYS D 39 16.96 -38.70 -43.00
N VAL D 40 16.88 -39.93 -42.50
CA VAL D 40 17.29 -41.12 -43.25
C VAL D 40 16.27 -42.22 -43.01
N ASP D 41 15.71 -42.76 -44.09
CA ASP D 41 14.81 -43.90 -43.98
C ASP D 41 15.62 -45.12 -43.58
N ILE D 42 15.27 -45.73 -42.46
CA ILE D 42 15.90 -46.95 -41.98
C ILE D 42 14.96 -48.11 -42.26
N PRO D 43 15.43 -49.19 -42.91
CA PRO D 43 14.50 -50.24 -43.33
C PRO D 43 13.91 -51.03 -42.18
N GLY D 44 14.60 -51.14 -41.05
CA GLY D 44 14.12 -51.95 -39.95
C GLY D 44 12.88 -51.42 -39.26
N ILE D 45 12.96 -50.19 -38.75
CA ILE D 45 11.87 -49.59 -37.98
C ILE D 45 10.69 -49.29 -38.90
N PRO D 46 9.52 -49.85 -38.65
CA PRO D 46 8.33 -49.49 -39.43
C PRO D 46 7.64 -48.27 -38.83
N LYS D 47 6.79 -47.66 -39.64
CA LYS D 47 6.03 -46.50 -39.18
C LYS D 47 4.89 -46.95 -38.28
N ASP D 48 4.68 -46.21 -37.19
CA ASP D 48 3.60 -46.52 -36.27
C ASP D 48 2.25 -46.35 -36.95
N MET D 49 1.42 -47.39 -36.88
CA MET D 49 0.12 -47.40 -37.55
C MET D 49 -1.04 -47.18 -36.59
N THR D 50 -0.82 -47.29 -35.29
CA THR D 50 -1.84 -46.96 -34.30
C THR D 50 -1.21 -46.15 -33.18
N TYR D 51 -1.58 -44.87 -33.10
CA TYR D 51 -1.09 -43.98 -32.06
C TYR D 51 -2.00 -42.77 -31.97
N ARG D 52 -2.01 -42.16 -30.79
CA ARG D 52 -2.81 -40.96 -30.53
C ARG D 52 -1.93 -39.97 -29.78
N ARG D 53 -1.59 -38.86 -30.44
CA ARG D 53 -0.72 -37.84 -29.86
C ARG D 53 -1.49 -36.53 -29.78
N LEU D 54 -1.70 -36.03 -28.57
CA LEU D 54 -2.41 -34.78 -28.38
C LEU D 54 -1.51 -33.60 -28.77
N ILE D 55 -2.11 -32.61 -29.40
CA ILE D 55 -1.39 -31.45 -29.94
C ILE D 55 -1.83 -30.21 -29.17
N SER D 56 -0.86 -29.40 -28.75
CA SER D 56 -1.11 -28.21 -27.94
C SER D 56 -1.42 -27.05 -28.87
N MET D 57 -2.69 -26.66 -28.94
CA MET D 57 -3.11 -25.47 -29.68
C MET D 57 -2.99 -24.23 -28.80
N MET D 58 -1.76 -23.96 -28.36
CA MET D 58 -1.50 -22.86 -27.45
C MET D 58 -0.28 -22.09 -27.93
N GLY D 59 -0.38 -20.77 -27.98
CA GLY D 59 0.72 -19.97 -28.47
C GLY D 59 0.49 -19.45 -29.87
N PHE D 60 -0.77 -19.30 -30.26
CA PHE D 60 -1.10 -18.70 -31.54
C PHE D 60 -0.63 -17.25 -31.58
N LYS D 61 -0.25 -16.80 -32.76
CA LYS D 61 0.17 -15.41 -32.98
C LYS D 61 -0.55 -14.87 -34.21
N MET D 62 -1.58 -14.04 -33.99
CA MET D 62 -2.33 -13.44 -35.09
C MET D 62 -1.71 -12.09 -35.45
N ASN D 63 -0.50 -12.14 -35.98
CA ASN D 63 0.22 -10.95 -36.42
C ASN D 63 0.47 -10.98 -37.92
N TYR D 64 -0.40 -11.67 -38.65
CA TYR D 64 -0.26 -11.77 -40.10
C TYR D 64 -0.61 -10.45 -40.77
N GLN D 65 0.05 -10.18 -41.89
CA GLN D 65 -0.32 -9.09 -42.79
C GLN D 65 -0.59 -9.71 -44.15
N VAL D 66 -1.87 -9.89 -44.47
CA VAL D 66 -2.29 -10.40 -45.76
C VAL D 66 -3.18 -9.36 -46.41
N ASN D 67 -3.14 -9.30 -47.74
CA ASN D 67 -3.64 -8.12 -48.44
C ASN D 67 -5.15 -8.00 -48.36
N GLY D 68 -5.88 -9.09 -48.54
CA GLY D 68 -7.32 -9.03 -48.50
C GLY D 68 -7.97 -9.44 -47.20
N TYR D 69 -7.19 -9.76 -46.18
CA TYR D 69 -7.72 -10.35 -44.96
C TYR D 69 -7.72 -9.31 -43.86
N PRO D 70 -8.85 -9.07 -43.19
CA PRO D 70 -8.85 -8.10 -42.09
C PRO D 70 -8.14 -8.64 -40.86
N ASN D 71 -7.55 -7.75 -40.10
CA ASN D 71 -6.80 -8.14 -38.92
C ASN D 71 -7.74 -8.38 -37.75
N MET D 72 -7.45 -9.42 -36.97
CA MET D 72 -8.29 -9.75 -35.83
C MET D 72 -8.08 -8.75 -34.69
N PHE D 73 -6.84 -8.43 -34.38
CA PHE D 73 -6.54 -7.48 -33.32
C PHE D 73 -6.56 -6.07 -33.88
N ILE D 74 -7.34 -5.19 -33.25
CA ILE D 74 -7.54 -3.82 -33.72
C ILE D 74 -6.95 -2.86 -32.69
N THR D 75 -6.84 -1.60 -33.10
CA THR D 75 -6.27 -0.58 -32.25
C THR D 75 -7.27 -0.13 -31.19
N ARG D 76 -6.84 0.78 -30.32
CA ARG D 76 -7.76 1.27 -29.30
C ARG D 76 -8.77 2.25 -29.89
N GLU D 77 -8.38 3.01 -30.91
CA GLU D 77 -9.29 3.98 -31.51
C GLU D 77 -10.42 3.28 -32.27
N GLU D 78 -10.10 2.20 -32.97
CA GLU D 78 -11.14 1.43 -33.65
C GLU D 78 -12.06 0.73 -32.66
N ALA D 79 -11.49 0.24 -31.56
CA ALA D 79 -12.32 -0.38 -30.52
C ALA D 79 -13.24 0.65 -29.88
N ILE D 80 -12.75 1.87 -29.67
CA ILE D 80 -13.60 2.93 -29.14
C ILE D 80 -14.70 3.28 -30.12
N ARG D 81 -14.36 3.35 -31.41
CA ARG D 81 -15.39 3.62 -32.42
C ARG D 81 -16.39 2.48 -32.55
N HIS D 82 -16.02 1.26 -32.16
CA HIS D 82 -16.88 0.10 -32.35
C HIS D 82 -17.43 -0.43 -31.04
N VAL D 83 -17.63 0.45 -30.06
CA VAL D 83 -18.49 0.10 -28.92
C VAL D 83 -19.92 -0.08 -29.46
N ARG D 84 -20.72 -0.82 -28.70
CA ARG D 84 -21.89 -1.62 -29.09
C ARG D 84 -21.51 -2.86 -29.85
N ALA D 85 -20.22 -3.20 -29.90
CA ALA D 85 -19.80 -4.52 -30.33
C ALA D 85 -18.91 -5.18 -29.30
N TRP D 86 -18.66 -4.53 -28.17
CA TRP D 86 -17.77 -5.07 -27.16
C TRP D 86 -18.46 -6.19 -26.41
N ILE D 87 -17.93 -7.40 -26.56
CA ILE D 87 -18.36 -8.55 -25.78
C ILE D 87 -17.15 -9.04 -25.00
N GLY D 88 -17.20 -8.91 -23.68
CA GLY D 88 -16.14 -9.47 -22.86
C GLY D 88 -16.05 -10.97 -23.04
N PHE D 89 -14.85 -11.50 -22.86
CA PHE D 89 -14.63 -12.92 -23.10
C PHE D 89 -13.55 -13.42 -22.17
N ASP D 90 -13.87 -14.47 -21.41
CA ASP D 90 -12.92 -15.13 -20.53
C ASP D 90 -13.20 -16.61 -20.55
N VAL D 91 -12.14 -17.42 -20.56
CA VAL D 91 -12.24 -18.86 -20.59
C VAL D 91 -11.52 -19.43 -19.38
N GLU D 92 -12.14 -20.41 -18.75
CA GLU D 92 -11.47 -21.24 -17.76
C GLU D 92 -11.07 -22.56 -18.42
N GLY D 93 -9.97 -23.13 -17.98
CA GLY D 93 -9.37 -24.26 -18.65
C GLY D 93 -9.02 -25.39 -17.70
N CYS D 94 -9.07 -26.59 -18.25
CA CYS D 94 -8.68 -27.81 -17.55
C CYS D 94 -7.40 -28.38 -18.13
N HIS D 95 -6.65 -29.06 -17.31
CA HIS D 95 -5.36 -29.61 -17.74
C HIS D 95 -5.57 -31.04 -18.23
N ALA D 96 -4.84 -31.51 -19.23
CA ALA D 96 -4.89 -32.87 -19.76
C ALA D 96 -3.95 -33.75 -18.93
N THR D 97 -4.49 -34.77 -18.28
CA THR D 97 -3.72 -35.54 -17.30
C THR D 97 -3.34 -36.96 -17.70
N ARG D 98 -4.22 -37.75 -18.32
CA ARG D 98 -3.99 -39.19 -18.30
C ARG D 98 -3.15 -39.71 -19.47
N GLU D 99 -3.58 -39.43 -20.71
CA GLU D 99 -2.86 -39.92 -21.87
C GLU D 99 -1.85 -38.93 -22.41
N ALA D 100 -2.01 -37.65 -22.10
CA ALA D 100 -1.09 -36.61 -22.51
C ALA D 100 -1.01 -35.58 -21.40
N VAL D 101 0.14 -34.89 -21.33
CA VAL D 101 0.38 -33.88 -20.33
C VAL D 101 1.10 -32.72 -21.01
N GLY D 102 0.67 -31.49 -20.75
CA GLY D 102 1.33 -30.35 -21.35
C GLY D 102 0.47 -29.40 -22.16
N THR D 103 -0.85 -29.53 -22.09
CA THR D 103 -1.73 -28.57 -22.73
C THR D 103 -2.97 -28.38 -21.89
N ASN D 104 -3.62 -27.23 -22.09
CA ASN D 104 -4.88 -26.90 -21.44
C ASN D 104 -6.00 -26.92 -22.47
N LEU D 105 -7.21 -27.13 -21.98
CA LEU D 105 -8.38 -27.22 -22.83
C LEU D 105 -9.49 -26.35 -22.29
N PRO D 106 -10.26 -25.68 -23.15
CA PRO D 106 -11.33 -24.80 -22.66
C PRO D 106 -12.45 -25.62 -22.03
N LEU D 107 -12.71 -25.36 -20.75
CA LEU D 107 -13.78 -26.03 -20.03
C LEU D 107 -15.02 -25.16 -19.91
N GLN D 108 -14.87 -23.87 -19.66
CA GLN D 108 -15.99 -22.97 -19.48
C GLN D 108 -15.72 -21.67 -20.22
N LEU D 109 -16.65 -21.26 -21.07
CA LEU D 109 -16.54 -20.05 -21.86
C LEU D 109 -17.60 -19.07 -21.38
N GLY D 110 -17.16 -17.90 -20.93
CA GLY D 110 -18.07 -16.90 -20.38
C GLY D 110 -17.98 -15.60 -21.17
N PHE D 111 -19.13 -14.95 -21.33
CA PHE D 111 -19.23 -13.73 -22.10
C PHE D 111 -19.86 -12.63 -21.24
N SER D 112 -19.66 -11.38 -21.64
CA SER D 112 -20.21 -10.26 -20.89
C SER D 112 -21.72 -10.18 -21.03
N THR D 113 -22.31 -10.90 -21.98
CA THR D 113 -23.76 -11.07 -22.01
C THR D 113 -24.26 -11.70 -20.72
N GLY D 114 -23.47 -12.58 -20.12
CA GLY D 114 -23.81 -13.28 -18.90
C GLY D 114 -23.82 -14.78 -19.02
N VAL D 115 -23.81 -15.32 -20.23
CA VAL D 115 -23.94 -16.75 -20.42
C VAL D 115 -22.63 -17.45 -20.09
N ASN D 116 -22.76 -18.67 -19.58
CA ASN D 116 -21.63 -19.57 -19.38
C ASN D 116 -21.90 -20.84 -20.17
N LEU D 117 -20.93 -21.28 -20.95
CA LEU D 117 -21.06 -22.48 -21.76
C LEU D 117 -19.96 -23.44 -21.35
N VAL D 118 -20.34 -24.57 -20.76
CA VAL D 118 -19.39 -25.59 -20.36
C VAL D 118 -19.24 -26.57 -21.51
N ALA D 119 -17.99 -26.89 -21.86
CA ALA D 119 -17.70 -27.77 -22.98
C ALA D 119 -16.97 -29.00 -22.50
N VAL D 120 -17.23 -30.12 -23.18
CA VAL D 120 -16.45 -31.33 -22.95
C VAL D 120 -14.98 -31.05 -23.26
N PRO D 121 -14.02 -31.50 -22.46
CA PRO D 121 -12.62 -31.33 -22.84
C PRO D 121 -12.32 -32.05 -24.14
N THR D 122 -11.95 -31.30 -25.17
CA THR D 122 -11.82 -31.84 -26.50
C THR D 122 -10.57 -31.24 -27.15
N GLY D 123 -9.70 -32.10 -27.65
CA GLY D 123 -8.44 -31.68 -28.22
C GLY D 123 -8.26 -32.19 -29.64
N TYR D 124 -7.13 -31.80 -30.23
CA TYR D 124 -6.74 -32.23 -31.56
C TYR D 124 -5.64 -33.27 -31.41
N VAL D 125 -5.97 -34.53 -31.62
CA VAL D 125 -5.04 -35.64 -31.45
C VAL D 125 -4.49 -36.05 -32.80
N ASP D 126 -3.22 -36.45 -32.82
CA ASP D 126 -2.60 -36.94 -34.04
C ASP D 126 -2.94 -38.41 -34.27
N THR D 127 -3.48 -38.70 -35.44
CA THR D 127 -3.73 -40.05 -35.89
C THR D 127 -2.80 -40.30 -37.06
N PRO D 128 -2.50 -41.55 -37.42
CA PRO D 128 -1.65 -41.83 -38.58
C PRO D 128 -2.26 -41.43 -39.92
N ASN D 129 -3.55 -41.13 -39.97
CA ASN D 129 -4.20 -40.73 -41.21
C ASN D 129 -4.59 -39.26 -41.25
N ASN D 130 -4.90 -38.66 -40.11
CA ASN D 130 -5.43 -37.31 -40.06
C ASN D 130 -5.24 -36.77 -38.64
N THR D 131 -5.74 -35.56 -38.41
CA THR D 131 -5.85 -35.00 -37.08
C THR D 131 -7.30 -35.07 -36.64
N ASP D 132 -7.55 -35.70 -35.49
CA ASP D 132 -8.89 -35.99 -35.01
C ASP D 132 -9.27 -35.02 -33.91
N PHE D 133 -10.48 -34.49 -33.99
CA PHE D 133 -11.03 -33.58 -32.98
C PHE D 133 -11.84 -34.44 -32.01
N SER D 134 -11.22 -34.82 -30.90
CA SER D 134 -11.80 -35.86 -30.06
C SER D 134 -11.71 -35.46 -28.59
N ARG D 135 -12.62 -36.02 -27.80
CA ARG D 135 -12.59 -35.83 -26.36
C ARG D 135 -11.34 -36.51 -25.78
N VAL D 136 -10.65 -35.80 -24.90
CA VAL D 136 -9.47 -36.34 -24.25
C VAL D 136 -9.70 -36.34 -22.74
N SER D 137 -8.84 -37.07 -22.03
CA SER D 137 -8.89 -37.12 -20.58
C SER D 137 -8.31 -35.85 -19.99
N ALA D 138 -9.03 -35.26 -19.03
CA ALA D 138 -8.60 -33.99 -18.47
C ALA D 138 -8.98 -33.91 -17.01
N LYS D 139 -8.25 -33.07 -16.28
CA LYS D 139 -8.49 -32.81 -14.87
C LYS D 139 -8.60 -31.32 -14.61
N PRO D 140 -9.34 -30.91 -13.58
CA PRO D 140 -9.40 -29.50 -13.24
C PRO D 140 -8.06 -29.02 -12.70
N PRO D 141 -7.81 -27.71 -12.71
CA PRO D 141 -6.53 -27.20 -12.21
C PRO D 141 -6.40 -27.41 -10.72
N PRO D 142 -5.21 -27.75 -10.24
CA PRO D 142 -5.00 -27.81 -8.79
C PRO D 142 -5.04 -26.41 -8.19
N GLY D 143 -5.57 -26.32 -6.99
CA GLY D 143 -5.73 -25.06 -6.29
C GLY D 143 -7.14 -24.93 -5.74
N ASP D 144 -7.29 -24.05 -4.76
CA ASP D 144 -8.57 -23.86 -4.10
C ASP D 144 -9.42 -22.75 -4.73
N GLN D 145 -8.84 -21.91 -5.57
CA GLN D 145 -9.61 -20.96 -6.34
C GLN D 145 -10.14 -21.56 -7.64
N PHE D 146 -9.87 -22.85 -7.89
CA PHE D 146 -10.40 -23.57 -9.03
C PHE D 146 -11.22 -24.78 -8.61
N LYS D 147 -11.69 -24.80 -7.36
CA LYS D 147 -12.48 -25.93 -6.87
C LYS D 147 -13.91 -25.91 -7.39
N HIS D 148 -14.36 -24.80 -7.97
CA HIS D 148 -15.69 -24.75 -8.56
C HIS D 148 -15.73 -25.31 -9.98
N LEU D 149 -14.57 -25.62 -10.55
CA LEU D 149 -14.50 -26.25 -11.86
C LEU D 149 -14.64 -27.77 -11.80
N ILE D 150 -14.59 -28.36 -10.61
CA ILE D 150 -14.73 -29.80 -10.42
C ILE D 150 -16.13 -30.30 -10.78
N PRO D 151 -17.23 -29.63 -10.39
CA PRO D 151 -18.54 -30.11 -10.88
C PRO D 151 -18.76 -29.91 -12.36
N LEU D 152 -17.99 -29.04 -13.01
CA LEU D 152 -18.19 -28.76 -14.43
C LEU D 152 -17.55 -29.81 -15.34
N MET D 153 -16.68 -30.67 -14.81
CA MET D 153 -16.03 -31.67 -15.64
C MET D 153 -16.98 -32.77 -16.08
N TYR D 154 -18.13 -32.92 -15.40
CA TYR D 154 -19.12 -33.91 -15.77
C TYR D 154 -20.34 -33.32 -16.45
N LYS D 155 -20.57 -32.02 -16.27
CA LYS D 155 -21.50 -31.29 -17.12
C LYS D 155 -20.79 -30.90 -18.41
N GLY D 156 -21.50 -30.23 -19.29
CA GLY D 156 -20.85 -29.75 -20.49
C GLY D 156 -21.33 -30.47 -21.74
N LEU D 157 -21.46 -29.71 -22.80
CA LEU D 157 -22.01 -30.13 -24.08
C LEU D 157 -20.90 -30.41 -25.06
N PRO D 158 -21.16 -31.17 -26.12
CA PRO D 158 -20.18 -31.30 -27.20
C PRO D 158 -19.94 -29.95 -27.86
N TRP D 159 -18.77 -29.81 -28.48
CA TRP D 159 -18.38 -28.51 -29.00
C TRP D 159 -19.25 -28.04 -30.15
N ASN D 160 -19.98 -28.96 -30.79
CA ASN D 160 -20.92 -28.58 -31.87
C ASN D 160 -22.02 -27.72 -31.26
N VAL D 161 -22.72 -28.22 -30.24
CA VAL D 161 -23.77 -27.50 -29.55
C VAL D 161 -23.22 -26.24 -28.90
N VAL D 162 -21.99 -26.30 -28.40
CA VAL D 162 -21.42 -25.14 -27.71
C VAL D 162 -21.18 -24.01 -28.70
N ARG D 163 -20.61 -24.30 -29.87
CA ARG D 163 -20.36 -23.22 -30.83
C ARG D 163 -21.65 -22.73 -31.47
N ILE D 164 -22.65 -23.61 -31.64
CA ILE D 164 -23.94 -23.15 -32.13
C ILE D 164 -24.60 -22.21 -31.12
N LYS D 165 -24.47 -22.53 -29.83
CA LYS D 165 -25.02 -21.64 -28.79
C LYS D 165 -24.24 -20.34 -28.69
N ILE D 166 -22.93 -20.39 -28.95
CA ILE D 166 -22.13 -19.16 -29.01
C ILE D 166 -22.65 -18.24 -30.10
N VAL D 167 -22.86 -18.79 -31.29
CA VAL D 167 -23.35 -17.97 -32.41
C VAL D 167 -24.74 -17.45 -32.12
N GLN D 168 -25.60 -18.28 -31.52
CA GLN D 168 -26.95 -17.84 -31.17
C GLN D 168 -26.92 -16.69 -30.17
N MET D 169 -26.09 -16.81 -29.13
CA MET D 169 -26.02 -15.77 -28.11
C MET D 169 -25.48 -14.47 -28.68
N LEU D 170 -24.41 -14.54 -29.49
CA LEU D 170 -23.85 -13.34 -30.07
C LEU D 170 -24.83 -12.68 -31.04
N SER D 171 -25.58 -13.49 -31.80
CA SER D 171 -26.53 -12.92 -32.74
C SER D 171 -27.76 -12.37 -32.04
N ASP D 172 -28.14 -12.92 -30.88
CA ASP D 172 -29.23 -12.32 -30.13
C ASP D 172 -28.80 -11.03 -29.47
N THR D 173 -27.53 -10.95 -29.04
CA THR D 173 -27.06 -9.75 -28.37
C THR D 173 -26.84 -8.60 -29.36
N LEU D 174 -26.16 -8.88 -30.47
CA LEU D 174 -25.57 -7.82 -31.29
C LEU D 174 -26.34 -7.52 -32.56
N LYS D 175 -27.49 -8.13 -32.80
CA LYS D 175 -28.18 -7.93 -34.07
C LYS D 175 -28.72 -6.52 -34.24
N ASN D 176 -29.00 -5.82 -33.14
CA ASN D 176 -29.47 -4.44 -33.20
C ASN D 176 -28.41 -3.43 -32.77
N LEU D 177 -27.28 -3.88 -32.24
CA LEU D 177 -26.24 -3.00 -31.74
C LEU D 177 -25.16 -2.68 -32.78
N SER D 178 -24.67 -3.69 -33.50
CA SER D 178 -23.55 -3.49 -34.41
C SER D 178 -23.58 -4.53 -35.50
N ASP D 179 -22.62 -4.41 -36.42
CA ASP D 179 -22.46 -5.36 -37.51
C ASP D 179 -21.22 -6.22 -37.36
N ARG D 180 -20.66 -6.28 -36.17
CA ARG D 180 -19.46 -7.07 -35.90
C ARG D 180 -19.44 -7.40 -34.42
N VAL D 181 -18.42 -8.14 -34.00
CA VAL D 181 -18.20 -8.47 -32.60
C VAL D 181 -16.77 -8.12 -32.25
N VAL D 182 -16.59 -7.43 -31.13
CA VAL D 182 -15.27 -7.06 -30.63
C VAL D 182 -15.07 -7.74 -29.29
N PHE D 183 -14.32 -8.82 -29.26
CA PHE D 183 -14.07 -9.56 -28.03
C PHE D 183 -13.05 -8.81 -27.19
N VAL D 184 -13.47 -8.40 -25.99
CA VAL D 184 -12.61 -7.65 -25.08
C VAL D 184 -11.93 -8.67 -24.17
N LEU D 185 -10.68 -8.98 -24.45
CA LEU D 185 -9.94 -10.02 -23.76
C LEU D 185 -9.06 -9.40 -22.67
N TRP D 186 -8.75 -10.20 -21.66
CA TRP D 186 -7.78 -9.76 -20.67
C TRP D 186 -6.38 -10.31 -20.92
N ALA D 187 -6.26 -11.58 -21.28
CA ALA D 187 -4.99 -12.16 -21.70
C ALA D 187 -5.27 -13.07 -22.88
N HIS D 188 -4.80 -12.70 -24.06
CA HIS D 188 -5.31 -13.27 -25.29
C HIS D 188 -4.72 -14.64 -25.62
N GLY D 189 -3.82 -15.17 -24.82
CA GLY D 189 -3.24 -16.47 -25.11
C GLY D 189 -4.25 -17.62 -25.08
N PHE D 190 -4.81 -17.86 -23.90
CA PHE D 190 -5.80 -18.92 -23.79
C PHE D 190 -7.11 -18.54 -24.45
N ALA D 191 -7.41 -17.25 -24.56
CA ALA D 191 -8.58 -16.84 -25.30
C ALA D 191 -8.45 -17.16 -26.79
N LEU D 192 -7.26 -17.01 -27.35
CA LEU D 192 -7.03 -17.41 -28.74
C LEU D 192 -7.06 -18.92 -28.89
N THR D 193 -6.48 -19.64 -27.92
CA THR D 193 -6.59 -21.09 -27.88
C THR D 193 -8.05 -21.53 -27.94
N SER D 194 -8.91 -20.88 -27.18
CA SER D 194 -10.32 -21.23 -27.19
C SER D 194 -11.02 -20.78 -28.46
N MET D 195 -10.59 -19.64 -29.02
CA MET D 195 -11.18 -19.14 -30.25
C MET D 195 -10.88 -20.04 -31.43
N LYS D 196 -9.80 -20.83 -31.36
CA LYS D 196 -9.55 -21.85 -32.39
C LYS D 196 -10.75 -22.77 -32.58
N TYR D 197 -11.56 -22.97 -31.54
CA TYR D 197 -12.64 -23.94 -31.61
C TYR D 197 -13.88 -23.39 -32.32
N PHE D 198 -14.18 -22.09 -32.19
CA PHE D 198 -15.41 -21.56 -32.76
C PHE D 198 -15.24 -20.34 -33.66
N VAL D 199 -14.02 -20.05 -34.13
CA VAL D 199 -13.77 -18.91 -34.98
C VAL D 199 -13.04 -19.38 -36.24
N LYS D 200 -13.49 -18.89 -37.39
CA LYS D 200 -12.90 -19.23 -38.69
C LYS D 200 -12.83 -17.97 -39.53
N ILE D 201 -11.63 -17.54 -39.87
CA ILE D 201 -11.41 -16.22 -40.46
C ILE D 201 -11.11 -16.37 -41.95
N GLY D 202 -11.28 -15.26 -42.67
CA GLY D 202 -11.00 -15.23 -44.08
C GLY D 202 -11.14 -13.83 -44.63
N PRO D 203 -11.26 -13.69 -45.95
CA PRO D 203 -11.51 -12.38 -46.53
C PRO D 203 -12.91 -11.89 -46.19
N GLU D 204 -13.11 -10.59 -46.31
CA GLU D 204 -14.37 -9.99 -45.94
C GLU D 204 -15.45 -10.41 -46.92
N ARG D 205 -16.52 -11.01 -46.40
CA ARG D 205 -17.62 -11.53 -47.20
C ARG D 205 -18.89 -10.75 -46.89
N THR D 206 -19.89 -10.97 -47.72
CA THR D 206 -21.18 -10.33 -47.56
C THR D 206 -22.21 -11.39 -47.18
N CYS D 207 -23.20 -11.08 -46.35
CA CYS D 207 -24.32 -11.98 -46.02
C CYS D 207 -25.02 -12.55 -47.28
N CYS D 208 -25.43 -13.81 -47.21
CA CYS D 208 -26.33 -14.34 -48.25
C CYS D 208 -27.67 -13.88 -47.67
N LEU D 209 -28.69 -13.56 -48.46
CA LEU D 209 -30.03 -13.20 -47.93
C LEU D 209 -30.10 -11.72 -47.59
N CYS D 210 -28.97 -11.01 -47.63
CA CYS D 210 -29.03 -9.54 -47.44
C CYS D 210 -27.71 -8.93 -47.82
N ASP D 211 -27.51 -7.69 -47.43
CA ASP D 211 -26.30 -7.04 -47.89
C ASP D 211 -25.36 -6.62 -46.77
N ARG D 212 -25.63 -7.07 -45.55
CA ARG D 212 -24.82 -6.64 -44.38
C ARG D 212 -23.53 -7.47 -44.33
N ARG D 213 -22.55 -7.00 -43.54
CA ARG D 213 -21.28 -7.71 -43.39
C ARG D 213 -21.52 -9.11 -42.83
N ALA D 214 -20.87 -10.09 -43.42
CA ALA D 214 -21.03 -11.48 -43.00
C ALA D 214 -20.23 -11.72 -41.73
N THR D 215 -20.90 -12.17 -40.68
CA THR D 215 -20.24 -12.38 -39.40
C THR D 215 -20.28 -13.83 -38.93
N CYS D 216 -21.16 -14.65 -39.48
CA CYS D 216 -21.23 -16.07 -39.13
C CYS D 216 -21.01 -16.91 -40.37
N PHE D 217 -20.51 -18.12 -40.16
CA PHE D 217 -20.20 -19.04 -41.25
C PHE D 217 -20.59 -20.44 -40.84
N SER D 218 -21.24 -21.17 -41.75
CA SER D 218 -21.69 -22.53 -41.48
C SER D 218 -20.85 -23.53 -42.23
N THR D 219 -20.45 -24.62 -41.57
CA THR D 219 -19.66 -25.66 -42.22
C THR D 219 -20.53 -26.75 -42.85
N ALA D 220 -21.80 -26.87 -42.45
CA ALA D 220 -22.69 -27.82 -43.10
C ALA D 220 -22.92 -27.43 -44.55
N SER D 221 -23.42 -26.22 -44.77
CA SER D 221 -23.44 -25.59 -46.08
C SER D 221 -22.53 -24.38 -46.02
N ASP D 222 -21.58 -24.30 -46.94
CA ASP D 222 -20.51 -23.32 -46.81
C ASP D 222 -21.00 -21.93 -47.17
N THR D 223 -21.81 -21.35 -46.28
CA THR D 223 -22.42 -20.06 -46.50
C THR D 223 -22.16 -19.16 -45.30
N TYR D 224 -22.18 -17.86 -45.56
CA TYR D 224 -21.95 -16.83 -44.57
C TYR D 224 -23.21 -16.02 -44.38
N ALA D 225 -23.40 -15.44 -43.20
CA ALA D 225 -24.58 -14.70 -42.82
C ALA D 225 -24.23 -13.58 -41.85
N CYS D 226 -25.01 -12.52 -41.78
CA CYS D 226 -24.92 -11.50 -40.75
C CYS D 226 -25.62 -11.96 -39.48
N TRP D 227 -25.68 -11.08 -38.50
CA TRP D 227 -26.24 -11.38 -37.19
C TRP D 227 -27.74 -11.66 -37.24
N HIS D 228 -28.46 -11.18 -38.25
CA HIS D 228 -29.92 -11.42 -38.39
C HIS D 228 -30.22 -12.79 -38.98
N HIS D 229 -29.58 -13.13 -40.10
CA HIS D 229 -29.87 -14.33 -40.88
C HIS D 229 -29.09 -15.57 -40.42
N SER D 230 -28.50 -15.56 -39.23
CA SER D 230 -27.66 -16.67 -38.80
C SER D 230 -28.48 -17.55 -37.85
N ILE D 231 -29.05 -18.61 -38.40
CA ILE D 231 -29.79 -19.61 -37.62
C ILE D 231 -29.24 -20.97 -38.02
N GLY D 232 -28.68 -21.69 -37.04
CA GLY D 232 -28.00 -22.93 -37.35
C GLY D 232 -26.57 -22.76 -37.80
N PHE D 233 -26.02 -21.55 -37.73
CA PHE D 233 -24.63 -21.31 -38.05
C PHE D 233 -23.78 -21.57 -36.82
N ASP D 234 -22.59 -22.12 -37.04
CA ASP D 234 -21.79 -22.61 -35.93
C ASP D 234 -20.47 -21.88 -35.73
N TYR D 235 -20.05 -21.01 -36.65
CA TYR D 235 -18.77 -20.35 -36.54
C TYR D 235 -18.92 -18.85 -36.62
N VAL D 236 -18.13 -18.13 -35.84
CA VAL D 236 -18.05 -16.68 -35.91
C VAL D 236 -16.99 -16.33 -36.94
N TYR D 237 -17.40 -15.65 -38.02
CA TYR D 237 -16.51 -15.52 -39.17
C TYR D 237 -15.35 -14.57 -38.95
N ASN D 238 -15.59 -13.30 -38.71
CA ASN D 238 -14.52 -12.33 -38.63
C ASN D 238 -14.69 -11.51 -37.36
N PRO D 239 -14.30 -12.06 -36.22
CA PRO D 239 -14.35 -11.29 -34.98
C PRO D 239 -13.13 -10.39 -34.87
N PHE D 240 -13.32 -9.26 -34.22
CA PHE D 240 -12.24 -8.40 -33.83
C PHE D 240 -12.02 -8.54 -32.34
N MET D 241 -10.85 -8.16 -31.87
CA MET D 241 -10.57 -8.33 -30.46
C MET D 241 -9.50 -7.35 -30.02
N ILE D 242 -9.56 -6.99 -28.74
CA ILE D 242 -8.55 -6.15 -28.12
C ILE D 242 -8.13 -6.81 -26.81
N ASP D 243 -6.83 -6.93 -26.60
CA ASP D 243 -6.32 -7.30 -25.30
C ASP D 243 -6.23 -6.05 -24.43
N VAL D 244 -6.57 -6.19 -23.16
CA VAL D 244 -6.59 -5.05 -22.26
C VAL D 244 -5.37 -5.06 -21.34
N GLN D 245 -4.71 -6.21 -21.17
CA GLN D 245 -3.44 -6.22 -20.46
C GLN D 245 -2.36 -5.48 -21.20
N GLN D 246 -2.49 -5.34 -22.52
CA GLN D 246 -1.53 -4.63 -23.34
C GLN D 246 -1.69 -3.11 -23.24
N TRP D 247 -2.59 -2.63 -22.39
CA TRP D 247 -2.75 -1.21 -22.14
C TRP D 247 -1.98 -0.74 -20.92
N GLY D 248 -0.91 -1.45 -20.56
CA GLY D 248 -0.09 -1.08 -19.44
C GLY D 248 -0.71 -1.26 -18.07
N PHE D 249 -1.05 -2.50 -17.72
CA PHE D 249 -1.56 -2.81 -16.39
C PHE D 249 -0.57 -3.68 -15.65
N THR D 250 -0.67 -3.63 -14.32
CA THR D 250 0.10 -4.48 -13.44
C THR D 250 -0.86 -5.25 -12.53
N GLY D 251 -0.54 -6.51 -12.27
CA GLY D 251 -1.42 -7.35 -11.49
C GLY D 251 -2.45 -8.06 -12.33
N ASN D 252 -3.33 -8.78 -11.64
CA ASN D 252 -4.38 -9.54 -12.30
C ASN D 252 -5.58 -8.65 -12.61
N LEU D 253 -6.60 -9.25 -13.22
CA LEU D 253 -7.74 -8.48 -13.70
C LEU D 253 -8.58 -7.92 -12.55
N GLN D 254 -8.74 -8.70 -11.48
CA GLN D 254 -9.60 -8.24 -10.38
C GLN D 254 -8.97 -7.07 -9.65
N SER D 255 -7.64 -7.09 -9.46
CA SER D 255 -6.98 -6.01 -8.75
C SER D 255 -7.06 -4.71 -9.52
N ASN D 256 -7.06 -4.76 -10.85
CA ASN D 256 -7.16 -3.56 -11.65
C ASN D 256 -8.60 -3.10 -11.85
N HIS D 257 -9.55 -4.03 -11.85
CA HIS D 257 -10.95 -3.64 -11.97
C HIS D 257 -11.46 -3.04 -10.67
N ASP D 258 -11.03 -3.58 -9.54
CA ASP D 258 -11.52 -3.13 -8.24
C ASP D 258 -11.00 -1.77 -7.83
N LEU D 259 -10.11 -1.16 -8.61
CA LEU D 259 -9.70 0.20 -8.31
C LEU D 259 -10.77 1.21 -8.70
N TYR D 260 -11.58 0.89 -9.70
CA TYR D 260 -12.56 1.83 -10.22
C TYR D 260 -14.00 1.34 -10.15
N CYS D 261 -14.24 0.09 -9.76
CA CYS D 261 -15.59 -0.46 -9.78
C CYS D 261 -15.80 -1.33 -8.56
N GLN D 262 -17.00 -1.24 -7.99
CA GLN D 262 -17.36 -2.04 -6.82
C GLN D 262 -18.58 -2.92 -7.05
N VAL D 263 -19.25 -2.81 -8.20
CA VAL D 263 -20.49 -3.55 -8.41
C VAL D 263 -20.29 -4.87 -9.11
N HIS D 264 -19.06 -5.21 -9.50
CA HIS D 264 -18.75 -6.51 -10.06
C HIS D 264 -17.80 -7.25 -9.13
N GLY D 265 -17.79 -8.57 -9.25
CA GLY D 265 -16.99 -9.41 -8.39
C GLY D 265 -16.97 -10.84 -8.87
N ASN D 266 -16.83 -11.78 -7.95
CA ASN D 266 -16.91 -13.22 -8.22
C ASN D 266 -15.87 -13.65 -9.25
N ALA D 267 -14.61 -13.37 -8.93
CA ALA D 267 -13.51 -13.65 -9.83
C ALA D 267 -13.36 -15.14 -10.11
N HIS D 268 -12.68 -15.44 -11.20
CA HIS D 268 -12.37 -16.78 -11.73
C HIS D 268 -13.61 -17.56 -12.16
N VAL D 269 -14.77 -16.91 -12.23
CA VAL D 269 -15.90 -17.42 -12.99
C VAL D 269 -15.84 -16.74 -14.35
N ALA D 270 -16.07 -17.52 -15.41
CA ALA D 270 -15.79 -17.04 -16.76
C ALA D 270 -16.66 -15.85 -17.13
N SER D 271 -17.95 -15.90 -16.83
CA SER D 271 -18.84 -14.80 -17.16
C SER D 271 -18.52 -13.56 -16.36
N CYS D 272 -18.22 -13.72 -15.07
CA CYS D 272 -17.91 -12.56 -14.23
C CYS D 272 -16.56 -11.96 -14.60
N ASP D 273 -15.58 -12.79 -14.98
CA ASP D 273 -14.33 -12.25 -15.48
C ASP D 273 -14.52 -11.52 -16.80
N ALA D 274 -15.43 -12.00 -17.66
CA ALA D 274 -15.72 -11.28 -18.89
C ALA D 274 -16.36 -9.93 -18.62
N ILE D 275 -17.29 -9.87 -17.66
CA ILE D 275 -17.92 -8.60 -17.30
C ILE D 275 -16.90 -7.65 -16.69
N MET D 276 -15.99 -8.18 -15.86
CA MET D 276 -14.92 -7.36 -15.30
C MET D 276 -14.02 -6.80 -16.39
N THR D 277 -13.68 -7.63 -17.39
CA THR D 277 -12.82 -7.17 -18.48
C THR D 277 -13.48 -6.06 -19.28
N ARG D 278 -14.74 -6.26 -19.65
CA ARG D 278 -15.44 -5.24 -20.43
C ARG D 278 -15.62 -3.96 -19.62
N CYS D 279 -15.88 -4.08 -18.32
CA CYS D 279 -16.05 -2.89 -17.49
C CYS D 279 -14.73 -2.13 -17.35
N LEU D 280 -13.62 -2.85 -17.20
CA LEU D 280 -12.32 -2.20 -17.10
C LEU D 280 -11.97 -1.49 -18.40
N ALA D 281 -12.28 -2.10 -19.55
CA ALA D 281 -12.03 -1.45 -20.83
C ALA D 281 -12.90 -0.22 -21.00
N VAL D 282 -14.18 -0.31 -20.60
CA VAL D 282 -15.08 0.83 -20.69
C VAL D 282 -14.58 1.98 -19.81
N HIS D 283 -14.03 1.64 -18.64
CA HIS D 283 -13.45 2.67 -17.79
C HIS D 283 -12.24 3.31 -18.46
N GLU D 284 -11.33 2.49 -18.98
CA GLU D 284 -10.11 3.02 -19.55
C GLU D 284 -10.34 3.86 -20.79
N CYS D 285 -11.45 3.67 -21.48
CA CYS D 285 -11.69 4.44 -22.69
C CYS D 285 -12.71 5.56 -22.53
N PHE D 286 -13.70 5.45 -21.65
CA PHE D 286 -14.81 6.39 -21.66
C PHE D 286 -15.02 7.18 -20.37
N VAL D 287 -14.53 6.70 -19.22
CA VAL D 287 -14.83 7.40 -17.97
C VAL D 287 -14.06 8.71 -17.85
N LYS D 288 -12.91 8.83 -18.51
CA LYS D 288 -12.04 9.99 -18.39
C LYS D 288 -12.74 11.31 -18.72
N ARG D 289 -13.26 11.45 -19.94
CA ARG D 289 -13.96 12.66 -20.37
C ARG D 289 -14.70 12.36 -21.66
N VAL D 290 -15.54 13.29 -22.07
CA VAL D 290 -16.34 13.16 -23.29
C VAL D 290 -15.52 13.66 -24.47
N ASP D 291 -15.42 12.84 -25.51
CA ASP D 291 -14.68 13.18 -26.71
C ASP D 291 -15.69 13.49 -27.80
N TRP D 292 -15.74 14.76 -28.23
CA TRP D 292 -16.68 15.19 -29.25
C TRP D 292 -16.14 15.03 -30.66
N THR D 293 -14.98 14.40 -30.84
CA THR D 293 -14.50 14.14 -32.19
C THR D 293 -14.97 12.81 -32.75
N ILE D 294 -15.55 11.95 -31.91
CA ILE D 294 -15.94 10.60 -32.30
C ILE D 294 -17.46 10.54 -32.36
N GLU D 295 -18.00 10.24 -33.54
CA GLU D 295 -19.43 10.20 -33.76
C GLU D 295 -19.84 8.79 -34.15
N TYR D 296 -20.94 8.32 -33.57
CA TYR D 296 -21.40 6.95 -33.74
C TYR D 296 -22.60 6.89 -34.68
N PRO D 297 -22.76 5.80 -35.43
CA PRO D 297 -23.91 5.70 -36.34
C PRO D 297 -25.23 5.58 -35.61
N ILE D 298 -26.33 5.59 -36.35
CA ILE D 298 -27.67 5.57 -35.78
C ILE D 298 -28.24 4.18 -35.97
N ILE D 299 -28.39 3.45 -34.87
CA ILE D 299 -28.96 2.11 -34.94
C ILE D 299 -30.48 2.16 -34.96
N GLY D 300 -31.07 3.15 -34.30
CA GLY D 300 -32.49 3.38 -34.39
C GLY D 300 -32.98 4.42 -33.41
N ASP D 301 -34.03 5.15 -33.83
CA ASP D 301 -34.79 6.16 -33.06
C ASP D 301 -33.92 7.05 -32.16
N GLU D 302 -32.73 7.42 -32.62
CA GLU D 302 -31.90 8.33 -31.85
C GLU D 302 -32.26 9.78 -32.14
N LEU D 303 -32.53 10.09 -33.42
CA LEU D 303 -32.86 11.46 -33.80
C LEU D 303 -34.17 11.89 -33.17
N LYS D 304 -35.16 10.99 -33.13
CA LYS D 304 -36.43 11.29 -32.47
C LYS D 304 -36.21 11.58 -30.99
N ILE D 305 -35.33 10.82 -30.34
CA ILE D 305 -35.09 11.00 -28.91
C ILE D 305 -34.43 12.34 -28.63
N ASN D 306 -33.35 12.65 -29.35
CA ASN D 306 -32.67 13.90 -29.04
C ASN D 306 -33.35 15.12 -29.65
N ALA D 307 -34.37 14.93 -30.48
CA ALA D 307 -35.23 16.06 -30.84
C ALA D 307 -36.33 16.26 -29.80
N ALA D 308 -36.89 15.16 -29.29
CA ALA D 308 -37.87 15.24 -28.22
C ALA D 308 -37.29 15.84 -26.96
N CYS D 309 -35.99 15.59 -26.70
CA CYS D 309 -35.34 16.22 -25.55
C CYS D 309 -35.36 17.74 -25.67
N ARG D 310 -34.99 18.26 -26.84
CA ARG D 310 -35.00 19.71 -27.03
C ARG D 310 -36.41 20.28 -26.98
N LYS D 311 -37.37 19.58 -27.59
CA LYS D 311 -38.76 20.03 -27.58
C LYS D 311 -39.30 20.12 -26.15
N VAL D 312 -39.10 19.05 -25.38
CA VAL D 312 -39.58 19.02 -24.00
C VAL D 312 -38.85 20.06 -23.15
N GLN D 313 -37.54 20.23 -23.39
CA GLN D 313 -36.78 21.23 -22.65
C GLN D 313 -37.33 22.64 -22.88
N HIS D 314 -37.57 22.98 -24.16
CA HIS D 314 -38.12 24.28 -24.49
C HIS D 314 -39.47 24.50 -23.83
N MET D 315 -40.39 23.53 -24.00
CA MET D 315 -41.72 23.70 -23.44
C MET D 315 -41.70 23.80 -21.92
N VAL D 316 -40.91 22.96 -21.26
CA VAL D 316 -40.88 22.94 -19.80
C VAL D 316 -40.30 24.24 -19.26
N VAL D 317 -39.16 24.69 -19.81
CA VAL D 317 -38.54 25.90 -19.28
C VAL D 317 -39.41 27.12 -19.56
N LYS D 318 -39.97 27.21 -20.75
CA LYS D 318 -40.83 28.35 -21.09
C LYS D 318 -42.06 28.40 -20.19
N ALA D 319 -42.71 27.25 -19.99
CA ALA D 319 -43.91 27.23 -19.16
C ALA D 319 -43.60 27.51 -17.70
N ALA D 320 -42.48 26.98 -17.18
CA ALA D 320 -42.12 27.27 -15.78
C ALA D 320 -41.85 28.75 -15.58
N LEU D 321 -41.09 29.35 -16.51
CA LEU D 321 -40.78 30.78 -16.41
C LEU D 321 -42.04 31.63 -16.47
N LEU D 322 -42.91 31.40 -17.47
CA LEU D 322 -44.12 32.21 -17.53
C LEU D 322 -45.13 31.81 -16.46
N ALA D 323 -44.87 30.73 -15.72
CA ALA D 323 -45.71 30.35 -14.60
C ALA D 323 -45.35 31.10 -13.33
N ASP D 324 -44.06 31.21 -12.99
CA ASP D 324 -43.71 31.88 -11.74
C ASP D 324 -42.82 33.10 -11.88
N LYS D 325 -42.25 33.38 -13.06
CA LYS D 325 -41.50 34.60 -13.34
C LYS D 325 -40.32 34.79 -12.38
N PHE D 326 -39.43 33.79 -12.36
CA PHE D 326 -38.22 33.90 -11.57
C PHE D 326 -37.37 35.08 -12.05
N PRO D 327 -36.59 35.69 -11.14
CA PRO D 327 -35.69 36.78 -11.55
C PRO D 327 -34.60 36.37 -12.53
N VAL D 328 -33.92 35.26 -12.22
CA VAL D 328 -32.73 34.84 -12.96
C VAL D 328 -32.68 33.32 -12.99
N LEU D 329 -32.32 32.76 -14.14
CA LEU D 329 -32.03 31.33 -14.23
C LEU D 329 -30.55 31.12 -14.49
N HIS D 330 -30.02 30.02 -14.00
CA HIS D 330 -28.61 29.69 -14.12
C HIS D 330 -28.50 28.33 -14.81
N ASP D 331 -27.95 28.32 -16.02
CA ASP D 331 -27.85 27.10 -16.83
C ASP D 331 -26.52 26.43 -16.51
N ILE D 332 -26.52 25.69 -15.40
CA ILE D 332 -25.32 24.97 -15.00
C ILE D 332 -25.05 23.83 -15.98
N GLY D 333 -23.79 23.71 -16.42
CA GLY D 333 -23.36 22.60 -17.25
C GLY D 333 -23.43 22.85 -18.73
N ASN D 334 -23.73 24.07 -19.17
CA ASN D 334 -23.84 24.36 -20.59
C ASN D 334 -22.46 24.59 -21.20
N PRO D 335 -22.03 23.74 -22.13
CA PRO D 335 -20.74 24.00 -22.78
C PRO D 335 -20.77 25.19 -23.71
N LYS D 336 -21.85 25.35 -24.48
CA LYS D 336 -21.96 26.42 -25.45
C LYS D 336 -23.15 27.31 -25.08
N ALA D 337 -22.98 28.61 -25.25
CA ALA D 337 -23.96 29.59 -24.78
C ALA D 337 -25.08 29.75 -25.81
N ILE D 338 -25.89 28.70 -25.92
CA ILE D 338 -27.12 28.73 -26.70
C ILE D 338 -28.26 28.47 -25.72
N LYS D 339 -29.07 29.49 -25.47
CA LYS D 339 -30.10 29.39 -24.45
C LYS D 339 -31.32 28.63 -24.95
N CYS D 340 -32.06 28.05 -23.99
CA CYS D 340 -33.14 27.15 -24.33
C CYS D 340 -34.34 27.90 -24.91
N VAL D 341 -34.85 28.88 -24.17
CA VAL D 341 -35.97 29.69 -24.61
C VAL D 341 -35.43 31.08 -24.96
N PRO D 342 -35.43 31.46 -26.23
CA PRO D 342 -34.96 32.80 -26.59
C PRO D 342 -35.87 33.92 -26.13
N GLN D 343 -37.19 33.76 -26.30
CA GLN D 343 -38.15 34.83 -25.98
C GLN D 343 -38.54 34.78 -24.50
N ALA D 344 -37.55 35.03 -23.65
CA ALA D 344 -37.73 35.00 -22.21
C ALA D 344 -37.24 36.32 -21.61
N ASP D 345 -38.11 36.97 -20.83
CA ASP D 345 -37.72 38.17 -20.10
C ASP D 345 -37.05 37.79 -18.78
N VAL D 346 -35.85 37.23 -18.93
CA VAL D 346 -35.07 36.77 -17.79
C VAL D 346 -33.59 36.84 -18.17
N GLU D 347 -32.76 37.15 -17.19
CA GLU D 347 -31.33 37.28 -17.41
C GLU D 347 -30.68 35.90 -17.36
N TRP D 348 -30.00 35.54 -18.45
CA TRP D 348 -29.46 34.19 -18.61
C TRP D 348 -27.98 34.17 -18.24
N LYS D 349 -27.60 33.16 -17.47
CA LYS D 349 -26.20 33.01 -17.03
C LYS D 349 -25.79 31.57 -17.28
N PHE D 350 -24.90 31.36 -18.24
CA PHE D 350 -24.40 30.02 -18.54
C PHE D 350 -23.26 29.66 -17.59
N TYR D 351 -23.23 28.40 -17.17
CA TYR D 351 -22.21 27.94 -16.23
C TYR D 351 -21.64 26.62 -16.70
N ASP D 352 -20.32 26.48 -16.60
CA ASP D 352 -19.65 25.22 -16.91
C ASP D 352 -18.26 25.25 -16.30
N ALA D 353 -17.85 24.14 -15.69
CA ALA D 353 -16.53 24.07 -15.08
C ALA D 353 -15.43 24.21 -16.14
N GLN D 354 -15.65 23.66 -17.33
CA GLN D 354 -14.74 23.84 -18.44
C GLN D 354 -15.51 24.46 -19.61
N PRO D 355 -15.16 25.66 -20.04
CA PRO D 355 -15.78 26.21 -21.25
C PRO D 355 -15.29 25.49 -22.49
N CYS D 356 -16.22 25.09 -23.35
CA CYS D 356 -15.91 24.24 -24.49
C CYS D 356 -15.41 25.07 -25.67
N SER D 357 -14.27 25.74 -25.44
CA SER D 357 -13.49 26.47 -26.44
C SER D 357 -14.31 27.51 -27.19
N ASP D 358 -15.36 28.06 -26.58
CA ASP D 358 -16.17 29.11 -27.19
C ASP D 358 -15.57 30.45 -26.78
N LYS D 359 -15.16 31.25 -27.76
CA LYS D 359 -14.50 32.51 -27.46
C LYS D 359 -15.46 33.52 -26.81
N ALA D 360 -16.76 33.38 -27.03
CA ALA D 360 -17.72 34.19 -26.29
C ALA D 360 -17.81 33.61 -24.90
N TYR D 361 -17.10 34.23 -23.95
CA TYR D 361 -16.83 33.64 -22.65
C TYR D 361 -17.81 34.07 -21.58
N LYS D 362 -19.04 34.41 -21.96
CA LYS D 362 -20.09 34.70 -21.00
C LYS D 362 -20.46 33.49 -20.15
N ILE D 363 -19.99 32.30 -20.49
CA ILE D 363 -20.16 31.12 -19.67
C ILE D 363 -19.27 31.27 -18.44
N GLU D 364 -19.89 31.40 -17.27
CA GLU D 364 -19.12 31.40 -16.04
C GLU D 364 -18.55 30.01 -15.77
N GLU D 365 -17.57 29.97 -14.86
CA GLU D 365 -16.83 28.75 -14.55
C GLU D 365 -17.36 28.18 -13.23
N LEU D 366 -18.02 27.03 -13.30
CA LEU D 366 -18.69 26.44 -12.15
C LEU D 366 -18.57 24.92 -12.17
N PHE D 367 -17.93 24.38 -11.15
CA PHE D 367 -17.93 22.93 -10.89
C PHE D 367 -18.87 22.72 -9.70
N TYR D 368 -20.11 22.38 -10.00
CA TYR D 368 -21.16 22.42 -8.98
C TYR D 368 -21.05 21.26 -8.00
N SER D 369 -21.34 21.56 -6.73
CA SER D 369 -21.49 20.56 -5.69
C SER D 369 -22.35 21.18 -4.59
N TYR D 370 -23.38 20.46 -4.17
CA TYR D 370 -24.35 21.03 -3.23
C TYR D 370 -23.74 21.29 -1.86
N ALA D 371 -22.69 20.56 -1.49
CA ALA D 371 -22.07 20.74 -0.19
C ALA D 371 -21.38 22.10 -0.09
N THR D 372 -20.75 22.54 -1.18
CA THR D 372 -20.02 23.80 -1.19
C THR D 372 -20.81 24.93 -1.83
N HIS D 373 -21.63 24.63 -2.84
CA HIS D 373 -22.39 25.64 -3.57
C HIS D 373 -23.84 25.73 -3.13
N SER D 374 -24.11 25.44 -1.85
CA SER D 374 -25.48 25.40 -1.32
C SER D 374 -26.23 26.70 -1.60
N ASP D 375 -25.62 27.83 -1.28
CA ASP D 375 -26.23 29.13 -1.54
C ASP D 375 -25.60 29.87 -2.71
N LYS D 376 -25.03 29.14 -3.68
CA LYS D 376 -24.49 29.78 -4.88
C LYS D 376 -25.59 30.51 -5.64
N PHE D 377 -26.73 29.86 -5.83
CA PHE D 377 -27.91 30.52 -6.35
C PHE D 377 -29.06 30.22 -5.40
N THR D 378 -29.52 31.24 -4.67
CA THR D 378 -30.59 31.06 -3.71
C THR D 378 -31.98 31.25 -4.31
N ASP D 379 -32.17 32.32 -5.08
CA ASP D 379 -33.45 32.59 -5.72
C ASP D 379 -33.31 32.43 -7.23
N GLY D 380 -34.44 32.23 -7.88
CA GLY D 380 -34.45 31.92 -9.30
C GLY D 380 -34.65 30.44 -9.53
N VAL D 381 -34.12 29.93 -10.64
CA VAL D 381 -34.16 28.49 -10.93
C VAL D 381 -32.78 28.12 -11.47
N CYS D 382 -32.42 26.85 -11.29
CA CYS D 382 -31.12 26.35 -11.72
C CYS D 382 -31.37 25.23 -12.72
N LEU D 383 -31.20 25.53 -14.00
CA LEU D 383 -31.41 24.53 -15.04
C LEU D 383 -30.25 23.55 -15.04
N PHE D 384 -30.55 22.28 -14.77
CA PHE D 384 -29.55 21.24 -14.62
C PHE D 384 -29.67 20.19 -15.72
N TRP D 385 -30.10 20.61 -16.91
CA TRP D 385 -30.43 19.67 -17.99
C TRP D 385 -29.24 18.81 -18.38
N ASN D 386 -29.40 17.50 -18.16
CA ASN D 386 -28.40 16.49 -18.53
C ASN D 386 -27.04 16.77 -17.89
N CYS D 387 -27.06 17.26 -16.66
CA CYS D 387 -25.85 17.45 -15.88
C CYS D 387 -25.98 16.65 -14.58
N ASN D 388 -24.85 16.11 -14.12
CA ASN D 388 -24.85 15.17 -13.01
C ASN D 388 -24.10 15.77 -11.83
N VAL D 389 -24.84 16.14 -10.78
CA VAL D 389 -24.27 16.62 -9.54
C VAL D 389 -24.72 15.69 -8.41
N ASP D 390 -24.15 15.91 -7.22
CA ASP D 390 -24.45 15.04 -6.09
C ASP D 390 -25.86 15.29 -5.55
N ARG D 391 -26.30 16.54 -5.53
CA ARG D 391 -27.61 16.88 -4.99
C ARG D 391 -28.08 18.18 -5.63
N TYR D 392 -29.36 18.22 -5.99
CA TYR D 392 -29.90 19.41 -6.63
C TYR D 392 -30.61 20.29 -5.61
N PRO D 393 -30.46 21.61 -5.70
CA PRO D 393 -31.14 22.50 -4.76
C PRO D 393 -32.64 22.54 -5.03
N ALA D 394 -33.35 23.23 -4.14
CA ALA D 394 -34.81 23.19 -4.13
C ALA D 394 -35.40 23.84 -5.38
N ASN D 395 -34.93 25.03 -5.73
CA ASN D 395 -35.45 25.76 -6.89
C ASN D 395 -34.67 25.36 -8.15
N SER D 396 -35.01 24.18 -8.67
CA SER D 396 -34.30 23.63 -9.81
C SER D 396 -35.27 23.00 -10.80
N ILE D 397 -34.77 22.78 -12.01
CA ILE D 397 -35.44 22.01 -13.05
C ILE D 397 -34.40 21.11 -13.67
N VAL D 398 -34.54 19.80 -13.47
CA VAL D 398 -33.50 18.83 -13.84
C VAL D 398 -34.06 17.83 -14.83
N CYS D 399 -33.26 17.47 -15.82
CA CYS D 399 -33.47 16.28 -16.64
C CYS D 399 -32.28 15.36 -16.41
N ARG D 400 -32.47 14.36 -15.57
CA ARG D 400 -31.43 13.38 -15.28
C ARG D 400 -31.64 12.17 -16.18
N PHE D 401 -30.57 11.45 -16.47
CA PHE D 401 -30.67 10.22 -17.23
C PHE D 401 -30.65 9.04 -16.27
N ASP D 402 -31.71 8.22 -16.32
CA ASP D 402 -31.82 7.05 -15.45
C ASP D 402 -30.95 5.96 -16.04
N THR D 403 -29.77 5.77 -15.46
CA THR D 403 -28.81 4.80 -15.97
C THR D 403 -29.19 3.36 -15.69
N ARG D 404 -30.27 3.12 -14.98
CA ARG D 404 -30.75 1.77 -14.72
C ARG D 404 -31.70 1.27 -15.79
N VAL D 405 -32.02 2.11 -16.77
CA VAL D 405 -32.86 1.71 -17.90
C VAL D 405 -31.90 1.35 -19.03
N LEU D 406 -31.66 0.05 -19.20
CA LEU D 406 -30.71 -0.44 -20.20
C LEU D 406 -31.45 -0.62 -21.52
N SER D 407 -30.93 0.01 -22.57
CA SER D 407 -31.56 0.01 -23.88
C SER D 407 -30.48 -0.23 -24.93
N ASN D 408 -30.90 -0.26 -26.20
CA ASN D 408 -29.94 -0.33 -27.30
C ASN D 408 -29.04 0.89 -27.35
N LEU D 409 -29.46 2.01 -26.75
CA LEU D 409 -28.64 3.20 -26.69
C LEU D 409 -27.85 3.32 -25.41
N ASN D 410 -28.27 2.65 -24.34
CA ASN D 410 -27.61 2.72 -23.04
C ASN D 410 -26.99 1.37 -22.74
N LEU D 411 -25.66 1.28 -22.86
CA LEU D 411 -24.92 0.07 -22.58
C LEU D 411 -24.40 0.08 -21.15
N PRO D 412 -24.15 -1.09 -20.55
CA PRO D 412 -23.62 -1.12 -19.19
C PRO D 412 -22.24 -0.48 -19.10
N GLY D 413 -22.04 0.30 -18.05
CA GLY D 413 -20.81 1.05 -17.89
C GLY D 413 -19.99 0.61 -16.69
N CYS D 414 -19.22 1.54 -16.13
CA CYS D 414 -18.32 1.25 -15.02
C CYS D 414 -18.90 1.77 -13.71
N ASP D 415 -18.80 0.93 -12.67
CA ASP D 415 -19.14 1.31 -11.30
C ASP D 415 -20.59 1.78 -11.17
N GLY D 416 -21.50 1.00 -11.75
CA GLY D 416 -22.91 1.31 -11.69
C GLY D 416 -23.38 2.35 -12.68
N GLY D 417 -22.46 3.12 -13.26
CA GLY D 417 -22.81 4.06 -14.29
C GLY D 417 -23.20 3.34 -15.57
N SER D 418 -23.49 4.13 -16.60
CA SER D 418 -23.86 3.53 -17.87
C SER D 418 -23.31 4.38 -19.00
N LEU D 419 -22.96 3.71 -20.09
CA LEU D 419 -22.45 4.37 -21.29
C LEU D 419 -23.63 4.59 -22.22
N TYR D 420 -24.19 5.79 -22.18
CA TYR D 420 -25.30 6.16 -23.05
C TYR D 420 -24.72 6.53 -24.41
N VAL D 421 -24.89 5.76 -25.47
CA VAL D 421 -24.23 6.14 -26.77
C VAL D 421 -25.26 6.67 -27.76
N ASN D 422 -25.55 7.95 -27.72
CA ASN D 422 -26.44 8.54 -28.74
C ASN D 422 -25.63 9.59 -29.50
N LYS D 423 -25.28 9.32 -30.77
CA LYS D 423 -24.49 10.26 -31.59
C LYS D 423 -23.09 10.35 -31.02
N HIS D 424 -22.94 10.72 -29.75
CA HIS D 424 -21.63 10.75 -29.07
C HIS D 424 -21.80 9.88 -27.85
N ALA D 425 -20.74 9.31 -27.29
CA ALA D 425 -20.90 8.36 -26.17
C ALA D 425 -20.67 9.04 -24.86
N PHE D 426 -21.73 9.30 -24.10
CA PHE D 426 -21.43 9.88 -22.80
C PHE D 426 -21.48 8.80 -21.72
N HIS D 427 -20.56 8.86 -20.77
CA HIS D 427 -20.55 7.94 -19.65
C HIS D 427 -21.16 8.64 -18.43
N THR D 428 -22.36 8.24 -18.06
CA THR D 428 -23.10 8.89 -16.98
C THR D 428 -22.90 8.11 -15.68
N PRO D 429 -22.62 8.78 -14.56
CA PRO D 429 -22.50 8.08 -13.29
C PRO D 429 -23.83 7.48 -12.84
N ALA D 430 -23.75 6.65 -11.81
CA ALA D 430 -24.89 5.85 -11.39
C ALA D 430 -26.03 6.72 -10.86
N PHE D 431 -27.25 6.35 -11.23
CA PHE D 431 -28.43 7.09 -10.81
C PHE D 431 -28.69 6.88 -9.33
N ASP D 432 -28.58 7.95 -8.55
CA ASP D 432 -28.86 7.91 -7.12
C ASP D 432 -30.05 8.82 -6.85
N LYS D 433 -31.13 8.25 -6.30
CA LYS D 433 -32.36 8.99 -6.07
C LYS D 433 -32.27 9.89 -4.84
N SER D 434 -31.15 9.88 -4.12
CA SER D 434 -30.99 10.79 -2.99
C SER D 434 -30.68 12.21 -3.42
N ALA D 435 -30.45 12.46 -4.71
CA ALA D 435 -30.20 13.81 -5.18
C ALA D 435 -31.48 14.62 -5.33
N PHE D 436 -32.62 13.95 -5.48
CA PHE D 436 -33.89 14.62 -5.73
C PHE D 436 -34.74 14.74 -4.47
N VAL D 437 -34.11 14.75 -3.30
CA VAL D 437 -34.85 14.91 -2.05
C VAL D 437 -35.44 16.30 -1.91
N ASN D 438 -34.90 17.28 -2.62
CA ASN D 438 -35.40 18.65 -2.58
C ASN D 438 -36.34 18.97 -3.72
N LEU D 439 -36.59 18.03 -4.63
CA LEU D 439 -37.43 18.26 -5.79
C LEU D 439 -38.56 17.24 -5.83
N LYS D 440 -39.47 17.44 -6.76
CA LYS D 440 -40.54 16.51 -7.04
C LYS D 440 -40.56 16.20 -8.52
N GLN D 441 -41.28 15.15 -8.90
CA GLN D 441 -41.33 14.75 -10.29
C GLN D 441 -42.23 15.68 -11.08
N LEU D 442 -41.73 16.17 -12.20
CA LEU D 442 -42.52 17.03 -13.06
C LEU D 442 -43.63 16.22 -13.72
N PRO D 443 -44.88 16.64 -13.62
CA PRO D 443 -45.97 15.91 -14.25
C PRO D 443 -46.07 16.24 -15.73
N PHE D 444 -46.83 15.42 -16.45
CA PHE D 444 -47.03 15.67 -17.87
C PHE D 444 -47.99 16.83 -18.06
N PHE D 445 -47.60 17.80 -18.89
CA PHE D 445 -48.45 18.93 -19.22
C PHE D 445 -48.03 19.47 -20.57
N TYR D 446 -48.97 20.11 -21.26
CA TYR D 446 -48.72 20.67 -22.58
C TYR D 446 -49.23 22.11 -22.60
N TYR D 447 -48.40 23.03 -23.07
CA TYR D 447 -48.73 24.45 -23.07
C TYR D 447 -48.33 25.05 -24.40
N SER D 448 -49.20 25.91 -24.95
CA SER D 448 -48.97 26.53 -26.24
C SER D 448 -49.67 27.88 -26.31
N ASP D 449 -49.00 28.84 -26.96
CA ASP D 449 -49.50 30.21 -27.05
C ASP D 449 -50.13 30.53 -28.40
N SER D 450 -49.91 29.72 -29.42
CA SER D 450 -50.25 30.08 -30.78
C SER D 450 -51.76 30.18 -30.98
N PRO D 451 -52.22 31.05 -31.88
CA PRO D 451 -53.64 31.05 -32.25
C PRO D 451 -53.97 29.79 -33.05
N CYS D 452 -55.22 29.39 -33.01
CA CYS D 452 -55.56 28.16 -33.65
C CYS D 452 -56.83 28.20 -34.41
N GLU D 453 -56.77 27.31 -35.38
CA GLU D 453 -57.93 26.90 -36.15
C GLU D 453 -57.48 25.78 -37.09
N SER D 454 -58.38 24.81 -37.30
CA SER D 454 -58.29 23.69 -38.25
C SER D 454 -56.89 23.23 -38.68
N TYR D 465 -58.77 10.88 -34.42
CA TYR D 465 -59.87 11.47 -35.19
C TYR D 465 -60.89 12.09 -34.24
N VAL D 466 -61.06 11.49 -33.08
CA VAL D 466 -61.96 12.01 -32.05
C VAL D 466 -61.43 13.34 -31.54
N PRO D 467 -62.30 14.32 -31.23
CA PRO D 467 -61.81 15.54 -30.59
C PRO D 467 -61.16 15.24 -29.25
N LEU D 468 -60.25 16.12 -28.84
CA LEU D 468 -59.38 15.88 -27.70
C LEU D 468 -60.13 16.15 -26.40
N LYS D 469 -60.44 15.09 -25.67
CA LYS D 469 -60.99 15.22 -24.32
C LYS D 469 -59.85 15.02 -23.34
N SER D 470 -59.29 16.11 -22.83
CA SER D 470 -58.19 16.05 -21.90
C SER D 470 -58.13 17.32 -21.07
N ALA D 471 -57.92 17.14 -19.76
CA ALA D 471 -57.74 18.27 -18.85
C ALA D 471 -56.28 18.70 -18.76
N THR D 472 -55.39 18.04 -19.48
CA THR D 472 -53.97 18.35 -19.43
C THR D 472 -53.56 19.38 -20.49
N CYS D 473 -54.39 19.57 -21.51
CA CYS D 473 -54.07 20.48 -22.62
C CYS D 473 -54.30 21.91 -22.16
N ILE D 474 -53.22 22.64 -21.90
CA ILE D 474 -53.31 24.02 -21.43
C ILE D 474 -53.20 24.91 -22.67
N THR D 475 -54.34 25.32 -23.20
CA THR D 475 -54.40 26.23 -24.33
C THR D 475 -55.60 27.12 -24.19
N ARG D 476 -55.58 28.30 -24.83
CA ARG D 476 -56.76 29.16 -24.88
C ARG D 476 -57.87 28.51 -25.70
N CYS D 477 -57.54 27.54 -26.54
CA CYS D 477 -58.51 26.79 -27.30
C CYS D 477 -59.27 25.82 -26.38
N ASN D 478 -58.67 25.40 -25.26
CA ASN D 478 -59.26 24.38 -24.38
C ASN D 478 -60.27 24.96 -23.41
N LEU D 479 -60.34 26.28 -23.26
CA LEU D 479 -61.34 26.88 -22.36
C LEU D 479 -62.75 26.60 -22.85
N GLY D 480 -62.96 26.55 -24.16
CA GLY D 480 -64.26 26.22 -24.70
C GLY D 480 -64.58 24.74 -24.59
N GLY D 481 -65.77 24.39 -25.07
CA GLY D 481 -66.23 23.01 -25.02
C GLY D 481 -65.48 22.05 -25.91
N ALA D 482 -64.71 22.56 -26.87
CA ALA D 482 -63.89 21.72 -27.74
C ALA D 482 -62.59 22.45 -28.02
N VAL D 483 -61.62 21.74 -28.59
CA VAL D 483 -60.31 22.29 -28.95
C VAL D 483 -60.09 22.20 -30.46
N CYS D 484 -59.37 23.18 -31.01
CA CYS D 484 -58.97 23.26 -32.40
C CYS D 484 -58.15 22.04 -32.85
N ARG D 485 -58.14 21.75 -34.16
CA ARG D 485 -57.42 20.59 -34.68
C ARG D 485 -55.92 20.83 -34.76
N HIS D 486 -55.48 22.09 -34.72
CA HIS D 486 -54.06 22.48 -34.63
C HIS D 486 -53.42 22.11 -33.30
N HIS D 487 -53.82 22.72 -32.17
CA HIS D 487 -53.29 22.31 -30.85
C HIS D 487 -53.67 20.88 -30.48
N ALA D 488 -54.75 20.29 -31.02
CA ALA D 488 -54.99 18.86 -30.81
C ALA D 488 -53.82 18.01 -31.33
N ASN D 489 -53.44 18.15 -32.59
CA ASN D 489 -52.34 17.39 -33.16
C ASN D 489 -51.00 17.81 -32.57
N GLU D 490 -50.84 19.09 -32.25
CA GLU D 490 -49.60 19.51 -31.59
C GLU D 490 -49.48 18.89 -30.20
N TYR D 491 -50.61 18.79 -29.49
CA TYR D 491 -50.61 18.12 -28.19
C TYR D 491 -50.26 16.64 -28.33
N ARG D 492 -50.83 15.99 -29.35
CA ARG D 492 -50.54 14.57 -29.54
C ARG D 492 -49.07 14.34 -29.91
N LEU D 493 -48.51 15.23 -30.71
CA LEU D 493 -47.09 15.13 -31.05
C LEU D 493 -46.21 15.36 -29.82
N TYR D 494 -46.58 16.33 -28.98
CA TYR D 494 -45.79 16.55 -27.77
C TYR D 494 -45.95 15.41 -26.77
N LEU D 495 -47.13 14.78 -26.74
CA LEU D 495 -47.32 13.63 -25.88
C LEU D 495 -46.46 12.47 -26.33
N ASP D 496 -46.40 12.23 -27.64
CA ASP D 496 -45.52 11.19 -28.16
C ASP D 496 -44.06 11.51 -27.90
N ALA D 497 -43.67 12.78 -28.03
CA ALA D 497 -42.29 13.17 -27.78
C ALA D 497 -41.92 12.98 -26.31
N TYR D 498 -42.83 13.34 -25.41
CA TYR D 498 -42.57 13.17 -23.98
C TYR D 498 -42.50 11.70 -23.60
N ASN D 499 -43.37 10.88 -24.19
CA ASN D 499 -43.33 9.45 -23.91
C ASN D 499 -42.04 8.83 -24.44
N MET D 500 -41.59 9.26 -25.61
CA MET D 500 -40.34 8.74 -26.15
C MET D 500 -39.15 9.21 -25.35
N MET D 501 -39.23 10.40 -24.76
CA MET D 501 -38.12 10.89 -23.94
C MET D 501 -38.05 10.16 -22.61
N ILE D 502 -39.19 9.93 -21.96
CA ILE D 502 -39.14 9.29 -20.64
C ILE D 502 -38.98 7.79 -20.76
N SER D 503 -39.39 7.20 -21.89
CA SER D 503 -39.19 5.76 -22.07
C SER D 503 -37.76 5.42 -22.40
N ALA D 504 -36.96 6.40 -22.81
CA ALA D 504 -35.55 6.19 -23.08
C ALA D 504 -34.69 6.35 -21.83
N GLY D 505 -35.29 6.65 -20.69
CA GLY D 505 -34.57 6.75 -19.44
C GLY D 505 -34.31 8.15 -18.93
N PHE D 506 -35.09 9.14 -19.36
CA PHE D 506 -34.91 10.51 -18.90
C PHE D 506 -35.96 10.85 -17.86
N SER D 507 -35.50 11.22 -16.67
CA SER D 507 -36.37 11.59 -15.55
C SER D 507 -36.39 13.10 -15.42
N LEU D 508 -37.59 13.67 -15.37
CA LEU D 508 -37.81 15.11 -15.32
C LEU D 508 -38.25 15.50 -13.92
N TRP D 509 -37.42 16.27 -13.23
CA TRP D 509 -37.70 16.72 -11.88
C TRP D 509 -37.81 18.23 -11.86
N VAL D 510 -38.63 18.75 -10.94
CA VAL D 510 -38.93 20.17 -10.85
C VAL D 510 -39.11 20.53 -9.39
N TYR D 511 -39.08 21.83 -9.10
CA TYR D 511 -39.29 22.29 -7.73
C TYR D 511 -40.72 21.99 -7.28
N LYS D 512 -40.89 21.91 -5.96
CA LYS D 512 -42.18 21.52 -5.39
C LYS D 512 -43.23 22.60 -5.50
N GLN D 513 -42.89 23.80 -5.96
CA GLN D 513 -43.85 24.87 -6.10
C GLN D 513 -44.55 24.86 -7.45
N PHE D 514 -44.07 24.03 -8.39
CA PHE D 514 -44.62 24.01 -9.73
C PHE D 514 -46.05 23.48 -9.72
N ASP D 515 -46.92 24.15 -10.49
CA ASP D 515 -48.28 23.67 -10.67
C ASP D 515 -48.83 24.23 -11.98
N THR D 516 -49.87 23.57 -12.48
CA THR D 516 -50.46 23.93 -13.77
C THR D 516 -51.44 25.09 -13.68
N TYR D 517 -51.76 25.58 -12.48
CA TYR D 517 -52.68 26.70 -12.35
C TYR D 517 -52.07 27.99 -12.89
N ASN D 518 -50.81 28.25 -12.56
CA ASN D 518 -50.16 29.45 -13.04
C ASN D 518 -49.89 29.41 -14.54
N LEU D 519 -50.05 28.25 -15.17
CA LEU D 519 -50.13 28.18 -16.63
C LEU D 519 -51.52 28.57 -17.12
N TRP D 520 -52.54 28.27 -16.31
CA TRP D 520 -53.88 28.77 -16.61
C TRP D 520 -54.04 30.23 -16.23
N ASN D 521 -53.01 30.88 -15.68
CA ASN D 521 -53.05 32.33 -15.54
C ASN D 521 -53.28 33.02 -16.89
N THR D 522 -52.58 32.56 -17.92
CA THR D 522 -52.55 33.29 -19.20
C THR D 522 -53.87 33.22 -19.94
N PHE D 523 -54.75 32.29 -19.60
CA PHE D 523 -56.03 32.18 -20.29
C PHE D 523 -57.18 32.33 -19.31
N ALA H 1 -0.26 -28.76 15.71
CA ALA H 1 0.79 -27.91 16.24
C ALA H 1 0.42 -27.37 17.61
N GLY H 2 1.35 -27.44 18.54
CA GLY H 2 1.09 -27.04 19.91
C GLY H 2 0.55 -28.18 20.76
N ASN H 3 0.69 -28.03 22.07
CA ASN H 3 0.26 -29.04 23.03
C ASN H 3 -1.01 -28.55 23.71
N ALA H 4 -1.99 -29.44 23.84
CA ALA H 4 -3.26 -29.08 24.44
C ALA H 4 -3.11 -28.87 25.94
N THR H 5 -3.89 -27.94 26.47
CA THR H 5 -3.83 -27.57 27.87
C THR H 5 -5.08 -27.96 28.65
N GLU H 6 -6.25 -27.97 28.02
CA GLU H 6 -7.50 -28.13 28.72
C GLU H 6 -8.16 -29.46 28.35
N VAL H 7 -9.07 -29.90 29.23
CA VAL H 7 -9.89 -31.09 29.01
C VAL H 7 -11.23 -30.63 28.45
N PRO H 8 -12.02 -31.50 27.81
CA PRO H 8 -13.31 -31.04 27.27
C PRO H 8 -14.32 -30.64 28.33
N ALA H 9 -14.26 -31.24 29.53
CA ALA H 9 -15.27 -31.00 30.55
C ALA H 9 -15.27 -29.57 31.05
N ASN H 10 -14.19 -28.81 30.82
CA ASN H 10 -14.15 -27.41 31.20
C ASN H 10 -14.62 -26.48 30.09
N SER H 11 -14.65 -26.97 28.84
CA SER H 11 -14.82 -26.11 27.67
C SER H 11 -16.08 -25.25 27.72
N THR H 12 -17.09 -25.65 28.48
CA THR H 12 -18.23 -24.77 28.64
C THR H 12 -17.94 -23.62 29.60
N VAL H 13 -17.55 -23.95 30.84
CA VAL H 13 -17.43 -22.92 31.86
C VAL H 13 -16.27 -21.98 31.54
N LEU H 14 -15.17 -22.55 31.05
CA LEU H 14 -14.03 -21.72 30.66
C LEU H 14 -14.38 -20.82 29.50
N SER H 15 -15.35 -21.21 28.67
CA SER H 15 -15.82 -20.27 27.66
C SER H 15 -16.65 -19.18 28.30
N PHE H 16 -17.57 -19.58 29.19
CA PHE H 16 -18.51 -18.65 29.80
C PHE H 16 -17.78 -17.56 30.56
N CYS H 17 -16.96 -17.93 31.52
CA CYS H 17 -16.17 -16.97 32.29
C CYS H 17 -15.16 -16.22 31.44
N ALA H 18 -14.86 -16.66 30.21
CA ALA H 18 -13.96 -15.91 29.37
C ALA H 18 -14.65 -14.76 28.65
N PHE H 19 -15.97 -14.68 28.71
CA PHE H 19 -16.69 -13.60 28.04
C PHE H 19 -17.36 -12.63 28.99
N ALA H 20 -17.52 -12.99 30.26
CA ALA H 20 -18.30 -12.17 31.17
C ALA H 20 -17.53 -10.90 31.57
N VAL H 21 -18.29 -9.87 31.94
CA VAL H 21 -17.68 -8.64 32.44
C VAL H 21 -17.11 -8.87 33.83
N ASP H 22 -17.80 -9.66 34.65
CA ASP H 22 -17.35 -10.02 35.99
C ASP H 22 -17.27 -11.53 36.02
N ALA H 23 -16.04 -12.06 35.91
CA ALA H 23 -15.86 -13.50 35.81
C ALA H 23 -16.02 -14.20 37.16
N ALA H 24 -15.75 -13.51 38.27
CA ALA H 24 -15.95 -14.12 39.58
C ALA H 24 -17.43 -14.37 39.83
N LYS H 25 -18.27 -13.36 39.62
CA LYS H 25 -19.71 -13.53 39.75
C LYS H 25 -20.24 -14.51 38.72
N ALA H 26 -19.64 -14.53 37.53
CA ALA H 26 -20.07 -15.49 36.50
C ALA H 26 -19.79 -16.92 36.93
N TYR H 27 -18.63 -17.17 37.54
CA TYR H 27 -18.33 -18.51 38.00
C TYR H 27 -19.21 -18.89 39.19
N LYS H 28 -19.47 -17.94 40.09
CA LYS H 28 -20.37 -18.21 41.21
C LYS H 28 -21.77 -18.55 40.72
N ASP H 29 -22.24 -17.86 39.68
CA ASP H 29 -23.57 -18.13 39.15
C ASP H 29 -23.61 -19.40 38.30
N TYR H 30 -22.49 -19.76 37.69
CA TYR H 30 -22.43 -21.05 37.00
C TYR H 30 -22.46 -22.20 38.00
N LEU H 31 -21.84 -22.01 39.17
CA LEU H 31 -21.89 -23.04 40.20
C LEU H 31 -23.26 -23.10 40.86
N ALA H 32 -23.88 -21.95 41.10
CA ALA H 32 -25.18 -21.91 41.74
C ALA H 32 -26.28 -22.48 40.86
N SER H 33 -26.06 -22.57 39.55
CA SER H 33 -27.04 -23.11 38.62
C SER H 33 -26.81 -24.59 38.32
N GLY H 34 -26.13 -25.30 39.21
CA GLY H 34 -25.92 -26.73 39.02
C GLY H 34 -24.81 -27.09 38.06
N GLY H 35 -23.84 -26.20 37.85
CA GLY H 35 -22.73 -26.50 36.98
C GLY H 35 -21.59 -27.20 37.70
N GLN H 36 -20.84 -27.99 36.94
CA GLN H 36 -19.71 -28.70 37.52
C GLN H 36 -18.53 -27.75 37.72
N PRO H 37 -17.75 -27.94 38.79
CA PRO H 37 -16.61 -27.07 39.04
C PRO H 37 -15.50 -27.31 38.02
N ILE H 38 -14.50 -26.44 38.08
CA ILE H 38 -13.38 -26.51 37.15
C ILE H 38 -12.44 -27.63 37.59
N THR H 39 -12.28 -28.63 36.72
CA THR H 39 -11.46 -29.80 36.97
C THR H 39 -10.09 -29.62 36.32
N ASN H 40 -9.25 -30.64 36.50
CA ASN H 40 -7.90 -30.72 35.90
C ASN H 40 -6.95 -29.71 36.53
N CYS H 41 -7.10 -29.49 37.83
CA CYS H 41 -6.12 -28.71 38.57
C CYS H 41 -4.88 -29.56 38.83
N VAL H 42 -3.81 -28.90 39.25
CA VAL H 42 -2.56 -29.58 39.58
C VAL H 42 -2.53 -29.83 41.09
N LYS H 43 -2.28 -31.07 41.48
CA LYS H 43 -2.28 -31.45 42.89
C LYS H 43 -0.92 -32.02 43.25
N MET H 44 -0.32 -31.49 44.30
CA MET H 44 1.01 -31.90 44.70
C MET H 44 0.97 -33.16 45.56
N LEU H 45 2.03 -33.96 45.45
CA LEU H 45 2.21 -35.12 46.31
C LEU H 45 2.98 -34.70 47.57
N CYS H 46 2.28 -33.94 48.41
CA CYS H 46 2.87 -33.48 49.65
C CYS H 46 2.73 -34.56 50.74
N THR H 47 3.47 -34.37 51.83
CA THR H 47 3.43 -35.29 52.95
C THR H 47 2.47 -34.86 54.05
N HIS H 48 1.84 -33.69 53.90
CA HIS H 48 0.81 -33.18 54.81
C HIS H 48 1.35 -33.00 56.23
N THR H 49 2.64 -32.69 56.36
CA THR H 49 3.26 -32.45 57.66
C THR H 49 3.87 -31.06 57.75
N GLY H 50 3.37 -30.11 56.95
CA GLY H 50 3.90 -28.77 56.92
C GLY H 50 2.98 -27.77 57.58
N THR H 51 3.43 -26.51 57.60
CA THR H 51 2.62 -25.42 58.10
C THR H 51 1.41 -25.21 57.19
N GLY H 52 0.26 -24.95 57.81
CA GLY H 52 -0.97 -24.89 57.05
C GLY H 52 -1.28 -23.54 56.43
N GLN H 53 -0.24 -22.77 56.12
CA GLN H 53 -0.43 -21.43 55.61
C GLN H 53 -1.07 -21.45 54.23
N ALA H 54 -1.67 -20.31 53.86
CA ALA H 54 -2.50 -20.26 52.66
C ALA H 54 -1.65 -20.32 51.39
N ILE H 55 -0.72 -19.39 51.23
CA ILE H 55 0.03 -19.22 50.00
C ILE H 55 1.51 -19.31 50.35
N THR H 56 2.15 -20.41 49.96
CA THR H 56 3.54 -20.66 50.29
C THR H 56 4.34 -20.88 49.00
N VAL H 57 5.67 -20.78 49.12
CA VAL H 57 6.53 -20.98 47.96
C VAL H 57 6.86 -22.45 47.73
N THR H 58 6.72 -23.29 48.75
CA THR H 58 6.85 -24.74 48.69
C THR H 58 5.57 -25.36 49.23
N PRO H 59 5.19 -26.56 48.77
CA PRO H 59 3.94 -27.14 49.26
C PRO H 59 4.06 -27.50 50.73
N GLU H 60 3.25 -26.83 51.55
CA GLU H 60 3.24 -27.03 53.00
C GLU H 60 1.77 -27.18 53.37
N ALA H 61 1.35 -28.41 53.65
CA ALA H 61 -0.05 -28.69 53.91
C ALA H 61 -0.21 -29.35 55.26
N ASN H 62 -1.37 -29.11 55.88
CA ASN H 62 -1.76 -29.84 57.06
C ASN H 62 -2.34 -31.18 56.64
N MET H 63 -2.71 -32.01 57.60
CA MET H 63 -3.50 -33.18 57.26
C MET H 63 -4.94 -32.83 56.92
N ASP H 64 -5.35 -31.59 57.15
CA ASP H 64 -6.67 -31.11 56.81
C ASP H 64 -6.70 -30.37 55.47
N GLN H 65 -5.55 -30.20 54.82
CA GLN H 65 -5.45 -29.41 53.61
C GLN H 65 -4.81 -30.24 52.50
N GLU H 66 -4.83 -29.66 51.30
CA GLU H 66 -4.17 -30.20 50.12
C GLU H 66 -3.54 -29.04 49.37
N SER H 67 -2.35 -29.25 48.85
CA SER H 67 -1.58 -28.20 48.19
C SER H 67 -1.70 -28.34 46.68
N PHE H 68 -2.07 -27.25 46.02
CA PHE H 68 -2.18 -27.16 44.57
C PHE H 68 -1.22 -26.09 44.07
N GLY H 69 -0.96 -26.12 42.76
CA GLY H 69 -0.21 -25.04 42.15
C GLY H 69 -1.06 -23.79 42.06
N GLY H 70 -0.41 -22.64 42.23
CA GLY H 70 -1.16 -21.40 42.45
C GLY H 70 -1.92 -20.93 41.23
N ALA H 71 -1.32 -20.96 40.05
CA ALA H 71 -2.01 -20.51 38.83
C ALA H 71 -3.15 -21.43 38.46
N SER H 72 -3.17 -22.63 39.01
CA SER H 72 -4.26 -23.54 38.71
C SER H 72 -5.50 -23.25 39.55
N CYS H 73 -5.33 -22.59 40.68
CA CYS H 73 -6.45 -22.21 41.55
C CYS H 73 -6.86 -20.76 41.35
N CYS H 74 -6.40 -20.11 40.29
CA CYS H 74 -6.75 -18.74 40.01
C CYS H 74 -7.65 -18.74 38.79
N LEU H 75 -8.86 -18.20 38.88
CA LEU H 75 -9.82 -18.20 37.78
C LEU H 75 -9.31 -17.38 36.61
N TYR H 76 -8.63 -16.28 36.87
CA TYR H 76 -8.16 -15.37 35.83
C TYR H 76 -6.98 -15.97 35.07
N CYS H 77 -6.10 -16.70 35.75
CA CYS H 77 -5.03 -17.51 35.14
C CYS H 77 -5.57 -18.71 34.39
N ARG H 78 -6.77 -19.18 34.75
CA ARG H 78 -7.39 -20.34 34.16
C ARG H 78 -8.15 -20.00 32.89
N CYS H 79 -8.87 -18.88 32.90
CA CYS H 79 -9.59 -18.38 31.74
C CYS H 79 -8.75 -17.46 30.87
N HIS H 80 -7.52 -17.17 31.29
CA HIS H 80 -6.58 -16.32 30.57
C HIS H 80 -7.17 -14.94 30.32
N ILE H 81 -7.59 -14.30 31.40
CA ILE H 81 -8.24 -13.00 31.38
C ILE H 81 -7.53 -12.09 32.37
N ASP H 82 -7.99 -10.84 32.45
CA ASP H 82 -7.35 -9.83 33.26
C ASP H 82 -7.61 -10.06 34.74
N HIS H 83 -6.58 -9.89 35.56
CA HIS H 83 -6.70 -9.96 37.01
C HIS H 83 -7.19 -8.60 37.54
N PRO H 84 -8.05 -8.57 38.56
CA PRO H 84 -8.48 -7.30 39.18
C PRO H 84 -7.47 -6.71 40.15
N ASN H 85 -6.31 -7.36 40.35
CA ASN H 85 -5.30 -6.88 41.26
C ASN H 85 -4.65 -5.60 40.72
N PRO H 86 -4.00 -4.82 41.58
CA PRO H 86 -3.21 -3.68 41.08
C PRO H 86 -2.03 -4.18 40.27
N LYS H 87 -1.74 -3.48 39.17
CA LYS H 87 -0.78 -3.78 38.11
C LYS H 87 -1.18 -5.03 37.32
N GLY H 88 -2.40 -5.54 37.52
CA GLY H 88 -2.85 -6.72 36.81
C GLY H 88 -2.01 -7.96 37.01
N PHE H 89 -1.42 -8.14 38.18
CA PHE H 89 -0.53 -9.26 38.45
C PHE H 89 -1.20 -10.27 39.37
N CYS H 90 -0.93 -11.55 39.17
CA CYS H 90 -1.48 -12.60 40.01
C CYS H 90 -0.75 -12.70 41.35
N ASP H 91 -1.48 -12.87 42.46
CA ASP H 91 -0.89 -13.18 43.76
C ASP H 91 -0.61 -14.68 43.97
N LEU H 92 -1.35 -15.57 43.30
CA LEU H 92 -1.19 -17.02 43.44
C LEU H 92 -0.14 -17.60 42.48
N LYS H 93 0.04 -17.04 41.29
CA LYS H 93 0.88 -17.63 40.22
C LYS H 93 2.34 -17.67 40.68
N GLY H 94 2.96 -18.86 40.62
CA GLY H 94 4.30 -19.02 41.12
C GLY H 94 4.39 -19.56 42.53
N LYS H 95 3.25 -19.74 43.20
CA LYS H 95 3.20 -20.20 44.58
C LYS H 95 2.33 -21.44 44.68
N TYR H 96 2.31 -22.03 45.87
CA TYR H 96 1.47 -23.17 46.17
C TYR H 96 0.35 -22.75 47.09
N VAL H 97 -0.89 -23.04 46.71
CA VAL H 97 -2.07 -22.66 47.47
C VAL H 97 -2.61 -23.87 48.20
N GLN H 98 -2.93 -23.71 49.47
CA GLN H 98 -3.43 -24.81 50.31
C GLN H 98 -4.93 -24.66 50.49
N ILE H 99 -5.67 -25.59 49.91
CA ILE H 99 -7.13 -25.62 50.02
C ILE H 99 -7.51 -26.69 51.03
N PRO H 100 -8.41 -26.40 51.98
CA PRO H 100 -8.85 -27.44 52.91
C PRO H 100 -9.47 -28.62 52.17
N THR H 101 -9.32 -29.81 52.76
CA THR H 101 -9.75 -31.04 52.09
C THR H 101 -11.25 -31.12 51.94
N THR H 102 -12.01 -30.33 52.70
CA THR H 102 -13.46 -30.27 52.52
C THR H 102 -13.86 -29.40 51.34
N CYS H 103 -12.97 -28.51 50.90
CA CYS H 103 -13.21 -27.65 49.74
C CYS H 103 -12.26 -27.95 48.60
N ALA H 104 -11.67 -29.14 48.56
CA ALA H 104 -10.70 -29.49 47.55
C ALA H 104 -11.33 -30.04 46.28
N ASN H 105 -12.65 -30.13 46.22
CA ASN H 105 -13.32 -30.49 44.98
C ASN H 105 -13.49 -29.31 44.04
N ASP H 106 -13.32 -28.09 44.55
CA ASP H 106 -13.41 -26.88 43.73
C ASP H 106 -12.46 -25.84 44.31
N PRO H 107 -11.16 -25.96 44.01
CA PRO H 107 -10.21 -24.99 44.59
C PRO H 107 -10.29 -23.62 43.97
N VAL H 108 -10.68 -23.51 42.69
CA VAL H 108 -10.84 -22.21 42.05
C VAL H 108 -11.92 -21.40 42.75
N GLY H 109 -13.07 -22.03 42.98
CA GLY H 109 -14.14 -21.37 43.72
C GLY H 109 -13.75 -21.01 45.15
N PHE H 110 -12.93 -21.86 45.78
CA PHE H 110 -12.47 -21.55 47.13
C PHE H 110 -11.59 -20.30 47.14
N THR H 111 -10.60 -20.24 46.25
CA THR H 111 -9.75 -19.07 46.18
C THR H 111 -10.50 -17.84 45.72
N LEU H 112 -11.63 -18.02 45.04
CA LEU H 112 -12.50 -16.87 44.73
C LEU H 112 -13.23 -16.38 45.97
N LYS H 113 -13.86 -17.29 46.71
CA LYS H 113 -14.75 -16.89 47.80
C LYS H 113 -14.00 -16.49 49.06
N ASN H 114 -12.83 -17.06 49.31
CA ASN H 114 -12.14 -16.89 50.58
C ASN H 114 -11.01 -15.88 50.45
N THR H 115 -10.48 -15.48 51.61
CA THR H 115 -9.42 -14.49 51.68
C THR H 115 -8.36 -14.95 52.67
N VAL H 116 -7.23 -14.26 52.66
CA VAL H 116 -6.05 -14.64 53.43
C VAL H 116 -5.83 -13.63 54.54
N CYS H 117 -5.61 -14.08 55.77
CA CYS H 117 -5.23 -13.22 56.89
C CYS H 117 -3.80 -12.72 56.68
N THR H 118 -3.60 -11.41 56.82
CA THR H 118 -2.31 -10.81 56.50
C THR H 118 -1.27 -11.11 57.56
N VAL H 119 -1.63 -11.04 58.84
CA VAL H 119 -0.62 -11.10 59.93
C VAL H 119 -0.09 -12.50 60.20
N CYS H 120 -0.79 -13.54 59.75
CA CYS H 120 -0.43 -14.95 60.00
C CYS H 120 -0.52 -15.86 58.75
N GLY H 121 -0.98 -15.37 57.60
CA GLY H 121 -0.86 -16.13 56.36
C GLY H 121 -1.79 -17.31 56.25
N MET H 122 -2.91 -17.31 56.97
CA MET H 122 -3.89 -18.41 57.04
C MET H 122 -5.21 -17.95 56.44
N TRP H 123 -6.00 -18.87 55.87
CA TRP H 123 -7.32 -18.58 55.36
C TRP H 123 -8.22 -18.11 56.49
N LYS H 124 -8.86 -16.96 56.31
CA LYS H 124 -9.76 -16.44 57.33
C LYS H 124 -10.98 -17.35 57.48
N GLY H 125 -11.27 -17.72 58.73
CA GLY H 125 -12.32 -18.67 59.03
C GLY H 125 -11.95 -20.12 58.81
N TYR H 126 -10.79 -20.40 58.23
CA TYR H 126 -10.34 -21.76 57.97
C TYR H 126 -9.03 -22.06 58.68
N GLY H 127 -8.79 -21.44 59.83
CA GLY H 127 -7.58 -21.67 60.59
C GLY H 127 -6.81 -20.43 60.97
N CYS H 128 -7.31 -19.24 60.64
CA CYS H 128 -6.85 -18.01 61.24
C CYS H 128 -7.37 -17.87 62.68
N SER H 129 -6.50 -18.07 63.66
CA SER H 129 -6.79 -17.92 65.11
C SER H 129 -6.58 -16.48 65.63
N CYS H 130 -6.60 -15.48 64.75
CA CYS H 130 -6.38 -14.06 65.09
C CYS H 130 -7.63 -13.32 65.57
N ASP H 131 -8.76 -13.99 65.83
CA ASP H 131 -10.00 -13.33 66.23
C ASP H 131 -9.82 -12.50 67.50
N GLU I 2 -6.92 -40.37 27.30
CA GLU I 2 -7.09 -39.00 27.79
C GLU I 2 -7.56 -38.07 26.68
N ASN I 3 -8.76 -37.53 26.83
CA ASN I 3 -9.34 -36.64 25.84
C ASN I 3 -9.01 -35.19 26.19
N VAL I 4 -8.71 -34.40 25.16
CA VAL I 4 -8.33 -33.00 25.31
C VAL I 4 -9.18 -32.17 24.36
N THR I 5 -8.99 -30.86 24.43
CA THR I 5 -9.70 -29.92 23.57
C THR I 5 -8.74 -28.87 23.06
N GLY I 6 -9.12 -28.25 21.93
CA GLY I 6 -8.30 -27.23 21.32
C GLY I 6 -8.38 -25.87 21.96
N LEU I 7 -9.28 -25.69 22.94
CA LEU I 7 -9.40 -24.43 23.62
C LEU I 7 -8.22 -24.21 24.56
N PHE I 8 -7.71 -22.99 24.56
CA PHE I 8 -6.58 -22.58 25.41
C PHE I 8 -5.34 -23.42 25.16
N LYS I 9 -5.19 -23.90 23.93
CA LYS I 9 -4.06 -24.74 23.58
C LYS I 9 -2.76 -23.94 23.61
N ASP I 10 -1.73 -24.54 24.22
CA ASP I 10 -0.43 -23.89 24.33
C ASP I 10 0.25 -23.95 22.96
N CYS I 11 0.33 -22.81 22.29
CA CYS I 11 0.79 -22.76 20.92
C CYS I 11 2.28 -22.48 20.78
N SER I 12 2.99 -22.27 21.89
CA SER I 12 4.39 -21.90 21.83
C SER I 12 5.24 -23.04 21.27
N LYS I 13 6.48 -22.70 20.93
CA LYS I 13 7.42 -23.64 20.33
C LYS I 13 8.36 -24.27 21.33
N VAL I 14 8.23 -23.93 22.61
CA VAL I 14 9.07 -24.53 23.65
C VAL I 14 8.70 -26.00 23.79
N ILE I 15 9.72 -26.86 23.80
CA ILE I 15 9.47 -28.30 23.84
C ILE I 15 9.03 -28.76 25.22
N THR I 16 9.53 -28.13 26.27
CA THR I 16 9.21 -28.55 27.63
C THR I 16 7.85 -28.02 28.06
N GLY I 17 7.44 -28.43 29.26
CA GLY I 17 6.24 -27.93 29.88
C GLY I 17 6.54 -26.81 30.85
N LEU I 18 5.68 -26.67 31.85
CA LEU I 18 5.78 -25.62 32.84
C LEU I 18 6.04 -26.21 34.22
N HIS I 19 6.35 -25.32 35.16
CA HIS I 19 6.51 -25.68 36.56
C HIS I 19 5.18 -26.14 37.13
N PRO I 20 5.17 -26.84 38.26
CA PRO I 20 3.88 -27.13 38.92
C PRO I 20 3.11 -25.87 39.29
N THR I 21 3.76 -24.91 39.94
CA THR I 21 3.20 -23.56 39.97
C THR I 21 3.29 -22.97 38.58
N GLN I 22 2.50 -21.92 38.34
CA GLN I 22 2.45 -21.15 37.10
C GLN I 22 2.10 -22.01 35.87
N ALA I 23 1.60 -23.23 36.07
CA ALA I 23 0.94 -23.98 35.01
C ALA I 23 -0.55 -23.99 35.27
N PRO I 24 -1.37 -23.61 34.29
CA PRO I 24 -2.81 -23.48 34.58
C PRO I 24 -3.49 -24.82 34.83
N THR I 25 -3.15 -25.86 34.08
CA THR I 25 -3.82 -27.15 34.21
C THR I 25 -2.79 -28.25 34.43
N HIS I 26 -3.28 -29.46 34.64
CA HIS I 26 -2.42 -30.60 34.87
C HIS I 26 -1.72 -31.07 33.60
N LEU I 27 -2.28 -30.79 32.43
CA LEU I 27 -1.65 -31.16 31.18
C LEU I 27 -0.53 -30.23 30.77
N SER I 28 -0.34 -29.12 31.49
CA SER I 28 0.69 -28.16 31.16
C SER I 28 1.97 -28.35 31.96
N VAL I 29 1.93 -29.12 33.03
CA VAL I 29 3.13 -29.36 33.84
C VAL I 29 4.13 -30.18 33.05
N ASP I 30 5.40 -29.83 33.18
CA ASP I 30 6.46 -30.59 32.54
C ASP I 30 6.52 -32.00 33.14
N THR I 31 6.94 -32.96 32.32
CA THR I 31 6.93 -34.35 32.72
C THR I 31 8.00 -34.71 33.74
N LYS I 32 8.90 -33.79 34.08
CA LYS I 32 9.81 -34.02 35.19
C LYS I 32 9.05 -34.12 36.51
N PHE I 33 7.93 -33.41 36.63
CA PHE I 33 7.23 -33.26 37.90
C PHE I 33 6.09 -34.24 38.07
N LYS I 34 5.54 -34.77 36.98
CA LYS I 34 4.37 -35.64 37.09
C LYS I 34 4.74 -36.98 37.69
N THR I 35 4.05 -37.35 38.76
CA THR I 35 4.30 -38.62 39.45
C THR I 35 2.98 -39.16 39.95
N GLU I 36 2.57 -40.32 39.42
CA GLU I 36 1.37 -41.03 39.88
C GLU I 36 0.13 -40.15 39.74
N GLY I 37 -0.05 -39.57 38.56
CA GLY I 37 -1.15 -38.66 38.34
C GLY I 37 -1.08 -37.35 39.09
N LEU I 38 -0.09 -37.15 39.94
CA LEU I 38 0.09 -35.94 40.72
C LEU I 38 1.44 -35.33 40.39
N CYS I 39 1.66 -34.12 40.88
CA CYS I 39 2.90 -33.41 40.64
C CYS I 39 3.76 -33.43 41.90
N VAL I 40 5.06 -33.23 41.71
CA VAL I 40 6.02 -33.21 42.80
C VAL I 40 6.85 -31.94 42.67
N ASP I 41 7.00 -31.23 43.79
CA ASP I 41 7.84 -30.02 43.82
C ASP I 41 9.29 -30.46 43.98
N ILE I 42 10.04 -30.43 42.89
CA ILE I 42 11.47 -30.69 42.93
C ILE I 42 12.17 -29.39 43.28
N PRO I 43 12.91 -29.32 44.38
CA PRO I 43 13.41 -28.03 44.86
C PRO I 43 14.55 -27.47 44.03
N GLY I 44 15.30 -28.34 43.36
CA GLY I 44 16.43 -27.88 42.58
C GLY I 44 16.05 -27.17 41.30
N ILE I 45 14.91 -27.52 40.73
CA ILE I 45 14.50 -26.95 39.45
C ILE I 45 13.96 -25.53 39.68
N PRO I 46 14.47 -24.53 38.97
CA PRO I 46 13.90 -23.19 39.07
C PRO I 46 12.66 -23.05 38.19
N LYS I 47 11.95 -21.96 38.39
CA LYS I 47 10.77 -21.64 37.60
C LYS I 47 11.12 -20.58 36.56
N ASP I 48 10.67 -20.79 35.33
CA ASP I 48 10.93 -19.84 34.27
C ASP I 48 10.24 -18.51 34.55
N MET I 49 10.97 -17.42 34.35
CA MET I 49 10.45 -16.09 34.64
C MET I 49 10.47 -15.16 33.45
N THR I 50 10.87 -15.62 32.27
CA THR I 50 10.87 -14.77 31.08
C THR I 50 10.10 -15.39 29.93
N TYR I 51 9.27 -16.40 30.19
CA TYR I 51 8.61 -17.11 29.11
C TYR I 51 7.42 -16.33 28.60
N ARG I 52 7.10 -16.56 27.33
CA ARG I 52 5.93 -15.97 26.68
C ARG I 52 5.30 -17.07 25.82
N ARG I 53 4.11 -17.52 26.21
CA ARG I 53 3.47 -18.66 25.55
C ARG I 53 2.13 -18.23 24.99
N LEU I 54 2.01 -18.24 23.66
CA LEU I 54 0.75 -17.86 23.03
C LEU I 54 -0.34 -18.89 23.35
N ILE I 55 -1.56 -18.42 23.52
CA ILE I 55 -2.69 -19.24 23.93
C ILE I 55 -3.74 -19.19 22.83
N SER I 56 -4.19 -20.37 22.40
CA SER I 56 -5.15 -20.47 21.31
C SER I 56 -6.55 -20.17 21.83
N MET I 57 -7.19 -19.15 21.26
CA MET I 57 -8.55 -18.79 21.63
C MET I 57 -9.58 -19.43 20.71
N MET I 58 -9.23 -20.53 20.06
CA MET I 58 -10.14 -21.22 19.16
C MET I 58 -10.72 -22.43 19.86
N GLY I 59 -12.03 -22.63 19.71
CA GLY I 59 -12.67 -23.77 20.35
C GLY I 59 -13.63 -23.41 21.46
N PHE I 60 -14.12 -22.17 21.47
CA PHE I 60 -15.12 -21.78 22.47
C PHE I 60 -16.42 -22.54 22.26
N LYS I 61 -17.05 -22.93 23.36
CA LYS I 61 -18.36 -23.58 23.34
C LYS I 61 -19.32 -22.76 24.20
N MET I 62 -20.14 -21.94 23.57
CA MET I 62 -21.12 -21.12 24.29
C MET I 62 -22.45 -21.86 24.38
N ASN I 63 -22.45 -22.94 25.16
CA ASN I 63 -23.64 -23.75 25.40
C ASN I 63 -24.01 -23.79 26.87
N TYR I 64 -23.63 -22.75 27.61
CA TYR I 64 -23.91 -22.68 29.03
C TYR I 64 -25.40 -22.49 29.28
N GLN I 65 -25.86 -22.98 30.44
CA GLN I 65 -27.19 -22.66 30.95
C GLN I 65 -27.03 -22.07 32.33
N VAL I 66 -27.12 -20.74 32.42
CA VAL I 66 -27.06 -20.01 33.68
C VAL I 66 -28.34 -19.18 33.78
N ASN I 67 -28.81 -18.98 35.00
CA ASN I 67 -30.17 -18.46 35.22
C ASN I 67 -30.34 -17.06 34.66
N GLY I 68 -29.54 -16.10 35.13
CA GLY I 68 -29.74 -14.72 34.74
C GLY I 68 -29.06 -14.30 33.46
N TYR I 69 -28.44 -15.23 32.75
CA TYR I 69 -27.60 -14.90 31.63
C TYR I 69 -28.25 -15.33 30.34
N PRO I 70 -28.46 -14.44 29.37
CA PRO I 70 -29.09 -14.83 28.11
C PRO I 70 -28.16 -15.65 27.25
N ASN I 71 -28.75 -16.50 26.42
CA ASN I 71 -27.97 -17.32 25.50
C ASN I 71 -27.57 -16.53 24.28
N MET I 72 -26.32 -16.72 23.84
CA MET I 72 -25.85 -16.04 22.65
C MET I 72 -26.45 -16.64 21.39
N PHE I 73 -26.37 -17.97 21.25
CA PHE I 73 -26.88 -18.63 20.07
C PHE I 73 -28.38 -18.87 20.22
N ILE I 74 -29.16 -18.31 19.29
CA ILE I 74 -30.61 -18.39 19.34
C ILE I 74 -31.11 -19.29 18.23
N THR I 75 -32.33 -19.77 18.39
CA THR I 75 -32.96 -20.59 17.37
C THR I 75 -33.39 -19.73 16.19
N ARG I 76 -33.71 -20.37 15.07
CA ARG I 76 -34.03 -19.62 13.88
C ARG I 76 -35.38 -18.93 13.95
N GLU I 77 -36.27 -19.36 14.86
CA GLU I 77 -37.53 -18.67 15.03
C GLU I 77 -37.32 -17.30 15.66
N GLU I 78 -36.49 -17.23 16.71
CA GLU I 78 -36.18 -15.94 17.31
C GLU I 78 -35.37 -15.05 16.36
N ALA I 79 -34.50 -15.66 15.56
CA ALA I 79 -33.76 -14.88 14.57
C ALA I 79 -34.69 -14.31 13.50
N ILE I 80 -35.70 -15.08 13.09
CA ILE I 80 -36.70 -14.57 12.16
C ILE I 80 -37.48 -13.43 12.81
N ARG I 81 -37.86 -13.60 14.08
CA ARG I 81 -38.56 -12.55 14.80
C ARG I 81 -37.69 -11.31 15.00
N HIS I 82 -36.37 -11.43 14.86
CA HIS I 82 -35.48 -10.33 15.13
C HIS I 82 -34.68 -9.88 13.91
N VAL I 83 -35.35 -9.84 12.76
CA VAL I 83 -34.72 -9.55 11.44
C VAL I 83 -34.16 -8.15 11.30
N ARG I 84 -34.69 -7.18 12.01
CA ARG I 84 -34.18 -5.81 11.76
C ARG I 84 -32.80 -5.66 12.40
N ALA I 85 -32.36 -6.64 13.20
CA ALA I 85 -31.07 -6.59 13.91
C ALA I 85 -29.99 -7.42 13.23
N TRP I 86 -30.31 -8.18 12.20
CA TRP I 86 -29.33 -9.05 11.57
C TRP I 86 -28.19 -8.23 11.00
N ILE I 87 -26.99 -8.47 11.51
CA ILE I 87 -25.76 -7.92 10.95
C ILE I 87 -24.87 -9.11 10.63
N GLY I 88 -24.63 -9.34 9.34
CA GLY I 88 -23.73 -10.40 8.96
C GLY I 88 -22.33 -10.17 9.48
N PHE I 89 -21.58 -11.26 9.63
CA PHE I 89 -20.27 -11.17 10.24
C PHE I 89 -19.36 -12.24 9.69
N ASP I 90 -18.23 -11.83 9.14
CA ASP I 90 -17.20 -12.75 8.67
C ASP I 90 -15.84 -12.19 9.05
N VAL I 91 -14.92 -13.07 9.42
CA VAL I 91 -13.58 -12.68 9.82
C VAL I 91 -12.58 -13.49 9.03
N GLU I 92 -11.60 -12.81 8.45
CA GLU I 92 -10.43 -13.46 7.88
C GLU I 92 -9.30 -13.46 8.91
N GLY I 93 -8.41 -14.44 8.80
CA GLY I 93 -7.42 -14.65 9.83
C GLY I 93 -6.02 -14.78 9.26
N CYS I 94 -5.05 -14.63 10.15
CA CYS I 94 -3.65 -14.88 9.85
C CYS I 94 -3.12 -15.95 10.80
N HIS I 95 -2.02 -16.55 10.43
CA HIS I 95 -1.51 -17.70 11.20
C HIS I 95 -0.25 -17.28 11.94
N ALA I 96 -0.16 -17.47 13.24
CA ALA I 96 1.01 -17.15 14.04
C ALA I 96 2.19 -18.01 13.59
N THR I 97 3.30 -17.38 13.22
CA THR I 97 4.34 -18.10 12.50
C THR I 97 5.69 -18.24 13.19
N ARG I 98 6.14 -17.26 13.98
CA ARG I 98 7.57 -17.26 14.34
C ARG I 98 7.89 -17.90 15.67
N GLU I 99 7.19 -17.50 16.73
CA GLU I 99 7.47 -18.01 18.07
C GLU I 99 6.41 -18.97 18.55
N ALA I 100 5.33 -19.12 17.80
CA ALA I 100 4.23 -19.98 18.19
C ALA I 100 3.46 -20.34 16.93
N VAL I 101 3.15 -21.62 16.78
CA VAL I 101 2.35 -22.12 15.66
C VAL I 101 1.19 -22.90 16.23
N GLY I 102 0.02 -22.77 15.62
CA GLY I 102 -1.13 -23.52 16.09
C GLY I 102 -2.36 -22.71 16.40
N THR I 103 -2.36 -21.42 16.11
CA THR I 103 -3.57 -20.61 16.31
C THR I 103 -3.72 -19.65 15.13
N ASN I 104 -4.93 -19.13 14.98
CA ASN I 104 -5.25 -18.11 13.98
C ASN I 104 -5.73 -16.86 14.69
N LEU I 105 -5.46 -15.72 14.08
CA LEU I 105 -5.69 -14.42 14.65
C LEU I 105 -6.56 -13.58 13.72
N PRO I 106 -7.54 -12.85 14.25
CA PRO I 106 -8.43 -12.05 13.38
C PRO I 106 -7.66 -10.89 12.75
N LEU I 107 -7.58 -10.90 11.42
CA LEU I 107 -6.92 -9.86 10.66
C LEU I 107 -7.88 -8.83 10.09
N GLN I 108 -9.02 -9.28 9.56
CA GLN I 108 -9.96 -8.38 8.89
C GLN I 108 -11.37 -8.79 9.25
N LEU I 109 -12.11 -7.87 9.86
CA LEU I 109 -13.49 -8.11 10.27
C LEU I 109 -14.43 -7.37 9.32
N GLY I 110 -15.40 -8.08 8.78
CA GLY I 110 -16.36 -7.48 7.86
C GLY I 110 -17.78 -7.74 8.31
N PHE I 111 -18.65 -6.80 7.99
CA PHE I 111 -20.03 -6.84 8.43
C PHE I 111 -20.96 -6.76 7.22
N SER I 112 -22.26 -6.91 7.46
CA SER I 112 -23.25 -6.82 6.36
C SER I 112 -23.17 -5.40 5.81
N THR I 113 -22.99 -4.42 6.70
CA THR I 113 -22.76 -3.04 6.21
C THR I 113 -21.37 -3.11 5.56
N GLY I 114 -21.10 -2.33 4.52
CA GLY I 114 -19.81 -2.51 3.85
C GLY I 114 -18.70 -1.87 4.65
N VAL I 115 -18.40 -2.43 5.84
CA VAL I 115 -17.36 -1.86 6.72
C VAL I 115 -16.32 -2.95 7.00
N ASN I 116 -15.10 -2.75 6.52
CA ASN I 116 -14.02 -3.70 6.74
C ASN I 116 -13.02 -3.06 7.69
N LEU I 117 -12.70 -3.76 8.77
CA LEU I 117 -11.80 -3.25 9.80
C LEU I 117 -10.59 -4.17 9.90
N VAL I 118 -9.42 -3.63 9.66
CA VAL I 118 -8.18 -4.39 9.76
C VAL I 118 -7.57 -4.14 11.13
N ALA I 119 -7.16 -5.21 11.80
CA ALA I 119 -6.55 -5.13 13.12
C ALA I 119 -5.13 -5.67 13.05
N VAL I 120 -4.30 -5.22 13.97
CA VAL I 120 -2.96 -5.81 14.08
C VAL I 120 -3.08 -7.22 14.64
N PRO I 121 -2.24 -8.16 14.24
CA PRO I 121 -2.35 -9.52 14.80
C PRO I 121 -2.04 -9.50 16.28
N THR I 122 -3.03 -9.88 17.08
CA THR I 122 -2.95 -9.74 18.52
C THR I 122 -3.45 -11.01 19.18
N GLY I 123 -2.69 -11.51 20.15
CA GLY I 123 -3.04 -12.72 20.84
C GLY I 123 -2.93 -12.56 22.34
N TYR I 124 -3.23 -13.64 23.04
CA TYR I 124 -3.16 -13.70 24.50
C TYR I 124 -1.96 -14.55 24.86
N VAL I 125 -0.94 -13.93 25.43
CA VAL I 125 0.33 -14.57 25.70
C VAL I 125 0.46 -14.74 27.20
N ASP I 126 0.47 -15.99 27.66
CA ASP I 126 0.76 -16.28 29.05
C ASP I 126 2.18 -15.88 29.39
N THR I 127 2.31 -15.01 30.37
CA THR I 127 3.55 -14.60 31.01
C THR I 127 3.58 -15.12 32.43
N PRO I 128 4.74 -15.16 33.08
CA PRO I 128 4.78 -15.66 34.46
C PRO I 128 4.04 -14.83 35.48
N ASN I 129 3.50 -13.67 35.13
CA ASN I 129 2.72 -12.88 36.07
C ASN I 129 1.25 -12.75 35.68
N ASN I 130 0.93 -12.76 34.40
CA ASN I 130 -0.44 -12.51 33.93
C ASN I 130 -0.52 -12.97 32.48
N THR I 131 -1.70 -12.80 31.89
CA THR I 131 -1.90 -13.01 30.47
C THR I 131 -1.87 -11.66 29.78
N ASP I 132 -0.91 -11.47 28.89
CA ASP I 132 -0.69 -10.21 28.20
C ASP I 132 -1.39 -10.24 26.86
N PHE I 133 -2.28 -9.29 26.63
CA PHE I 133 -2.97 -9.17 25.35
C PHE I 133 -2.07 -8.32 24.45
N SER I 134 -1.26 -8.97 23.62
CA SER I 134 -0.17 -8.28 22.95
C SER I 134 -0.08 -8.70 21.49
N ARG I 135 0.62 -7.89 20.71
CA ARG I 135 0.84 -8.15 19.31
C ARG I 135 1.88 -9.24 19.13
N VAL I 136 1.58 -10.23 18.29
CA VAL I 136 2.45 -11.37 18.09
C VAL I 136 2.78 -11.49 16.61
N SER I 137 3.81 -12.29 16.33
CA SER I 137 4.25 -12.51 14.96
C SER I 137 3.24 -13.39 14.24
N ALA I 138 2.82 -12.96 13.06
CA ALA I 138 1.82 -13.69 12.29
C ALA I 138 2.08 -13.49 10.81
N LYS I 139 1.64 -14.46 10.02
CA LYS I 139 1.77 -14.44 8.57
C LYS I 139 0.41 -14.67 7.94
N PRO I 140 0.19 -14.16 6.73
CA PRO I 140 -1.08 -14.41 6.05
C PRO I 140 -1.20 -15.87 5.65
N PRO I 141 -2.41 -16.36 5.42
CA PRO I 141 -2.58 -17.78 5.05
C PRO I 141 -1.97 -18.07 3.70
N PRO I 142 -1.26 -19.18 3.57
CA PRO I 142 -0.70 -19.54 2.27
C PRO I 142 -1.79 -19.92 1.29
N GLY I 143 -1.51 -19.66 0.02
CA GLY I 143 -2.46 -19.89 -1.06
C GLY I 143 -2.63 -18.65 -1.90
N ASP I 144 -3.51 -18.77 -2.90
CA ASP I 144 -3.77 -17.67 -3.80
C ASP I 144 -5.09 -16.96 -3.52
N GLN I 145 -6.08 -17.65 -2.95
CA GLN I 145 -7.31 -16.98 -2.56
C GLN I 145 -7.15 -16.12 -1.31
N PHE I 146 -5.96 -16.11 -0.70
CA PHE I 146 -5.66 -15.25 0.44
C PHE I 146 -4.51 -14.31 0.15
N LYS I 147 -4.17 -14.11 -1.13
CA LYS I 147 -3.07 -13.23 -1.48
C LYS I 147 -3.44 -11.75 -1.41
N HIS I 148 -4.73 -11.44 -1.28
CA HIS I 148 -5.15 -10.07 -1.04
C HIS I 148 -4.99 -9.67 0.42
N LEU I 149 -4.78 -10.62 1.32
CA LEU I 149 -4.56 -10.34 2.72
C LEU I 149 -3.13 -9.93 3.02
N ILE I 150 -2.22 -10.08 2.07
CA ILE I 150 -0.80 -9.76 2.26
C ILE I 150 -0.58 -8.26 2.49
N PRO I 151 -1.20 -7.34 1.75
CA PRO I 151 -1.03 -5.92 2.10
C PRO I 151 -1.68 -5.51 3.41
N LEU I 152 -2.52 -6.36 4.00
CA LEU I 152 -3.22 -5.98 5.23
C LEU I 152 -2.39 -6.18 6.48
N MET I 153 -1.29 -6.93 6.40
CA MET I 153 -0.43 -7.08 7.57
C MET I 153 0.32 -5.79 7.88
N TYR I 154 0.67 -5.02 6.87
CA TYR I 154 1.34 -3.74 7.07
C TYR I 154 0.37 -2.64 7.47
N LYS I 155 -0.87 -2.72 7.00
CA LYS I 155 -1.94 -1.89 7.52
C LYS I 155 -2.41 -2.48 8.85
N GLY I 156 -3.39 -1.82 9.46
CA GLY I 156 -4.01 -2.35 10.65
C GLY I 156 -4.02 -1.37 11.80
N LEU I 157 -4.95 -1.57 12.72
CA LEU I 157 -5.19 -0.67 13.82
C LEU I 157 -5.07 -1.44 15.12
N PRO I 158 -4.71 -0.79 16.22
CA PRO I 158 -4.75 -1.44 17.53
C PRO I 158 -6.17 -1.84 17.87
N TRP I 159 -6.29 -2.88 18.69
CA TRP I 159 -7.60 -3.48 18.89
C TRP I 159 -8.55 -2.61 19.69
N ASN I 160 -8.03 -1.68 20.50
CA ASN I 160 -8.92 -0.75 21.19
C ASN I 160 -9.62 0.17 20.20
N VAL I 161 -8.88 0.72 19.24
CA VAL I 161 -9.49 1.52 18.17
C VAL I 161 -10.46 0.67 17.35
N VAL I 162 -10.10 -0.59 17.11
CA VAL I 162 -10.93 -1.46 16.29
C VAL I 162 -12.27 -1.71 16.95
N ARG I 163 -12.27 -1.99 18.26
CA ARG I 163 -13.56 -2.26 18.89
C ARG I 163 -14.35 -0.98 19.16
N ILE I 164 -13.67 0.16 19.33
CA ILE I 164 -14.38 1.43 19.36
C ILE I 164 -15.12 1.65 18.06
N LYS I 165 -14.45 1.40 16.93
CA LYS I 165 -15.10 1.58 15.63
C LYS I 165 -16.19 0.53 15.40
N ILE I 166 -16.00 -0.69 15.90
CA ILE I 166 -17.05 -1.72 15.79
C ILE I 166 -18.31 -1.26 16.49
N VAL I 167 -18.18 -0.79 17.73
CA VAL I 167 -19.35 -0.35 18.48
C VAL I 167 -19.98 0.87 17.84
N GLN I 168 -19.15 1.80 17.33
CA GLN I 168 -19.69 2.99 16.69
C GLN I 168 -20.49 2.65 15.43
N MET I 169 -19.96 1.73 14.60
CA MET I 169 -20.66 1.36 13.38
C MET I 169 -21.93 0.58 13.67
N LEU I 170 -21.88 -0.34 14.64
CA LEU I 170 -23.09 -1.08 15.02
C LEU I 170 -24.15 -0.14 15.58
N SER I 171 -23.73 0.87 16.33
CA SER I 171 -24.68 1.80 16.91
C SER I 171 -25.30 2.69 15.83
N ASP I 172 -24.48 3.16 14.88
CA ASP I 172 -25.04 3.97 13.79
C ASP I 172 -25.96 3.14 12.89
N THR I 173 -25.69 1.85 12.76
CA THR I 173 -26.53 1.02 11.90
C THR I 173 -27.85 0.66 12.59
N LEU I 174 -27.80 0.36 13.89
CA LEU I 174 -28.92 -0.30 14.55
C LEU I 174 -29.70 0.57 15.53
N LYS I 175 -29.32 1.84 15.73
CA LYS I 175 -29.96 2.64 16.77
C LYS I 175 -31.43 2.87 16.49
N ASN I 176 -31.82 2.99 15.23
CA ASN I 176 -33.21 3.22 14.88
C ASN I 176 -33.96 1.95 14.54
N LEU I 177 -33.26 0.87 14.22
CA LEU I 177 -33.93 -0.36 13.83
C LEU I 177 -34.34 -1.21 15.03
N SER I 178 -33.40 -1.60 15.88
CA SER I 178 -33.69 -2.61 16.88
C SER I 178 -32.95 -2.27 18.18
N ASP I 179 -33.21 -3.06 19.21
CA ASP I 179 -32.59 -2.91 20.51
C ASP I 179 -31.55 -3.98 20.79
N ARG I 180 -31.08 -4.66 19.75
CA ARG I 180 -30.10 -5.73 19.91
C ARG I 180 -29.40 -5.92 18.57
N VAL I 181 -28.37 -6.77 18.60
CA VAL I 181 -27.65 -7.15 17.38
C VAL I 181 -27.67 -8.67 17.28
N VAL I 182 -27.91 -9.17 16.08
CA VAL I 182 -27.92 -10.60 15.81
C VAL I 182 -26.87 -10.85 14.73
N PHE I 183 -25.71 -11.35 15.13
CA PHE I 183 -24.63 -11.62 14.19
C PHE I 183 -24.96 -12.88 13.41
N VAL I 184 -25.04 -12.75 12.09
CA VAL I 184 -25.38 -13.85 11.20
C VAL I 184 -24.07 -14.46 10.72
N LEU I 185 -23.63 -15.53 11.36
CA LEU I 185 -22.35 -16.17 11.08
C LEU I 185 -22.55 -17.34 10.14
N TRP I 186 -21.58 -17.54 9.25
CA TRP I 186 -21.62 -18.75 8.43
C TRP I 186 -21.05 -19.94 9.19
N ALA I 187 -19.83 -19.83 9.68
CA ALA I 187 -19.20 -20.88 10.49
C ALA I 187 -18.66 -20.20 11.74
N HIS I 188 -19.27 -20.48 12.89
CA HIS I 188 -19.01 -19.72 14.10
C HIS I 188 -17.68 -20.07 14.75
N GLY I 189 -16.90 -21.00 14.19
CA GLY I 189 -15.67 -21.42 14.83
C GLY I 189 -14.66 -20.29 14.98
N PHE I 190 -14.47 -19.52 13.92
CA PHE I 190 -13.54 -18.39 13.99
C PHE I 190 -14.23 -17.09 14.38
N ALA I 191 -15.53 -16.97 14.14
CA ALA I 191 -16.24 -15.77 14.57
C ALA I 191 -16.37 -15.71 16.09
N LEU I 192 -16.48 -16.85 16.76
CA LEU I 192 -16.47 -16.86 18.22
C LEU I 192 -15.09 -16.50 18.76
N THR I 193 -14.04 -16.91 18.06
CA THR I 193 -12.68 -16.50 18.45
C THR I 193 -12.51 -15.00 18.29
N SER I 194 -13.03 -14.44 17.20
CA SER I 194 -12.91 -12.99 16.98
C SER I 194 -13.79 -12.21 17.93
N MET I 195 -14.88 -12.80 18.41
CA MET I 195 -15.75 -12.11 19.36
C MET I 195 -15.13 -12.00 20.74
N LYS I 196 -14.15 -12.84 21.07
CA LYS I 196 -13.44 -12.69 22.34
C LYS I 196 -12.80 -11.32 22.46
N TYR I 197 -12.49 -10.68 21.33
CA TYR I 197 -11.78 -9.41 21.34
C TYR I 197 -12.70 -8.23 21.58
N PHE I 198 -13.95 -8.26 21.08
CA PHE I 198 -14.82 -7.09 21.19
C PHE I 198 -16.19 -7.38 21.80
N VAL I 199 -16.39 -8.52 22.44
CA VAL I 199 -17.71 -8.89 22.95
C VAL I 199 -17.57 -9.33 24.40
N LYS I 200 -18.41 -8.77 25.27
CA LYS I 200 -18.63 -9.23 26.62
C LYS I 200 -19.99 -9.91 26.69
N ILE I 201 -20.26 -10.56 27.82
CA ILE I 201 -21.59 -11.08 28.16
C ILE I 201 -21.86 -10.78 29.63
N GLY I 202 -23.04 -11.15 30.09
CA GLY I 202 -23.42 -10.94 31.47
C GLY I 202 -24.93 -10.94 31.62
N PRO I 203 -25.41 -10.62 32.81
CA PRO I 203 -26.86 -10.51 33.01
C PRO I 203 -27.42 -9.32 32.26
N GLU I 204 -28.73 -9.33 32.06
CA GLU I 204 -29.37 -8.27 31.30
C GLU I 204 -29.38 -6.98 32.09
N ARG I 205 -28.86 -5.92 31.49
CA ARG I 205 -28.73 -4.62 32.13
C ARG I 205 -29.54 -3.59 31.36
N THR I 206 -29.63 -2.40 31.94
CA THR I 206 -30.39 -1.30 31.36
C THR I 206 -29.43 -0.15 31.06
N CYS I 207 -29.60 0.54 29.94
CA CYS I 207 -28.79 1.70 29.59
C CYS I 207 -28.77 2.76 30.72
N CYS I 208 -27.61 3.33 31.07
CA CYS I 208 -27.57 4.54 31.90
C CYS I 208 -28.17 5.74 31.11
N LEU I 209 -28.64 6.78 31.78
CA LEU I 209 -29.30 7.94 31.12
C LEU I 209 -30.62 7.63 30.39
N CYS I 210 -31.19 6.43 30.53
CA CYS I 210 -32.20 5.87 29.64
C CYS I 210 -32.87 4.64 30.27
N ASP I 211 -33.68 3.90 29.51
CA ASP I 211 -34.36 2.68 29.97
C ASP I 211 -34.43 1.55 28.92
N ARG I 212 -33.63 1.67 27.88
CA ARG I 212 -33.58 0.64 26.82
C ARG I 212 -32.61 -0.46 27.20
N ARG I 213 -32.73 -1.63 26.57
CA ARG I 213 -31.80 -2.71 26.82
C ARG I 213 -30.37 -2.24 26.58
N ALA I 214 -29.45 -2.71 27.41
CA ALA I 214 -28.06 -2.34 27.28
C ALA I 214 -27.38 -3.24 26.26
N THR I 215 -26.77 -2.62 25.24
CA THR I 215 -26.07 -3.36 24.20
C THR I 215 -24.59 -3.05 24.12
N CYS I 216 -24.11 -2.06 24.84
CA CYS I 216 -22.70 -1.70 24.83
C CYS I 216 -22.20 -1.55 26.26
N PHE I 217 -20.90 -1.78 26.44
CA PHE I 217 -20.28 -1.75 27.76
C PHE I 217 -18.95 -1.02 27.66
N SER I 218 -18.68 -0.15 28.63
CA SER I 218 -17.44 0.62 28.65
C SER I 218 -16.52 0.09 29.74
N THR I 219 -15.22 0.05 29.43
CA THR I 219 -14.23 -0.42 30.40
C THR I 219 -13.54 0.71 31.14
N ALA I 220 -13.56 1.93 30.60
CA ALA I 220 -13.03 3.07 31.34
C ALA I 220 -13.84 3.29 32.61
N SER I 221 -15.13 3.51 32.47
CA SER I 221 -16.08 3.45 33.58
C SER I 221 -17.03 2.30 33.31
N ASP I 222 -17.30 1.50 34.33
CA ASP I 222 -18.06 0.26 34.14
C ASP I 222 -19.54 0.60 34.00
N THR I 223 -19.86 1.19 32.85
CA THR I 223 -21.21 1.62 32.52
C THR I 223 -21.70 0.91 31.27
N TYR I 224 -23.02 0.80 31.16
CA TYR I 224 -23.67 0.15 30.05
C TYR I 224 -24.52 1.17 29.29
N ALA I 225 -24.76 0.88 28.02
CA ALA I 225 -25.46 1.85 27.18
C ALA I 225 -26.25 1.13 26.09
N CYS I 226 -27.31 1.74 25.59
CA CYS I 226 -28.03 1.29 24.41
C CYS I 226 -27.33 1.80 23.16
N TRP I 227 -27.87 1.49 21.98
CA TRP I 227 -27.26 1.89 20.73
C TRP I 227 -27.23 3.41 20.56
N HIS I 228 -28.11 4.16 21.22
CA HIS I 228 -28.17 5.63 21.11
C HIS I 228 -27.05 6.32 21.89
N HIS I 229 -26.89 5.97 23.17
CA HIS I 229 -25.99 6.63 24.11
C HIS I 229 -24.58 6.02 24.15
N SER I 230 -24.20 5.20 23.18
CA SER I 230 -22.91 4.54 23.17
C SER I 230 -21.93 5.41 22.39
N ILE I 231 -21.21 6.28 23.09
CA ILE I 231 -20.17 7.11 22.51
C ILE I 231 -18.90 6.88 23.30
N GLY I 232 -17.91 6.28 22.66
CA GLY I 232 -16.71 5.87 23.36
C GLY I 232 -16.80 4.53 24.03
N PHE I 233 -17.94 3.85 23.93
CA PHE I 233 -18.05 2.49 24.45
C PHE I 233 -17.36 1.53 23.50
N ASP I 234 -16.70 0.53 24.06
CA ASP I 234 -15.80 -0.32 23.29
C ASP I 234 -16.20 -1.78 23.22
N TYR I 235 -17.22 -2.22 23.96
CA TYR I 235 -17.59 -3.62 23.97
C TYR I 235 -19.07 -3.78 23.66
N VAL I 236 -19.42 -4.82 22.92
CA VAL I 236 -20.80 -5.19 22.69
C VAL I 236 -21.25 -6.09 23.84
N TYR I 237 -22.31 -5.71 24.53
CA TYR I 237 -22.56 -6.29 25.85
C TYR I 237 -23.30 -7.62 25.76
N ASN I 238 -24.36 -7.70 24.97
CA ASN I 238 -25.09 -8.95 24.79
C ASN I 238 -25.48 -9.09 23.33
N PRO I 239 -24.58 -9.58 22.50
CA PRO I 239 -24.95 -9.90 21.12
C PRO I 239 -25.53 -11.30 21.04
N PHE I 240 -26.53 -11.43 20.18
CA PHE I 240 -27.08 -12.72 19.84
C PHE I 240 -26.53 -13.11 18.48
N MET I 241 -26.63 -14.39 18.15
CA MET I 241 -26.06 -14.85 16.90
C MET I 241 -26.70 -16.16 16.48
N ILE I 242 -26.57 -16.45 15.20
CA ILE I 242 -27.11 -17.67 14.62
C ILE I 242 -26.17 -18.14 13.53
N ASP I 243 -25.82 -19.42 13.55
CA ASP I 243 -24.93 -20.01 12.57
C ASP I 243 -25.77 -20.57 11.43
N VAL I 244 -25.50 -20.11 10.20
CA VAL I 244 -26.31 -20.52 9.06
C VAL I 244 -25.91 -21.89 8.53
N GLN I 245 -24.66 -22.31 8.74
CA GLN I 245 -24.25 -23.62 8.27
C GLN I 245 -24.95 -24.76 9.02
N GLN I 246 -25.52 -24.48 10.18
CA GLN I 246 -26.26 -25.47 10.95
C GLN I 246 -27.72 -25.56 10.52
N TRP I 247 -28.06 -25.01 9.35
CA TRP I 247 -29.39 -25.11 8.78
C TRP I 247 -29.46 -26.14 7.66
N GLY I 248 -28.61 -27.17 7.73
CA GLY I 248 -28.58 -28.20 6.71
C GLY I 248 -27.97 -27.73 5.41
N PHE I 249 -26.73 -27.26 5.46
CA PHE I 249 -26.01 -26.77 4.29
C PHE I 249 -24.73 -27.58 4.10
N THR I 250 -24.49 -27.99 2.87
CA THR I 250 -23.23 -28.63 2.49
C THR I 250 -22.52 -27.77 1.46
N GLY I 251 -21.21 -27.70 1.56
CA GLY I 251 -20.42 -26.92 0.64
C GLY I 251 -20.04 -25.56 1.19
N ASN I 252 -19.48 -24.75 0.30
CA ASN I 252 -19.02 -23.42 0.66
C ASN I 252 -20.19 -22.50 0.94
N LEU I 253 -19.86 -21.30 1.43
CA LEU I 253 -20.87 -20.25 1.52
C LEU I 253 -21.20 -19.72 0.14
N GLN I 254 -20.19 -19.54 -0.70
CA GLN I 254 -20.42 -19.04 -2.06
C GLN I 254 -21.19 -20.06 -2.90
N SER I 255 -20.89 -21.34 -2.71
CA SER I 255 -21.59 -22.38 -3.46
C SER I 255 -23.07 -22.43 -3.14
N ASN I 256 -23.46 -22.02 -1.93
CA ASN I 256 -24.85 -22.00 -1.52
C ASN I 256 -25.53 -20.68 -1.77
N HIS I 257 -24.77 -19.58 -1.80
CA HIS I 257 -25.37 -18.30 -2.14
C HIS I 257 -25.57 -18.16 -3.64
N ASP I 258 -24.73 -18.85 -4.43
CA ASP I 258 -24.87 -18.78 -5.88
C ASP I 258 -26.12 -19.45 -6.40
N LEU I 259 -26.76 -20.30 -5.60
CA LEU I 259 -27.96 -20.99 -6.05
C LEU I 259 -29.16 -20.05 -6.12
N TYR I 260 -29.19 -19.03 -5.27
CA TYR I 260 -30.36 -18.18 -5.15
C TYR I 260 -30.12 -16.71 -5.47
N CYS I 261 -28.87 -16.26 -5.51
CA CYS I 261 -28.57 -14.85 -5.73
C CYS I 261 -27.43 -14.72 -6.73
N GLN I 262 -27.54 -13.72 -7.60
CA GLN I 262 -26.47 -13.39 -8.54
C GLN I 262 -25.96 -11.97 -8.36
N VAL I 263 -26.37 -11.28 -7.32
CA VAL I 263 -26.00 -9.88 -7.13
C VAL I 263 -24.68 -9.74 -6.40
N HIS I 264 -24.45 -10.53 -5.36
CA HIS I 264 -23.23 -10.42 -4.59
C HIS I 264 -22.16 -11.36 -5.13
N GLY I 265 -20.95 -11.19 -4.63
CA GLY I 265 -19.80 -11.95 -5.08
C GLY I 265 -18.56 -11.61 -4.29
N ASN I 266 -17.39 -11.70 -4.93
CA ASN I 266 -16.12 -11.27 -4.35
C ASN I 266 -15.82 -12.01 -3.05
N ALA I 267 -15.78 -13.33 -3.14
CA ALA I 267 -15.58 -14.17 -1.97
C ALA I 267 -14.23 -13.92 -1.31
N HIS I 268 -14.17 -14.26 -0.02
CA HIS I 268 -13.01 -14.15 0.87
C HIS I 268 -12.60 -12.72 1.16
N VAL I 269 -13.42 -11.74 0.79
CA VAL I 269 -13.35 -10.41 1.39
C VAL I 269 -14.41 -10.39 2.48
N ALA I 270 -14.02 -9.89 3.67
CA ALA I 270 -14.79 -10.15 4.88
C ALA I 270 -16.19 -9.53 4.79
N SER I 271 -16.29 -8.29 4.34
CA SER I 271 -17.62 -7.68 4.24
C SER I 271 -18.46 -8.34 3.16
N CYS I 272 -17.84 -8.79 2.07
CA CYS I 272 -18.59 -9.47 1.02
C CYS I 272 -19.11 -10.82 1.49
N ASP I 273 -18.29 -11.55 2.26
CA ASP I 273 -18.75 -12.81 2.83
C ASP I 273 -19.84 -12.59 3.86
N ALA I 274 -19.78 -11.49 4.61
CA ALA I 274 -20.85 -11.20 5.56
C ALA I 274 -22.15 -10.85 4.85
N ILE I 275 -22.07 -10.09 3.76
CA ILE I 275 -23.25 -9.79 2.96
C ILE I 275 -23.83 -11.08 2.38
N MET I 276 -22.96 -11.98 1.90
CA MET I 276 -23.42 -13.27 1.39
C MET I 276 -24.13 -14.08 2.47
N THR I 277 -23.57 -14.10 3.69
CA THR I 277 -24.17 -14.85 4.78
C THR I 277 -25.55 -14.31 5.15
N ARG I 278 -25.65 -12.98 5.28
CA ARG I 278 -26.94 -12.39 5.63
C ARG I 278 -27.96 -12.57 4.52
N CYS I 279 -27.51 -12.51 3.26
CA CYS I 279 -28.42 -12.72 2.13
C CYS I 279 -28.91 -14.16 2.11
N LEU I 280 -28.04 -15.12 2.39
CA LEU I 280 -28.45 -16.52 2.41
C LEU I 280 -29.43 -16.78 3.55
N ALA I 281 -29.20 -16.16 4.72
CA ALA I 281 -30.14 -16.32 5.81
C ALA I 281 -31.50 -15.70 5.48
N VAL I 282 -31.50 -14.52 4.87
CA VAL I 282 -32.74 -13.87 4.48
C VAL I 282 -33.49 -14.71 3.46
N HIS I 283 -32.76 -15.32 2.52
CA HIS I 283 -33.42 -16.17 1.54
C HIS I 283 -34.02 -17.41 2.18
N GLU I 284 -33.27 -18.05 3.08
CA GLU I 284 -33.78 -19.27 3.72
C GLU I 284 -34.98 -18.97 4.60
N CYS I 285 -35.05 -17.78 5.17
CA CYS I 285 -36.11 -17.51 6.14
C CYS I 285 -37.35 -16.85 5.52
N PHE I 286 -37.19 -15.96 4.54
CA PHE I 286 -38.30 -15.14 4.09
C PHE I 286 -38.69 -15.29 2.63
N VAL I 287 -37.80 -15.79 1.77
CA VAL I 287 -38.11 -15.81 0.34
C VAL I 287 -39.19 -16.84 0.03
N LYS I 288 -39.25 -17.92 0.81
CA LYS I 288 -40.17 -19.03 0.56
C LYS I 288 -41.64 -18.60 0.55
N ARG I 289 -42.12 -18.06 1.67
CA ARG I 289 -43.51 -17.64 1.77
C ARG I 289 -43.66 -16.71 2.96
N VAL I 290 -44.47 -15.65 2.78
CA VAL I 290 -44.73 -14.70 3.85
C VAL I 290 -45.58 -15.37 4.93
N ASP I 291 -45.33 -15.01 6.18
CA ASP I 291 -46.09 -15.51 7.32
C ASP I 291 -46.80 -14.35 7.99
N TRP I 292 -48.13 -14.38 8.00
CA TRP I 292 -48.91 -13.36 8.67
C TRP I 292 -49.02 -13.60 10.18
N THR I 293 -48.44 -14.69 10.69
CA THR I 293 -48.51 -14.95 12.11
C THR I 293 -47.54 -14.07 12.89
N ILE I 294 -46.36 -13.83 12.34
CA ILE I 294 -45.33 -13.06 13.01
C ILE I 294 -45.55 -11.58 12.73
N GLU I 295 -45.68 -10.79 13.79
CA GLU I 295 -45.77 -9.34 13.69
C GLU I 295 -44.48 -8.70 14.18
N TYR I 296 -44.33 -7.42 13.89
CA TYR I 296 -43.12 -6.70 14.22
C TYR I 296 -43.46 -5.38 14.90
N PRO I 297 -42.60 -4.92 15.82
CA PRO I 297 -42.85 -3.62 16.45
C PRO I 297 -42.73 -2.46 15.49
N ILE I 298 -43.08 -1.26 15.94
CA ILE I 298 -43.20 -0.10 15.08
C ILE I 298 -41.98 0.78 15.31
N ILE I 299 -41.12 0.87 14.29
CA ILE I 299 -39.97 1.77 14.35
C ILE I 299 -40.44 3.22 14.34
N GLY I 300 -41.11 3.61 13.27
CA GLY I 300 -41.62 4.95 13.10
C GLY I 300 -42.18 5.13 11.71
N ASP I 301 -43.19 5.99 11.57
CA ASP I 301 -43.88 6.26 10.32
C ASP I 301 -44.46 5.01 9.67
N GLU I 302 -44.70 3.95 10.44
CA GLU I 302 -45.30 2.74 9.88
C GLU I 302 -46.82 2.76 9.97
N LEU I 303 -47.38 3.54 10.88
CA LEU I 303 -48.82 3.74 10.92
C LEU I 303 -49.27 4.85 9.97
N LYS I 304 -48.39 5.83 9.71
CA LYS I 304 -48.71 6.86 8.73
C LYS I 304 -48.68 6.29 7.32
N ILE I 305 -47.72 5.41 7.03
CA ILE I 305 -47.64 4.81 5.70
C ILE I 305 -48.82 3.87 5.47
N ASN I 306 -49.17 3.06 6.45
CA ASN I 306 -50.27 2.12 6.30
C ASN I 306 -51.61 2.82 6.17
N ALA I 307 -51.72 4.06 6.68
CA ALA I 307 -52.93 4.84 6.48
C ALA I 307 -52.91 5.61 5.17
N ALA I 308 -51.72 6.04 4.73
CA ALA I 308 -51.60 6.77 3.47
C ALA I 308 -51.86 5.85 2.28
N CYS I 309 -51.40 4.61 2.34
CA CYS I 309 -51.65 3.67 1.26
C CYS I 309 -53.08 3.14 1.26
N ARG I 310 -53.91 3.52 2.22
CA ARG I 310 -55.35 3.29 2.13
C ARG I 310 -56.11 4.54 1.72
N LYS I 311 -55.64 5.71 2.17
CA LYS I 311 -56.17 6.98 1.67
C LYS I 311 -55.99 7.08 0.17
N VAL I 312 -54.87 6.57 -0.35
CA VAL I 312 -54.61 6.62 -1.78
C VAL I 312 -55.37 5.52 -2.52
N GLN I 313 -55.37 4.29 -1.97
CA GLN I 313 -56.08 3.20 -2.62
C GLN I 313 -57.58 3.45 -2.69
N HIS I 314 -58.13 4.18 -1.72
CA HIS I 314 -59.55 4.52 -1.80
C HIS I 314 -59.81 5.52 -2.92
N MET I 315 -58.88 6.46 -3.13
CA MET I 315 -59.14 7.55 -4.06
C MET I 315 -58.97 7.10 -5.51
N VAL I 316 -57.81 6.52 -5.84
CA VAL I 316 -57.50 6.27 -7.23
C VAL I 316 -58.37 5.16 -7.81
N VAL I 317 -58.81 4.20 -6.99
CA VAL I 317 -59.73 3.18 -7.47
C VAL I 317 -61.16 3.70 -7.55
N LYS I 318 -61.49 4.73 -6.79
CA LYS I 318 -62.79 5.38 -6.97
C LYS I 318 -62.80 6.27 -8.19
N ALA I 319 -61.76 7.10 -8.35
CA ALA I 319 -61.69 8.01 -9.48
C ALA I 319 -61.53 7.27 -10.80
N ALA I 320 -60.77 6.17 -10.79
CA ALA I 320 -60.58 5.41 -12.02
C ALA I 320 -61.84 4.68 -12.45
N LEU I 321 -62.78 4.45 -11.52
CA LEU I 321 -64.04 3.82 -11.87
C LEU I 321 -65.12 4.83 -12.23
N LEU I 322 -65.09 6.03 -11.64
CA LEU I 322 -66.02 7.06 -12.08
C LEU I 322 -65.61 7.66 -13.42
N ALA I 323 -64.30 7.84 -13.65
CA ALA I 323 -63.86 8.52 -14.87
C ALA I 323 -63.99 7.62 -16.09
N ASP I 324 -64.09 6.31 -15.89
CA ASP I 324 -64.12 5.37 -17.00
C ASP I 324 -65.39 4.55 -17.09
N LYS I 325 -66.16 4.46 -15.99
CA LYS I 325 -67.40 3.68 -15.93
C LYS I 325 -67.16 2.22 -16.34
N PHE I 326 -66.20 1.60 -15.66
CA PHE I 326 -65.85 0.21 -15.97
C PHE I 326 -66.98 -0.72 -15.55
N PRO I 327 -67.41 -1.63 -16.41
CA PRO I 327 -68.49 -2.55 -16.01
C PRO I 327 -68.04 -3.62 -15.04
N VAL I 328 -66.79 -4.07 -15.12
CA VAL I 328 -66.30 -5.18 -14.30
C VAL I 328 -64.92 -4.82 -13.76
N LEU I 329 -64.59 -5.36 -12.59
CA LEU I 329 -63.29 -5.20 -11.97
C LEU I 329 -62.71 -6.57 -11.65
N HIS I 330 -61.39 -6.68 -11.75
CA HIS I 330 -60.68 -7.91 -11.41
C HIS I 330 -59.59 -7.58 -10.40
N ASP I 331 -59.80 -7.97 -9.15
CA ASP I 331 -58.84 -7.69 -8.08
C ASP I 331 -57.92 -8.89 -7.95
N ILE I 332 -56.71 -8.77 -8.50
CA ILE I 332 -55.74 -9.86 -8.45
C ILE I 332 -54.89 -9.71 -7.19
N GLY I 333 -54.77 -10.79 -6.43
CA GLY I 333 -53.94 -10.79 -5.25
C GLY I 333 -54.56 -10.22 -4.00
N ASN I 334 -55.88 -10.15 -3.94
CA ASN I 334 -56.57 -9.64 -2.76
C ASN I 334 -56.72 -10.77 -1.74
N PRO I 335 -56.04 -10.70 -0.60
CA PRO I 335 -56.11 -11.82 0.36
C PRO I 335 -57.43 -11.91 1.09
N LYS I 336 -58.14 -10.80 1.28
CA LYS I 336 -59.39 -10.78 2.01
C LYS I 336 -60.49 -10.27 1.11
N ALA I 337 -61.73 -10.60 1.45
CA ALA I 337 -62.89 -10.14 0.68
C ALA I 337 -63.28 -8.73 1.11
N ILE I 338 -62.37 -7.79 0.86
CA ILE I 338 -62.52 -6.40 1.26
C ILE I 338 -62.43 -5.52 0.02
N LYS I 339 -63.38 -4.60 -0.12
CA LYS I 339 -63.38 -3.67 -1.24
C LYS I 339 -62.64 -2.39 -0.85
N CYS I 340 -61.91 -1.82 -1.80
CA CYS I 340 -61.20 -0.57 -1.55
C CYS I 340 -62.17 0.59 -1.37
N VAL I 341 -63.23 0.62 -2.16
CA VAL I 341 -64.34 1.56 -1.99
C VAL I 341 -65.59 0.74 -1.68
N PRO I 342 -66.35 1.06 -0.62
CA PRO I 342 -67.49 0.23 -0.25
C PRO I 342 -68.62 0.24 -1.28
N GLN I 343 -69.01 1.43 -1.74
CA GLN I 343 -70.10 1.57 -2.68
C GLN I 343 -69.55 1.86 -4.07
N ALA I 344 -69.97 1.07 -5.05
CA ALA I 344 -69.55 1.26 -6.44
C ALA I 344 -70.53 0.53 -7.34
N ASP I 345 -70.87 1.15 -8.46
CA ASP I 345 -71.77 0.53 -9.44
C ASP I 345 -71.10 -0.61 -10.17
N VAL I 346 -69.77 -0.70 -10.12
CA VAL I 346 -69.07 -1.82 -10.73
C VAL I 346 -69.38 -3.10 -9.97
N GLU I 347 -69.23 -4.23 -10.66
CA GLU I 347 -69.35 -5.55 -10.05
C GLU I 347 -67.94 -6.05 -9.75
N TRP I 348 -67.73 -6.52 -8.52
CA TRP I 348 -66.39 -6.79 -8.04
C TRP I 348 -66.07 -8.27 -8.19
N LYS I 349 -64.80 -8.57 -8.43
CA LYS I 349 -64.31 -9.93 -8.48
C LYS I 349 -62.97 -10.00 -7.77
N PHE I 350 -62.80 -11.04 -6.95
CA PHE I 350 -61.61 -11.21 -6.13
C PHE I 350 -60.75 -12.33 -6.66
N TYR I 351 -59.43 -12.17 -6.54
CA TYR I 351 -58.49 -13.23 -6.82
C TYR I 351 -57.33 -13.15 -5.84
N ASP I 352 -56.67 -14.29 -5.64
CA ASP I 352 -55.42 -14.38 -4.90
C ASP I 352 -54.75 -15.70 -5.29
N ALA I 353 -53.59 -15.97 -4.69
CA ALA I 353 -52.86 -17.20 -5.01
C ALA I 353 -53.68 -18.43 -4.64
N GLN I 354 -54.03 -18.54 -3.37
CA GLN I 354 -54.98 -19.51 -2.84
C GLN I 354 -55.59 -18.87 -1.61
N PRO I 355 -56.86 -19.16 -1.29
CA PRO I 355 -57.64 -18.32 -0.36
C PRO I 355 -56.94 -18.06 0.97
N CYS I 356 -56.66 -16.78 1.21
CA CYS I 356 -55.84 -16.33 2.35
C CYS I 356 -56.75 -16.05 3.54
N SER I 357 -57.06 -17.11 4.28
CA SER I 357 -57.74 -17.11 5.56
C SER I 357 -59.19 -16.63 5.47
N ASP I 358 -59.74 -16.51 4.26
CA ASP I 358 -61.16 -16.32 4.06
C ASP I 358 -61.65 -17.50 3.24
N LYS I 359 -62.23 -18.49 3.91
CA LYS I 359 -62.67 -19.70 3.23
C LYS I 359 -64.03 -19.54 2.56
N ALA I 360 -64.62 -18.35 2.62
CA ALA I 360 -65.79 -18.07 1.80
C ALA I 360 -65.41 -18.10 0.32
N TYR I 361 -66.41 -18.36 -0.52
CA TYR I 361 -66.16 -18.61 -1.94
C TYR I 361 -66.31 -17.36 -2.80
N LYS I 362 -66.15 -16.18 -2.20
CA LYS I 362 -66.13 -14.96 -2.99
C LYS I 362 -64.77 -14.71 -3.62
N ILE I 363 -63.72 -15.30 -3.08
CA ILE I 363 -62.36 -15.08 -3.58
C ILE I 363 -61.93 -16.32 -4.36
N GLU I 364 -61.40 -16.10 -5.56
CA GLU I 364 -60.93 -17.21 -6.39
C GLU I 364 -59.42 -17.34 -6.26
N GLU I 365 -58.92 -18.54 -6.54
CA GLU I 365 -57.48 -18.76 -6.54
C GLU I 365 -56.92 -18.52 -7.93
N LEU I 366 -55.77 -17.84 -8.00
CA LEU I 366 -55.22 -17.39 -9.26
C LEU I 366 -53.71 -17.20 -9.12
N PHE I 367 -52.95 -17.78 -10.03
CA PHE I 367 -51.53 -17.50 -10.18
C PHE I 367 -51.32 -16.76 -11.48
N TYR I 368 -50.98 -15.47 -11.40
CA TYR I 368 -50.96 -14.61 -12.56
C TYR I 368 -49.57 -14.50 -13.16
N SER I 369 -49.51 -14.43 -14.50
CA SER I 369 -48.23 -14.25 -15.24
C SER I 369 -48.58 -13.84 -16.67
N TYR I 370 -48.01 -12.74 -17.19
CA TYR I 370 -48.38 -12.24 -18.51
C TYR I 370 -48.12 -13.24 -19.62
N ALA I 371 -47.30 -14.26 -19.36
CA ALA I 371 -47.04 -15.26 -20.38
C ALA I 371 -48.24 -16.18 -20.57
N THR I 372 -48.91 -16.54 -19.48
CA THR I 372 -50.03 -17.47 -19.52
C THR I 372 -51.39 -16.83 -19.30
N HIS I 373 -51.47 -15.77 -18.52
CA HIS I 373 -52.76 -15.19 -18.13
C HIS I 373 -52.99 -13.83 -18.78
N SER I 374 -52.48 -13.63 -19.99
CA SER I 374 -52.52 -12.33 -20.63
C SER I 374 -53.96 -11.90 -20.98
N ASP I 375 -54.66 -12.69 -21.78
CA ASP I 375 -55.90 -12.27 -22.44
C ASP I 375 -57.16 -12.81 -21.77
N LYS I 376 -57.11 -13.13 -20.49
CA LYS I 376 -58.29 -13.64 -19.80
C LYS I 376 -59.12 -12.57 -19.12
N PHE I 377 -58.50 -11.48 -18.67
CA PHE I 377 -59.20 -10.41 -17.97
C PHE I 377 -59.25 -9.13 -18.80
N THR I 378 -59.33 -9.27 -20.12
CA THR I 378 -59.26 -8.13 -21.03
C THR I 378 -60.35 -7.10 -20.74
N ASP I 379 -61.55 -7.57 -20.41
CA ASP I 379 -62.64 -6.65 -20.08
C ASP I 379 -62.42 -6.00 -18.72
N GLY I 380 -62.89 -4.77 -18.59
CA GLY I 380 -62.78 -4.04 -17.35
C GLY I 380 -61.35 -3.69 -16.97
N VAL I 381 -61.14 -3.47 -15.68
CA VAL I 381 -59.84 -3.08 -15.15
C VAL I 381 -59.32 -4.22 -14.29
N CYS I 382 -58.01 -4.20 -14.05
CA CYS I 382 -57.35 -5.20 -13.21
C CYS I 382 -56.55 -4.46 -12.13
N LEU I 383 -57.05 -4.47 -10.91
CA LEU I 383 -56.45 -3.71 -9.81
C LEU I 383 -55.38 -4.57 -9.14
N PHE I 384 -54.12 -4.28 -9.44
CA PHE I 384 -52.97 -4.93 -8.79
C PHE I 384 -52.50 -4.00 -7.69
N TRP I 385 -52.94 -4.24 -6.47
CA TRP I 385 -52.46 -3.48 -5.32
C TRP I 385 -51.46 -4.33 -4.56
N ASN I 386 -50.17 -4.00 -4.71
CA ASN I 386 -49.07 -4.68 -4.04
C ASN I 386 -49.04 -6.18 -4.35
N CYS I 387 -49.21 -6.50 -5.64
CA CYS I 387 -49.06 -7.85 -6.15
C CYS I 387 -47.99 -7.81 -7.24
N ASN I 388 -46.91 -8.55 -7.04
CA ASN I 388 -45.74 -8.47 -7.91
C ASN I 388 -45.82 -9.57 -8.95
N VAL I 389 -46.10 -9.19 -10.20
CA VAL I 389 -46.14 -10.10 -11.32
C VAL I 389 -45.09 -9.66 -12.34
N ASP I 390 -44.91 -10.48 -13.37
CA ASP I 390 -43.84 -10.24 -14.33
C ASP I 390 -44.15 -9.06 -15.24
N ARG I 391 -45.42 -8.88 -15.62
CA ARG I 391 -45.81 -7.76 -16.46
C ARG I 391 -47.31 -7.52 -16.27
N TYR I 392 -47.67 -6.27 -16.03
CA TYR I 392 -49.07 -5.94 -15.80
C TYR I 392 -49.75 -5.66 -17.15
N PRO I 393 -51.02 -6.02 -17.29
CA PRO I 393 -51.74 -5.72 -18.54
C PRO I 393 -52.02 -4.23 -18.66
N ALA I 394 -52.56 -3.84 -19.82
CA ALA I 394 -52.75 -2.43 -20.11
C ALA I 394 -53.83 -1.81 -19.24
N ASN I 395 -54.90 -2.55 -18.96
CA ASN I 395 -56.02 -2.04 -18.15
C ASN I 395 -55.78 -2.34 -16.67
N SER I 396 -54.83 -1.60 -16.08
CA SER I 396 -54.42 -1.87 -14.72
C SER I 396 -54.27 -0.59 -13.92
N ILE I 397 -54.49 -0.71 -12.62
CA ILE I 397 -54.16 0.31 -11.64
C ILE I 397 -53.21 -0.35 -10.65
N VAL I 398 -51.93 -0.05 -10.76
CA VAL I 398 -50.89 -0.80 -10.06
C VAL I 398 -50.27 0.06 -8.97
N CYS I 399 -50.09 -0.53 -7.79
CA CYS I 399 -49.19 -0.01 -6.77
C CYS I 399 -48.12 -1.06 -6.55
N ARG I 400 -46.86 -0.68 -6.78
CA ARG I 400 -45.76 -1.62 -6.71
C ARG I 400 -44.66 -1.02 -5.88
N PHE I 401 -44.15 -1.77 -4.90
CA PHE I 401 -43.10 -1.26 -4.05
C PHE I 401 -41.77 -1.29 -4.80
N ASP I 402 -41.10 -0.13 -4.85
CA ASP I 402 -39.79 -0.03 -5.48
C ASP I 402 -38.74 -0.51 -4.49
N THR I 403 -38.20 -1.70 -4.73
CA THR I 403 -37.24 -2.30 -3.82
C THR I 403 -35.86 -1.67 -3.91
N ARG I 404 -35.64 -0.72 -4.81
CA ARG I 404 -34.37 -0.02 -4.87
C ARG I 404 -34.29 1.14 -3.89
N VAL I 405 -35.40 1.45 -3.21
CA VAL I 405 -35.42 2.49 -2.19
C VAL I 405 -35.19 1.82 -0.84
N LEU I 406 -34.01 2.04 -0.26
CA LEU I 406 -33.68 1.49 1.03
C LEU I 406 -34.03 2.49 2.13
N SER I 407 -34.58 1.98 3.23
CA SER I 407 -35.13 2.81 4.28
C SER I 407 -35.05 2.05 5.59
N ASN I 408 -35.57 2.67 6.66
CA ASN I 408 -35.69 1.98 7.93
C ASN I 408 -36.62 0.78 7.84
N LEU I 409 -37.55 0.80 6.89
CA LEU I 409 -38.52 -0.27 6.72
C LEU I 409 -38.13 -1.27 5.64
N ASN I 410 -37.30 -0.87 4.69
CA ASN I 410 -36.89 -1.73 3.58
C ASN I 410 -35.43 -2.13 3.77
N LEU I 411 -35.21 -3.34 4.24
CA LEU I 411 -33.89 -3.89 4.43
C LEU I 411 -33.45 -4.61 3.16
N PRO I 412 -32.13 -4.74 2.92
CA PRO I 412 -31.67 -5.49 1.75
C PRO I 412 -32.07 -6.95 1.83
N GLY I 413 -32.34 -7.54 0.66
CA GLY I 413 -32.80 -8.91 0.59
C GLY I 413 -32.01 -9.75 -0.38
N CYS I 414 -32.60 -10.85 -0.84
CA CYS I 414 -31.90 -11.81 -1.68
C CYS I 414 -32.18 -11.56 -3.15
N ASP I 415 -31.14 -11.75 -3.97
CA ASP I 415 -31.24 -11.70 -5.43
C ASP I 415 -31.76 -10.35 -5.92
N GLY I 416 -31.26 -9.28 -5.32
CA GLY I 416 -31.67 -7.94 -5.72
C GLY I 416 -33.01 -7.50 -5.18
N GLY I 417 -33.79 -8.40 -4.59
CA GLY I 417 -35.03 -8.01 -3.97
C GLY I 417 -34.78 -7.27 -2.67
N SER I 418 -35.85 -7.11 -1.90
CA SER I 418 -35.70 -6.42 -0.63
C SER I 418 -36.75 -6.90 0.35
N LEU I 419 -36.39 -6.90 1.62
CA LEU I 419 -37.28 -7.30 2.70
C LEU I 419 -37.92 -6.04 3.25
N TYR I 420 -39.13 -5.74 2.82
CA TYR I 420 -39.87 -4.61 3.32
C TYR I 420 -40.54 -5.05 4.62
N VAL I 421 -40.14 -4.58 5.79
CA VAL I 421 -40.72 -5.11 7.08
C VAL I 421 -41.64 -4.08 7.74
N ASN I 422 -42.90 -3.97 7.28
CA ASN I 422 -43.87 -3.06 7.95
C ASN I 422 -44.95 -3.91 8.62
N LYS I 423 -44.90 -4.04 9.95
CA LYS I 423 -45.88 -4.86 10.69
C LYS I 423 -45.65 -6.33 10.39
N HIS I 424 -45.66 -6.73 9.13
CA HIS I 424 -45.41 -8.12 8.71
C HIS I 424 -44.27 -8.03 7.72
N ALA I 425 -43.49 -9.09 7.53
CA ALA I 425 -42.28 -8.98 6.68
C ALA I 425 -42.58 -9.46 5.29
N PHE I 426 -42.63 -8.55 4.30
CA PHE I 426 -42.79 -9.10 2.97
C PHE I 426 -41.47 -9.02 2.22
N HIS I 427 -41.07 -10.10 1.58
CA HIS I 427 -39.91 -10.08 0.70
C HIS I 427 -40.40 -9.86 -0.73
N THR I 428 -40.04 -8.72 -1.29
CA THR I 428 -40.47 -8.34 -2.63
C THR I 428 -39.34 -8.51 -3.63
N PRO I 429 -39.62 -9.06 -4.80
CA PRO I 429 -38.56 -9.29 -5.79
C PRO I 429 -38.07 -7.98 -6.39
N ALA I 430 -36.99 -8.08 -7.16
CA ALA I 430 -36.30 -6.89 -7.65
C ALA I 430 -37.19 -6.09 -8.60
N PHE I 431 -37.21 -4.77 -8.37
CA PHE I 431 -38.01 -3.87 -9.19
C PHE I 431 -37.43 -3.79 -10.61
N ASP I 432 -38.31 -3.79 -11.61
CA ASP I 432 -37.91 -3.57 -12.99
C ASP I 432 -39.00 -2.76 -13.67
N LYS I 433 -38.60 -1.74 -14.42
CA LYS I 433 -39.56 -0.92 -15.13
C LYS I 433 -40.18 -1.64 -16.32
N SER I 434 -39.57 -2.74 -16.77
CA SER I 434 -40.08 -3.49 -17.92
C SER I 434 -41.43 -4.13 -17.67
N ALA I 435 -41.89 -4.17 -16.42
CA ALA I 435 -43.23 -4.65 -16.10
C ALA I 435 -44.30 -3.59 -16.26
N PHE I 436 -43.92 -2.37 -16.62
CA PHE I 436 -44.86 -1.25 -16.73
C PHE I 436 -44.86 -0.66 -18.14
N VAL I 437 -44.54 -1.48 -19.15
CA VAL I 437 -44.48 -0.96 -20.51
C VAL I 437 -45.86 -0.61 -21.03
N ASN I 438 -46.90 -1.26 -20.53
CA ASN I 438 -48.26 -1.03 -20.97
C ASN I 438 -48.98 0.01 -20.14
N LEU I 439 -48.31 0.66 -19.20
CA LEU I 439 -48.92 1.60 -18.28
C LEU I 439 -48.11 2.89 -18.26
N LYS I 440 -48.67 3.92 -17.64
CA LYS I 440 -47.96 5.16 -17.39
C LYS I 440 -48.03 5.46 -15.90
N GLN I 441 -47.29 6.47 -15.47
CA GLN I 441 -47.36 6.86 -14.07
C GLN I 441 -48.71 7.51 -13.77
N LEU I 442 -49.09 7.44 -12.53
CA LEU I 442 -50.36 8.05 -12.15
C LEU I 442 -50.10 9.49 -11.69
N PRO I 443 -50.71 10.48 -12.33
CA PRO I 443 -50.47 11.87 -11.92
C PRO I 443 -51.15 12.16 -10.60
N PHE I 444 -50.51 13.02 -9.81
CA PHE I 444 -51.09 13.41 -8.53
C PHE I 444 -52.35 14.24 -8.76
N PHE I 445 -53.41 13.89 -8.05
CA PHE I 445 -54.67 14.61 -8.16
C PHE I 445 -55.48 14.36 -6.89
N TYR I 446 -56.30 15.34 -6.53
CA TYR I 446 -57.21 15.20 -5.41
C TYR I 446 -58.64 15.35 -5.93
N TYR I 447 -59.44 14.30 -5.73
CA TYR I 447 -60.83 14.29 -6.17
C TYR I 447 -61.75 14.31 -4.96
N SER I 448 -62.77 15.16 -5.01
CA SER I 448 -63.72 15.25 -3.92
C SER I 448 -65.09 15.62 -4.48
N ASP I 449 -66.07 14.76 -4.26
CA ASP I 449 -67.45 15.05 -4.63
C ASP I 449 -68.33 15.37 -3.44
N SER I 450 -67.78 15.36 -2.22
CA SER I 450 -68.55 15.46 -0.98
C SER I 450 -69.22 16.83 -0.76
N PRO I 451 -70.25 16.91 0.11
CA PRO I 451 -70.83 18.17 0.58
C PRO I 451 -69.78 19.10 1.20
N CYS I 452 -70.13 20.37 1.35
CA CYS I 452 -69.15 21.44 1.62
C CYS I 452 -69.50 22.33 2.82
N GLU I 453 -68.45 22.84 3.49
CA GLU I 453 -68.51 23.94 4.45
C GLU I 453 -67.32 24.90 4.27
N SER I 454 -67.54 26.17 4.60
CA SER I 454 -66.52 27.20 4.75
C SER I 454 -65.61 26.90 5.93
N TYR I 465 -56.64 29.62 7.13
CA TYR I 465 -57.45 29.85 5.93
C TYR I 465 -56.59 30.41 4.81
N VAL I 466 -55.44 29.78 4.58
CA VAL I 466 -54.62 30.17 3.43
C VAL I 466 -55.26 29.63 2.15
N PRO I 467 -55.41 30.43 1.10
CA PRO I 467 -56.11 29.94 -0.10
C PRO I 467 -55.22 29.03 -0.93
N LEU I 468 -55.79 27.92 -1.36
CA LEU I 468 -55.10 26.98 -2.25
C LEU I 468 -55.31 27.38 -3.70
N LYS I 469 -54.21 27.55 -4.42
CA LYS I 469 -54.24 28.02 -5.79
C LYS I 469 -53.62 26.97 -6.72
N SER I 470 -53.73 25.70 -6.33
CA SER I 470 -53.31 24.59 -7.17
C SER I 470 -54.50 24.09 -7.98
N ALA I 471 -54.22 23.62 -9.20
CA ALA I 471 -55.28 23.23 -10.12
C ALA I 471 -55.52 21.73 -10.17
N THR I 472 -54.75 20.93 -9.44
CA THR I 472 -54.99 19.50 -9.36
C THR I 472 -56.11 19.14 -8.40
N CYS I 473 -56.64 20.11 -7.65
CA CYS I 473 -57.68 19.85 -6.66
C CYS I 473 -59.02 19.80 -7.39
N ILE I 474 -59.50 18.59 -7.65
CA ILE I 474 -60.73 18.40 -8.42
C ILE I 474 -61.87 18.39 -7.42
N THR I 475 -62.51 19.53 -7.24
CA THR I 475 -63.72 19.62 -6.43
C THR I 475 -64.52 20.85 -6.82
N ARG I 476 -65.80 20.89 -6.46
CA ARG I 476 -66.69 21.97 -6.83
C ARG I 476 -66.27 23.31 -6.25
N CYS I 477 -65.52 23.33 -5.16
CA CYS I 477 -65.05 24.60 -4.62
C CYS I 477 -63.94 25.20 -5.49
N ASN I 478 -63.25 24.38 -6.31
CA ASN I 478 -62.23 24.89 -7.21
C ASN I 478 -62.80 25.41 -8.52
N LEU I 479 -64.06 25.08 -8.85
CA LEU I 479 -64.69 25.67 -10.02
C LEU I 479 -64.87 27.18 -9.84
N GLY I 480 -65.05 27.63 -8.61
CA GLY I 480 -65.09 29.04 -8.31
C GLY I 480 -63.69 29.63 -8.20
N GLY I 481 -63.64 30.83 -7.61
CA GLY I 481 -62.37 31.53 -7.50
C GLY I 481 -61.50 31.03 -6.36
N ALA I 482 -62.10 30.70 -5.23
CA ALA I 482 -61.35 30.27 -4.06
C ALA I 482 -61.94 28.96 -3.53
N VAL I 483 -61.05 28.09 -3.06
CA VAL I 483 -61.48 26.81 -2.51
C VAL I 483 -61.83 26.99 -1.04
N CYS I 484 -62.86 26.26 -0.58
CA CYS I 484 -63.33 26.38 0.79
C CYS I 484 -62.32 25.77 1.76
N ARG I 485 -62.39 26.17 3.03
CA ARG I 485 -61.41 25.77 4.04
C ARG I 485 -61.45 24.27 4.32
N HIS I 486 -62.61 23.64 4.14
CA HIS I 486 -62.84 22.21 4.30
C HIS I 486 -62.05 21.38 3.28
N HIS I 487 -62.19 21.67 1.98
CA HIS I 487 -61.47 20.94 0.94
C HIS I 487 -60.02 21.37 0.80
N ALA I 488 -59.63 22.57 1.25
CA ALA I 488 -58.23 22.99 1.18
C ALA I 488 -57.37 22.18 2.16
N ASN I 489 -57.79 22.08 3.42
CA ASN I 489 -57.03 21.29 4.37
C ASN I 489 -57.13 19.80 4.04
N GLU I 490 -58.25 19.37 3.47
CA GLU I 490 -58.33 17.97 3.05
C GLU I 490 -57.37 17.67 1.91
N TYR I 491 -57.22 18.63 0.98
CA TYR I 491 -56.23 18.49 -0.09
C TYR I 491 -54.82 18.43 0.48
N ARG I 492 -54.53 19.27 1.46
CA ARG I 492 -53.18 19.25 2.04
C ARG I 492 -52.91 17.96 2.77
N LEU I 493 -53.92 17.42 3.47
CA LEU I 493 -53.79 16.11 4.10
C LEU I 493 -53.52 15.02 3.07
N TYR I 494 -54.29 15.01 1.98
CA TYR I 494 -54.09 13.99 0.96
C TYR I 494 -52.75 14.14 0.25
N LEU I 495 -52.28 15.38 0.08
CA LEU I 495 -50.99 15.59 -0.54
C LEU I 495 -49.86 15.10 0.35
N ASP I 496 -49.95 15.36 1.66
CA ASP I 496 -48.96 14.84 2.58
C ASP I 496 -48.98 13.33 2.62
N ALA I 497 -50.17 12.73 2.56
CA ALA I 497 -50.27 11.27 2.54
C ALA I 497 -49.67 10.69 1.27
N TYR I 498 -49.94 11.31 0.12
CA TYR I 498 -49.40 10.83 -1.14
C TYR I 498 -47.88 10.95 -1.18
N ASN I 499 -47.35 12.06 -0.67
CA ASN I 499 -45.89 12.21 -0.64
C ASN I 499 -45.26 11.21 0.32
N MET I 500 -45.91 10.96 1.47
CA MET I 500 -45.42 9.92 2.39
C MET I 500 -45.40 8.56 1.70
N MET I 501 -46.44 8.25 0.94
CA MET I 501 -46.51 6.97 0.26
C MET I 501 -45.43 6.82 -0.80
N ILE I 502 -45.21 7.86 -1.61
CA ILE I 502 -44.22 7.72 -2.68
C ILE I 502 -42.79 7.89 -2.18
N SER I 503 -42.63 8.41 -0.96
CA SER I 503 -41.28 8.47 -0.35
C SER I 503 -41.02 7.12 0.31
N ALA I 504 -42.07 6.43 0.76
CA ALA I 504 -41.90 5.10 1.30
C ALA I 504 -41.25 4.16 0.29
N GLY I 505 -41.46 4.41 -0.99
CA GLY I 505 -40.93 3.55 -2.03
C GLY I 505 -41.99 2.91 -2.88
N PHE I 506 -43.23 3.39 -2.78
CA PHE I 506 -44.31 2.87 -3.59
C PHE I 506 -44.44 3.68 -4.88
N SER I 507 -44.57 2.97 -5.99
CA SER I 507 -44.75 3.58 -7.30
C SER I 507 -46.15 3.24 -7.81
N LEU I 508 -46.83 4.25 -8.32
CA LEU I 508 -48.21 4.12 -8.80
C LEU I 508 -48.23 4.18 -10.32
N TRP I 509 -48.98 3.27 -10.93
CA TRP I 509 -49.11 3.20 -12.37
C TRP I 509 -50.58 3.03 -12.71
N VAL I 510 -50.95 3.47 -13.92
CA VAL I 510 -52.33 3.48 -14.35
C VAL I 510 -52.35 3.23 -15.85
N TYR I 511 -53.52 2.87 -16.37
CA TYR I 511 -53.67 2.68 -17.81
C TYR I 511 -53.44 3.99 -18.55
N LYS I 512 -53.00 3.86 -19.80
CA LYS I 512 -52.52 5.03 -20.54
C LYS I 512 -53.63 5.99 -20.91
N GLN I 513 -54.89 5.54 -20.95
CA GLN I 513 -56.00 6.41 -21.27
C GLN I 513 -56.59 7.10 -20.04
N PHE I 514 -55.90 7.07 -18.92
CA PHE I 514 -56.40 7.75 -17.72
C PHE I 514 -56.21 9.24 -17.83
N ASP I 515 -57.26 9.99 -17.52
CA ASP I 515 -57.18 11.45 -17.52
C ASP I 515 -58.17 12.00 -16.50
N THR I 516 -57.81 13.15 -15.92
CA THR I 516 -58.65 13.78 -14.92
C THR I 516 -59.77 14.61 -15.54
N TYR I 517 -59.95 14.55 -16.87
CA TYR I 517 -60.98 15.35 -17.51
C TYR I 517 -62.38 14.85 -17.14
N ASN I 518 -62.58 13.53 -17.17
CA ASN I 518 -63.87 12.96 -16.86
C ASN I 518 -64.25 13.16 -15.39
N LEU I 519 -63.26 13.32 -14.52
CA LEU I 519 -63.56 13.64 -13.13
C LEU I 519 -64.14 15.05 -13.02
N TRP I 520 -63.61 15.99 -13.78
CA TRP I 520 -64.13 17.36 -13.81
C TRP I 520 -65.52 17.46 -14.42
N ASN I 521 -66.02 16.40 -15.07
CA ASN I 521 -67.22 16.48 -15.88
C ASN I 521 -68.50 16.15 -15.12
N THR I 522 -68.44 15.24 -14.15
CA THR I 522 -69.64 14.73 -13.49
C THR I 522 -70.31 15.83 -12.66
N PHE I 523 -69.52 16.80 -12.21
CA PHE I 523 -70.03 17.91 -11.42
C PHE I 523 -71.03 18.76 -12.21
N ALA J 1 24.12 -27.35 2.69
CA ALA J 1 25.58 -27.42 2.74
C ALA J 1 26.06 -27.89 4.10
N GLY J 2 26.99 -28.83 4.11
CA GLY J 2 27.51 -29.39 5.33
C GLY J 2 26.57 -30.43 5.93
N ASN J 3 27.15 -31.34 6.70
CA ASN J 3 26.42 -32.44 7.30
C ASN J 3 26.21 -32.16 8.78
N ALA J 4 24.95 -32.21 9.21
CA ALA J 4 24.61 -31.92 10.60
C ALA J 4 25.16 -33.00 11.53
N THR J 5 25.58 -32.58 12.72
CA THR J 5 26.11 -33.50 13.72
C THR J 5 25.30 -33.59 15.00
N GLU J 6 24.47 -32.60 15.30
CA GLU J 6 23.86 -32.51 16.62
C GLU J 6 22.36 -32.75 16.55
N VAL J 7 21.78 -33.06 17.71
CA VAL J 7 20.36 -33.37 17.85
C VAL J 7 19.70 -32.20 18.57
N PRO J 8 18.40 -31.96 18.37
CA PRO J 8 17.76 -30.81 19.04
C PRO J 8 17.63 -30.94 20.54
N ALA J 9 17.78 -32.15 21.09
CA ALA J 9 17.71 -32.31 22.53
C ALA J 9 18.95 -31.77 23.21
N ASN J 10 20.04 -31.60 22.45
CA ASN J 10 21.33 -31.20 23.00
C ASN J 10 21.62 -29.72 22.80
N SER J 11 20.68 -28.94 22.29
CA SER J 11 20.96 -27.53 22.00
C SER J 11 21.21 -26.74 23.28
N THR J 12 20.23 -26.77 24.19
CA THR J 12 20.28 -25.94 25.40
C THR J 12 21.52 -26.24 26.23
N VAL J 13 21.87 -27.51 26.37
CA VAL J 13 23.04 -27.88 27.16
C VAL J 13 24.32 -27.47 26.46
N LEU J 14 24.33 -27.49 25.12
CA LEU J 14 25.59 -27.22 24.43
C LEU J 14 25.78 -25.74 24.15
N SER J 15 24.70 -24.99 24.00
CA SER J 15 24.83 -23.54 23.94
C SER J 15 25.28 -22.99 25.29
N PHE J 16 24.63 -23.43 26.36
CA PHE J 16 24.92 -22.89 27.69
C PHE J 16 26.34 -23.17 28.12
N CYS J 17 26.90 -24.31 27.70
CA CYS J 17 28.27 -24.64 28.04
C CYS J 17 29.26 -24.12 27.02
N ALA J 18 28.81 -23.57 25.90
CA ALA J 18 29.74 -22.96 24.95
C ALA J 18 30.07 -21.54 25.33
N PHE J 19 29.12 -20.82 25.93
CA PHE J 19 29.31 -19.47 26.40
C PHE J 19 29.84 -19.40 27.82
N ALA J 20 29.99 -20.54 28.50
CA ALA J 20 30.34 -20.52 29.90
C ALA J 20 31.83 -20.28 30.09
N VAL J 21 32.18 -19.60 31.18
CA VAL J 21 33.58 -19.42 31.54
C VAL J 21 34.19 -20.74 31.98
N ASP J 22 33.57 -21.37 32.98
CA ASP J 22 33.97 -22.68 33.48
C ASP J 22 32.89 -23.66 33.06
N ALA J 23 33.15 -24.39 31.97
CA ALA J 23 32.12 -25.26 31.40
C ALA J 23 31.88 -26.51 32.23
N ALA J 24 32.88 -26.97 32.99
CA ALA J 24 32.67 -28.12 33.85
C ALA J 24 31.67 -27.81 34.95
N LYS J 25 31.89 -26.71 35.68
CA LYS J 25 30.95 -26.28 36.70
C LYS J 25 29.60 -25.93 36.11
N ALA J 26 29.59 -25.37 34.89
CA ALA J 26 28.33 -25.05 34.24
C ALA J 26 27.53 -26.31 33.92
N TYR J 27 28.19 -27.36 33.44
CA TYR J 27 27.49 -28.60 33.16
C TYR J 27 27.01 -29.27 34.44
N LYS J 28 27.82 -29.22 35.50
CA LYS J 28 27.38 -29.79 36.77
C LYS J 28 26.19 -29.03 37.35
N ASP J 29 26.16 -27.71 37.19
CA ASP J 29 25.01 -26.94 37.65
C ASP J 29 23.79 -27.18 36.78
N TYR J 30 23.98 -27.34 35.47
CA TYR J 30 22.87 -27.69 34.60
C TYR J 30 22.27 -29.04 34.96
N LEU J 31 23.12 -29.98 35.40
CA LEU J 31 22.60 -31.27 35.84
C LEU J 31 21.90 -31.17 37.18
N ALA J 32 22.48 -30.41 38.11
CA ALA J 32 21.89 -30.23 39.43
C ALA J 32 20.62 -29.39 39.41
N SER J 33 20.36 -28.69 38.31
CA SER J 33 19.15 -27.88 38.18
C SER J 33 18.09 -28.56 37.32
N GLY J 34 18.11 -29.89 37.27
CA GLY J 34 17.07 -30.64 36.61
C GLY J 34 17.24 -30.84 35.13
N GLY J 35 18.37 -30.47 34.55
CA GLY J 35 18.55 -30.62 33.13
C GLY J 35 18.77 -32.07 32.73
N GLN J 36 18.61 -32.33 31.44
CA GLN J 36 18.79 -33.68 30.89
C GLN J 36 20.24 -33.86 30.45
N PRO J 37 20.81 -35.05 30.63
CA PRO J 37 22.20 -35.27 30.24
C PRO J 37 22.39 -35.20 28.73
N ILE J 38 23.66 -35.20 28.33
CA ILE J 38 24.02 -35.04 26.92
C ILE J 38 23.77 -36.35 26.19
N THR J 39 22.90 -36.31 25.18
CA THR J 39 22.51 -37.44 24.36
C THR J 39 23.52 -37.60 23.22
N ASN J 40 23.27 -38.60 22.36
CA ASN J 40 23.94 -38.75 21.06
C ASN J 40 25.45 -38.99 21.20
N CYS J 41 25.81 -39.97 22.00
CA CYS J 41 27.19 -40.44 22.10
C CYS J 41 27.38 -41.71 21.28
N VAL J 42 28.64 -41.97 20.92
CA VAL J 42 28.97 -43.15 20.13
C VAL J 42 29.24 -44.32 21.09
N LYS J 43 28.33 -45.29 21.08
CA LYS J 43 28.47 -46.48 21.91
C LYS J 43 29.02 -47.61 21.07
N MET J 44 30.17 -48.15 21.44
CA MET J 44 30.80 -49.22 20.69
C MET J 44 30.09 -50.54 20.93
N LEU J 45 29.93 -51.32 19.85
CA LEU J 45 29.36 -52.66 19.96
C LEU J 45 30.49 -53.66 20.23
N CYS J 46 30.91 -53.68 21.49
CA CYS J 46 31.90 -54.64 21.96
C CYS J 46 31.20 -55.82 22.64
N THR J 47 31.98 -56.86 22.93
CA THR J 47 31.46 -58.08 23.53
C THR J 47 31.70 -58.16 25.02
N HIS J 48 32.10 -57.04 25.65
CA HIS J 48 32.22 -56.90 27.10
C HIS J 48 33.21 -57.87 27.73
N THR J 49 34.25 -58.25 27.00
CA THR J 49 35.34 -59.05 27.56
C THR J 49 36.65 -58.33 27.26
N GLY J 50 37.55 -58.33 28.23
CA GLY J 50 38.81 -57.62 28.08
C GLY J 50 39.18 -56.93 29.38
N THR J 51 40.38 -56.36 29.37
CA THR J 51 40.84 -55.62 30.53
C THR J 51 40.00 -54.37 30.74
N GLY J 52 39.88 -53.95 31.99
CA GLY J 52 39.01 -52.85 32.34
C GLY J 52 39.71 -51.51 32.45
N GLN J 53 40.74 -51.31 31.64
CA GLN J 53 41.45 -50.03 31.63
C GLN J 53 40.51 -48.92 31.17
N ALA J 54 40.70 -47.74 31.76
CA ALA J 54 39.76 -46.64 31.55
C ALA J 54 39.85 -46.07 30.14
N ILE J 55 41.04 -45.60 29.75
CA ILE J 55 41.24 -44.99 28.44
C ILE J 55 42.26 -45.84 27.68
N THR J 56 41.85 -46.34 26.51
CA THR J 56 42.68 -47.23 25.71
C THR J 56 42.65 -46.78 24.26
N VAL J 57 43.55 -47.37 23.47
CA VAL J 57 43.58 -47.10 22.03
C VAL J 57 42.54 -47.93 21.28
N THR J 58 42.09 -49.04 21.87
CA THR J 58 41.10 -49.95 21.31
C THR J 58 40.06 -50.26 22.39
N PRO J 59 38.83 -50.65 22.02
CA PRO J 59 37.84 -50.99 23.05
C PRO J 59 38.29 -52.15 23.93
N GLU J 60 38.39 -51.89 25.22
CA GLU J 60 38.73 -52.90 26.22
C GLU J 60 37.70 -52.77 27.34
N ALA J 61 36.74 -53.67 27.41
CA ALA J 61 35.59 -53.47 28.27
C ALA J 61 35.28 -54.72 29.08
N ASN J 62 34.85 -54.50 30.32
CA ASN J 62 34.33 -55.55 31.19
C ASN J 62 32.83 -55.72 30.96
N MET J 63 32.23 -56.63 31.71
CA MET J 63 30.79 -56.88 31.59
C MET J 63 29.97 -55.84 32.32
N ASP J 64 30.55 -55.18 33.33
CA ASP J 64 29.87 -54.11 34.04
C ASP J 64 30.15 -52.74 33.43
N GLN J 65 30.92 -52.68 32.35
CA GLN J 65 31.33 -51.44 31.73
C GLN J 65 30.80 -51.38 30.30
N GLU J 66 30.96 -50.20 29.70
CA GLU J 66 30.73 -50.00 28.28
C GLU J 66 31.86 -49.12 27.75
N SER J 67 32.07 -49.18 26.44
CA SER J 67 33.14 -48.42 25.80
C SER J 67 32.53 -47.44 24.81
N PHE J 68 32.89 -46.18 24.95
CA PHE J 68 32.48 -45.13 24.04
C PHE J 68 33.70 -44.56 23.33
N GLY J 69 33.45 -43.86 22.23
CA GLY J 69 34.48 -43.08 21.58
C GLY J 69 34.84 -41.91 22.48
N GLY J 70 36.13 -41.74 22.78
CA GLY J 70 36.53 -40.83 23.83
C GLY J 70 36.20 -39.38 23.53
N ALA J 71 36.37 -38.97 22.27
CA ALA J 71 36.04 -37.61 21.84
C ALA J 71 34.59 -37.27 22.11
N SER J 72 33.73 -38.27 22.04
CA SER J 72 32.31 -38.08 22.28
C SER J 72 31.96 -37.99 23.76
N CYS J 73 32.93 -38.21 24.65
CA CYS J 73 32.69 -38.16 26.08
C CYS J 73 33.49 -37.05 26.77
N CYS J 74 34.12 -36.17 26.00
CA CYS J 74 34.83 -35.03 26.54
C CYS J 74 33.94 -33.81 26.36
N LEU J 75 33.56 -33.13 27.42
CA LEU J 75 32.67 -31.97 27.35
C LEU J 75 33.26 -30.87 26.46
N TYR J 76 34.57 -30.68 26.54
CA TYR J 76 35.25 -29.64 25.77
C TYR J 76 35.29 -29.98 24.28
N CYS J 77 35.29 -31.26 23.91
CA CYS J 77 35.11 -31.70 22.52
C CYS J 77 33.65 -31.62 22.08
N ARG J 78 32.69 -31.92 22.95
CA ARG J 78 31.28 -31.81 22.59
C ARG J 78 30.89 -30.35 22.36
N CYS J 79 31.55 -29.42 23.06
CA CYS J 79 31.22 -28.01 23.01
C CYS J 79 32.16 -27.20 22.13
N HIS J 80 33.27 -27.80 21.68
CA HIS J 80 34.26 -27.16 20.82
C HIS J 80 34.82 -25.89 21.45
N ILE J 81 35.37 -26.06 22.66
CA ILE J 81 35.99 -24.97 23.40
C ILE J 81 37.40 -25.40 23.78
N ASP J 82 38.13 -24.47 24.42
CA ASP J 82 39.49 -24.76 24.83
C ASP J 82 39.51 -25.78 25.96
N HIS J 83 40.34 -26.80 25.83
CA HIS J 83 40.55 -27.77 26.89
C HIS J 83 41.35 -27.12 28.01
N PRO J 84 41.05 -27.39 29.29
CA PRO J 84 41.88 -26.90 30.41
C PRO J 84 43.18 -27.65 30.58
N ASN J 85 43.42 -28.67 29.77
CA ASN J 85 44.66 -29.42 29.84
C ASN J 85 45.84 -28.54 29.43
N PRO J 86 47.01 -28.74 30.02
CA PRO J 86 48.21 -28.07 29.50
C PRO J 86 48.51 -28.52 28.07
N LYS J 87 48.88 -27.54 27.24
CA LYS J 87 49.06 -27.62 25.79
C LYS J 87 47.75 -27.89 25.05
N GLY J 88 46.61 -27.82 25.71
CA GLY J 88 45.31 -27.85 25.04
C GLY J 88 45.05 -29.09 24.22
N PHE J 89 45.38 -30.26 24.74
CA PHE J 89 45.23 -31.52 24.02
C PHE J 89 44.25 -32.41 24.77
N CYS J 90 43.21 -32.84 24.08
CA CYS J 90 42.24 -33.73 24.67
C CYS J 90 42.83 -35.12 24.87
N ASP J 91 42.66 -35.69 26.06
CA ASP J 91 43.19 -37.01 26.32
C ASP J 91 42.24 -38.11 25.85
N LEU J 92 40.94 -37.83 25.75
CA LEU J 92 39.94 -38.79 25.27
C LEU J 92 39.81 -38.77 23.74
N LYS J 93 40.15 -37.67 23.06
CA LYS J 93 40.10 -37.57 21.60
C LYS J 93 41.17 -38.49 21.02
N GLY J 94 40.75 -39.44 20.18
CA GLY J 94 41.65 -40.42 19.62
C GLY J 94 41.77 -41.70 20.42
N LYS J 95 40.88 -41.93 21.37
CA LYS J 95 40.95 -43.08 22.28
C LYS J 95 39.54 -43.60 22.50
N TYR J 96 39.46 -44.68 23.28
CA TYR J 96 38.19 -45.23 23.73
C TYR J 96 38.11 -45.14 25.24
N VAL J 97 36.95 -44.76 25.76
CA VAL J 97 36.77 -44.51 27.19
C VAL J 97 35.80 -45.54 27.75
N GLN J 98 36.07 -45.99 28.97
CA GLN J 98 35.31 -47.04 29.64
C GLN J 98 34.45 -46.42 30.72
N ILE J 99 33.14 -46.41 30.50
CA ILE J 99 32.18 -45.86 31.45
C ILE J 99 31.48 -47.03 32.14
N PRO J 100 31.43 -47.06 33.47
CA PRO J 100 30.63 -48.09 34.14
C PRO J 100 29.17 -47.97 33.75
N THR J 101 28.49 -49.12 33.70
CA THR J 101 27.14 -49.16 33.15
C THR J 101 26.16 -48.33 33.98
N THR J 102 26.30 -48.36 35.31
CA THR J 102 25.43 -47.58 36.18
C THR J 102 25.58 -46.08 35.96
N CYS J 103 26.72 -45.62 35.43
CA CYS J 103 26.92 -44.24 35.06
C CYS J 103 26.76 -44.01 33.56
N ALA J 104 26.53 -45.07 32.79
CA ALA J 104 26.45 -44.98 31.33
C ALA J 104 25.24 -44.20 30.85
N ASN J 105 24.33 -43.80 31.75
CA ASN J 105 23.28 -42.87 31.38
C ASN J 105 23.85 -41.52 31.01
N ASP J 106 24.93 -41.10 31.66
CA ASP J 106 25.55 -39.80 31.40
C ASP J 106 27.06 -39.96 31.41
N PRO J 107 27.64 -40.29 30.25
CA PRO J 107 29.11 -40.43 30.21
C PRO J 107 29.84 -39.10 30.28
N VAL J 108 29.28 -38.05 29.64
CA VAL J 108 29.97 -36.77 29.59
C VAL J 108 30.15 -36.19 30.99
N GLY J 109 29.21 -36.47 31.88
CA GLY J 109 29.39 -36.05 33.26
C GLY J 109 30.42 -36.90 33.98
N PHE J 110 30.46 -38.20 33.68
CA PHE J 110 31.33 -39.12 34.42
C PHE J 110 32.79 -38.73 34.27
N THR J 111 33.26 -38.59 33.03
CA THR J 111 34.63 -38.16 32.77
C THR J 111 34.92 -36.76 33.28
N LEU J 112 33.89 -36.00 33.67
CA LEU J 112 34.13 -34.71 34.30
C LEU J 112 34.48 -34.85 35.78
N LYS J 113 33.90 -35.85 36.45
CA LYS J 113 34.03 -35.97 37.89
C LYS J 113 35.09 -36.98 38.32
N ASN J 114 35.27 -38.05 37.56
CA ASN J 114 36.21 -39.09 37.94
C ASN J 114 37.56 -38.91 37.26
N THR J 115 38.58 -39.48 37.88
CA THR J 115 39.94 -39.46 37.33
C THR J 115 40.51 -40.86 37.43
N VAL J 116 41.60 -41.09 36.70
CA VAL J 116 42.24 -42.39 36.62
C VAL J 116 43.48 -42.39 37.49
N CYS J 117 43.82 -43.56 38.02
CA CYS J 117 45.07 -43.79 38.71
C CYS J 117 46.20 -43.91 37.68
N THR J 118 47.27 -43.11 37.76
CA THR J 118 48.28 -43.08 36.71
C THR J 118 49.09 -44.37 36.66
N VAL J 119 49.22 -45.13 37.77
CA VAL J 119 50.02 -46.37 37.78
C VAL J 119 49.23 -47.59 37.30
N CYS J 120 47.90 -47.58 37.46
CA CYS J 120 47.02 -48.63 36.95
C CYS J 120 46.49 -48.33 35.54
N GLY J 121 45.95 -47.13 35.31
CA GLY J 121 45.21 -46.77 34.10
C GLY J 121 43.73 -47.18 34.11
N MET J 122 43.08 -47.23 35.28
CA MET J 122 41.66 -47.55 35.46
C MET J 122 40.99 -46.55 36.43
N TRP J 123 39.65 -46.49 36.44
CA TRP J 123 38.94 -45.43 37.14
C TRP J 123 39.10 -45.55 38.65
N LYS J 124 39.51 -44.44 39.30
CA LYS J 124 39.63 -44.40 40.76
C LYS J 124 38.26 -44.59 41.39
N GLY J 125 38.21 -45.42 42.42
CA GLY J 125 37.01 -45.59 43.22
C GLY J 125 36.04 -46.59 42.66
N TYR J 126 36.02 -46.77 41.34
CA TYR J 126 35.15 -47.74 40.70
C TYR J 126 35.82 -49.06 40.42
N GLY J 127 37.03 -49.04 39.85
CA GLY J 127 37.73 -50.28 39.57
C GLY J 127 39.11 -50.39 40.18
N CYS J 128 39.71 -49.27 40.59
CA CYS J 128 41.06 -49.26 41.12
C CYS J 128 41.13 -49.90 42.52
N SER J 129 42.03 -50.87 42.71
CA SER J 129 42.25 -51.55 43.97
C SER J 129 43.64 -51.27 44.54
N CYS J 130 44.47 -50.39 43.99
CA CYS J 130 45.85 -50.16 44.47
C CYS J 130 45.96 -49.20 45.69
N ASP J 131 45.16 -49.44 46.73
CA ASP J 131 45.05 -48.55 47.88
C ASP J 131 46.15 -48.82 48.89
N GLU K 2 13.34 -35.92 10.99
CA GLU K 2 14.14 -34.73 10.75
C GLU K 2 14.39 -33.99 12.07
N ASN K 3 15.10 -34.63 12.98
CA ASN K 3 15.55 -33.99 14.21
C ASN K 3 17.07 -33.84 14.14
N VAL K 4 17.52 -32.68 13.69
CA VAL K 4 18.92 -32.26 13.70
C VAL K 4 18.92 -30.75 13.87
N THR K 5 20.10 -30.20 14.16
CA THR K 5 20.27 -28.77 14.28
C THR K 5 21.41 -28.30 13.39
N GLY K 6 21.37 -27.03 13.02
CA GLY K 6 22.53 -26.39 12.42
C GLY K 6 23.65 -26.12 13.39
N LEU K 7 23.41 -26.34 14.68
CA LEU K 7 24.44 -26.13 15.69
C LEU K 7 25.55 -27.15 15.53
N PHE K 8 26.79 -26.67 15.52
CA PHE K 8 27.99 -27.49 15.44
C PHE K 8 28.01 -28.38 14.20
N LYS K 9 27.33 -27.94 13.15
CA LYS K 9 27.28 -28.68 11.90
C LYS K 9 28.64 -28.65 11.21
N ASP K 10 29.14 -29.82 10.85
CA ASP K 10 30.41 -29.91 10.16
C ASP K 10 30.25 -29.43 8.72
N CYS K 11 31.04 -28.41 8.36
CA CYS K 11 30.90 -27.77 7.06
C CYS K 11 32.04 -28.10 6.10
N SER K 12 32.96 -28.99 6.47
CA SER K 12 34.09 -29.31 5.62
C SER K 12 33.63 -30.05 4.37
N LYS K 13 34.53 -30.16 3.40
CA LYS K 13 34.20 -30.72 2.10
C LYS K 13 34.60 -32.17 1.96
N VAL K 14 35.12 -32.80 3.01
CA VAL K 14 35.41 -34.22 2.97
C VAL K 14 34.12 -35.01 2.91
N ILE K 15 34.09 -36.06 2.09
CA ILE K 15 32.84 -36.75 1.80
C ILE K 15 32.49 -37.77 2.89
N THR K 16 33.48 -38.36 3.55
CA THR K 16 33.25 -39.40 4.54
C THR K 16 33.40 -38.83 5.94
N GLY K 17 32.71 -39.45 6.89
CA GLY K 17 32.73 -39.02 8.27
C GLY K 17 34.02 -39.39 8.97
N LEU K 18 34.00 -39.23 10.28
CA LEU K 18 35.17 -39.43 11.12
C LEU K 18 35.25 -40.87 11.61
N HIS K 19 36.36 -41.17 12.29
CA HIS K 19 36.58 -42.45 12.93
C HIS K 19 35.55 -42.65 14.05
N PRO K 20 35.42 -43.87 14.58
CA PRO K 20 34.67 -44.04 15.83
C PRO K 20 35.14 -43.13 16.94
N THR K 21 36.43 -43.12 17.24
CA THR K 21 36.98 -42.06 18.06
C THR K 21 37.20 -40.82 17.20
N GLN K 22 37.58 -39.73 17.85
CA GLN K 22 37.74 -38.40 17.24
C GLN K 22 36.42 -37.84 16.70
N ALA K 23 35.30 -38.46 17.03
CA ALA K 23 34.01 -38.01 16.51
C ALA K 23 33.18 -37.47 17.66
N PRO K 24 32.66 -36.24 17.55
CA PRO K 24 31.89 -35.68 18.67
C PRO K 24 30.58 -36.39 18.93
N THR K 25 29.80 -36.69 17.90
CA THR K 25 28.45 -37.21 18.09
C THR K 25 28.27 -38.51 17.32
N HIS K 26 27.10 -39.12 17.49
CA HIS K 26 26.80 -40.37 16.78
C HIS K 26 26.60 -40.12 15.29
N LEU K 27 26.12 -38.95 14.91
CA LEU K 27 25.92 -38.63 13.51
C LEU K 27 27.20 -38.18 12.82
N SER K 28 28.27 -37.92 13.57
CA SER K 28 29.53 -37.46 13.01
C SER K 28 30.45 -38.60 12.59
N VAL K 29 30.02 -39.84 12.77
CA VAL K 29 30.77 -41.00 12.28
C VAL K 29 30.05 -41.54 11.04
N ASP K 30 30.83 -41.96 10.06
CA ASP K 30 30.26 -42.39 8.78
C ASP K 30 29.57 -43.75 8.88
N THR K 31 28.79 -44.10 7.87
CA THR K 31 28.02 -45.33 7.87
C THR K 31 28.91 -46.56 7.76
N LYS K 32 30.15 -46.40 7.31
CA LYS K 32 31.10 -47.51 7.26
C LYS K 32 31.36 -48.11 8.64
N PHE K 33 31.18 -47.34 9.71
CA PHE K 33 31.37 -47.85 11.07
C PHE K 33 30.09 -48.07 11.84
N LYS K 34 28.98 -47.45 11.44
CA LYS K 34 27.72 -47.60 12.16
C LYS K 34 27.20 -49.03 12.04
N THR K 35 26.72 -49.56 13.16
CA THR K 35 26.30 -50.97 13.20
C THR K 35 25.16 -51.14 14.20
N GLU K 36 23.98 -51.52 13.68
CA GLU K 36 22.71 -51.58 14.44
C GLU K 36 22.53 -50.39 15.38
N GLY K 37 22.67 -49.18 14.83
CA GLY K 37 22.54 -48.00 15.67
C GLY K 37 23.68 -47.76 16.63
N LEU K 38 24.72 -48.57 16.57
CA LEU K 38 25.92 -48.44 17.39
C LEU K 38 27.13 -48.40 16.49
N CYS K 39 28.31 -48.23 17.08
CA CYS K 39 29.55 -48.13 16.32
C CYS K 39 30.38 -49.38 16.54
N VAL K 40 31.27 -49.66 15.59
CA VAL K 40 32.13 -50.84 15.63
C VAL K 40 33.52 -50.44 15.18
N ASP K 41 34.53 -50.72 16.01
CA ASP K 41 35.91 -50.48 15.63
C ASP K 41 36.29 -51.49 14.56
N ILE K 42 36.72 -51.00 13.41
CA ILE K 42 37.19 -51.83 12.31
C ILE K 42 38.71 -51.74 12.27
N PRO K 43 39.42 -52.88 12.25
CA PRO K 43 40.88 -52.81 12.38
C PRO K 43 41.58 -52.20 11.17
N GLY K 44 40.99 -52.30 9.98
CA GLY K 44 41.64 -51.81 8.78
C GLY K 44 41.79 -50.30 8.71
N ILE K 45 40.67 -49.59 8.77
CA ILE K 45 40.65 -48.13 8.64
C ILE K 45 41.32 -47.48 9.84
N PRO K 46 42.38 -46.71 9.65
CA PRO K 46 42.97 -45.96 10.76
C PRO K 46 42.27 -44.62 10.93
N LYS K 47 42.49 -44.02 12.11
CA LYS K 47 41.91 -42.72 12.39
C LYS K 47 42.72 -41.64 11.67
N ASP K 48 42.02 -40.66 11.11
CA ASP K 48 42.66 -39.56 10.42
C ASP K 48 43.48 -38.73 11.40
N MET K 49 44.76 -38.52 11.08
CA MET K 49 45.66 -37.81 11.97
C MET K 49 45.96 -36.38 11.50
N THR K 50 45.60 -36.03 10.26
CA THR K 50 45.71 -34.66 9.79
C THR K 50 44.44 -34.30 9.02
N TYR K 51 43.65 -33.40 9.59
CA TYR K 51 42.42 -32.94 8.96
C TYR K 51 41.98 -31.64 9.62
N ARG K 52 41.24 -30.83 8.87
CA ARG K 52 40.71 -29.56 9.35
C ARG K 52 39.25 -29.48 8.93
N ARG K 53 38.35 -29.53 9.90
CA ARG K 53 36.92 -29.49 9.64
C ARG K 53 36.32 -28.27 10.33
N LEU K 54 35.77 -27.36 9.53
CA LEU K 54 35.15 -26.16 10.08
C LEU K 54 33.82 -26.50 10.72
N ILE K 55 33.53 -25.85 11.85
CA ILE K 55 32.34 -26.13 12.65
C ILE K 55 31.44 -24.89 12.62
N SER K 56 30.16 -25.10 12.37
CA SER K 56 29.19 -24.01 12.26
C SER K 56 28.67 -23.65 13.64
N MET K 57 29.13 -22.52 14.16
CA MET K 57 28.61 -21.99 15.43
C MET K 57 27.37 -21.14 15.18
N MET K 58 26.34 -21.78 14.63
CA MET K 58 25.12 -21.09 14.25
C MET K 58 23.93 -21.91 14.72
N GLY K 59 22.96 -21.26 15.36
CA GLY K 59 21.81 -21.97 15.87
C GLY K 59 21.87 -22.17 17.37
N PHE K 60 22.58 -21.28 18.08
CA PHE K 60 22.60 -21.32 19.53
C PHE K 60 21.21 -21.05 20.08
N LYS K 61 20.92 -21.65 21.23
CA LYS K 61 19.64 -21.45 21.92
C LYS K 61 19.93 -21.18 23.38
N MET K 62 19.82 -19.91 23.80
CA MET K 62 20.05 -19.54 25.19
C MET K 62 18.72 -19.56 25.95
N ASN K 63 18.18 -20.76 26.10
CA ASN K 63 16.94 -20.97 26.83
C ASN K 63 17.16 -21.84 28.07
N TYR K 64 18.38 -21.80 28.61
CA TYR K 64 18.72 -22.58 29.78
C TYR K 64 18.05 -22.01 31.03
N GLN K 65 17.72 -22.89 31.96
CA GLN K 65 17.30 -22.50 33.30
C GLN K 65 18.25 -23.15 34.29
N VAL K 66 19.21 -22.38 34.79
CA VAL K 66 20.16 -22.85 35.78
C VAL K 66 20.01 -21.96 37.00
N ASN K 67 20.25 -22.55 38.18
CA ASN K 67 19.78 -21.94 39.43
C ASN K 67 20.55 -20.66 39.75
N GLY K 68 21.87 -20.67 39.60
CA GLY K 68 22.65 -19.50 39.94
C GLY K 68 23.04 -18.61 38.78
N TYR K 69 22.60 -18.93 37.57
CA TYR K 69 23.08 -18.24 36.37
C TYR K 69 22.01 -17.29 35.87
N PRO K 70 22.32 -16.02 35.66
CA PRO K 70 21.31 -15.10 35.13
C PRO K 70 21.04 -15.37 33.67
N ASN K 71 19.81 -15.09 33.25
CA ASN K 71 19.41 -15.33 31.87
C ASN K 71 19.87 -14.20 30.97
N MET K 72 20.33 -14.55 29.77
CA MET K 72 20.80 -13.54 28.84
C MET K 72 19.64 -12.76 28.24
N PHE K 73 18.59 -13.46 27.81
CA PHE K 73 17.43 -12.79 27.24
C PHE K 73 16.47 -12.38 28.35
N ILE K 74 16.10 -11.11 28.36
CA ILE K 74 15.26 -10.54 29.40
C ILE K 74 13.94 -10.12 28.79
N THR K 75 12.98 -9.82 29.66
CA THR K 75 11.64 -9.43 29.25
C THR K 75 11.64 -7.99 28.75
N ARG K 76 10.47 -7.54 28.29
CA ARG K 76 10.38 -6.15 27.84
C ARG K 76 10.35 -5.19 29.01
N GLU K 77 9.77 -5.60 30.15
CA GLU K 77 9.68 -4.71 31.30
C GLU K 77 11.05 -4.47 31.92
N GLU K 78 11.88 -5.52 31.98
CA GLU K 78 13.23 -5.35 32.48
C GLU K 78 14.09 -4.52 31.53
N ALA K 79 13.89 -4.69 30.23
CA ALA K 79 14.60 -3.88 29.25
C ALA K 79 14.19 -2.41 29.35
N ILE K 80 12.91 -2.15 29.60
CA ILE K 80 12.44 -0.78 29.78
C ILE K 80 13.04 -0.20 31.05
N ARG K 81 13.11 -0.99 32.12
CA ARG K 81 13.72 -0.51 33.36
C ARG K 81 15.21 -0.30 33.22
N HIS K 82 15.86 -0.97 32.25
CA HIS K 82 17.31 -0.90 32.12
C HIS K 82 17.74 -0.14 30.87
N VAL K 83 16.94 0.84 30.45
CA VAL K 83 17.44 1.84 29.52
C VAL K 83 18.53 2.65 30.24
N ARG K 84 19.41 3.27 29.44
CA ARG K 84 20.80 3.65 29.71
C ARG K 84 21.72 2.46 29.74
N ALA K 85 21.25 1.28 29.33
CA ALA K 85 22.13 0.17 29.03
C ALA K 85 21.89 -0.36 27.63
N TRP K 86 20.96 0.22 26.88
CA TRP K 86 20.64 -0.27 25.56
C TRP K 86 21.75 0.09 24.59
N ILE K 87 22.42 -0.93 24.06
CA ILE K 87 23.38 -0.78 22.99
C ILE K 87 22.87 -1.60 21.82
N GLY K 88 22.49 -0.93 20.74
CA GLY K 88 22.12 -1.65 19.54
C GLY K 88 23.28 -2.48 19.01
N PHE K 89 22.94 -3.57 18.34
CA PHE K 89 23.98 -4.49 17.88
C PHE K 89 23.53 -5.15 16.59
N ASP K 90 24.36 -5.04 15.56
CA ASP K 90 24.11 -5.70 14.29
C ASP K 90 25.44 -6.16 13.72
N VAL K 91 25.44 -7.35 13.12
CA VAL K 91 26.64 -7.93 12.54
C VAL K 91 26.38 -8.22 11.08
N GLU K 92 27.37 -7.91 10.25
CA GLU K 92 27.39 -8.37 8.87
C GLU K 92 28.34 -9.55 8.78
N GLY K 93 28.04 -10.48 7.88
CA GLY K 93 28.73 -11.76 7.84
C GLY K 93 29.19 -12.12 6.45
N CYS K 94 30.28 -12.87 6.41
CA CYS K 94 30.83 -13.40 5.18
C CYS K 94 30.67 -14.91 5.13
N HIS K 95 30.57 -15.46 3.94
CA HIS K 95 30.35 -16.89 3.78
C HIS K 95 31.71 -17.58 3.63
N ALA K 96 31.89 -18.79 4.12
CA ALA K 96 33.09 -19.61 4.00
C ALA K 96 33.04 -20.37 2.68
N THR K 97 34.02 -20.13 1.79
CA THR K 97 33.92 -20.64 0.44
C THR K 97 34.90 -21.76 0.06
N ARG K 98 36.17 -21.70 0.48
CA ARG K 98 37.16 -22.52 -0.22
C ARG K 98 37.35 -23.91 0.37
N GLU K 99 37.66 -24.00 1.66
CA GLU K 99 37.91 -25.28 2.30
C GLU K 99 36.67 -25.86 2.95
N ALA K 100 35.69 -25.02 3.27
CA ALA K 100 34.44 -25.46 3.87
C ALA K 100 33.33 -24.57 3.34
N VAL K 101 32.12 -25.12 3.31
CA VAL K 101 30.94 -24.42 2.82
C VAL K 101 29.78 -24.75 3.75
N GLY K 102 29.03 -23.75 4.16
CA GLY K 102 27.89 -24.02 5.02
C GLY K 102 27.84 -23.27 6.34
N THR K 103 28.69 -22.27 6.53
CA THR K 103 28.60 -21.43 7.72
C THR K 103 28.98 -20.00 7.36
N ASN K 104 28.51 -19.07 8.19
CA ASN K 104 28.82 -17.66 8.06
C ASN K 104 29.73 -17.24 9.21
N LEU K 105 30.48 -16.18 8.97
CA LEU K 105 31.44 -15.69 9.95
C LEU K 105 31.27 -14.18 10.12
N PRO K 106 31.40 -13.66 11.34
CA PRO K 106 31.23 -12.22 11.56
C PRO K 106 32.37 -11.44 10.91
N LEU K 107 32.02 -10.58 9.96
CA LEU K 107 32.99 -9.71 9.31
C LEU K 107 33.02 -8.30 9.86
N GLN K 108 31.85 -7.74 10.17
CA GLN K 108 31.76 -6.37 10.68
C GLN K 108 30.76 -6.33 11.82
N LEU K 109 31.19 -5.78 12.95
CA LEU K 109 30.35 -5.67 14.14
C LEU K 109 30.10 -4.19 14.41
N GLY K 110 28.83 -3.81 14.42
CA GLY K 110 28.45 -2.41 14.59
C GLY K 110 27.57 -2.24 15.81
N PHE K 111 27.76 -1.12 16.51
CA PHE K 111 27.05 -0.83 17.74
C PHE K 111 26.37 0.52 17.61
N SER K 112 25.36 0.76 18.46
CA SER K 112 24.64 2.02 18.43
C SER K 112 25.48 3.18 18.94
N THR K 113 26.62 2.90 19.59
CA THR K 113 27.60 3.94 19.88
C THR K 113 28.07 4.60 18.60
N GLY K 114 28.17 3.84 17.51
CA GLY K 114 28.61 4.34 16.23
C GLY K 114 29.82 3.62 15.68
N VAL K 115 30.52 2.84 16.49
CA VAL K 115 31.75 2.21 16.06
C VAL K 115 31.47 1.02 15.16
N ASN K 116 32.36 0.79 14.22
CA ASN K 116 32.37 -0.41 13.40
C ASN K 116 33.70 -1.11 13.59
N LEU K 117 33.66 -2.40 13.85
CA LEU K 117 34.86 -3.19 14.06
C LEU K 117 34.88 -4.31 13.02
N VAL K 118 35.83 -4.26 12.11
CA VAL K 118 35.98 -5.29 11.10
C VAL K 118 36.93 -6.35 11.63
N ALA K 119 36.54 -7.61 11.51
CA ALA K 119 37.32 -8.72 12.03
C ALA K 119 37.75 -9.64 10.89
N VAL K 120 38.92 -10.24 11.06
CA VAL K 120 39.36 -11.30 10.14
C VAL K 120 38.36 -12.44 10.21
N PRO K 121 37.96 -13.05 9.08
CA PRO K 121 37.11 -14.24 9.17
C PRO K 121 37.80 -15.36 9.91
N THR K 122 37.24 -15.76 11.03
CA THR K 122 37.89 -16.68 11.95
C THR K 122 36.85 -17.67 12.46
N GLY K 123 37.14 -18.96 12.33
CA GLY K 123 36.21 -19.99 12.71
C GLY K 123 36.84 -20.98 13.68
N TYR K 124 36.01 -21.94 14.09
CA TYR K 124 36.44 -23.01 14.98
C TYR K 124 36.57 -24.27 14.13
N VAL K 125 37.79 -24.68 13.84
CA VAL K 125 38.07 -25.82 12.99
C VAL K 125 38.38 -27.04 13.87
N ASP K 126 37.97 -28.21 13.41
CA ASP K 126 38.27 -29.45 14.11
C ASP K 126 39.67 -29.94 13.75
N THR K 127 40.48 -30.16 14.76
CA THR K 127 41.80 -30.77 14.62
C THR K 127 41.72 -32.12 15.31
N PRO K 128 42.61 -33.07 15.00
CA PRO K 128 42.59 -34.37 15.70
C PRO K 128 42.96 -34.30 17.17
N ASN K 129 43.49 -33.18 17.66
CA ASN K 129 43.84 -33.03 19.07
C ASN K 129 42.94 -32.07 19.83
N ASN K 130 42.37 -31.07 19.16
CA ASN K 130 41.62 -30.02 19.83
C ASN K 130 40.75 -29.32 18.80
N THR K 131 40.05 -28.28 19.25
CA THR K 131 39.36 -27.37 18.36
C THR K 131 40.16 -26.07 18.28
N ASP K 132 40.52 -25.66 17.07
CA ASP K 132 41.41 -24.54 16.85
C ASP K 132 40.63 -23.32 16.39
N PHE K 133 40.93 -22.17 16.99
CA PHE K 133 40.31 -20.90 16.63
C PHE K 133 41.22 -20.23 15.61
N SER K 134 40.91 -20.40 14.32
CA SER K 134 41.84 -20.05 13.27
C SER K 134 41.15 -19.31 12.14
N ARG K 135 41.92 -18.50 11.44
CA ARG K 135 41.42 -17.82 10.25
C ARG K 135 41.09 -18.83 9.16
N VAL K 136 39.92 -18.68 8.54
CA VAL K 136 39.51 -19.55 7.46
C VAL K 136 39.30 -18.71 6.21
N SER K 137 39.20 -19.40 5.08
CA SER K 137 38.92 -18.75 3.81
C SER K 137 37.46 -18.37 3.71
N ALA K 138 37.19 -17.14 3.30
CA ALA K 138 35.82 -16.66 3.27
C ALA K 138 35.64 -15.68 2.13
N LYS K 139 34.38 -15.55 1.68
CA LYS K 139 34.01 -14.65 0.61
C LYS K 139 32.84 -13.77 1.07
N PRO K 140 32.72 -12.56 0.53
CA PRO K 140 31.56 -11.72 0.85
C PRO K 140 30.29 -12.32 0.29
N PRO K 141 29.12 -11.94 0.81
CA PRO K 141 27.87 -12.47 0.30
C PRO K 141 27.61 -12.03 -1.13
N PRO K 142 27.06 -12.90 -1.97
CA PRO K 142 26.64 -12.46 -3.30
C PRO K 142 25.44 -11.54 -3.20
N GLY K 143 25.41 -10.55 -4.09
CA GLY K 143 24.35 -9.57 -4.11
C GLY K 143 24.93 -8.17 -4.19
N ASP K 144 24.10 -7.23 -4.63
CA ASP K 144 24.55 -5.85 -4.81
C ASP K 144 24.33 -4.97 -3.60
N GLN K 145 23.53 -5.41 -2.63
CA GLN K 145 23.42 -4.71 -1.36
C GLN K 145 24.49 -5.14 -0.38
N PHE K 146 25.39 -6.04 -0.78
CA PHE K 146 26.54 -6.45 0.03
C PHE K 146 27.86 -6.16 -0.67
N LYS K 147 27.85 -5.27 -1.66
CA LYS K 147 29.07 -4.95 -2.40
C LYS K 147 30.02 -4.05 -1.61
N HIS K 148 29.55 -3.46 -0.51
CA HIS K 148 30.41 -2.65 0.34
C HIS K 148 31.20 -3.50 1.33
N LEU K 149 30.93 -4.79 1.42
CA LEU K 149 31.68 -5.70 2.27
C LEU K 149 32.93 -6.24 1.59
N ILE K 150 33.07 -6.02 0.29
CA ILE K 150 34.23 -6.49 -0.47
C ILE K 150 35.52 -5.78 -0.05
N PRO K 151 35.55 -4.45 0.17
CA PRO K 151 36.79 -3.86 0.68
C PRO K 151 37.12 -4.24 2.11
N LEU K 152 36.15 -4.74 2.88
CA LEU K 152 36.38 -5.07 4.27
C LEU K 152 37.04 -6.43 4.45
N MET K 153 37.08 -7.26 3.42
CA MET K 153 37.68 -8.59 3.55
C MET K 153 39.19 -8.53 3.67
N TYR K 154 39.81 -7.41 3.30
CA TYR K 154 41.25 -7.25 3.42
C TYR K 154 41.65 -6.32 4.55
N LYS K 155 40.74 -5.47 5.01
CA LYS K 155 40.90 -4.80 6.29
C LYS K 155 40.49 -5.74 7.41
N GLY K 156 40.59 -5.26 8.64
CA GLY K 156 40.11 -6.08 9.73
C GLY K 156 41.23 -6.57 10.62
N LEU K 157 40.98 -6.59 11.91
CA LEU K 157 41.91 -6.91 12.97
C LEU K 157 41.72 -8.34 13.43
N PRO K 158 42.71 -8.93 14.09
CA PRO K 158 42.49 -10.22 14.74
C PRO K 158 41.46 -10.09 15.84
N TRP K 159 40.82 -11.21 16.17
CA TRP K 159 39.69 -11.16 17.09
C TRP K 159 40.11 -10.77 18.50
N ASN K 160 41.39 -10.89 18.83
CA ASN K 160 41.91 -10.46 20.15
C ASN K 160 41.73 -8.94 20.26
N VAL K 161 42.29 -8.19 19.31
CA VAL K 161 42.17 -6.74 19.28
C VAL K 161 40.72 -6.32 19.14
N VAL K 162 39.93 -7.08 18.38
CA VAL K 162 38.54 -6.71 18.16
C VAL K 162 37.74 -6.82 19.45
N ARG K 163 37.92 -7.90 20.22
CA ARG K 163 37.15 -8.03 21.45
C ARG K 163 37.67 -7.07 22.52
N ILE K 164 38.97 -6.77 22.52
CA ILE K 164 39.48 -5.77 23.45
C ILE K 164 38.89 -4.39 23.13
N LYS K 165 38.77 -4.07 21.84
CA LYS K 165 38.16 -2.80 21.46
C LYS K 165 36.66 -2.78 21.76
N ILE K 166 35.99 -3.93 21.65
CA ILE K 166 34.59 -4.03 22.05
C ILE K 166 34.43 -3.67 23.52
N VAL K 167 35.26 -4.28 24.37
CA VAL K 167 35.17 -4.03 25.81
C VAL K 167 35.50 -2.58 26.12
N GLN K 168 36.51 -2.02 25.43
CA GLN K 168 36.87 -0.62 25.64
C GLN K 168 35.72 0.31 25.26
N MET K 169 35.09 0.06 24.11
CA MET K 169 34.00 0.92 23.67
C MET K 169 32.81 0.84 24.60
N LEU K 170 32.44 -0.38 25.02
CA LEU K 170 31.30 -0.52 25.92
C LEU K 170 31.59 0.11 27.27
N SER K 171 32.82 0.00 27.75
CA SER K 171 33.15 0.59 29.04
C SER K 171 33.27 2.10 28.97
N ASP K 172 33.65 2.65 27.81
CA ASP K 172 33.65 4.10 27.67
C ASP K 172 32.23 4.63 27.55
N THR K 173 31.34 3.87 26.93
CA THR K 173 29.96 4.33 26.75
C THR K 173 29.18 4.25 28.06
N LEU K 174 29.25 3.10 28.75
CA LEU K 174 28.28 2.77 29.78
C LEU K 174 28.80 2.94 31.20
N LYS K 175 30.01 3.47 31.41
CA LYS K 175 30.53 3.54 32.76
C LYS K 175 29.79 4.53 33.65
N ASN K 176 29.14 5.53 33.06
CA ASN K 176 28.36 6.49 33.83
C ASN K 176 26.86 6.32 33.64
N LEU K 177 26.43 5.45 32.73
CA LEU K 177 25.02 5.26 32.43
C LEU K 177 24.39 4.11 33.22
N SER K 178 25.06 2.96 33.29
CA SER K 178 24.46 1.79 33.90
C SER K 178 25.56 0.86 34.42
N ASP K 179 25.13 -0.23 35.03
CA ASP K 179 26.02 -1.26 35.54
C ASP K 179 25.92 -2.55 34.73
N ARG K 180 25.36 -2.49 33.54
CA ARG K 180 25.23 -3.66 32.69
C ARG K 180 25.13 -3.19 31.25
N VAL K 181 25.02 -4.13 30.33
CA VAL K 181 24.82 -3.84 28.92
C VAL K 181 23.63 -4.65 28.42
N VAL K 182 22.72 -3.99 27.70
CA VAL K 182 21.55 -4.64 27.13
C VAL K 182 21.65 -4.51 25.62
N PHE K 183 22.04 -5.57 24.94
CA PHE K 183 22.19 -5.57 23.50
C PHE K 183 20.82 -5.65 22.85
N VAL K 184 20.46 -4.63 22.09
CA VAL K 184 19.17 -4.56 21.43
C VAL K 184 19.36 -5.14 20.03
N LEU K 185 18.94 -6.38 19.85
CA LEU K 185 19.15 -7.13 18.61
C LEU K 185 17.91 -7.06 17.74
N TRP K 186 18.11 -7.22 16.43
CA TRP K 186 16.97 -7.35 15.53
C TRP K 186 16.65 -8.80 15.19
N ALA K 187 17.65 -9.62 14.93
CA ALA K 187 17.45 -11.05 14.74
C ALA K 187 18.62 -11.75 15.43
N HIS K 188 18.33 -12.47 16.51
CA HIS K 188 19.37 -12.87 17.44
C HIS K 188 20.17 -14.08 16.99
N GLY K 189 19.86 -14.67 15.85
CA GLY K 189 20.62 -15.84 15.41
C GLY K 189 22.07 -15.56 15.12
N PHE K 190 22.32 -14.71 14.12
CA PHE K 190 23.69 -14.37 13.80
C PHE K 190 24.32 -13.47 14.85
N ALA K 191 23.50 -12.71 15.57
CA ALA K 191 24.04 -11.92 16.68
C ALA K 191 24.57 -12.82 17.79
N LEU K 192 23.88 -13.93 18.06
CA LEU K 192 24.39 -14.89 19.05
C LEU K 192 25.62 -15.61 18.52
N THR K 193 25.61 -15.97 17.23
CA THR K 193 26.80 -16.51 16.59
C THR K 193 28.01 -15.61 16.79
N SER K 194 27.82 -14.31 16.61
CA SER K 194 28.92 -13.36 16.79
C SER K 194 29.26 -13.18 18.26
N MET K 195 28.27 -13.24 19.15
CA MET K 195 28.51 -13.09 20.58
C MET K 195 29.31 -14.25 21.14
N LYS K 196 29.28 -15.41 20.48
CA LYS K 196 30.16 -16.52 20.87
C LYS K 196 31.62 -16.08 20.92
N TYR K 197 32.01 -15.09 20.11
CA TYR K 197 33.41 -14.70 20.01
C TYR K 197 33.87 -13.80 21.16
N PHE K 198 33.00 -12.93 21.67
CA PHE K 198 33.44 -11.97 22.70
C PHE K 198 32.60 -11.97 23.96
N VAL K 199 31.77 -12.98 24.21
CA VAL K 199 30.93 -13.04 25.39
C VAL K 199 31.17 -14.36 26.11
N LYS K 200 31.33 -14.29 27.44
CA LYS K 200 31.55 -15.47 28.27
C LYS K 200 30.72 -15.32 29.53
N ILE K 201 29.76 -16.22 29.74
CA ILE K 201 28.75 -16.05 30.77
C ILE K 201 29.04 -16.99 31.93
N GLY K 202 28.44 -16.68 33.08
CA GLY K 202 28.59 -17.50 34.26
C GLY K 202 27.70 -17.00 35.38
N PRO K 203 27.98 -17.42 36.61
CA PRO K 203 27.23 -16.88 37.75
C PRO K 203 27.59 -15.42 37.99
N GLU K 204 26.71 -14.74 38.71
CA GLU K 204 26.89 -13.32 38.95
C GLU K 204 28.09 -13.10 39.87
N ARG K 205 29.05 -12.31 39.40
CA ARG K 205 30.27 -12.03 40.14
C ARG K 205 30.34 -10.56 40.49
N THR K 206 31.28 -10.24 41.35
CA THR K 206 31.51 -8.88 41.81
C THR K 206 32.83 -8.38 41.25
N CYS K 207 32.97 -7.11 40.90
CA CYS K 207 34.24 -6.50 40.48
C CYS K 207 35.39 -6.76 41.49
N CYS K 208 36.60 -6.97 40.97
CA CYS K 208 37.78 -6.95 41.86
C CYS K 208 38.07 -5.45 41.86
N LEU K 209 38.59 -4.85 42.93
CA LEU K 209 38.97 -3.42 42.94
C LEU K 209 37.77 -2.55 43.30
N CYS K 210 36.57 -3.13 43.39
CA CYS K 210 35.41 -2.33 43.87
C CYS K 210 34.26 -3.27 44.17
N ASP K 211 33.09 -2.70 44.32
CA ASP K 211 31.98 -3.55 44.73
C ASP K 211 30.84 -3.60 43.71
N ARG K 212 31.06 -3.11 42.51
CA ARG K 212 29.95 -3.03 41.53
C ARG K 212 29.88 -4.32 40.75
N ARG K 213 28.77 -4.57 40.08
CA ARG K 213 28.54 -5.79 39.33
C ARG K 213 29.63 -6.00 38.30
N ALA K 214 30.16 -7.21 38.23
CA ALA K 214 31.23 -7.53 37.30
C ALA K 214 30.66 -7.71 35.91
N THR K 215 31.16 -6.92 34.95
CA THR K 215 30.64 -6.97 33.60
C THR K 215 31.68 -7.39 32.56
N CYS K 216 32.97 -7.31 32.89
CA CYS K 216 34.02 -7.74 31.98
C CYS K 216 34.85 -8.84 32.64
N PHE K 217 35.45 -9.68 31.81
CA PHE K 217 36.23 -10.82 32.29
C PHE K 217 37.47 -10.97 31.41
N SER K 218 38.61 -11.19 32.04
CA SER K 218 39.88 -11.32 31.31
C SER K 218 40.35 -12.77 31.35
N THR K 219 40.81 -13.27 30.20
CA THR K 219 41.32 -14.63 30.13
C THR K 219 42.82 -14.73 30.41
N ALA K 220 43.55 -13.62 30.29
CA ALA K 220 44.96 -13.63 30.65
C ALA K 220 45.13 -13.90 32.15
N SER K 221 44.54 -13.06 32.98
CA SER K 221 44.37 -13.34 34.40
C SER K 221 42.88 -13.48 34.66
N ASP K 222 42.47 -14.58 35.27
CA ASP K 222 41.06 -14.92 35.33
C ASP K 222 40.35 -14.07 36.37
N THR K 223 40.15 -12.80 36.03
CA THR K 223 39.56 -11.83 36.92
C THR K 223 38.41 -11.11 36.22
N TYR K 224 37.48 -10.62 37.03
CA TYR K 224 36.31 -9.91 36.55
C TYR K 224 36.38 -8.46 37.03
N ALA K 225 35.75 -7.56 36.30
CA ALA K 225 35.77 -6.13 36.57
C ALA K 225 34.47 -5.47 36.13
N CYS K 226 34.08 -4.35 36.73
CA CYS K 226 32.99 -3.52 36.26
C CYS K 226 33.45 -2.64 35.11
N TRP K 227 32.57 -1.76 34.65
CA TRP K 227 32.83 -0.88 33.52
C TRP K 227 33.93 0.13 33.79
N HIS K 228 34.22 0.47 35.05
CA HIS K 228 35.27 1.44 35.40
C HIS K 228 36.66 0.81 35.38
N HIS K 229 36.82 -0.33 36.06
CA HIS K 229 38.10 -1.00 36.29
C HIS K 229 38.51 -1.95 35.17
N SER K 230 37.87 -1.90 33.99
CA SER K 230 38.16 -2.86 32.94
C SER K 230 39.09 -2.22 31.93
N ILE K 231 40.38 -2.48 32.07
CA ILE K 231 41.40 -2.01 31.13
C ILE K 231 42.24 -3.22 30.75
N GLY K 232 42.25 -3.56 29.47
CA GLY K 232 42.89 -4.78 29.04
C GLY K 232 42.04 -6.01 29.17
N PHE K 233 40.76 -5.87 29.50
CA PHE K 233 39.84 -6.99 29.57
C PHE K 233 39.25 -7.23 28.19
N ASP K 234 39.05 -8.50 27.85
CA ASP K 234 38.70 -8.86 26.49
C ASP K 234 37.32 -9.47 26.32
N TYR K 235 36.63 -9.82 27.40
CA TYR K 235 35.33 -10.48 27.29
C TYR K 235 34.27 -9.70 28.06
N VAL K 236 33.06 -9.66 27.50
CA VAL K 236 31.90 -9.10 28.17
C VAL K 236 31.26 -10.21 28.98
N TYR K 237 31.22 -10.06 30.30
CA TYR K 237 30.88 -11.19 31.16
C TYR K 237 29.40 -11.58 31.10
N ASN K 238 28.50 -10.71 31.51
CA ASN K 238 27.09 -11.07 31.60
C ASN K 238 26.26 -10.02 30.90
N PRO K 239 26.19 -10.07 29.58
CA PRO K 239 25.34 -9.15 28.85
C PRO K 239 23.91 -9.64 28.85
N PHE K 240 22.99 -8.70 28.83
CA PHE K 240 21.58 -9.00 28.61
C PHE K 240 21.22 -8.57 27.20
N MET K 241 20.13 -9.12 26.69
CA MET K 241 19.77 -8.80 25.32
C MET K 241 18.28 -9.00 25.12
N ILE K 242 17.74 -8.23 24.18
CA ILE K 242 16.35 -8.37 23.76
C ILE K 242 16.31 -8.42 22.25
N ASP K 243 15.60 -9.40 21.71
CA ASP K 243 15.29 -9.39 20.29
C ASP K 243 14.06 -8.52 20.06
N VAL K 244 14.08 -7.76 18.98
CA VAL K 244 12.98 -6.85 18.69
C VAL K 244 12.07 -7.40 17.59
N GLN K 245 12.54 -8.36 16.80
CA GLN K 245 11.64 -9.04 15.87
C GLN K 245 10.60 -9.88 16.60
N GLN K 246 10.89 -10.29 17.83
CA GLN K 246 9.96 -11.07 18.64
C GLN K 246 8.85 -10.22 19.25
N TRP K 247 8.80 -8.93 18.93
CA TRP K 247 7.73 -8.06 19.37
C TRP K 247 6.63 -7.92 18.32
N GLY K 248 6.48 -8.91 17.45
CA GLY K 248 5.44 -8.90 16.45
C GLY K 248 5.63 -7.90 15.33
N PHE K 249 6.71 -8.04 14.56
CA PHE K 249 6.94 -7.20 13.39
C PHE K 249 6.87 -8.04 12.12
N THR K 250 6.57 -7.37 11.02
CA THR K 250 6.59 -7.96 9.70
C THR K 250 7.53 -7.16 8.81
N GLY K 251 8.27 -7.87 7.96
CA GLY K 251 9.25 -7.22 7.11
C GLY K 251 10.60 -7.09 7.78
N ASN K 252 11.52 -6.44 7.08
CA ASN K 252 12.87 -6.25 7.56
C ASN K 252 12.94 -5.06 8.50
N LEU K 253 14.15 -4.79 9.00
CA LEU K 253 14.33 -3.77 10.02
C LEU K 253 14.11 -2.37 9.47
N GLN K 254 14.56 -2.11 8.24
CA GLN K 254 14.44 -0.77 7.68
C GLN K 254 12.98 -0.40 7.40
N SER K 255 12.19 -1.37 6.92
CA SER K 255 10.79 -1.09 6.63
C SER K 255 10.00 -0.78 7.89
N ASN K 256 10.36 -1.38 9.00
CA ASN K 256 9.67 -1.10 10.25
C ASN K 256 10.20 0.13 10.97
N HIS K 257 11.48 0.45 10.77
CA HIS K 257 12.01 1.67 11.38
C HIS K 257 11.54 2.91 10.64
N ASP K 258 11.44 2.82 9.32
CA ASP K 258 11.08 3.97 8.50
C ASP K 258 9.62 4.36 8.62
N LEU K 259 8.80 3.60 9.35
CA LEU K 259 7.43 4.03 9.58
C LEU K 259 7.35 5.14 10.61
N TYR K 260 8.32 5.19 11.54
CA TYR K 260 8.28 6.15 12.63
C TYR K 260 9.47 7.08 12.68
N CYS K 261 10.51 6.87 11.86
CA CYS K 261 11.72 7.67 11.96
C CYS K 261 12.23 7.98 10.57
N GLN K 262 12.72 9.20 10.38
CA GLN K 262 13.28 9.64 9.11
C GLN K 262 14.73 10.09 9.21
N VAL K 263 15.31 10.16 10.41
CA VAL K 263 16.65 10.71 10.57
C VAL K 263 17.73 9.63 10.56
N HIS K 264 17.37 8.37 10.45
CA HIS K 264 18.33 7.28 10.30
C HIS K 264 18.15 6.63 8.95
N GLY K 265 19.20 5.97 8.48
CA GLY K 265 19.18 5.34 7.18
C GLY K 265 20.39 4.47 6.97
N ASN K 266 20.83 4.34 5.71
CA ASN K 266 22.07 3.64 5.35
C ASN K 266 22.03 2.18 5.82
N ALA K 267 21.01 1.47 5.37
CA ALA K 267 20.79 0.09 5.77
C ALA K 267 21.94 -0.81 5.32
N HIS K 268 22.04 -1.97 5.99
CA HIS K 268 23.03 -3.02 5.79
C HIS K 268 24.45 -2.60 6.11
N VAL K 269 24.63 -1.44 6.72
CA VAL K 269 25.87 -1.12 7.43
C VAL K 269 25.63 -1.44 8.89
N ALA K 270 26.62 -2.08 9.53
CA ALA K 270 26.39 -2.67 10.84
C ALA K 270 26.04 -1.62 11.89
N SER K 271 26.78 -0.51 11.91
CA SER K 271 26.51 0.53 12.89
C SER K 271 25.16 1.20 12.65
N CYS K 272 24.81 1.45 11.39
CA CYS K 272 23.54 2.08 11.10
C CYS K 272 22.37 1.15 11.36
N ASP K 273 22.54 -0.15 11.11
CA ASP K 273 21.50 -1.10 11.48
C ASP K 273 21.35 -1.20 12.99
N ALA K 274 22.46 -1.08 13.73
CA ALA K 274 22.37 -1.07 15.19
C ALA K 274 21.61 0.16 15.69
N ILE K 275 21.88 1.33 15.10
CA ILE K 275 21.18 2.55 15.49
C ILE K 275 19.70 2.45 15.13
N MET K 276 19.39 1.86 13.97
CA MET K 276 18.00 1.64 13.59
C MET K 276 17.29 0.71 14.57
N THR K 277 17.97 -0.35 15.00
CA THR K 277 17.37 -1.30 15.93
C THR K 277 17.08 -0.63 17.28
N ARG K 278 18.06 0.10 17.81
CA ARG K 278 17.85 0.77 19.09
C ARG K 278 16.76 1.83 18.99
N CYS K 279 16.70 2.55 17.87
CA CYS K 279 15.68 3.58 17.71
C CYS K 279 14.29 2.95 17.61
N LEU K 280 14.17 1.83 16.91
CA LEU K 280 12.89 1.15 16.80
C LEU K 280 12.43 0.62 18.15
N ALA K 281 13.36 0.10 18.95
CA ALA K 281 13.00 -0.36 20.29
C ALA K 281 12.59 0.80 21.18
N VAL K 282 13.31 1.93 21.10
CA VAL K 282 12.96 3.10 21.89
C VAL K 282 11.58 3.62 21.50
N HIS K 283 11.25 3.54 20.20
CA HIS K 283 9.91 3.93 19.78
C HIS K 283 8.86 2.98 20.35
N GLU K 284 9.10 1.68 20.24
CA GLU K 284 8.10 0.71 20.67
C GLU K 284 7.87 0.73 22.17
N CYS K 285 8.83 1.21 22.95
CA CYS K 285 8.64 1.21 24.39
C CYS K 285 8.32 2.58 24.99
N PHE K 286 8.78 3.68 24.40
CA PHE K 286 8.70 4.97 25.07
C PHE K 286 7.90 6.05 24.36
N VAL K 287 7.73 5.96 23.03
CA VAL K 287 7.06 7.05 22.32
C VAL K 287 5.58 7.09 22.61
N LYS K 288 4.96 5.96 22.96
CA LYS K 288 3.52 5.85 23.17
C LYS K 288 2.97 6.85 24.19
N ARG K 289 3.46 6.80 25.42
CA ARG K 289 3.02 7.70 26.49
C ARG K 289 3.99 7.57 27.65
N VAL K 290 3.84 8.49 28.62
CA VAL K 290 4.69 8.51 29.81
C VAL K 290 4.11 7.58 30.85
N ASP K 291 4.93 6.68 31.37
CA ASP K 291 4.52 5.73 32.40
C ASP K 291 5.12 6.18 33.72
N TRP K 292 4.26 6.61 34.65
CA TRP K 292 4.71 7.09 35.95
C TRP K 292 4.85 5.98 36.98
N THR K 293 4.71 4.71 36.58
CA THR K 293 4.94 3.62 37.53
C THR K 293 6.39 3.16 37.55
N ILE K 294 7.20 3.58 36.59
CA ILE K 294 8.57 3.12 36.43
C ILE K 294 9.51 4.24 36.81
N GLU K 295 10.33 4.02 37.83
CA GLU K 295 11.25 5.02 38.33
C GLU K 295 12.68 4.53 38.16
N TYR K 296 13.55 5.43 37.70
CA TYR K 296 14.92 5.09 37.36
C TYR K 296 15.88 5.59 38.44
N PRO K 297 17.00 4.91 38.66
CA PRO K 297 17.96 5.35 39.67
C PRO K 297 18.65 6.65 39.29
N ILE K 298 19.45 7.18 40.20
CA ILE K 298 20.12 8.48 40.02
C ILE K 298 21.59 8.21 39.70
N ILE K 299 21.98 8.48 38.45
CA ILE K 299 23.36 8.28 38.07
C ILE K 299 24.21 9.49 38.46
N GLY K 300 23.63 10.68 38.46
CA GLY K 300 24.31 11.85 38.97
C GLY K 300 23.56 13.13 38.69
N ASP K 301 23.68 14.10 39.61
CA ASP K 301 23.17 15.48 39.57
C ASP K 301 21.75 15.59 38.97
N GLU K 302 20.88 14.63 39.25
CA GLU K 302 19.50 14.73 38.79
C GLU K 302 18.65 15.53 39.76
N LEU K 303 18.86 15.32 41.06
CA LEU K 303 18.09 16.04 42.06
C LEU K 303 18.37 17.53 42.01
N LYS K 304 19.63 17.91 41.82
CA LYS K 304 19.97 19.31 41.67
C LYS K 304 19.27 19.93 40.46
N ILE K 305 19.20 19.18 39.36
CA ILE K 305 18.60 19.70 38.14
C ILE K 305 17.10 19.91 38.33
N ASN K 306 16.40 18.89 38.83
CA ASN K 306 14.95 19.06 38.95
C ASN K 306 14.54 19.87 40.17
N ALA K 307 15.47 20.22 41.05
CA ALA K 307 15.18 21.24 42.05
C ALA K 307 15.42 22.64 41.50
N ALA K 308 16.47 22.80 40.70
CA ALA K 308 16.74 24.07 40.05
C ALA K 308 15.64 24.44 39.08
N CYS K 309 15.02 23.43 38.43
CA CYS K 309 13.88 23.70 37.56
C CYS K 309 12.74 24.35 38.32
N ARG K 310 12.39 23.79 39.49
CA ARG K 310 11.31 24.37 40.28
C ARG K 310 11.68 25.74 40.82
N LYS K 311 12.92 25.91 41.26
CA LYS K 311 13.37 27.20 41.77
C LYS K 311 13.28 28.28 40.70
N VAL K 312 13.81 27.99 39.52
CA VAL K 312 13.79 28.94 38.42
C VAL K 312 12.36 29.21 37.96
N GLN K 313 11.53 28.17 37.94
CA GLN K 313 10.12 28.34 37.56
C GLN K 313 9.42 29.30 38.50
N HIS K 314 9.59 29.09 39.81
CA HIS K 314 8.96 29.96 40.79
C HIS K 314 9.43 31.40 40.64
N MET K 315 10.75 31.60 40.57
CA MET K 315 11.27 32.97 40.48
C MET K 315 10.81 33.66 39.19
N VAL K 316 10.86 32.95 38.07
CA VAL K 316 10.52 33.55 36.78
C VAL K 316 9.04 33.92 36.74
N VAL K 317 8.16 33.00 37.14
CA VAL K 317 6.73 33.29 37.07
C VAL K 317 6.34 34.39 38.05
N LYS K 318 6.89 34.36 39.26
CA LYS K 318 6.58 35.39 40.25
C LYS K 318 7.03 36.76 39.77
N ALA K 319 8.26 36.84 39.25
CA ALA K 319 8.78 38.13 38.80
C ALA K 319 8.04 38.64 37.58
N ALA K 320 7.68 37.77 36.63
CA ALA K 320 6.93 38.22 35.47
C ALA K 320 5.56 38.75 35.87
N LEU K 321 4.87 38.04 36.77
CA LEU K 321 3.56 38.48 37.23
C LEU K 321 3.64 39.82 37.95
N LEU K 322 4.55 39.96 38.91
CA LEU K 322 4.64 41.24 39.61
C LEU K 322 5.29 42.31 38.74
N ALA K 323 5.81 41.95 37.57
CA ALA K 323 6.33 42.92 36.62
C ALA K 323 5.23 43.53 35.75
N ASP K 324 4.32 42.71 35.20
CA ASP K 324 3.31 43.30 34.33
C ASP K 324 1.86 43.09 34.77
N LYS K 325 1.61 42.26 35.78
CA LYS K 325 0.28 42.10 36.39
C LYS K 325 -0.78 41.68 35.37
N PHE K 326 -0.53 40.55 34.70
CA PHE K 326 -1.51 40.00 33.77
C PHE K 326 -2.80 39.66 34.51
N PRO K 327 -3.94 39.72 33.81
CA PRO K 327 -5.22 39.33 34.42
C PRO K 327 -5.30 37.87 34.84
N VAL K 328 -4.91 36.97 33.93
CA VAL K 328 -5.10 35.54 34.10
C VAL K 328 -3.92 34.81 33.46
N LEU K 329 -3.44 33.77 34.13
CA LEU K 329 -2.46 32.86 33.52
C LEU K 329 -3.11 31.50 33.31
N HIS K 330 -2.67 30.80 32.27
CA HIS K 330 -3.20 29.50 31.91
C HIS K 330 -2.04 28.51 31.89
N ASP K 331 -2.07 27.55 32.82
CA ASP K 331 -0.99 26.57 32.96
C ASP K 331 -1.30 25.37 32.08
N ILE K 332 -1.00 25.51 30.78
CA ILE K 332 -1.23 24.43 29.84
C ILE K 332 -0.28 23.28 30.14
N GLY K 333 -0.81 22.06 30.17
CA GLY K 333 0.00 20.86 30.31
C GLY K 333 0.20 20.38 31.72
N ASN K 334 -0.48 20.97 32.70
CA ASN K 334 -0.31 20.57 34.10
C ASN K 334 -1.15 19.33 34.40
N PRO K 335 -0.52 18.21 34.73
CA PRO K 335 -1.32 17.03 35.11
C PRO K 335 -2.00 17.19 36.45
N LYS K 336 -1.33 17.76 37.44
CA LYS K 336 -1.86 17.92 38.78
C LYS K 336 -1.95 19.40 39.12
N ALA K 337 -3.04 19.79 39.79
CA ALA K 337 -3.34 21.19 40.04
C ALA K 337 -2.57 21.69 41.27
N ILE K 338 -1.25 21.80 41.10
CA ILE K 338 -0.37 22.43 42.08
C ILE K 338 0.26 23.63 41.37
N LYS K 339 -0.12 24.83 41.80
CA LYS K 339 0.31 26.03 41.10
C LYS K 339 1.73 26.42 41.49
N CYS K 340 2.38 27.15 40.59
CA CYS K 340 3.81 27.44 40.75
C CYS K 340 4.04 28.46 41.84
N VAL K 341 3.40 29.63 41.75
CA VAL K 341 3.52 30.67 42.75
C VAL K 341 2.22 30.73 43.54
N PRO K 342 2.22 30.34 44.81
CA PRO K 342 0.97 30.42 45.59
C PRO K 342 0.53 31.84 45.89
N GLN K 343 1.45 32.72 46.27
CA GLN K 343 1.12 34.08 46.70
C GLN K 343 1.03 35.01 45.48
N ALA K 344 0.06 34.73 44.62
CA ALA K 344 -0.16 35.47 43.39
C ALA K 344 -1.60 35.95 43.33
N ASP K 345 -1.78 37.26 43.14
CA ASP K 345 -3.12 37.82 42.94
C ASP K 345 -3.52 37.69 41.47
N VAL K 346 -3.76 36.44 41.07
CA VAL K 346 -4.10 36.12 39.70
C VAL K 346 -4.94 34.84 39.71
N GLU K 347 -5.89 34.76 38.79
CA GLU K 347 -6.77 33.61 38.71
C GLU K 347 -6.08 32.50 37.92
N TRP K 348 -5.94 31.33 38.54
CA TRP K 348 -5.17 30.23 37.97
C TRP K 348 -6.09 29.24 37.30
N LYS K 349 -5.72 28.82 36.09
CA LYS K 349 -6.50 27.85 35.33
C LYS K 349 -5.57 26.77 34.81
N PHE K 350 -5.70 25.56 35.35
CA PHE K 350 -4.87 24.45 34.91
C PHE K 350 -5.47 23.81 33.66
N TYR K 351 -4.61 23.40 32.74
CA TYR K 351 -5.07 22.81 31.48
C TYR K 351 -4.26 21.56 31.18
N ASP K 352 -4.93 20.52 30.73
CA ASP K 352 -4.27 19.29 30.29
C ASP K 352 -5.25 18.49 29.44
N ALA K 353 -4.76 17.93 28.33
CA ALA K 353 -5.62 17.13 27.46
C ALA K 353 -6.12 15.88 28.19
N GLN K 354 -5.28 15.31 29.04
CA GLN K 354 -5.68 14.18 29.87
C GLN K 354 -5.46 14.54 31.33
N PRO K 355 -6.50 14.63 32.15
CA PRO K 355 -6.28 14.85 33.58
C PRO K 355 -5.71 13.58 34.23
N CYS K 356 -4.66 13.76 35.03
CA CYS K 356 -3.91 12.63 35.57
C CYS K 356 -4.58 12.11 36.84
N SER K 357 -5.81 11.61 36.67
CA SER K 357 -6.60 10.90 37.67
C SER K 357 -6.76 11.69 38.97
N ASP K 358 -6.72 13.01 38.92
CA ASP K 358 -6.92 13.85 40.10
C ASP K 358 -8.42 14.17 40.19
N LYS K 359 -9.05 13.78 41.29
CA LYS K 359 -10.49 13.97 41.43
C LYS K 359 -10.86 15.45 41.53
N ALA K 360 -9.95 16.30 41.96
CA ALA K 360 -10.19 17.74 41.90
C ALA K 360 -10.01 18.15 40.45
N TYR K 361 -11.14 18.29 39.73
CA TYR K 361 -11.13 18.38 38.28
C TYR K 361 -11.15 19.80 37.77
N LYS K 362 -10.61 20.75 38.54
CA LYS K 362 -10.45 22.13 38.08
C LYS K 362 -9.49 22.24 36.89
N ILE K 363 -8.76 21.18 36.57
CA ILE K 363 -7.93 21.14 35.37
C ILE K 363 -8.85 21.05 34.17
N GLU K 364 -8.87 22.10 33.34
CA GLU K 364 -9.61 22.04 32.10
C GLU K 364 -8.92 21.08 31.12
N GLU K 365 -9.66 20.70 30.10
CA GLU K 365 -9.21 19.71 29.12
C GLU K 365 -8.78 20.44 27.85
N LEU K 366 -7.47 20.41 27.56
CA LEU K 366 -6.90 21.16 26.46
C LEU K 366 -5.78 20.38 25.78
N PHE K 367 -5.97 20.08 24.51
CA PHE K 367 -4.90 19.55 23.66
C PHE K 367 -4.47 20.69 22.75
N TYR K 368 -3.41 21.39 23.14
CA TYR K 368 -3.07 22.67 22.53
C TYR K 368 -2.46 22.48 21.14
N SER K 369 -2.82 23.39 20.24
CA SER K 369 -2.20 23.52 18.94
C SER K 369 -2.44 24.94 18.45
N TYR K 370 -1.37 25.62 18.01
CA TYR K 370 -1.47 27.04 17.67
C TYR K 370 -2.36 27.27 16.45
N ALA K 371 -2.48 26.28 15.57
CA ALA K 371 -3.29 26.45 14.38
C ALA K 371 -4.77 26.57 14.72
N THR K 372 -5.22 25.80 15.70
CA THR K 372 -6.63 25.80 16.10
C THR K 372 -6.91 26.64 17.33
N HIS K 373 -5.96 26.71 18.26
CA HIS K 373 -6.13 27.43 19.52
C HIS K 373 -5.46 28.79 19.51
N SER K 374 -5.37 29.44 18.34
CA SER K 374 -4.67 30.71 18.19
C SER K 374 -5.18 31.76 19.17
N ASP K 375 -6.50 31.93 19.25
CA ASP K 375 -7.10 32.88 20.18
C ASP K 375 -7.77 32.21 21.37
N LYS K 376 -7.30 31.02 21.75
CA LYS K 376 -7.83 30.36 22.95
C LYS K 376 -7.59 31.21 24.19
N PHE K 377 -6.37 31.72 24.35
CA PHE K 377 -6.08 32.73 25.35
C PHE K 377 -5.40 33.89 24.66
N THR K 378 -6.09 35.03 24.59
CA THR K 378 -5.56 36.20 23.92
C THR K 378 -4.77 37.11 24.85
N ASP K 379 -5.30 37.41 26.04
CA ASP K 379 -4.62 38.24 27.01
C ASP K 379 -4.22 37.40 28.22
N GLY K 380 -3.26 37.91 28.96
CA GLY K 380 -2.67 37.17 30.06
C GLY K 380 -1.35 36.55 29.67
N VAL K 381 -0.99 35.42 30.28
CA VAL K 381 0.20 34.68 29.91
C VAL K 381 -0.18 33.21 29.91
N CYS K 382 0.56 32.43 29.11
CA CYS K 382 0.30 31.01 28.95
C CYS K 382 1.55 30.26 29.40
N LEU K 383 1.51 29.70 30.61
CA LEU K 383 2.66 28.97 31.12
C LEU K 383 2.76 27.62 30.43
N PHE K 384 3.85 27.40 29.71
CA PHE K 384 4.05 26.21 28.89
C PHE K 384 5.19 25.36 29.41
N TRP K 385 5.40 25.35 30.73
CA TRP K 385 6.56 24.73 31.33
C TRP K 385 6.64 23.25 31.01
N ASN K 386 7.70 22.87 30.29
CA ASN K 386 8.00 21.48 29.94
C ASN K 386 6.84 20.82 29.20
N CYS K 387 6.18 21.58 28.33
CA CYS K 387 5.14 21.08 27.46
C CYS K 387 5.53 21.38 26.01
N ASN K 388 5.20 20.46 25.11
CA ASN K 388 5.67 20.52 23.73
C ASN K 388 4.49 20.72 22.80
N VAL K 389 4.38 21.92 22.23
CA VAL K 389 3.38 22.23 21.21
C VAL K 389 4.11 22.66 19.94
N ASP K 390 3.34 22.83 18.87
CA ASP K 390 3.92 23.17 17.58
C ASP K 390 4.42 24.61 17.54
N ARG K 391 3.69 25.53 18.18
CA ARG K 391 4.06 26.94 18.17
C ARG K 391 3.47 27.61 19.39
N TYR K 392 4.27 28.46 20.03
CA TYR K 392 3.80 29.15 21.22
C TYR K 392 3.30 30.54 20.89
N PRO K 393 2.19 30.97 21.50
CA PRO K 393 1.68 32.32 21.24
C PRO K 393 2.58 33.39 21.85
N ALA K 394 2.24 34.64 21.53
CA ALA K 394 3.13 35.76 21.85
C ALA K 394 3.25 35.98 23.35
N ASN K 395 2.13 35.98 24.06
CA ASN K 395 2.14 36.22 25.51
C ASN K 395 2.29 34.88 26.25
N SER K 396 3.53 34.39 26.27
CA SER K 396 3.82 33.09 26.86
C SER K 396 5.10 33.13 27.67
N ILE K 397 5.26 32.11 28.51
CA ILE K 397 6.50 31.84 29.24
C ILE K 397 6.74 30.35 29.13
N VAL K 398 7.80 29.95 28.43
CA VAL K 398 8.03 28.55 28.08
C VAL K 398 9.38 28.11 28.64
N CYS K 399 9.42 26.88 29.15
CA CYS K 399 10.67 26.16 29.40
C CYS K 399 10.64 24.92 28.52
N ARG K 400 11.33 24.97 27.39
CA ARG K 400 11.42 23.85 26.47
C ARG K 400 12.69 23.08 26.78
N PHE K 401 12.70 21.80 26.47
CA PHE K 401 13.89 20.98 26.62
C PHE K 401 14.59 20.86 25.26
N ASP K 402 15.83 21.29 25.19
CA ASP K 402 16.62 21.24 23.97
C ASP K 402 17.11 19.80 23.78
N THR K 403 16.43 19.05 22.92
CA THR K 403 16.74 17.64 22.73
C THR K 403 18.03 17.41 21.95
N ARG K 404 18.68 18.47 21.47
CA ARG K 404 19.94 18.35 20.77
C ARG K 404 21.13 18.39 21.71
N VAL K 405 20.90 18.58 23.00
CA VAL K 405 21.96 18.57 24.01
C VAL K 405 21.94 17.17 24.60
N LEU K 406 22.85 16.32 24.12
CA LEU K 406 22.93 14.93 24.56
C LEU K 406 23.80 14.84 25.81
N SER K 407 23.26 14.26 26.87
CA SER K 407 23.93 14.19 28.16
C SER K 407 23.74 12.77 28.72
N ASN K 408 24.30 12.54 29.90
CA ASN K 408 24.06 11.29 30.60
C ASN K 408 22.60 11.11 30.97
N LEU K 409 21.83 12.19 31.03
CA LEU K 409 20.41 12.13 31.31
C LEU K 409 19.54 12.12 30.06
N ASN K 410 20.07 12.60 28.93
CA ASN K 410 19.33 12.70 27.68
C ASN K 410 19.94 11.73 26.68
N LEU K 411 19.27 10.61 26.44
CA LEU K 411 19.71 9.60 25.50
C LEU K 411 19.07 9.84 24.13
N PRO K 412 19.70 9.37 23.06
CA PRO K 412 19.10 9.54 21.73
C PRO K 412 17.78 8.79 21.61
N GLY K 413 16.81 9.45 20.98
CA GLY K 413 15.47 8.89 20.87
C GLY K 413 15.05 8.58 19.45
N CYS K 414 13.75 8.64 19.19
CA CYS K 414 13.19 8.29 17.90
C CYS K 414 12.82 9.55 17.11
N ASP K 415 13.17 9.55 15.82
CA ASP K 415 12.75 10.58 14.87
C ASP K 415 13.20 11.97 15.31
N GLY K 416 14.47 12.09 15.68
CA GLY K 416 15.03 13.34 16.09
C GLY K 416 14.72 13.75 17.52
N GLY K 417 13.72 13.13 18.14
CA GLY K 417 13.45 13.37 19.54
C GLY K 417 14.52 12.79 20.43
N SER K 418 14.32 12.92 21.73
CA SER K 418 15.30 12.39 22.66
C SER K 418 14.59 11.85 23.89
N LEU K 419 15.17 10.81 24.46
CA LEU K 419 14.63 10.18 25.66
C LEU K 419 15.36 10.79 26.85
N TYR K 420 14.73 11.78 27.47
CA TYR K 420 15.30 12.44 28.64
C TYR K 420 14.99 11.56 29.85
N VAL K 421 15.99 10.94 30.47
CA VAL K 421 15.69 10.00 31.59
C VAL K 421 16.07 10.64 32.94
N ASN K 422 15.17 11.41 33.54
CA ASN K 422 15.43 11.94 34.90
C ASN K 422 14.31 11.45 35.82
N LYS K 423 14.60 10.47 36.69
CA LYS K 423 13.59 9.87 37.61
C LYS K 423 12.57 9.08 36.77
N HIS K 424 11.86 9.74 35.85
CA HIS K 424 10.92 9.07 34.93
C HIS K 424 11.39 9.39 33.51
N ALA K 425 11.41 8.41 32.60
CA ALA K 425 11.96 8.66 31.26
C ALA K 425 10.91 9.31 30.36
N PHE K 426 11.02 10.61 30.09
CA PHE K 426 10.10 11.21 29.15
C PHE K 426 10.72 11.23 27.75
N HIS K 427 9.91 10.94 26.74
CA HIS K 427 10.36 11.02 25.35
C HIS K 427 9.88 12.34 24.75
N THR K 428 10.80 13.25 24.53
CA THR K 428 10.47 14.60 24.04
C THR K 428 10.67 14.66 22.53
N PRO K 429 9.72 15.24 21.79
CA PRO K 429 9.89 15.38 20.33
C PRO K 429 11.04 16.33 20.00
N ALA K 430 11.39 16.35 18.72
CA ALA K 430 12.58 17.06 18.27
C ALA K 430 12.44 18.57 18.47
N PHE K 431 13.52 19.20 18.91
CA PHE K 431 13.53 20.64 19.15
C PHE K 431 13.50 21.38 17.82
N ASP K 432 12.42 22.12 17.59
CA ASP K 432 12.28 22.95 16.40
C ASP K 432 12.20 24.40 16.84
N LYS K 433 13.14 25.22 16.36
CA LYS K 433 13.23 26.61 16.78
C LYS K 433 12.18 27.49 16.08
N SER K 434 11.37 26.92 15.19
CA SER K 434 10.31 27.69 14.56
C SER K 434 9.11 27.91 15.47
N ALA K 435 9.10 27.29 16.65
CA ALA K 435 8.00 27.49 17.60
C ALA K 435 8.15 28.78 18.37
N PHE K 436 9.37 29.31 18.48
CA PHE K 436 9.66 30.49 19.29
C PHE K 436 9.76 31.76 18.45
N VAL K 437 9.09 31.78 17.28
CA VAL K 437 9.13 32.96 16.44
C VAL K 437 8.35 34.12 17.06
N ASN K 438 7.43 33.83 17.99
CA ASN K 438 6.65 34.85 18.66
C ASN K 438 7.21 35.24 20.02
N LEU K 439 8.30 34.61 20.45
CA LEU K 439 8.88 34.86 21.76
C LEU K 439 10.33 35.27 21.61
N LYS K 440 10.93 35.66 22.73
CA LYS K 440 12.34 35.95 22.81
C LYS K 440 12.94 35.18 23.97
N GLN K 441 14.26 35.11 24.01
CA GLN K 441 14.94 34.36 25.06
C GLN K 441 14.92 35.13 26.35
N LEU K 442 14.51 34.47 27.43
CA LEU K 442 14.50 35.11 28.74
C LEU K 442 15.93 35.32 29.22
N PRO K 443 16.30 36.53 29.61
CA PRO K 443 17.66 36.77 30.09
C PRO K 443 17.80 36.36 31.54
N PHE K 444 19.06 36.26 31.99
CA PHE K 444 19.30 35.92 33.37
C PHE K 444 19.01 37.11 34.27
N PHE K 445 18.22 36.87 35.32
CA PHE K 445 17.91 37.90 36.30
C PHE K 445 17.55 37.22 37.62
N TYR K 446 17.77 37.95 38.71
CA TYR K 446 17.49 37.44 40.04
C TYR K 446 16.67 38.47 40.81
N TYR K 447 15.58 38.03 41.43
CA TYR K 447 14.66 38.93 42.11
C TYR K 447 14.28 38.31 43.45
N SER K 448 14.24 39.13 44.50
CA SER K 448 13.93 38.66 45.83
C SER K 448 13.29 39.78 46.65
N ASP K 449 12.31 39.42 47.48
CA ASP K 449 11.56 40.39 48.28
C ASP K 449 11.98 40.43 49.73
N SER K 450 12.73 39.44 50.20
CA SER K 450 12.97 39.29 51.64
C SER K 450 13.81 40.43 52.20
N PRO K 451 13.60 40.78 53.47
CA PRO K 451 14.51 41.72 54.13
C PRO K 451 15.87 41.07 54.35
N CYS K 452 16.91 41.88 54.42
CA CYS K 452 18.23 41.32 54.53
C CYS K 452 19.10 41.98 55.51
N GLU K 453 19.98 41.12 55.95
CA GLU K 453 21.18 41.49 56.71
C GLU K 453 21.99 40.23 56.93
N SER K 454 23.31 40.41 56.91
CA SER K 454 24.36 39.41 57.22
C SER K 454 24.01 37.94 57.07
N TYR K 465 33.73 35.70 48.44
CA TYR K 465 34.09 36.49 49.61
C TYR K 465 33.98 37.98 49.30
N VAL K 466 34.27 38.33 48.06
CA VAL K 466 34.15 39.73 47.61
C VAL K 466 32.69 40.14 47.62
N PRO K 467 32.36 41.38 47.98
CA PRO K 467 30.97 41.84 47.84
C PRO K 467 30.51 41.77 46.39
N LEU K 468 29.20 41.64 46.21
CA LEU K 468 28.62 41.35 44.91
C LEU K 468 28.53 42.62 44.08
N LYS K 469 29.37 42.71 43.04
CA LYS K 469 29.27 43.78 42.06
C LYS K 469 28.55 43.22 40.85
N SER K 470 27.25 43.51 40.76
CA SER K 470 26.44 43.03 39.66
C SER K 470 25.22 43.92 39.47
N ALA K 471 24.92 44.24 38.22
CA ALA K 471 23.73 45.00 37.88
C ALA K 471 22.53 44.11 37.64
N THR K 472 22.69 42.79 37.78
CA THR K 472 21.61 41.84 37.53
C THR K 472 20.82 41.54 38.80
N CYS K 473 21.39 41.81 39.97
CA CYS K 473 20.76 41.50 41.25
C CYS K 473 19.67 42.52 41.53
N ILE K 474 18.41 42.12 41.36
CA ILE K 474 17.27 43.01 41.59
C ILE K 474 16.82 42.79 43.02
N THR K 475 17.28 43.64 43.92
CA THR K 475 16.87 43.59 45.32
C THR K 475 16.83 45.00 45.88
N ARG K 476 16.05 45.23 46.93
CA ARG K 476 16.09 46.50 47.63
C ARG K 476 17.43 46.73 48.32
N CYS K 477 18.19 45.67 48.55
CA CYS K 477 19.52 45.76 49.10
C CYS K 477 20.50 46.32 48.06
N ASN K 478 20.22 46.14 46.77
CA ASN K 478 21.14 46.53 45.71
C ASN K 478 21.06 48.01 45.34
N LEU K 479 20.03 48.72 45.81
CA LEU K 479 19.94 50.15 45.52
C LEU K 479 21.09 50.92 46.15
N GLY K 480 21.56 50.48 47.31
CA GLY K 480 22.69 51.12 47.94
C GLY K 480 24.01 50.75 47.28
N GLY K 481 25.09 51.30 47.83
CA GLY K 481 26.41 51.07 47.30
C GLY K 481 26.94 49.66 47.47
N ALA K 482 26.32 48.87 48.35
CA ALA K 482 26.69 47.48 48.53
C ALA K 482 25.43 46.68 48.80
N VAL K 483 25.56 45.34 48.76
CA VAL K 483 24.45 44.42 49.01
C VAL K 483 24.75 43.55 50.23
N CYS K 484 23.70 43.19 50.95
CA CYS K 484 23.72 42.30 52.10
C CYS K 484 24.31 40.92 51.78
N ARG K 485 24.84 40.21 52.78
CA ARG K 485 25.44 38.90 52.57
C ARG K 485 24.40 37.80 52.39
N HIS K 486 23.14 38.04 52.80
CA HIS K 486 22.00 37.16 52.57
C HIS K 486 21.61 37.08 51.09
N HIS K 487 21.10 38.15 50.46
CA HIS K 487 20.80 38.13 49.03
C HIS K 487 22.05 37.94 48.16
N ALA K 488 23.27 38.27 48.62
CA ALA K 488 24.47 37.92 47.87
C ALA K 488 24.57 36.40 47.68
N ASN K 489 24.54 35.61 48.76
CA ASN K 489 24.63 34.16 48.65
C ASN K 489 23.38 33.57 48.01
N GLU K 490 22.21 34.16 48.25
CA GLU K 490 21.02 33.68 47.58
C GLU K 490 21.10 33.90 46.08
N TYR K 491 21.67 35.04 45.67
CA TYR K 491 21.89 35.31 44.25
C TYR K 491 22.87 34.32 43.66
N ARG K 492 23.95 34.01 44.39
CA ARG K 492 24.93 33.07 43.87
C ARG K 492 24.35 31.67 43.73
N LEU K 493 23.51 31.27 44.70
CA LEU K 493 22.85 29.97 44.60
C LEU K 493 21.87 29.93 43.44
N TYR K 494 21.13 31.01 43.21
CA TYR K 494 20.21 31.03 42.08
C TYR K 494 20.96 31.07 40.75
N LEU K 495 22.12 31.73 40.72
CA LEU K 495 22.94 31.74 39.52
C LEU K 495 23.44 30.34 39.19
N ASP K 496 23.90 29.61 40.22
CA ASP K 496 24.32 28.23 40.02
C ASP K 496 23.16 27.35 39.58
N ALA K 497 21.98 27.57 40.16
CA ALA K 497 20.81 26.77 39.79
C ALA K 497 20.40 27.04 38.34
N TYR K 498 20.45 28.31 37.92
CA TYR K 498 20.09 28.66 36.55
C TYR K 498 21.11 28.09 35.57
N ASN K 499 22.39 28.16 35.92
CA ASN K 499 23.42 27.60 35.05
C ASN K 499 23.29 26.08 34.93
N MET K 500 22.95 25.42 36.04
CA MET K 500 22.76 23.97 35.99
C MET K 500 21.50 23.59 35.21
N MET K 501 20.48 24.46 35.24
CA MET K 501 19.27 24.18 34.48
C MET K 501 19.49 24.37 32.98
N ILE K 502 20.17 25.44 32.59
CA ILE K 502 20.34 25.69 31.17
C ILE K 502 21.44 24.83 30.58
N SER K 503 22.41 24.39 31.39
CA SER K 503 23.46 23.52 30.88
C SER K 503 22.97 22.09 30.68
N ALA K 504 21.83 21.74 31.28
CA ALA K 504 21.24 20.42 31.08
C ALA K 504 20.32 20.37 29.87
N GLY K 505 20.18 21.48 29.14
CA GLY K 505 19.39 21.51 27.94
C GLY K 505 18.03 22.15 28.04
N PHE K 506 17.80 23.02 29.02
CA PHE K 506 16.52 23.69 29.19
C PHE K 506 16.63 25.12 28.67
N SER K 507 15.79 25.45 27.69
CA SER K 507 15.75 26.77 27.09
C SER K 507 14.55 27.53 27.64
N LEU K 508 14.80 28.74 28.12
CA LEU K 508 13.78 29.58 28.77
C LEU K 508 13.42 30.71 27.82
N TRP K 509 12.17 30.71 27.35
CA TRP K 509 11.67 31.72 26.44
C TRP K 509 10.54 32.51 27.11
N VAL K 510 10.40 33.77 26.72
CA VAL K 510 9.46 34.68 27.34
C VAL K 510 8.93 35.63 26.27
N TYR K 511 7.83 36.31 26.57
CA TYR K 511 7.27 37.28 25.64
C TYR K 511 8.23 38.45 25.44
N LYS K 512 8.09 39.13 24.31
CA LYS K 512 9.01 40.20 23.95
C LYS K 512 8.80 41.47 24.76
N GLN K 513 7.77 41.53 25.59
CA GLN K 513 7.53 42.71 26.41
C GLN K 513 8.27 42.65 27.75
N PHE K 514 8.84 41.50 28.09
CA PHE K 514 9.50 41.34 29.37
C PHE K 514 10.74 42.22 29.48
N ASP K 515 10.90 42.87 30.63
CA ASP K 515 12.10 43.63 30.90
C ASP K 515 12.29 43.74 32.40
N THR K 516 13.54 44.02 32.80
CA THR K 516 13.90 44.09 34.21
C THR K 516 13.54 45.42 34.88
N TYR K 517 13.07 46.41 34.11
CA TYR K 517 12.70 47.69 34.71
C TYR K 517 11.47 47.55 35.60
N ASN K 518 10.46 46.83 35.12
CA ASN K 518 9.25 46.66 35.92
C ASN K 518 9.48 45.77 37.14
N LEU K 519 10.62 45.11 37.22
CA LEU K 519 11.06 44.50 38.48
C LEU K 519 11.68 45.55 39.39
N TRP K 520 12.32 46.56 38.81
CA TRP K 520 12.77 47.70 39.59
C TRP K 520 11.64 48.65 39.94
N ASN K 521 10.40 48.38 39.50
CA ASN K 521 9.26 49.13 40.02
C ASN K 521 9.18 49.02 41.54
N THR K 522 9.37 47.82 42.08
CA THR K 522 9.08 47.57 43.50
C THR K 522 10.09 48.24 44.43
N PHE K 523 11.24 48.66 43.93
CA PHE K 523 12.23 49.30 44.78
C PHE K 523 12.56 50.70 44.27
ZN ZN O . 5.32 13.12 -39.35
ZN ZN P . -0.46 23.80 -58.42
MG MG Q . 19.59 6.49 -7.50
MG MG R . 21.94 8.06 -8.52
ZN ZN S . 7.12 36.74 -13.59
ZN ZN T . 26.11 14.67 3.09
ZN ZN U . 20.79 61.05 25.74
ZN ZN V . -2.22 -34.17 -44.58
ZN ZN W . 1.07 -39.22 -66.99
MG MG X . -10.71 -15.99 -15.99
ZN ZN Y . -28.31 -11.04 -43.55
ZN ZN Z . -16.80 -3.12 -12.97
ZN ZN AA . -55.00 26.28 -30.08
C1 1N7 BA . -63.45 20.87 -17.14
C2 1N7 BA . -62.03 21.37 -17.44
C3 1N7 BA . -62.04 22.63 -15.28
C4 1N7 BA . -61.71 23.93 -14.52
C5 1N7 BA . -60.26 24.32 -14.86
C6 1N7 BA . -60.15 24.54 -16.37
C7 1N7 BA . -58.80 25.21 -16.52
C8 1N7 BA . -58.78 26.19 -15.35
C9 1N7 BA . -59.80 25.67 -14.30
C10 1N7 BA . -59.31 23.20 -14.39
C11 1N7 BA . -61.04 20.35 -16.89
C12 1N7 BA . -64.51 21.78 -17.73
C13 1N7 BA . -64.34 21.82 -19.26
C14 1N7 BA . -62.96 22.38 -19.57
C15 1N7 BA . -61.86 21.51 -18.96
C16 1N7 BA . -60.47 22.06 -19.31
C17 1N7 BA . -60.12 23.38 -18.60
C18 1N7 BA . -60.37 23.22 -17.10
C19 1N7 BA . -61.80 22.74 -16.78
C20 1N7 BA . -59.18 25.54 -12.90
C21 1N7 BA . -60.03 26.28 -11.86
C22 1N7 BA . -57.78 26.10 -12.89
O2 1N7 BA . -65.24 22.71 -19.84
O3 1N7 BA . -60.84 24.49 -19.05
O4 1N7 BA . -62.54 24.98 -14.90
ZN ZN CA . -4.11 -15.39 38.68
ZN ZN DA . -4.60 -14.41 61.24
MG MG EA . -14.68 -15.62 4.75
MG MG FA . -17.02 -17.19 5.77
ZN ZN GA . -29.59 5.07 26.15
ZN ZN HA . -27.32 -12.40 -2.42
ZN ZN IA . -65.69 22.49 -0.64
ZN ZN JA . 38.36 -33.07 24.38
ZN ZN KA . 45.63 -47.68 40.89
C1 1N7 LA . 24.62 51.40 38.83
C2 1N7 LA . 23.48 50.39 38.98
C3 1N7 LA . 22.00 51.90 37.65
C4 1N7 LA . 20.62 52.56 37.48
C5 1N7 LA . 19.56 51.46 37.61
C6 1N7 LA . 19.68 50.82 39.00
C7 1N7 LA . 18.41 49.99 39.11
C8 1N7 LA . 17.35 50.93 38.51
C9 1N7 LA . 18.11 51.95 37.61
C10 1N7 LA . 19.77 50.42 36.49
C11 1N7 LA . 23.58 49.40 37.83
C12 1N7 LA . 24.68 52.38 40.00
C13 1N7 LA . 24.91 51.60 41.30
C14 1N7 LA . 23.74 50.64 41.49
C15 1N7 LA . 23.64 49.65 40.32
C16 1N7 LA . 22.49 48.67 40.55
C17 1N7 LA . 21.08 49.30 40.43
C18 1N7 LA . 21.00 50.07 39.11
C19 1N7 LA . 22.13 51.11 38.95
C20 1N7 LA . 17.52 52.03 36.19
C21 1N7 LA . 17.20 53.47 35.81
C22 1N7 LA . 16.27 51.18 36.10
O2 1N7 LA . 24.87 52.45 42.41
O3 1N7 LA . 20.75 50.17 41.46
O4 1N7 LA . 20.37 53.52 38.46
MG MG MA . 22.43 -5.83 9.45
ZN ZN NA . 35.25 -1.89 39.67
ZN ZN OA . 15.24 6.03 13.85
ZN ZN PA . 18.52 41.59 50.48
#